data_8VFV
#
_entry.id   8VFV
#
_cell.length_a   1.00
_cell.length_b   1.00
_cell.length_c   1.00
_cell.angle_alpha   90.00
_cell.angle_beta   90.00
_cell.angle_gamma   90.00
#
_symmetry.space_group_name_H-M   'P 1'
#
loop_
_entity.id
_entity.type
_entity.pdbx_description
1 polymer 'RM20A3 Fab heavy chain'
2 polymer 'RM20A3 Fab light chain'
3 polymer 'Envelope glycoprotein gp120'
4 polymer 'Transmembrane protein gp41'
5 polymer 'B16_d77.5 mouse Fab heavy chain Fv'
6 polymer 'B16_d77.5 mouse Fab light chain Fv'
7 branched alpha-D-mannopyranose-(1-2)-alpha-D-mannopyranose-(1-3)-[alpha-D-mannopyranose-(1-6)]beta-D-mannopyranose-(1-4)-2-acetamido-2-deoxy-beta-D-glucopyranose-(1-4)-2-acetamido-2-deoxy-beta-D-glucopyranose
8 branched alpha-D-mannopyranose-(1-3)-beta-D-mannopyranose-(1-4)-2-acetamido-2-deoxy-beta-D-glucopyranose-(1-4)-2-acetamido-2-deoxy-beta-D-glucopyranose
9 branched 2-acetamido-2-deoxy-beta-D-glucopyranose-(1-4)-2-acetamido-2-deoxy-beta-D-glucopyranose
10 non-polymer 2-acetamido-2-deoxy-beta-D-glucopyranose
#
loop_
_entity_poly.entity_id
_entity_poly.type
_entity_poly.pdbx_seq_one_letter_code
_entity_poly.pdbx_strand_id
1 'polypeptide(L)'
;EVQLVETGGGLVQPGGSLKLSCRASGYTFSSFAMSWVRQAPGKGLEWVSLINDRGGLTFYVDSVKGRFTISRDNSKNTLS
LQMHSLRDGDTAVYYCATGGMSSALQSSKYYFDFWGQGALVTVSS
;
G,C,M
2 'polypeptide(L)'
;ALTQPPSVSGSPGQSVTISCTGTSSDIGSYNYVSWYQQHPGKAPKLMIYDVTQRPSGVSDRFSGSKSGNTASLTISGLQA
DDEADYYCSAYAGRQTFYIFGGGTRLTVLGQPKASPTVTLFPPSSEEL
;
I,D,N
3 'polypeptide(L)'
;AENLWVTVYYGVPVWKDAETTLFCASDAKAYETEKHNVWATHACVPTDPNPQEIHLENVTEEFNMWKNNMVEQMHEDIIS
LWDQSLKPCVKLTPLCVTLQCTNYTEKLRSMMKGELKNCSFNMTTELRDKKQKVYSLFYRLDVVQINENQGNRSNNSNKE
YRLINCNTSAITQACPKVSFEPIPIHYCAPAGFAILKCKDKKFNGTGPCPSVSTVQCTHGIKPVVSTQLLLNGSLAEEEV
IIRSENITNNAKNILVQLNTPVQINCTRPNNNTVKSIRIGPGQAFYYTGDIIGHIRQAHCNVSKATWNETLGKVVKQLRK
HFGNNTIIRFAQSSGGDLEVTTHSFNCGGEFFYCNTSGLFNSTWISNTSVQGSNSTGSNDSITLPCRIKQIINMWQRIGQ
AMYAPPIQGVIRCVSNITGLILTRDGGSTNSTTETFRPGGGDMRDNWRSELYKYKVVKIEPLGVAPTRCKRRVVGRRRRR
R
;
E,A,J
4 'polypeptide(L)'
;AVGIGAVSLGFLGAAGSTMGAASMTLTVQARNLLSGIVQQQSNLLRAPEPQQHLLKDTHWGIKQLQARVLAVEHYLRDQQ
LLGIWGCSGKLICCTNVPWNSSWSNRNLSEIWDNMTWLQWDKEISNYTQIIYGLLEESQNQQEKNEQDLLALD
;
F,B,K
5 'polypeptide(L)'
;QVQLQESGPGLVKPSETLSLTCAVSGGSISSGHWWSWVRQSPGKGLEWIGTIYHSGSANYNPSLKSRVTISVDKSKNQFS
LKLTSVTAADTAVYFCARNAILIFGVIAFGEYYFCGMDVWGQGTTVTVSS
;
H
6 'polypeptide(L)'
;DIVLTQSPASLAVSLGQRATIFCRASDTVDISGDSFMHWYQQKPGQPPNLLIYRASNLQSGIPARFSGSGSRADFTLTID
PVEADDVATYYCQQSSEDPLTFGAGTKLELK
;
L
#
# COMPACT_ATOMS: atom_id res chain seq x y z
N GLU A 1 -32.85 -5.69 53.48
CA GLU A 1 -33.32 -6.49 52.32
C GLU A 1 -32.24 -7.49 51.90
N VAL A 2 -30.98 -7.14 52.13
CA VAL A 2 -29.84 -7.98 51.78
C VAL A 2 -29.62 -9.02 52.87
N GLN A 3 -29.57 -10.30 52.47
CA GLN A 3 -29.36 -11.38 53.43
C GLN A 3 -28.26 -12.33 52.98
N LEU A 4 -27.39 -12.69 53.92
CA LEU A 4 -26.33 -13.69 53.73
C LEU A 4 -26.56 -14.74 54.81
N VAL A 5 -26.77 -16.00 54.41
CA VAL A 5 -27.05 -17.07 55.37
C VAL A 5 -26.03 -18.18 55.21
N GLU A 6 -25.18 -18.36 56.24
CA GLU A 6 -24.18 -19.39 56.27
C GLU A 6 -24.80 -20.74 56.61
N THR A 7 -24.33 -21.80 55.95
CA THR A 7 -24.76 -23.16 56.21
C THR A 7 -23.53 -24.05 56.39
N GLY A 8 -23.60 -24.93 57.37
CA GLY A 8 -22.54 -25.90 57.61
C GLY A 8 -22.54 -26.35 59.04
N GLY A 9 -21.80 -27.44 59.29
CA GLY A 9 -21.71 -27.97 60.64
C GLY A 9 -20.76 -27.14 61.48
N GLY A 10 -20.87 -27.29 62.81
CA GLY A 10 -20.01 -26.58 63.73
C GLY A 10 -19.01 -27.35 64.57
N LEU A 11 -18.82 -28.66 64.34
CA LEU A 11 -17.88 -29.41 65.16
C LEU A 11 -17.26 -30.53 64.34
N VAL A 12 -15.93 -30.53 64.29
CA VAL A 12 -15.17 -31.50 63.50
C VAL A 12 -13.94 -31.89 64.30
N GLN A 13 -13.50 -33.13 64.11
CA GLN A 13 -12.29 -33.62 64.75
C GLN A 13 -11.04 -32.97 64.15
N PRO A 14 -9.96 -32.82 64.94
CA PRO A 14 -8.72 -32.28 64.37
C PRO A 14 -8.20 -33.22 63.28
N GLY A 15 -7.68 -32.63 62.21
CA GLY A 15 -7.25 -33.38 61.04
C GLY A 15 -8.40 -33.67 60.09
N GLY A 16 -9.62 -33.28 60.46
CA GLY A 16 -10.76 -33.42 59.59
C GLY A 16 -10.82 -32.29 58.58
N SER A 17 -11.60 -32.50 57.52
CA SER A 17 -11.87 -31.46 56.53
C SER A 17 -13.35 -31.15 56.50
N LEU A 18 -13.71 -29.87 56.61
CA LEU A 18 -15.08 -29.39 56.66
C LEU A 18 -15.31 -28.41 55.52
N LYS A 19 -16.58 -28.28 55.13
CA LYS A 19 -16.99 -27.30 54.13
C LYS A 19 -18.11 -26.43 54.67
N LEU A 20 -17.98 -25.12 54.43
CA LEU A 20 -18.97 -24.11 54.75
C LEU A 20 -19.51 -23.55 53.45
N SER A 21 -20.77 -23.09 53.47
CA SER A 21 -21.32 -22.42 52.31
C SER A 21 -22.16 -21.24 52.79
N CYS A 22 -22.43 -20.33 51.88
CA CYS A 22 -23.22 -19.14 52.14
C CYS A 22 -24.12 -18.83 50.96
N ARG A 23 -25.42 -18.71 51.24
CA ARG A 23 -26.40 -18.36 50.22
C ARG A 23 -26.66 -16.87 50.44
N ALA A 24 -26.96 -16.15 49.36
CA ALA A 24 -27.18 -14.72 49.47
C ALA A 24 -28.28 -14.24 48.54
N SER A 25 -28.94 -13.16 48.97
CA SER A 25 -29.99 -12.57 48.14
C SER A 25 -30.13 -11.09 48.49
N GLY A 26 -30.88 -10.40 47.64
CA GLY A 26 -31.17 -8.99 47.78
C GLY A 26 -30.26 -8.09 46.94
N TYR A 27 -29.36 -8.67 46.15
CA TYR A 27 -28.44 -7.94 45.31
C TYR A 27 -28.01 -8.86 44.18
N THR A 28 -27.36 -8.28 43.17
CA THR A 28 -26.83 -9.10 42.09
C THR A 28 -25.58 -9.78 42.61
N PHE A 29 -25.63 -11.11 42.67
CA PHE A 29 -24.57 -11.90 43.28
C PHE A 29 -23.23 -11.70 42.58
N SER A 30 -23.25 -11.78 41.25
CA SER A 30 -22.06 -11.68 40.42
C SER A 30 -21.41 -10.31 40.40
N SER A 31 -22.03 -9.28 40.97
CA SER A 31 -21.43 -7.95 40.96
C SER A 31 -20.50 -7.62 42.13
N PHE A 32 -20.43 -8.46 43.17
CA PHE A 32 -19.62 -8.14 44.34
C PHE A 32 -18.60 -9.21 44.65
N ALA A 33 -17.42 -8.78 45.07
CA ALA A 33 -16.44 -9.70 45.61
C ALA A 33 -16.85 -10.10 47.02
N MET A 34 -16.40 -11.27 47.47
CA MET A 34 -16.75 -11.74 48.80
C MET A 34 -15.56 -12.36 49.51
N SER A 35 -15.71 -12.47 50.82
CA SER A 35 -14.66 -13.01 51.66
C SER A 35 -15.27 -13.72 52.86
N TRP A 36 -14.40 -14.50 53.52
CA TRP A 36 -14.71 -15.10 54.80
C TRP A 36 -13.81 -14.43 55.81
N VAL A 37 -14.41 -14.07 56.93
CA VAL A 37 -13.75 -13.43 58.07
C VAL A 37 -14.09 -14.28 59.29
N ARG A 38 -13.11 -14.54 60.17
CA ARG A 38 -13.41 -15.36 61.33
C ARG A 38 -13.08 -14.62 62.61
N GLN A 39 -13.79 -15.01 63.67
CA GLN A 39 -13.62 -14.47 65.01
C GLN A 39 -13.58 -15.60 66.03
N ALA A 40 -12.44 -15.78 66.70
CA ALA A 40 -12.41 -16.79 67.75
C ALA A 40 -13.39 -16.31 68.83
N PRO A 41 -14.05 -17.22 69.56
CA PRO A 41 -15.03 -16.76 70.57
C PRO A 41 -14.54 -15.67 71.52
N GLY A 42 -13.26 -15.67 71.89
CA GLY A 42 -12.71 -14.66 72.78
C GLY A 42 -11.84 -13.60 72.13
N LYS A 43 -11.79 -13.55 70.80
CA LYS A 43 -10.91 -12.65 70.06
C LYS A 43 -11.72 -11.71 69.18
N GLY A 44 -11.00 -10.86 68.44
CA GLY A 44 -11.58 -9.93 67.49
C GLY A 44 -11.72 -10.59 66.14
N LEU A 45 -11.92 -9.75 65.12
CA LEU A 45 -12.17 -10.28 63.79
C LEU A 45 -10.85 -10.54 63.08
N GLU A 46 -10.81 -11.61 62.29
CA GLU A 46 -9.66 -11.97 61.46
C GLU A 46 -10.13 -12.25 60.05
N TRP A 47 -9.51 -11.62 59.06
CA TRP A 47 -9.85 -11.91 57.67
C TRP A 47 -9.20 -13.26 57.34
N VAL A 48 -9.93 -14.13 56.64
CA VAL A 48 -9.44 -15.46 56.29
C VAL A 48 -9.17 -15.58 54.80
N SER A 49 -10.15 -15.26 53.95
CA SER A 49 -9.94 -15.48 52.53
C SER A 49 -10.84 -14.57 51.73
N LEU A 50 -10.42 -14.26 50.49
CA LEU A 50 -11.20 -13.41 49.61
C LEU A 50 -11.24 -14.00 48.21
N ILE A 51 -12.40 -13.88 47.57
CA ILE A 51 -12.65 -14.31 46.21
C ILE A 51 -13.22 -13.13 45.42
N ASN A 52 -12.86 -13.07 44.15
CA ASN A 52 -13.30 -12.02 43.24
C ASN A 52 -14.77 -12.20 42.89
N ASP A 53 -15.30 -11.28 42.07
CA ASP A 53 -16.70 -11.35 41.69
C ASP A 53 -16.93 -12.48 40.70
N ARG A 54 -15.95 -12.74 39.83
CA ARG A 54 -16.03 -13.79 38.84
C ARG A 54 -15.58 -15.14 39.38
N GLY A 55 -14.86 -15.15 40.49
CA GLY A 55 -14.37 -16.37 41.10
C GLY A 55 -13.01 -16.86 40.62
N GLY A 56 -12.42 -16.17 39.64
CA GLY A 56 -11.15 -16.62 39.11
C GLY A 56 -9.94 -16.36 40.00
N LEU A 57 -10.02 -15.37 40.89
CA LEU A 57 -8.91 -15.00 41.76
C LEU A 57 -9.27 -15.22 43.23
N THR A 58 -8.37 -15.89 43.95
CA THR A 58 -8.53 -16.15 45.37
C THR A 58 -7.29 -15.72 46.11
N PHE A 59 -7.49 -15.25 47.35
CA PHE A 59 -6.41 -14.81 48.22
C PHE A 59 -6.66 -15.38 49.61
N TYR A 60 -5.58 -15.74 50.31
CA TYR A 60 -5.69 -16.30 51.65
C TYR A 60 -4.64 -15.69 52.56
N VAL A 61 -4.91 -15.71 53.87
CA VAL A 61 -3.86 -15.39 54.82
C VAL A 61 -2.87 -16.56 54.82
N ASP A 62 -1.59 -16.25 55.02
CA ASP A 62 -0.55 -17.27 55.00
C ASP A 62 -0.85 -18.44 55.94
N SER A 63 -1.46 -18.16 57.10
CA SER A 63 -1.69 -19.23 58.06
C SER A 63 -2.66 -20.31 57.55
N VAL A 64 -3.46 -20.01 56.53
CA VAL A 64 -4.40 -20.97 55.96
C VAL A 64 -4.18 -21.17 54.46
N LYS A 65 -3.14 -20.56 53.90
CA LYS A 65 -2.99 -20.49 52.45
C LYS A 65 -2.91 -21.86 51.80
N GLY A 66 -2.26 -22.82 52.47
CA GLY A 66 -2.12 -24.15 51.91
C GLY A 66 -3.18 -25.15 52.30
N ARG A 67 -4.20 -24.75 53.05
CA ARG A 67 -5.23 -25.67 53.52
C ARG A 67 -6.65 -25.28 53.20
N PHE A 68 -6.95 -24.01 52.89
CA PHE A 68 -8.32 -23.59 52.61
C PHE A 68 -8.48 -23.33 51.13
N THR A 69 -9.65 -23.68 50.59
CA THR A 69 -10.03 -23.32 49.22
C THR A 69 -11.34 -22.54 49.25
N ILE A 70 -11.35 -21.37 48.62
CA ILE A 70 -12.55 -20.53 48.53
C ILE A 70 -13.03 -20.58 47.08
N SER A 71 -14.34 -20.74 46.90
CA SER A 71 -14.89 -20.81 45.56
C SER A 71 -16.31 -20.25 45.60
N ARG A 72 -16.83 -19.91 44.42
CA ARG A 72 -18.18 -19.41 44.30
C ARG A 72 -18.79 -19.93 43.01
N ASP A 73 -20.14 -20.02 43.05
CA ASP A 73 -20.92 -20.42 41.84
C ASP A 73 -21.94 -19.32 41.63
N ASN A 74 -21.80 -18.54 40.56
CA ASN A 74 -22.65 -17.39 40.32
C ASN A 74 -24.02 -17.76 39.78
N SER A 75 -24.27 -19.03 39.41
CA SER A 75 -25.60 -19.38 38.93
C SER A 75 -26.51 -19.81 40.06
N LYS A 76 -25.92 -20.37 41.12
CA LYS A 76 -26.64 -20.81 42.31
C LYS A 76 -26.57 -19.76 43.41
N ASN A 77 -25.90 -18.63 43.17
CA ASN A 77 -25.71 -17.58 44.17
C ASN A 77 -25.11 -18.11 45.46
N THR A 78 -24.06 -18.95 45.35
CA THR A 78 -23.47 -19.59 46.53
C THR A 78 -21.97 -19.37 46.62
N LEU A 79 -21.51 -19.06 47.84
CA LEU A 79 -20.07 -18.91 48.11
C LEU A 79 -19.69 -20.01 49.12
N SER A 80 -18.70 -20.85 48.81
CA SER A 80 -18.32 -21.97 49.66
C SER A 80 -16.84 -21.89 50.02
N LEU A 81 -16.55 -22.26 51.26
CA LEU A 81 -15.21 -22.37 51.80
C LEU A 81 -14.98 -23.81 52.23
N GLN A 82 -13.99 -24.47 51.65
CA GLN A 82 -13.66 -25.84 51.98
C GLN A 82 -12.39 -25.78 52.81
N MET A 83 -12.45 -26.30 54.03
CA MET A 83 -11.34 -26.25 54.97
C MET A 83 -10.71 -27.62 55.02
N HIS A 84 -9.37 -27.65 55.10
CA HIS A 84 -8.62 -28.89 55.25
C HIS A 84 -7.62 -28.67 56.36
N SER A 85 -7.20 -29.77 56.98
CA SER A 85 -6.31 -29.79 58.14
C SER A 85 -7.05 -29.35 59.41
N LEU A 86 -7.66 -28.17 59.39
CA LEU A 86 -8.57 -27.70 60.43
C LEU A 86 -7.93 -27.77 61.83
N ARG A 87 -6.69 -27.30 61.91
CA ARG A 87 -5.93 -27.31 63.15
C ARG A 87 -6.63 -26.44 64.20
N ASP A 88 -6.51 -26.73 65.49
CA ASP A 88 -7.34 -26.01 66.54
C ASP A 88 -7.43 -24.47 66.49
N GLY A 89 -6.38 -23.71 66.13
CA GLY A 89 -6.37 -22.26 66.26
C GLY A 89 -7.49 -21.82 65.33
N ASP A 90 -8.00 -22.72 64.49
CA ASP A 90 -9.09 -22.45 63.57
C ASP A 90 -10.47 -22.71 64.17
N THR A 91 -10.68 -22.51 65.48
CA THR A 91 -12.02 -22.59 66.03
C THR A 91 -12.48 -21.14 66.04
N ALA A 92 -13.62 -20.87 65.42
CA ALA A 92 -14.09 -19.50 65.31
C ALA A 92 -15.48 -19.48 64.72
N VAL A 93 -16.15 -18.33 64.84
CA VAL A 93 -17.35 -18.08 64.06
C VAL A 93 -16.85 -17.54 62.73
N TYR A 94 -17.24 -18.19 61.64
CA TYR A 94 -16.87 -17.83 60.28
C TYR A 94 -18.00 -17.06 59.63
N TYR A 95 -17.75 -15.79 59.33
CA TYR A 95 -18.73 -14.88 58.78
C TYR A 95 -18.52 -14.78 57.27
N CYS A 96 -19.65 -14.81 56.58
CA CYS A 96 -19.75 -14.56 55.14
C CYS A 96 -19.88 -13.06 54.98
N ALA A 97 -19.00 -12.44 54.18
CA ALA A 97 -19.08 -10.99 54.00
C ALA A 97 -18.89 -10.61 52.55
N THR A 98 -19.59 -9.55 52.17
CA THR A 98 -19.57 -9.02 50.81
C THR A 98 -18.70 -7.77 50.80
N GLY A 99 -17.79 -7.71 49.85
CA GLY A 99 -16.88 -6.59 49.71
C GLY A 99 -15.44 -7.03 49.78
N GLY A 100 -14.56 -6.05 49.94
CA GLY A 100 -13.15 -6.28 49.98
C GLY A 100 -12.42 -6.18 48.66
N MET A 101 -13.11 -6.10 47.54
CA MET A 101 -12.42 -6.05 46.26
C MET A 101 -13.41 -5.59 45.21
N SER A 102 -12.88 -5.14 44.07
CA SER A 102 -13.72 -4.77 42.95
C SER A 102 -13.02 -5.12 41.64
N SER A 103 -13.79 -4.99 40.55
CA SER A 103 -13.44 -5.45 39.22
C SER A 103 -12.58 -4.50 38.41
N ALA A 104 -12.14 -3.37 38.97
CA ALA A 104 -11.35 -2.31 38.35
C ALA A 104 -12.21 -1.42 37.46
N LEU A 105 -13.46 -1.80 37.18
CA LEU A 105 -14.44 -0.96 36.48
C LEU A 105 -15.48 -0.45 37.45
N GLN A 106 -15.27 -0.66 38.75
CA GLN A 106 -16.16 -0.30 39.84
C GLN A 106 -15.36 0.55 40.82
N SER A 107 -16.07 1.33 41.64
CA SER A 107 -15.40 2.11 42.66
C SER A 107 -14.69 1.18 43.63
N SER A 108 -13.69 1.72 44.33
CA SER A 108 -12.95 0.93 45.29
C SER A 108 -13.84 0.45 46.42
N LYS A 109 -13.58 -0.76 46.91
CA LYS A 109 -14.24 -1.26 48.10
C LYS A 109 -13.24 -1.20 49.25
N TYR A 110 -12.52 -2.29 49.54
CA TYR A 110 -11.60 -2.34 50.67
C TYR A 110 -12.34 -2.19 51.99
N TYR A 111 -13.60 -2.60 52.01
CA TYR A 111 -14.43 -2.65 53.21
C TYR A 111 -15.45 -3.75 52.98
N PHE A 112 -16.08 -4.19 54.06
CA PHE A 112 -17.07 -5.26 53.99
C PHE A 112 -18.43 -4.62 54.28
N ASP A 113 -19.30 -4.52 53.27
CA ASP A 113 -20.55 -3.79 53.45
C ASP A 113 -21.73 -4.62 53.94
N PHE A 114 -21.71 -5.94 53.75
CA PHE A 114 -22.77 -6.80 54.25
C PHE A 114 -22.16 -8.02 54.92
N TRP A 115 -22.77 -8.42 56.04
CA TRP A 115 -22.31 -9.55 56.82
C TRP A 115 -23.47 -10.51 57.07
N GLY A 116 -23.14 -11.80 57.16
CA GLY A 116 -24.11 -12.82 57.52
C GLY A 116 -24.11 -12.95 59.03
N GLN A 117 -24.63 -14.08 59.51
CA GLN A 117 -24.74 -14.27 60.96
C GLN A 117 -23.58 -15.07 61.52
N GLY A 118 -22.96 -15.92 60.72
CA GLY A 118 -21.79 -16.66 61.12
C GLY A 118 -21.99 -18.10 61.52
N ALA A 119 -21.19 -19.01 60.99
CA ALA A 119 -21.24 -20.42 61.34
C ALA A 119 -20.13 -20.66 62.36
N LEU A 120 -20.48 -21.13 63.55
CA LEU A 120 -19.47 -21.36 64.58
C LEU A 120 -18.93 -22.77 64.38
N VAL A 121 -17.62 -22.86 64.17
CA VAL A 121 -16.92 -24.13 63.94
C VAL A 121 -15.91 -24.32 65.06
N THR A 122 -16.02 -25.44 65.77
CA THR A 122 -15.10 -25.84 66.82
C THR A 122 -14.27 -26.99 66.28
N ALA B 1 -1.44 -7.40 63.78
CA ALA B 1 -2.67 -6.77 64.27
C ALA B 1 -2.46 -5.28 64.51
N LEU B 2 -3.56 -4.54 64.59
CA LEU B 2 -3.55 -3.12 64.87
C LEU B 2 -3.71 -2.85 66.37
N THR B 3 -3.19 -1.70 66.79
CA THR B 3 -3.29 -1.29 68.19
C THR B 3 -4.62 -0.56 68.35
N GLN B 4 -5.39 -0.96 69.36
CA GLN B 4 -6.70 -0.38 69.62
C GLN B 4 -6.93 -0.48 71.12
N PRO B 5 -7.47 0.54 71.79
CA PRO B 5 -7.64 0.45 73.25
C PRO B 5 -8.62 -0.65 73.63
N PRO B 6 -8.34 -1.45 74.67
CA PRO B 6 -9.32 -2.45 75.10
C PRO B 6 -10.71 -1.92 75.40
N SER B 7 -10.85 -0.71 75.94
CA SER B 7 -12.18 -0.20 76.24
C SER B 7 -12.15 1.32 76.38
N VAL B 8 -13.32 1.91 76.14
CA VAL B 8 -13.59 3.33 76.36
C VAL B 8 -14.95 3.42 77.06
N SER B 9 -15.24 4.57 77.65
CA SER B 9 -16.53 4.77 78.27
C SER B 9 -16.91 6.24 78.30
N GLY B 10 -18.21 6.48 78.54
CA GLY B 10 -18.70 7.83 78.75
C GLY B 10 -20.20 7.81 78.99
N SER B 11 -20.70 8.96 79.44
CA SER B 11 -22.11 9.16 79.75
C SER B 11 -22.91 9.39 78.47
N PRO B 12 -24.23 9.13 78.50
CA PRO B 12 -25.07 9.47 77.35
C PRO B 12 -24.92 10.94 76.98
N GLY B 13 -24.78 11.20 75.69
CA GLY B 13 -24.63 12.56 75.19
C GLY B 13 -23.19 12.98 75.05
N GLN B 14 -22.26 12.22 75.62
CA GLN B 14 -20.83 12.50 75.59
C GLN B 14 -20.24 12.11 74.25
N SER B 15 -19.21 12.84 73.82
CA SER B 15 -18.45 12.49 72.64
C SER B 15 -17.33 11.57 73.06
N VAL B 16 -17.25 10.38 72.45
CA VAL B 16 -16.25 9.37 72.76
C VAL B 16 -15.44 9.03 71.52
N THR B 17 -14.11 9.06 71.66
CA THR B 17 -13.20 8.77 70.55
C THR B 17 -12.51 7.43 70.81
N ILE B 18 -12.52 6.56 69.79
CA ILE B 18 -11.85 5.27 69.81
C ILE B 18 -10.68 5.38 68.84
N SER B 19 -9.44 5.25 69.34
CA SER B 19 -8.29 5.36 68.45
C SER B 19 -7.90 3.99 67.88
N CYS B 20 -7.14 4.02 66.79
CA CYS B 20 -6.57 2.83 66.18
C CYS B 20 -5.22 3.24 65.61
N THR B 21 -4.15 2.51 65.94
CA THR B 21 -2.81 2.83 65.46
C THR B 21 -2.20 1.64 64.73
N GLY B 22 -1.65 1.90 63.55
CA GLY B 22 -0.99 0.91 62.72
C GLY B 22 0.42 1.36 62.39
N THR B 23 0.92 0.98 61.20
CA THR B 23 2.26 1.35 60.77
C THR B 23 2.19 1.98 59.37
N SER B 24 3.34 2.43 58.88
CA SER B 24 3.39 3.11 57.59
C SER B 24 3.03 2.20 56.43
N SER B 25 3.31 0.90 56.56
CA SER B 25 3.01 -0.03 55.48
C SER B 25 1.53 -0.34 55.33
N ASP B 26 0.69 0.09 56.27
CA ASP B 26 -0.75 -0.19 56.18
C ASP B 26 -1.65 1.06 56.34
N ILE B 27 -1.93 1.54 57.55
CA ILE B 27 -2.89 2.64 57.67
C ILE B 27 -2.31 3.94 57.12
N GLY B 28 -1.00 4.13 57.26
CA GLY B 28 -0.37 5.33 56.76
C GLY B 28 -0.38 5.49 55.26
N SER B 29 0.21 4.52 54.57
CA SER B 29 0.29 4.57 53.11
C SER B 29 -1.08 4.51 52.44
N TYR B 30 -1.97 3.63 52.90
CA TYR B 30 -3.25 3.42 52.24
C TYR B 30 -4.38 4.11 52.98
N ASN B 31 -5.16 4.92 52.25
CA ASN B 31 -6.35 5.56 52.82
C ASN B 31 -7.56 4.64 52.64
N TYR B 32 -7.42 3.42 53.18
CA TYR B 32 -8.45 2.38 53.10
C TYR B 32 -8.61 1.77 54.48
N VAL B 33 -9.36 2.46 55.33
CA VAL B 33 -9.60 2.05 56.71
C VAL B 33 -11.10 1.92 56.86
N SER B 34 -11.50 1.19 57.90
CA SER B 34 -12.93 1.04 58.16
C SER B 34 -13.15 0.74 59.62
N TRP B 35 -14.40 0.96 60.06
CA TRP B 35 -14.82 0.66 61.41
C TRP B 35 -16.10 -0.15 61.38
N TYR B 36 -16.17 -1.12 62.30
CA TYR B 36 -17.30 -2.01 62.46
C TYR B 36 -17.82 -1.98 63.90
N GLN B 37 -19.14 -2.12 64.02
CA GLN B 37 -19.86 -2.16 65.29
C GLN B 37 -20.41 -3.57 65.49
N GLN B 38 -19.91 -4.29 66.49
CA GLN B 38 -20.36 -5.65 66.75
C GLN B 38 -21.05 -5.69 68.12
N HIS B 39 -22.36 -5.81 68.10
CA HIS B 39 -23.08 -5.96 69.36
C HIS B 39 -22.90 -7.40 69.82
N PRO B 40 -22.80 -7.68 71.13
CA PRO B 40 -22.68 -9.09 71.53
C PRO B 40 -23.82 -9.93 70.98
N GLY B 41 -23.46 -11.08 70.43
CA GLY B 41 -24.38 -12.04 69.85
C GLY B 41 -24.75 -11.78 68.40
N LYS B 42 -24.30 -10.68 67.81
CA LYS B 42 -24.60 -10.31 66.44
C LYS B 42 -23.33 -10.19 65.61
N ALA B 43 -23.49 -10.29 64.29
CA ALA B 43 -22.39 -10.08 63.38
C ALA B 43 -22.02 -8.58 63.31
N PRO B 44 -20.76 -8.25 63.05
CA PRO B 44 -20.41 -6.83 62.92
C PRO B 44 -21.16 -6.17 61.77
N LYS B 45 -21.55 -4.92 62.00
CA LYS B 45 -22.16 -4.07 61.00
C LYS B 45 -21.16 -2.99 60.63
N LEU B 46 -21.08 -2.64 59.35
CA LEU B 46 -20.17 -1.60 58.89
C LEU B 46 -20.69 -0.21 59.26
N MET B 47 -19.81 0.56 59.92
CA MET B 47 -20.12 1.92 60.35
C MET B 47 -19.37 2.95 59.54
N ILE B 48 -18.08 2.73 59.27
CA ILE B 48 -17.26 3.65 58.48
C ILE B 48 -16.46 2.86 57.48
N TYR B 49 -16.36 3.40 56.27
CA TYR B 49 -15.51 2.86 55.23
C TYR B 49 -14.79 4.06 54.65
N ASP B 50 -13.64 3.83 54.03
CA ASP B 50 -12.80 4.93 53.56
C ASP B 50 -12.37 5.72 54.82
N VAL B 51 -11.59 6.79 54.67
CA VAL B 51 -11.19 7.51 55.88
C VAL B 51 -12.38 8.25 56.49
N THR B 52 -13.17 8.98 55.68
CA THR B 52 -14.28 9.80 56.19
C THR B 52 -15.67 9.45 55.67
N GLN B 53 -15.87 8.34 54.97
CA GLN B 53 -17.19 8.04 54.41
C GLN B 53 -18.04 7.21 55.38
N ARG B 54 -19.37 7.23 55.16
CA ARG B 54 -20.31 6.51 56.02
C ARG B 54 -21.36 5.78 55.16
N PRO B 55 -21.65 4.50 55.42
CA PRO B 55 -22.68 3.82 54.63
C PRO B 55 -24.03 4.47 54.85
N SER B 56 -24.89 4.40 53.83
CA SER B 56 -26.25 4.90 53.99
C SER B 56 -26.92 4.10 55.09
N GLY B 57 -27.72 4.78 55.91
CA GLY B 57 -28.41 4.12 57.00
C GLY B 57 -27.72 4.34 58.34
N VAL B 58 -26.50 4.89 58.33
CA VAL B 58 -25.75 5.17 59.55
C VAL B 58 -25.94 6.63 59.94
N SER B 59 -26.25 6.84 61.22
CA SER B 59 -26.48 8.16 61.78
C SER B 59 -25.24 9.04 61.69
N ASP B 60 -25.47 10.35 61.55
CA ASP B 60 -24.41 11.34 61.44
C ASP B 60 -23.53 11.42 62.69
N ARG B 61 -23.96 10.84 63.81
CA ARG B 61 -23.19 10.84 65.04
C ARG B 61 -21.88 10.07 64.93
N PHE B 62 -21.78 9.15 63.98
CA PHE B 62 -20.59 8.32 63.79
C PHE B 62 -19.72 8.94 62.71
N SER B 63 -18.49 9.33 63.07
CA SER B 63 -17.59 9.97 62.13
C SER B 63 -16.18 9.49 62.43
N GLY B 64 -15.23 9.85 61.58
CA GLY B 64 -13.87 9.44 61.85
C GLY B 64 -12.88 10.21 61.00
N SER B 65 -11.61 9.92 61.22
CA SER B 65 -10.54 10.64 60.53
C SER B 65 -9.25 9.84 60.61
N LYS B 66 -8.25 10.32 59.88
CA LYS B 66 -6.92 9.72 59.90
C LYS B 66 -5.87 10.82 59.82
N SER B 67 -4.82 10.68 60.63
CA SER B 67 -3.68 11.59 60.63
C SER B 67 -2.42 10.77 60.80
N GLY B 68 -1.52 10.81 59.83
CA GLY B 68 -0.32 10.00 59.93
C GLY B 68 -0.71 8.53 59.94
N ASN B 69 -0.26 7.81 60.97
CA ASN B 69 -0.55 6.40 61.12
C ASN B 69 -1.66 6.13 62.12
N THR B 70 -2.35 7.17 62.60
CA THR B 70 -3.40 7.03 63.60
C THR B 70 -4.74 7.36 62.97
N ALA B 71 -5.71 6.45 63.14
CA ALA B 71 -7.06 6.61 62.64
C ALA B 71 -7.95 6.65 63.87
N SER B 72 -9.11 7.29 63.75
CA SER B 72 -10.02 7.33 64.88
C SER B 72 -11.47 7.37 64.45
N LEU B 73 -12.29 6.90 65.39
CA LEU B 73 -13.75 6.90 65.35
C LEU B 73 -14.23 7.81 66.46
N THR B 74 -15.17 8.68 66.15
CA THR B 74 -15.76 9.53 67.18
C THR B 74 -17.26 9.35 67.11
N ILE B 75 -17.86 9.12 68.27
CA ILE B 75 -19.30 8.99 68.39
C ILE B 75 -19.79 10.17 69.22
N SER B 76 -20.49 11.10 68.59
CA SER B 76 -21.03 12.23 69.32
C SER B 76 -22.41 11.81 69.83
N GLY B 77 -22.91 12.48 70.87
CA GLY B 77 -24.28 12.22 71.26
C GLY B 77 -24.54 10.80 71.70
N LEU B 78 -23.60 10.18 72.41
CA LEU B 78 -23.68 8.77 72.79
C LEU B 78 -25.04 8.34 73.33
N GLN B 79 -25.56 7.25 72.77
CA GLN B 79 -26.83 6.63 73.13
C GLN B 79 -26.58 5.27 73.78
N ALA B 80 -27.59 4.82 74.54
CA ALA B 80 -27.54 3.48 75.13
C ALA B 80 -27.43 2.39 74.08
N ASP B 81 -27.98 2.62 72.88
CA ASP B 81 -27.97 1.61 71.82
C ASP B 81 -26.61 1.47 71.13
N ASP B 82 -25.65 2.31 71.49
CA ASP B 82 -24.30 2.30 70.92
C ASP B 82 -23.33 1.44 71.73
N GLU B 83 -23.79 0.77 72.78
CA GLU B 83 -22.91 -0.05 73.60
C GLU B 83 -22.52 -1.30 72.82
N ALA B 84 -21.24 -1.43 72.48
CA ALA B 84 -20.85 -2.51 71.57
C ALA B 84 -19.33 -2.68 71.53
N ASP B 85 -18.88 -3.78 70.92
CA ASP B 85 -17.47 -3.97 70.64
C ASP B 85 -17.15 -3.41 69.26
N TYR B 86 -16.27 -2.42 69.21
CA TYR B 86 -15.89 -1.77 67.95
C TYR B 86 -14.55 -2.30 67.47
N TYR B 87 -14.43 -2.44 66.15
CA TYR B 87 -13.20 -2.91 65.54
C TYR B 87 -12.78 -1.93 64.45
N CYS B 88 -11.46 -1.74 64.34
CA CYS B 88 -10.86 -1.02 63.23
C CYS B 88 -10.26 -2.03 62.28
N SER B 89 -10.17 -1.65 61.00
CA SER B 89 -9.47 -2.50 60.06
C SER B 89 -8.83 -1.61 59.01
N ALA B 90 -7.84 -2.16 58.32
CA ALA B 90 -7.21 -1.44 57.22
C ALA B 90 -6.69 -2.40 56.17
N TYR B 91 -6.65 -1.90 54.94
CA TYR B 91 -6.04 -2.61 53.84
C TYR B 91 -4.53 -2.48 53.99
N ALA B 92 -3.81 -3.60 53.91
CA ALA B 92 -2.37 -3.60 54.07
C ALA B 92 -1.62 -3.69 52.74
N GLY B 93 -2.11 -4.48 51.79
CA GLY B 93 -1.44 -4.57 50.51
C GLY B 93 -1.89 -5.81 49.75
N ARG B 94 -1.19 -6.05 48.64
CA ARG B 94 -1.49 -7.21 47.81
C ARG B 94 -1.06 -8.50 48.50
N GLN B 95 0.00 -8.48 49.30
CA GLN B 95 0.45 -9.70 49.97
C GLN B 95 -0.43 -10.00 51.18
N THR B 96 -0.80 -8.98 51.94
CA THR B 96 -1.69 -9.07 53.08
C THR B 96 -2.85 -8.16 52.76
N PHE B 97 -4.05 -8.70 52.65
CA PHE B 97 -5.16 -7.83 52.26
C PHE B 97 -5.69 -6.99 53.42
N TYR B 98 -6.15 -7.62 54.51
CA TYR B 98 -6.75 -6.84 55.58
C TYR B 98 -6.13 -7.21 56.92
N ILE B 99 -5.98 -6.18 57.75
CA ILE B 99 -5.51 -6.33 59.12
C ILE B 99 -6.54 -5.72 60.04
N PHE B 100 -6.93 -6.47 61.06
CA PHE B 100 -7.85 -6.00 62.09
C PHE B 100 -7.12 -5.77 63.40
N GLY B 101 -7.66 -4.84 64.19
CA GLY B 101 -7.22 -4.62 65.56
C GLY B 101 -8.04 -5.50 66.49
N GLY B 102 -7.86 -5.25 67.79
CA GLY B 102 -8.63 -5.97 68.79
C GLY B 102 -9.92 -5.21 68.95
N GLY B 103 -10.78 -5.68 69.85
CA GLY B 103 -12.03 -4.99 70.05
C GLY B 103 -11.95 -3.99 71.19
N THR B 104 -12.74 -2.93 71.07
CA THR B 104 -12.91 -1.91 72.09
C THR B 104 -14.33 -2.01 72.62
N ARG B 105 -14.49 -2.22 73.92
CA ARG B 105 -15.83 -2.31 74.49
C ARG B 105 -16.26 -0.90 74.86
N LEU B 106 -17.31 -0.42 74.20
CA LEU B 106 -17.87 0.89 74.48
C LEU B 106 -19.06 0.65 75.39
N THR B 107 -18.98 1.21 76.59
CA THR B 107 -19.98 1.10 77.62
C THR B 107 -20.59 2.47 77.87
N VAL B 108 -21.89 2.50 78.11
CA VAL B 108 -22.64 3.74 78.32
C VAL B 108 -22.90 3.88 79.81
N LEU B 109 -22.43 4.99 80.38
CA LEU B 109 -22.51 5.19 81.82
C LEU B 109 -23.81 5.88 82.19
N ASN C 3 -6.66 9.23 40.78
CA ASN C 3 -7.38 8.05 41.21
C ASN C 3 -7.54 7.07 40.05
N LEU C 4 -7.99 7.59 38.91
CA LEU C 4 -8.27 6.79 37.73
C LEU C 4 -7.15 6.93 36.72
N TRP C 5 -6.97 5.88 35.92
CA TRP C 5 -5.90 5.77 34.94
C TRP C 5 -6.50 5.43 33.58
N VAL C 6 -5.80 5.83 32.52
CA VAL C 6 -6.24 5.52 31.16
C VAL C 6 -6.03 4.03 30.91
N THR C 7 -7.06 3.38 30.36
CA THR C 7 -6.93 2.00 29.89
C THR C 7 -7.28 1.98 28.41
N VAL C 8 -6.43 1.33 27.62
CA VAL C 8 -6.58 1.24 26.18
C VAL C 8 -7.30 -0.07 25.85
N TYR C 9 -8.38 0.02 25.09
CA TYR C 9 -9.18 -1.12 24.66
C TYR C 9 -9.10 -1.21 23.15
N TYR C 10 -8.96 -2.43 22.64
CA TYR C 10 -8.96 -2.71 21.20
C TYR C 10 -10.06 -3.71 20.93
N GLY C 11 -10.91 -3.41 19.96
CA GLY C 11 -12.05 -4.23 19.65
C GLY C 11 -13.33 -3.56 20.13
N VAL C 12 -13.31 -2.26 20.34
CA VAL C 12 -14.45 -1.50 20.85
C VAL C 12 -15.55 -1.41 19.78
N PRO C 13 -16.82 -1.80 20.09
CA PRO C 13 -17.90 -1.81 19.08
C PRO C 13 -18.45 -0.42 18.77
N VAL C 14 -17.62 0.44 18.19
CA VAL C 14 -18.03 1.78 17.78
C VAL C 14 -17.65 1.99 16.32
N TRP C 15 -18.28 2.99 15.72
CA TRP C 15 -18.05 3.30 14.33
C TRP C 15 -18.28 4.77 14.05
N LYS C 16 -17.79 5.19 12.89
CA LYS C 16 -17.94 6.53 12.37
C LYS C 16 -18.54 6.47 10.97
N ASP C 17 -19.26 7.51 10.57
CA ASP C 17 -19.76 7.54 9.21
C ASP C 17 -18.55 7.58 8.28
N ALA C 18 -18.62 6.86 7.17
CA ALA C 18 -17.49 6.82 6.25
C ALA C 18 -17.97 6.54 4.83
N GLU C 19 -17.13 6.94 3.87
CA GLU C 19 -17.37 6.70 2.45
C GLU C 19 -16.28 5.74 1.99
N THR C 20 -16.67 4.50 1.66
CA THR C 20 -15.71 3.50 1.20
C THR C 20 -16.27 2.78 -0.01
N THR C 21 -15.42 1.91 -0.57
CA THR C 21 -15.78 1.10 -1.72
C THR C 21 -16.52 -0.16 -1.29
N LEU C 22 -17.67 -0.43 -1.91
CA LEU C 22 -18.42 -1.66 -1.66
C LEU C 22 -18.28 -2.54 -2.89
N PHE C 23 -18.40 -3.85 -2.71
CA PHE C 23 -18.26 -4.79 -3.81
C PHE C 23 -19.55 -5.51 -4.16
N CYS C 24 -19.69 -5.83 -5.45
CA CYS C 24 -20.84 -6.62 -5.87
C CYS C 24 -20.60 -8.10 -5.60
N ALA C 25 -21.69 -8.79 -5.32
CA ALA C 25 -21.70 -10.22 -5.10
C ALA C 25 -22.96 -10.77 -5.76
N SER C 26 -22.89 -12.04 -6.15
CA SER C 26 -23.98 -12.69 -6.87
C SER C 26 -24.05 -14.15 -6.43
N ASP C 27 -25.17 -14.79 -6.80
CA ASP C 27 -25.44 -16.20 -6.53
C ASP C 27 -24.22 -17.08 -6.79
N HIS C 36 -25.96 -15.71 -21.28
CA HIS C 36 -25.11 -14.74 -20.59
C HIS C 36 -26.03 -13.64 -20.05
N ASN C 37 -25.46 -12.67 -19.32
CA ASN C 37 -26.21 -11.56 -18.73
C ASN C 37 -25.38 -10.29 -18.81
N VAL C 38 -26.05 -9.15 -18.97
CA VAL C 38 -25.34 -7.86 -19.01
C VAL C 38 -24.53 -7.64 -17.75
N TRP C 39 -25.08 -7.98 -16.60
CA TRP C 39 -24.39 -7.74 -15.35
C TRP C 39 -23.51 -8.96 -15.09
N ALA C 40 -22.27 -8.70 -14.73
CA ALA C 40 -21.22 -9.73 -14.67
C ALA C 40 -21.30 -10.59 -13.42
N THR C 41 -22.23 -11.56 -13.47
CA THR C 41 -22.40 -12.49 -12.36
C THR C 41 -21.07 -13.14 -11.99
N HIS C 42 -20.28 -13.51 -13.00
CA HIS C 42 -19.00 -14.17 -12.82
C HIS C 42 -17.88 -13.22 -12.38
N ALA C 43 -18.05 -11.90 -12.55
CA ALA C 43 -17.01 -10.98 -12.11
C ALA C 43 -17.16 -10.67 -10.62
N CYS C 44 -18.39 -10.73 -10.12
CA CYS C 44 -18.68 -10.45 -8.73
C CYS C 44 -18.26 -11.64 -7.87
N VAL C 45 -18.00 -11.37 -6.59
CA VAL C 45 -17.58 -12.40 -5.65
C VAL C 45 -18.78 -13.25 -5.28
N PRO C 46 -18.67 -14.58 -5.13
CA PRO C 46 -19.82 -15.36 -4.67
C PRO C 46 -20.34 -14.85 -3.33
N THR C 47 -21.66 -14.87 -3.19
CA THR C 47 -22.29 -14.42 -1.96
C THR C 47 -22.14 -15.45 -0.85
N ASP C 48 -22.42 -15.00 0.36
CA ASP C 48 -22.40 -15.87 1.53
C ASP C 48 -23.61 -16.79 1.48
N PRO C 49 -23.45 -18.12 1.42
CA PRO C 49 -24.63 -19.00 1.38
C PRO C 49 -25.44 -18.97 2.66
N ASN C 50 -24.88 -18.49 3.77
CA ASN C 50 -25.56 -18.42 5.06
C ASN C 50 -25.35 -17.04 5.67
N PRO C 51 -25.92 -16.01 5.06
CA PRO C 51 -25.64 -14.64 5.49
C PRO C 51 -26.20 -14.38 6.88
N GLN C 52 -25.49 -13.55 7.65
CA GLN C 52 -25.90 -13.20 9.00
C GLN C 52 -26.39 -11.75 9.06
N GLU C 53 -27.25 -11.51 10.05
CA GLU C 53 -27.74 -10.18 10.39
C GLU C 53 -27.72 -10.14 11.92
N ILE C 54 -27.08 -9.12 12.49
CA ILE C 54 -26.95 -9.00 13.94
C ILE C 54 -27.74 -7.80 14.42
N HIS C 55 -28.80 -8.06 15.19
CA HIS C 55 -29.63 -7.00 15.71
C HIS C 55 -28.91 -6.25 16.83
N LEU C 56 -28.98 -4.91 16.78
CA LEU C 56 -28.38 -4.07 17.81
C LEU C 56 -29.52 -3.65 18.72
N GLU C 57 -29.62 -4.30 19.88
CA GLU C 57 -30.82 -4.14 20.72
C GLU C 57 -31.05 -2.70 21.19
N ASN C 58 -29.99 -1.97 21.52
CA ASN C 58 -30.11 -0.60 22.01
C ASN C 58 -29.36 0.44 21.17
N VAL C 59 -29.25 0.25 19.87
CA VAL C 59 -28.55 1.20 19.00
C VAL C 59 -29.56 1.94 18.13
N THR C 60 -29.51 3.26 18.22
CA THR C 60 -30.30 4.16 17.40
C THR C 60 -29.28 4.90 16.55
N GLU C 61 -29.51 4.97 15.23
CA GLU C 61 -28.53 5.61 14.35
C GLU C 61 -29.25 6.56 13.41
N GLU C 62 -28.54 7.58 12.95
CA GLU C 62 -29.11 8.56 12.03
C GLU C 62 -28.77 8.17 10.61
N PHE C 63 -29.81 8.03 9.78
CA PHE C 63 -29.69 7.65 8.39
C PHE C 63 -30.07 8.85 7.53
N ASN C 64 -29.51 8.92 6.32
CA ASN C 64 -29.93 9.97 5.38
C ASN C 64 -29.72 9.42 3.98
N MET C 65 -30.81 8.94 3.36
CA MET C 65 -30.72 8.28 2.06
C MET C 65 -30.26 9.23 0.96
N TRP C 66 -30.30 10.54 1.17
CA TRP C 66 -29.97 11.49 0.12
C TRP C 66 -28.49 11.83 0.06
N LYS C 67 -27.71 11.38 1.05
CA LYS C 67 -26.27 11.59 1.13
C LYS C 67 -25.56 10.25 1.28
N ASN C 68 -26.23 9.18 0.88
CA ASN C 68 -25.75 7.81 1.03
C ASN C 68 -24.84 7.49 -0.14
N ASN C 69 -23.55 7.31 0.14
CA ASN C 69 -22.56 7.12 -0.91
C ASN C 69 -22.63 5.73 -1.52
N MET C 70 -23.53 4.86 -1.03
CA MET C 70 -23.69 3.55 -1.65
C MET C 70 -24.36 3.69 -3.01
N VAL C 71 -25.14 4.77 -3.17
CA VAL C 71 -25.88 5.01 -4.39
C VAL C 71 -24.94 5.42 -5.51
N GLU C 72 -23.97 6.28 -5.21
CA GLU C 72 -23.02 6.72 -6.24
C GLU C 72 -22.18 5.56 -6.73
N GLN C 73 -21.77 4.66 -5.83
CA GLN C 73 -21.01 3.50 -6.28
C GLN C 73 -21.91 2.56 -7.07
N MET C 74 -23.17 2.37 -6.63
CA MET C 74 -24.02 1.47 -7.40
C MET C 74 -24.20 2.02 -8.81
N HIS C 75 -24.37 3.34 -8.93
CA HIS C 75 -24.55 3.94 -10.25
C HIS C 75 -23.32 3.74 -11.11
N GLU C 76 -22.13 4.03 -10.55
CA GLU C 76 -20.90 3.87 -11.30
C GLU C 76 -20.71 2.41 -11.72
N ASP C 77 -20.99 1.48 -10.82
CA ASP C 77 -20.82 0.07 -11.13
C ASP C 77 -21.77 -0.37 -12.23
N ILE C 78 -23.01 0.13 -12.21
CA ILE C 78 -23.94 -0.27 -13.26
C ILE C 78 -23.46 0.27 -14.60
N ILE C 79 -22.98 1.51 -14.63
CA ILE C 79 -22.48 2.07 -15.89
C ILE C 79 -21.30 1.24 -16.37
N SER C 80 -20.38 0.89 -15.46
CA SER C 80 -19.21 0.12 -15.87
C SER C 80 -19.59 -1.23 -16.44
N LEU C 81 -20.46 -1.96 -15.73
CA LEU C 81 -20.92 -3.29 -16.22
C LEU C 81 -21.54 -3.11 -17.61
N TRP C 82 -22.43 -2.12 -17.77
CA TRP C 82 -23.13 -1.91 -19.03
C TRP C 82 -22.13 -1.71 -20.18
N ASP C 83 -21.13 -0.83 -19.96
CA ASP C 83 -20.18 -0.56 -21.02
C ASP C 83 -19.28 -1.77 -21.29
N GLN C 84 -18.90 -2.52 -20.24
CA GLN C 84 -18.09 -3.69 -20.48
C GLN C 84 -18.88 -4.73 -21.28
N SER C 85 -20.17 -4.83 -21.00
CA SER C 85 -21.02 -5.77 -21.72
C SER C 85 -21.13 -5.42 -23.20
N LEU C 86 -21.31 -4.14 -23.51
CA LEU C 86 -21.45 -3.76 -24.91
C LEU C 86 -20.12 -3.69 -25.67
N LYS C 87 -19.01 -3.41 -24.99
CA LYS C 87 -17.70 -3.29 -25.62
C LYS C 87 -17.38 -4.44 -26.57
N PRO C 88 -17.38 -5.72 -26.14
CA PRO C 88 -17.07 -6.81 -27.07
C PRO C 88 -18.26 -7.25 -27.92
N CYS C 89 -18.82 -6.33 -28.71
CA CYS C 89 -19.97 -6.62 -29.53
C CYS C 89 -19.84 -5.91 -30.86
N VAL C 90 -20.71 -6.29 -31.81
CA VAL C 90 -20.65 -5.73 -33.15
C VAL C 90 -20.96 -4.23 -33.12
N LYS C 91 -20.06 -3.45 -33.71
CA LYS C 91 -20.21 -1.99 -33.77
C LYS C 91 -20.73 -1.64 -35.17
N LEU C 92 -21.95 -1.09 -35.23
CA LEU C 92 -22.65 -0.90 -36.50
C LEU C 92 -22.33 0.43 -37.19
N THR C 93 -21.04 0.70 -37.40
CA THR C 93 -20.73 1.92 -38.14
C THR C 93 -21.12 1.79 -39.62
N PRO C 94 -21.04 0.61 -40.27
CA PRO C 94 -21.51 0.51 -41.66
C PRO C 94 -23.01 0.75 -41.86
N LEU C 95 -23.76 0.80 -40.75
CA LEU C 95 -25.25 0.96 -40.83
C LEU C 95 -25.64 2.42 -41.03
N CYS C 96 -24.74 3.36 -40.74
CA CYS C 96 -25.09 4.78 -40.80
C CYS C 96 -24.97 5.20 -42.26
N VAL C 97 -26.01 4.84 -43.00
CA VAL C 97 -26.12 5.02 -44.44
C VAL C 97 -27.44 5.72 -44.73
N THR C 98 -27.58 6.18 -45.97
CA THR C 98 -28.85 6.75 -46.38
C THR C 98 -29.84 5.61 -46.57
N LEU C 99 -31.03 5.77 -46.02
CA LEU C 99 -32.11 4.79 -46.10
C LEU C 99 -33.16 5.32 -47.05
N GLN C 100 -33.80 4.42 -47.81
CA GLN C 100 -34.93 4.75 -48.65
C GLN C 100 -36.14 4.06 -48.04
N CYS C 101 -37.01 4.82 -47.38
CA CYS C 101 -38.06 4.23 -46.57
C CYS C 101 -39.44 4.55 -47.11
N THR C 102 -40.35 3.60 -46.92
CA THR C 102 -41.77 3.77 -47.15
C THR C 102 -42.52 3.24 -45.94
N ASN C 103 -43.79 3.60 -45.81
CA ASN C 103 -44.57 3.07 -44.69
C ASN C 103 -44.78 1.58 -44.91
N TYR C 104 -44.50 0.79 -43.86
CA TYR C 104 -44.63 -0.67 -43.97
C TYR C 104 -46.04 -1.07 -44.40
N THR C 105 -47.07 -0.59 -43.69
CA THR C 105 -48.45 -0.78 -44.11
C THR C 105 -49.16 0.56 -44.12
N GLU C 106 -49.72 0.90 -45.28
CA GLU C 106 -50.44 2.16 -45.49
C GLU C 106 -51.92 2.03 -45.17
N LYS C 107 -52.42 0.81 -44.98
CA LYS C 107 -53.83 0.51 -44.79
C LYS C 107 -54.25 0.51 -43.32
N LEU C 108 -53.34 0.77 -42.40
CA LEU C 108 -53.65 0.66 -40.98
C LEU C 108 -54.58 1.77 -40.53
N ARG C 109 -55.53 1.40 -39.67
CA ARG C 109 -56.43 2.33 -39.01
C ARG C 109 -56.09 2.44 -37.53
N SER C 110 -55.08 1.70 -37.08
CA SER C 110 -54.65 1.59 -35.70
C SER C 110 -53.67 2.70 -35.35
N MET C 111 -53.26 2.69 -34.09
CA MET C 111 -52.28 3.62 -33.56
C MET C 111 -50.90 3.41 -34.18
N MET C 112 -50.68 2.33 -34.93
CA MET C 112 -49.43 2.05 -35.62
C MET C 112 -49.34 2.70 -36.99
N LYS C 113 -50.38 3.40 -37.44
CA LYS C 113 -50.30 4.07 -38.74
C LYS C 113 -49.22 5.13 -38.64
N GLY C 114 -48.28 5.10 -39.58
CA GLY C 114 -47.20 6.07 -39.64
C GLY C 114 -45.95 5.60 -38.92
N GLU C 115 -46.06 4.54 -38.12
CA GLU C 115 -44.95 3.95 -37.39
C GLU C 115 -44.47 2.73 -38.15
N LEU C 116 -43.23 2.32 -37.88
CA LEU C 116 -42.69 1.10 -38.46
C LEU C 116 -42.55 1.25 -39.97
N LYS C 117 -41.38 1.68 -40.42
CA LYS C 117 -41.11 1.93 -41.83
C LYS C 117 -40.23 0.83 -42.41
N ASN C 118 -40.49 0.54 -43.68
CA ASN C 118 -39.77 -0.45 -44.50
C ASN C 118 -38.68 0.28 -45.27
N CYS C 119 -37.44 0.15 -44.78
CA CYS C 119 -36.30 0.91 -45.26
C CYS C 119 -35.33 0.02 -46.04
N SER C 120 -35.01 0.44 -47.26
CA SER C 120 -34.06 -0.20 -48.15
C SER C 120 -32.73 0.54 -48.06
N PHE C 121 -31.64 -0.20 -47.90
CA PHE C 121 -30.33 0.45 -47.84
C PHE C 121 -29.23 -0.48 -48.33
N ASN C 122 -28.09 0.10 -48.69
CA ASN C 122 -26.92 -0.63 -49.14
C ASN C 122 -25.99 -0.83 -47.95
N MET C 123 -25.92 -2.05 -47.46
CA MET C 123 -25.09 -2.40 -46.31
C MET C 123 -23.84 -3.12 -46.82
N THR C 124 -22.75 -2.98 -46.07
CA THR C 124 -21.53 -3.68 -46.46
C THR C 124 -21.66 -5.16 -46.16
N THR C 125 -20.72 -5.95 -46.67
CA THR C 125 -20.69 -7.39 -46.41
C THR C 125 -19.27 -7.81 -46.07
N GLU C 126 -19.05 -9.13 -46.03
CA GLU C 126 -17.77 -9.66 -45.58
C GLU C 126 -16.61 -9.16 -46.43
N LEU C 127 -16.80 -9.06 -47.75
CA LEU C 127 -15.75 -8.57 -48.63
C LEU C 127 -15.96 -7.08 -48.87
N ARG C 128 -14.86 -6.31 -48.79
CA ARG C 128 -14.96 -4.87 -48.98
C ARG C 128 -15.48 -4.51 -50.37
N ASP C 129 -15.12 -5.29 -51.38
CA ASP C 129 -15.50 -5.00 -52.76
C ASP C 129 -16.99 -5.11 -53.03
N LYS C 130 -17.73 -5.87 -52.23
CA LYS C 130 -19.13 -6.11 -52.50
C LYS C 130 -20.02 -5.37 -51.50
N LYS C 131 -21.24 -5.13 -51.95
CA LYS C 131 -22.29 -4.51 -51.17
C LYS C 131 -23.52 -5.39 -51.29
N GLN C 132 -24.44 -5.26 -50.33
CA GLN C 132 -25.69 -5.99 -50.37
C GLN C 132 -26.84 -5.03 -50.16
N LYS C 133 -27.96 -5.31 -50.80
CA LYS C 133 -29.16 -4.50 -50.64
C LYS C 133 -29.99 -5.17 -49.57
N VAL C 134 -30.33 -4.41 -48.54
CA VAL C 134 -31.02 -4.92 -47.36
C VAL C 134 -32.32 -4.18 -47.20
N TYR C 135 -33.38 -4.92 -46.90
CA TYR C 135 -34.68 -4.35 -46.57
C TYR C 135 -34.89 -4.71 -45.12
N SER C 136 -35.25 -3.72 -44.31
CA SER C 136 -35.49 -4.00 -42.90
C SER C 136 -36.57 -3.07 -42.40
N LEU C 137 -37.16 -3.42 -41.26
CA LEU C 137 -38.15 -2.57 -40.63
C LEU C 137 -37.51 -1.84 -39.47
N PHE C 138 -37.77 -0.54 -39.37
CA PHE C 138 -37.31 0.28 -38.27
C PHE C 138 -38.51 1.00 -37.69
N TYR C 139 -38.47 1.29 -36.40
CA TYR C 139 -39.55 2.06 -35.83
C TYR C 139 -39.33 3.51 -36.25
N ARG C 140 -40.42 4.28 -36.36
CA ARG C 140 -40.29 5.67 -36.79
C ARG C 140 -39.34 6.42 -35.88
N LEU C 141 -39.34 6.11 -34.59
CA LEU C 141 -38.50 6.82 -33.63
C LEU C 141 -37.02 6.64 -33.91
N ASP C 142 -36.63 5.60 -34.66
CA ASP C 142 -35.23 5.34 -34.95
C ASP C 142 -34.75 5.97 -36.25
N VAL C 143 -35.66 6.46 -37.10
CA VAL C 143 -35.33 6.95 -38.43
C VAL C 143 -35.87 8.36 -38.56
N VAL C 144 -35.00 9.30 -38.96
CA VAL C 144 -35.36 10.70 -39.11
C VAL C 144 -35.10 11.12 -40.55
N GLN C 145 -36.08 11.83 -41.12
CA GLN C 145 -36.02 12.28 -42.51
C GLN C 145 -34.92 13.32 -42.69
N ILE C 146 -34.14 13.16 -43.76
CA ILE C 146 -33.07 14.09 -44.08
C ILE C 146 -33.38 14.97 -45.30
N ASN C 147 -34.08 14.44 -46.30
CA ASN C 147 -34.39 15.12 -47.56
C ASN C 147 -33.12 15.26 -48.40
N LYS C 159 -38.85 8.11 -49.15
CA LYS C 159 -37.95 9.25 -48.87
C LYS C 159 -36.65 8.84 -48.20
N GLU C 160 -35.68 9.76 -48.28
CA GLU C 160 -34.38 9.56 -47.67
C GLU C 160 -34.42 9.83 -46.16
N TYR C 161 -33.95 8.86 -45.39
CA TYR C 161 -33.91 8.90 -43.93
C TYR C 161 -32.54 8.44 -43.46
N ARG C 162 -32.21 8.80 -42.23
CA ARG C 162 -31.00 8.33 -41.56
C ARG C 162 -31.39 7.82 -40.19
N LEU C 163 -30.52 7.04 -39.56
CA LEU C 163 -30.82 6.68 -38.18
C LEU C 163 -30.68 7.93 -37.33
N ILE C 164 -31.52 8.01 -36.30
CA ILE C 164 -31.51 9.17 -35.40
C ILE C 164 -30.13 9.38 -34.78
N ASN C 165 -29.38 8.30 -34.57
CA ASN C 165 -28.09 8.43 -33.90
C ASN C 165 -26.94 8.88 -34.79
N CYS C 166 -27.12 8.98 -36.10
CA CYS C 166 -25.99 9.38 -36.96
C CYS C 166 -25.55 10.80 -36.63
N ASN C 167 -26.47 11.59 -36.08
CA ASN C 167 -26.25 12.97 -35.73
C ASN C 167 -25.25 13.13 -34.59
N THR C 168 -25.15 12.14 -33.68
CA THR C 168 -24.28 12.28 -32.51
C THR C 168 -23.26 11.18 -32.20
N SER C 169 -23.45 9.93 -32.61
CA SER C 169 -22.49 8.91 -32.17
C SER C 169 -22.60 7.64 -33.00
N ALA C 170 -21.59 6.78 -32.85
CA ALA C 170 -21.59 5.45 -33.41
C ALA C 170 -22.53 4.59 -32.58
N ILE C 171 -23.11 3.57 -33.21
CA ILE C 171 -24.04 2.67 -32.54
C ILE C 171 -23.40 1.30 -32.40
N THR C 172 -23.36 0.78 -31.17
CA THR C 172 -22.84 -0.55 -30.89
C THR C 172 -24.03 -1.50 -30.79
N GLN C 173 -23.96 -2.63 -31.50
CA GLN C 173 -25.04 -3.59 -31.41
C GLN C 173 -24.89 -4.41 -30.14
N ALA C 174 -25.97 -4.57 -29.39
CA ALA C 174 -25.91 -5.41 -28.21
C ALA C 174 -25.70 -6.85 -28.66
N CYS C 175 -24.90 -7.59 -27.91
CA CYS C 175 -24.71 -9.00 -28.24
C CYS C 175 -26.01 -9.76 -28.02
N PRO C 176 -26.55 -10.48 -29.03
CA PRO C 176 -27.87 -11.12 -28.86
C PRO C 176 -27.88 -12.22 -27.82
N LYS C 177 -26.71 -12.72 -27.43
CA LYS C 177 -26.57 -13.80 -26.46
C LYS C 177 -26.58 -13.30 -25.02
N VAL C 178 -26.60 -11.99 -24.80
CA VAL C 178 -26.50 -11.41 -23.47
C VAL C 178 -27.89 -10.89 -23.11
N SER C 179 -28.47 -11.50 -22.07
CA SER C 179 -29.80 -11.15 -21.59
C SER C 179 -29.82 -9.82 -20.85
N PHE C 180 -30.92 -9.08 -21.01
CA PHE C 180 -31.17 -7.82 -20.31
C PHE C 180 -32.01 -8.01 -19.07
N GLU C 181 -32.26 -9.24 -18.64
CA GLU C 181 -33.06 -9.48 -17.45
C GLU C 181 -32.31 -9.08 -16.18
N PRO C 182 -32.83 -8.17 -15.36
CA PRO C 182 -32.13 -7.82 -14.10
C PRO C 182 -31.95 -9.03 -13.19
N ILE C 183 -30.78 -9.11 -12.56
CA ILE C 183 -30.47 -10.16 -11.61
C ILE C 183 -30.14 -9.48 -10.28
N PRO C 184 -30.38 -10.11 -9.13
CA PRO C 184 -30.04 -9.44 -7.87
C PRO C 184 -28.54 -9.27 -7.73
N ILE C 185 -28.14 -8.10 -7.24
CA ILE C 185 -26.75 -7.79 -6.93
C ILE C 185 -26.71 -7.43 -5.45
N HIS C 186 -25.80 -8.07 -4.72
CA HIS C 186 -25.64 -7.82 -3.29
C HIS C 186 -24.41 -6.95 -3.14
N TYR C 187 -24.45 -5.93 -2.28
CA TYR C 187 -23.22 -5.20 -1.99
C TYR C 187 -22.67 -5.66 -0.66
N CYS C 188 -21.36 -5.92 -0.66
CA CYS C 188 -20.70 -6.44 0.55
C CYS C 188 -19.49 -5.54 0.91
N ALA C 189 -19.40 -5.10 2.16
CA ALA C 189 -18.37 -4.22 2.66
C ALA C 189 -17.02 -4.92 2.85
N PRO C 190 -15.91 -4.20 2.66
CA PRO C 190 -14.60 -4.79 2.94
C PRO C 190 -14.39 -4.93 4.43
N ALA C 191 -13.43 -5.78 4.81
CA ALA C 191 -13.13 -5.95 6.23
C ALA C 191 -12.75 -4.61 6.84
N GLY C 192 -13.23 -4.37 8.05
CA GLY C 192 -13.01 -3.13 8.76
C GLY C 192 -14.17 -2.18 8.67
N PHE C 193 -15.14 -2.47 7.81
CA PHE C 193 -16.34 -1.67 7.58
C PHE C 193 -17.55 -2.57 7.76
N ALA C 194 -18.70 -1.97 8.02
CA ALA C 194 -19.93 -2.72 8.20
C ALA C 194 -21.09 -1.93 7.62
N ILE C 195 -22.16 -2.64 7.27
CA ILE C 195 -23.36 -2.02 6.72
C ILE C 195 -24.47 -2.12 7.77
N LEU C 196 -25.07 -0.99 8.09
CA LEU C 196 -26.16 -0.91 9.03
C LEU C 196 -27.46 -0.87 8.26
N LYS C 197 -28.42 -1.69 8.67
CA LYS C 197 -29.73 -1.80 8.05
C LYS C 197 -30.76 -1.20 9.00
N CYS C 198 -31.56 -0.25 8.51
CA CYS C 198 -32.48 0.43 9.42
C CYS C 198 -33.52 -0.53 9.99
N LYS C 199 -34.11 -1.38 9.13
CA LYS C 199 -35.12 -2.34 9.58
C LYS C 199 -36.23 -1.69 10.41
N ASP C 200 -36.73 -0.54 9.96
CA ASP C 200 -37.78 0.21 10.66
C ASP C 200 -38.89 0.47 9.65
N LYS C 201 -40.05 -0.13 9.93
CA LYS C 201 -41.21 -0.17 9.04
C LYS C 201 -41.77 1.21 8.69
N LYS C 202 -41.54 2.24 9.50
CA LYS C 202 -42.02 3.60 9.24
C LYS C 202 -40.91 4.58 8.88
N PHE C 203 -39.72 4.08 8.58
CA PHE C 203 -38.61 4.98 8.29
C PHE C 203 -38.85 5.67 6.96
N ASN C 204 -38.74 7.00 6.97
CA ASN C 204 -39.04 7.85 5.81
C ASN C 204 -37.82 8.17 4.96
N GLY C 205 -36.67 7.54 5.22
CA GLY C 205 -35.46 7.78 4.46
C GLY C 205 -34.46 8.70 5.14
N THR C 206 -34.88 9.48 6.14
CA THR C 206 -33.98 10.37 6.86
C THR C 206 -34.27 10.26 8.35
N GLY C 207 -33.28 10.64 9.17
CA GLY C 207 -33.49 10.76 10.59
C GLY C 207 -33.16 9.52 11.41
N PRO C 208 -33.45 9.58 12.71
CA PRO C 208 -33.10 8.48 13.62
C PRO C 208 -33.85 7.19 13.30
N CYS C 209 -33.14 6.08 13.47
CA CYS C 209 -33.69 4.74 13.24
C CYS C 209 -33.43 3.93 14.51
N PRO C 210 -34.45 3.72 15.36
CA PRO C 210 -34.27 2.96 16.61
C PRO C 210 -34.02 1.45 16.48
N SER C 211 -34.16 0.82 15.30
CA SER C 211 -34.08 -0.64 15.19
C SER C 211 -32.98 -1.11 14.23
N VAL C 212 -31.82 -0.47 14.31
CA VAL C 212 -30.72 -0.74 13.41
C VAL C 212 -30.13 -2.12 13.70
N SER C 213 -29.85 -2.88 12.64
CA SER C 213 -29.17 -4.15 12.71
C SER C 213 -27.90 -4.06 11.88
N THR C 214 -26.92 -4.92 12.19
CA THR C 214 -25.67 -4.96 11.45
C THR C 214 -25.61 -6.16 10.52
N VAL C 215 -25.21 -5.90 9.28
CA VAL C 215 -24.97 -6.90 8.26
C VAL C 215 -23.60 -6.54 7.70
N GLN C 216 -22.95 -7.51 7.06
CA GLN C 216 -21.73 -7.13 6.37
C GLN C 216 -22.04 -6.81 4.92
N CYS C 217 -23.01 -7.53 4.35
CA CYS C 217 -23.44 -7.30 2.97
C CYS C 217 -24.95 -7.16 2.91
N THR C 218 -25.41 -6.36 1.95
CA THR C 218 -26.84 -6.13 1.73
C THR C 218 -27.52 -7.28 1.01
N HIS C 219 -28.85 -7.21 0.97
CA HIS C 219 -29.63 -8.17 0.22
C HIS C 219 -29.44 -7.90 -1.26
N GLY C 220 -29.96 -8.78 -2.11
CA GLY C 220 -29.80 -8.58 -3.52
C GLY C 220 -30.73 -7.48 -3.97
N ILE C 221 -30.21 -6.61 -4.82
CA ILE C 221 -30.95 -5.53 -5.44
C ILE C 221 -30.91 -5.76 -6.95
N LYS C 222 -32.08 -5.79 -7.57
CA LYS C 222 -32.07 -5.98 -9.01
C LYS C 222 -31.84 -4.63 -9.68
N PRO C 223 -30.87 -4.52 -10.60
CA PRO C 223 -30.64 -3.21 -11.25
C PRO C 223 -31.69 -2.94 -12.32
N VAL C 224 -32.93 -2.77 -11.90
CA VAL C 224 -34.02 -2.54 -12.84
C VAL C 224 -33.94 -1.09 -13.27
N VAL C 225 -33.93 -0.86 -14.57
CA VAL C 225 -33.84 0.48 -15.13
C VAL C 225 -35.23 0.87 -15.58
N SER C 226 -35.75 1.96 -15.02
CA SER C 226 -37.07 2.43 -15.41
C SER C 226 -37.21 3.88 -14.98
N THR C 227 -38.22 4.54 -15.52
CA THR C 227 -38.59 5.88 -15.12
C THR C 227 -40.06 5.88 -14.69
N GLN C 228 -40.43 6.92 -13.95
CA GLN C 228 -41.80 7.15 -13.49
C GLN C 228 -42.32 6.09 -12.51
N LEU C 229 -42.31 4.82 -12.92
CA LEU C 229 -42.76 3.71 -12.08
C LEU C 229 -41.61 2.76 -11.78
N LEU C 230 -41.39 2.49 -10.50
CA LEU C 230 -40.35 1.58 -10.06
C LEU C 230 -40.92 0.17 -10.10
N LEU C 231 -40.25 -0.74 -10.81
CA LEU C 231 -40.70 -2.11 -10.98
C LEU C 231 -39.86 -3.07 -10.13
N ASN C 232 -40.51 -4.15 -9.70
CA ASN C 232 -39.89 -5.21 -8.89
C ASN C 232 -39.26 -4.55 -7.65
N GLY C 233 -37.99 -4.76 -7.36
CA GLY C 233 -37.39 -4.18 -6.16
C GLY C 233 -38.05 -4.69 -4.88
N SER C 234 -38.46 -3.79 -3.97
CA SER C 234 -39.07 -4.21 -2.71
C SER C 234 -40.17 -3.27 -2.22
N LEU C 235 -41.25 -3.88 -1.74
CA LEU C 235 -42.44 -3.22 -1.21
C LEU C 235 -42.28 -2.74 0.23
N ALA C 236 -43.07 -1.72 0.56
CA ALA C 236 -43.14 -1.20 1.93
C ALA C 236 -43.75 -2.29 2.81
N GLU C 237 -43.29 -2.40 4.05
CA GLU C 237 -43.81 -3.46 4.92
C GLU C 237 -45.26 -3.24 5.37
N GLU C 238 -45.66 -2.01 5.72
CA GLU C 238 -47.01 -1.80 6.26
C GLU C 238 -47.89 -0.87 5.46
N GLU C 239 -47.37 0.25 4.96
CA GLU C 239 -48.17 1.25 4.26
C GLU C 239 -47.29 1.99 3.27
N VAL C 240 -47.94 2.83 2.47
CA VAL C 240 -47.21 3.63 1.49
C VAL C 240 -46.32 4.62 2.22
N ILE C 241 -45.05 4.69 1.82
CA ILE C 241 -44.06 5.57 2.43
C ILE C 241 -43.67 6.61 1.38
N ILE C 242 -43.76 7.88 1.75
CA ILE C 242 -43.42 8.99 0.87
C ILE C 242 -42.07 9.53 1.31
N ARG C 243 -41.07 9.47 0.43
CA ARG C 243 -39.72 9.89 0.77
C ARG C 243 -39.30 11.05 -0.14
N SER C 244 -38.79 12.12 0.47
CA SER C 244 -38.31 13.26 -0.30
C SER C 244 -37.22 13.95 0.49
N GLU C 245 -36.24 14.50 -0.23
CA GLU C 245 -35.20 15.26 0.43
C GLU C 245 -35.77 16.45 1.19
N ASN C 246 -36.80 17.10 0.63
CA ASN C 246 -37.38 18.29 1.26
C ASN C 246 -38.91 18.28 1.41
N ILE C 247 -39.64 17.68 0.46
CA ILE C 247 -41.10 17.79 0.31
C ILE C 247 -41.51 19.20 -0.12
N THR C 248 -41.10 20.20 0.65
CA THR C 248 -41.44 21.59 0.35
C THR C 248 -40.85 22.06 -0.98
N ASN C 249 -39.63 21.64 -1.29
CA ASN C 249 -38.95 22.08 -2.51
C ASN C 249 -39.44 21.29 -3.72
N ASN C 250 -40.10 22.01 -4.63
CA ASN C 250 -40.74 21.44 -5.81
C ASN C 250 -39.75 20.80 -6.78
N ALA C 251 -38.47 21.16 -6.71
CA ALA C 251 -37.48 20.64 -7.64
C ALA C 251 -36.99 19.24 -7.31
N LYS C 252 -37.35 18.70 -6.15
CA LYS C 252 -36.87 17.39 -5.74
C LYS C 252 -37.86 16.32 -6.19
N ASN C 253 -37.35 15.12 -6.47
CA ASN C 253 -38.23 14.02 -6.77
C ASN C 253 -38.75 13.39 -5.49
N ILE C 254 -39.98 12.90 -5.54
CA ILE C 254 -40.63 12.19 -4.45
C ILE C 254 -40.71 10.72 -4.81
N LEU C 255 -40.14 9.87 -3.97
CA LEU C 255 -40.13 8.42 -4.20
C LEU C 255 -41.19 7.81 -3.28
N VAL C 256 -42.18 7.17 -3.89
CA VAL C 256 -43.31 6.60 -3.19
C VAL C 256 -43.13 5.09 -3.21
N GLN C 257 -42.98 4.49 -2.04
CA GLN C 257 -42.82 3.05 -1.90
C GLN C 257 -44.18 2.48 -1.53
N LEU C 258 -44.67 1.54 -2.32
CA LEU C 258 -46.00 0.99 -2.09
C LEU C 258 -45.95 -0.17 -1.09
N ASN C 259 -47.07 -0.38 -0.41
CA ASN C 259 -47.19 -1.51 0.51
C ASN C 259 -47.57 -2.79 -0.22
N THR C 260 -48.39 -2.68 -1.27
CA THR C 260 -48.81 -3.81 -2.08
C THR C 260 -48.39 -3.56 -3.52
N PRO C 261 -48.06 -4.59 -4.28
CA PRO C 261 -47.67 -4.36 -5.67
C PRO C 261 -48.90 -4.12 -6.51
N VAL C 262 -48.70 -3.40 -7.62
CA VAL C 262 -49.73 -3.29 -8.65
C VAL C 262 -49.20 -4.10 -9.82
N GLN C 263 -49.94 -5.12 -10.25
CA GLN C 263 -49.42 -5.97 -11.30
C GLN C 263 -49.64 -5.31 -12.65
N ILE C 264 -48.58 -5.25 -13.46
CA ILE C 264 -48.65 -4.67 -14.79
C ILE C 264 -48.27 -5.78 -15.79
N ASN C 265 -49.21 -6.06 -16.70
CA ASN C 265 -49.05 -7.08 -17.74
C ASN C 265 -48.81 -6.35 -19.05
N CYS C 266 -47.63 -6.52 -19.65
CA CYS C 266 -47.30 -5.69 -20.80
C CYS C 266 -46.69 -6.54 -21.91
N THR C 267 -47.15 -6.29 -23.14
CA THR C 267 -46.75 -7.07 -24.30
C THR C 267 -46.38 -6.23 -25.52
N ARG C 268 -45.66 -6.94 -26.41
CA ARG C 268 -45.32 -6.54 -27.77
C ARG C 268 -45.97 -7.63 -28.62
N PRO C 269 -47.22 -7.42 -29.07
CA PRO C 269 -48.00 -8.49 -29.69
C PRO C 269 -47.54 -8.93 -31.08
N ASN C 270 -46.67 -8.19 -31.74
CA ASN C 270 -46.29 -8.52 -33.12
C ASN C 270 -45.29 -9.67 -33.20
N ASN C 271 -45.63 -10.67 -34.01
CA ASN C 271 -44.82 -11.87 -34.21
C ASN C 271 -43.74 -11.55 -35.24
N ASN C 272 -42.79 -10.73 -34.79
CA ASN C 272 -41.71 -10.27 -35.65
C ASN C 272 -40.82 -11.44 -36.06
N THR C 273 -40.47 -11.49 -37.34
CA THR C 273 -39.55 -12.49 -37.87
C THR C 273 -38.27 -11.74 -38.14
N VAL C 274 -37.20 -12.20 -37.47
CA VAL C 274 -35.87 -11.61 -37.48
C VAL C 274 -35.00 -12.29 -38.52
N LYS C 275 -34.30 -11.47 -39.30
CA LYS C 275 -33.37 -11.89 -40.33
C LYS C 275 -32.00 -11.39 -39.89
N SER C 276 -30.94 -12.01 -40.40
CA SER C 276 -29.61 -11.55 -40.09
C SER C 276 -28.74 -11.65 -41.34
N ILE C 277 -27.78 -10.73 -41.42
CA ILE C 277 -26.82 -10.66 -42.49
C ILE C 277 -25.43 -10.46 -41.88
N ARG C 278 -24.41 -10.83 -42.64
CA ARG C 278 -23.05 -10.58 -42.23
C ARG C 278 -22.65 -9.24 -42.83
N ILE C 279 -22.09 -8.37 -41.99
CA ILE C 279 -21.72 -7.01 -42.40
C ILE C 279 -20.22 -6.82 -42.47
N GLY C 280 -19.43 -7.78 -42.01
CA GLY C 280 -17.99 -7.72 -42.08
C GLY C 280 -17.47 -9.08 -41.66
N PRO C 281 -16.16 -9.27 -41.69
CA PRO C 281 -15.62 -10.58 -41.33
C PRO C 281 -15.81 -10.85 -39.85
N GLY C 282 -16.82 -11.66 -39.52
CA GLY C 282 -17.17 -11.96 -38.15
C GLY C 282 -18.14 -10.99 -37.50
N GLN C 283 -18.67 -10.03 -38.26
CA GLN C 283 -19.58 -9.01 -37.75
C GLN C 283 -20.96 -9.28 -38.33
N ALA C 284 -21.89 -9.73 -37.48
CA ALA C 284 -23.24 -10.06 -37.91
C ALA C 284 -24.21 -9.00 -37.38
N PHE C 285 -25.10 -8.56 -38.25
CA PHE C 285 -26.14 -7.57 -37.93
C PHE C 285 -27.51 -8.22 -37.94
N TYR C 286 -28.31 -7.95 -36.91
CA TYR C 286 -29.64 -8.49 -36.76
C TYR C 286 -30.66 -7.39 -36.98
N TYR C 287 -31.74 -7.72 -37.70
CA TYR C 287 -32.80 -6.77 -37.98
C TYR C 287 -34.11 -7.51 -38.14
N THR C 288 -35.20 -6.78 -37.97
CA THR C 288 -36.52 -7.35 -38.18
C THR C 288 -36.76 -7.44 -39.69
N GLY C 289 -37.05 -8.63 -40.17
CA GLY C 289 -37.26 -8.82 -41.60
C GLY C 289 -38.69 -8.49 -41.93
N ASP C 290 -39.63 -9.18 -41.30
CA ASP C 290 -41.05 -8.95 -41.57
C ASP C 290 -41.82 -9.31 -40.32
N ILE C 291 -43.15 -9.14 -40.36
CA ILE C 291 -44.00 -9.46 -39.22
C ILE C 291 -45.10 -10.39 -39.68
N ILE C 292 -45.27 -11.50 -38.98
CA ILE C 292 -46.31 -12.47 -39.30
C ILE C 292 -47.60 -12.02 -38.64
N GLY C 293 -48.68 -11.97 -39.41
CA GLY C 293 -49.97 -11.57 -38.90
C GLY C 293 -50.21 -10.07 -38.98
N HIS C 294 -51.18 -9.61 -38.18
CA HIS C 294 -51.59 -8.23 -38.21
C HIS C 294 -50.65 -7.39 -37.36
N ILE C 295 -50.56 -6.10 -37.69
CA ILE C 295 -49.78 -5.15 -36.93
C ILE C 295 -50.65 -4.57 -35.82
N ARG C 296 -50.18 -4.71 -34.59
CA ARG C 296 -50.86 -4.24 -33.39
C ARG C 296 -49.90 -3.36 -32.60
N GLN C 297 -50.45 -2.44 -31.81
CA GLN C 297 -49.61 -1.58 -30.97
C GLN C 297 -49.25 -2.31 -29.68
N ALA C 298 -48.09 -1.98 -29.13
CA ALA C 298 -47.66 -2.57 -27.86
C ALA C 298 -48.47 -1.93 -26.74
N HIS C 299 -48.80 -2.73 -25.71
CA HIS C 299 -49.59 -2.19 -24.61
C HIS C 299 -49.22 -2.79 -23.27
N CYS C 300 -49.40 -1.97 -22.23
CA CYS C 300 -49.32 -2.41 -20.84
C CYS C 300 -50.71 -2.31 -20.22
N ASN C 301 -51.06 -3.26 -19.35
CA ASN C 301 -52.37 -3.30 -18.71
C ASN C 301 -52.19 -3.27 -17.20
N VAL C 302 -52.79 -2.26 -16.57
CA VAL C 302 -52.78 -2.07 -15.12
C VAL C 302 -54.25 -2.08 -14.68
N SER C 303 -54.61 -2.94 -13.73
CA SER C 303 -56.02 -3.00 -13.36
C SER C 303 -56.45 -1.68 -12.74
N LYS C 304 -57.66 -1.22 -13.11
CA LYS C 304 -58.16 0.04 -12.58
C LYS C 304 -58.45 -0.01 -11.09
N ALA C 305 -59.01 -1.13 -10.58
CA ALA C 305 -59.34 -1.15 -9.16
C ALA C 305 -58.09 -1.08 -8.30
N THR C 306 -57.05 -1.81 -8.71
CA THR C 306 -55.83 -1.84 -7.93
C THR C 306 -55.15 -0.49 -7.99
N TRP C 307 -55.10 0.11 -9.18
CA TRP C 307 -54.45 1.41 -9.33
C TRP C 307 -55.20 2.47 -8.54
N ASN C 308 -56.54 2.44 -8.57
CA ASN C 308 -57.31 3.44 -7.85
C ASN C 308 -57.06 3.32 -6.36
N GLU C 309 -56.99 2.08 -5.85
CA GLU C 309 -56.69 1.90 -4.43
C GLU C 309 -55.28 2.41 -4.12
N THR C 310 -54.35 2.15 -5.03
CA THR C 310 -52.97 2.57 -4.85
C THR C 310 -52.89 4.08 -4.76
N LEU C 311 -53.60 4.78 -5.65
CA LEU C 311 -53.59 6.23 -5.59
C LEU C 311 -54.28 6.73 -4.33
N GLY C 312 -55.34 6.05 -3.89
CA GLY C 312 -55.99 6.49 -2.66
C GLY C 312 -55.02 6.42 -1.49
N LYS C 313 -54.21 5.37 -1.44
CA LYS C 313 -53.21 5.26 -0.39
C LYS C 313 -52.18 6.37 -0.51
N VAL C 314 -51.77 6.65 -1.75
CA VAL C 314 -50.80 7.70 -2.00
C VAL C 314 -51.36 9.07 -1.60
N VAL C 315 -52.61 9.34 -1.93
CA VAL C 315 -53.20 10.63 -1.58
C VAL C 315 -53.23 10.79 -0.06
N LYS C 316 -53.60 9.73 0.66
CA LYS C 316 -53.59 9.85 2.11
C LYS C 316 -52.19 10.20 2.61
N GLN C 317 -51.16 9.56 2.04
CA GLN C 317 -49.81 9.87 2.53
C GLN C 317 -49.36 11.27 2.15
N LEU C 318 -49.72 11.78 0.97
CA LEU C 318 -49.35 13.16 0.65
C LEU C 318 -50.10 14.14 1.54
N ARG C 319 -51.38 13.85 1.84
CA ARG C 319 -52.14 14.75 2.69
C ARG C 319 -51.50 14.84 4.07
N LYS C 320 -50.84 13.76 4.52
CA LYS C 320 -50.14 13.84 5.80
C LYS C 320 -49.07 14.93 5.81
N HIS C 321 -48.53 15.30 4.64
CA HIS C 321 -47.48 16.31 4.56
C HIS C 321 -47.98 17.68 4.14
N PHE C 322 -48.99 17.75 3.28
CA PHE C 322 -49.47 19.02 2.74
C PHE C 322 -50.72 19.54 3.41
N GLY C 323 -51.38 18.74 4.22
CA GLY C 323 -52.57 19.19 4.93
C GLY C 323 -53.82 18.51 4.42
N ASN C 324 -54.81 18.41 5.29
CA ASN C 324 -56.08 17.82 4.91
C ASN C 324 -56.89 18.92 4.25
N ASN C 325 -58.10 18.60 3.78
CA ASN C 325 -58.97 19.59 3.12
C ASN C 325 -58.21 20.30 2.01
N THR C 326 -57.39 19.53 1.29
CA THR C 326 -56.52 19.99 0.22
C THR C 326 -56.77 19.07 -0.96
N ILE C 327 -56.73 19.62 -2.17
CA ILE C 327 -56.99 18.84 -3.37
C ILE C 327 -55.67 18.33 -3.93
N ILE C 328 -55.61 17.03 -4.20
CA ILE C 328 -54.42 16.38 -4.78
C ILE C 328 -54.80 15.97 -6.19
N ARG C 329 -54.00 16.37 -7.17
CA ARG C 329 -54.30 16.05 -8.56
C ARG C 329 -53.11 15.33 -9.20
N PHE C 330 -53.42 14.34 -10.03
CA PHE C 330 -52.42 13.63 -10.80
C PHE C 330 -52.64 14.01 -12.26
N ALA C 331 -51.53 14.19 -12.97
CA ALA C 331 -51.50 14.60 -14.37
C ALA C 331 -50.34 13.91 -15.07
N GLN C 332 -50.36 13.95 -16.39
CA GLN C 332 -49.33 13.33 -17.20
C GLN C 332 -48.04 14.14 -17.12
N SER C 333 -46.92 13.48 -17.41
CA SER C 333 -45.62 14.12 -17.36
C SER C 333 -45.54 15.28 -18.34
N SER C 334 -44.80 16.30 -17.94
CA SER C 334 -44.59 17.48 -18.78
C SER C 334 -43.66 17.14 -19.93
N GLY C 335 -43.57 18.05 -20.89
CA GLY C 335 -42.77 17.78 -22.07
C GLY C 335 -41.30 17.62 -21.75
N GLY C 336 -40.64 16.79 -22.54
CA GLY C 336 -39.24 16.49 -22.36
C GLY C 336 -38.85 15.30 -23.20
N ASP C 337 -37.65 14.78 -22.95
CA ASP C 337 -37.18 13.64 -23.71
C ASP C 337 -38.11 12.46 -23.48
N LEU C 338 -38.30 11.67 -24.54
CA LEU C 338 -39.21 10.52 -24.49
C LEU C 338 -38.94 9.62 -23.28
N GLU C 339 -37.66 9.41 -22.96
CA GLU C 339 -37.32 8.54 -21.83
C GLU C 339 -37.90 9.05 -20.52
N VAL C 340 -37.98 10.36 -20.36
CA VAL C 340 -38.48 10.96 -19.12
C VAL C 340 -39.99 11.10 -19.15
N THR C 341 -40.55 11.50 -20.28
CA THR C 341 -41.98 11.77 -20.36
C THR C 341 -42.80 10.49 -20.40
N THR C 342 -42.21 9.37 -20.80
CA THR C 342 -42.86 8.07 -20.81
C THR C 342 -42.24 7.15 -19.76
N HIS C 343 -42.89 6.01 -19.56
CA HIS C 343 -42.41 4.96 -18.68
C HIS C 343 -41.47 4.10 -19.50
N SER C 344 -40.17 4.28 -19.28
CA SER C 344 -39.16 3.54 -20.00
C SER C 344 -38.90 2.25 -19.24
N PHE C 345 -38.82 1.13 -19.95
CA PHE C 345 -38.43 -0.10 -19.28
C PHE C 345 -38.00 -1.15 -20.29
N ASN C 346 -37.27 -2.14 -19.79
CA ASN C 346 -36.88 -3.30 -20.58
C ASN C 346 -37.85 -4.45 -20.31
N CYS C 347 -38.28 -5.12 -21.39
CA CYS C 347 -39.20 -6.25 -21.33
C CYS C 347 -38.79 -7.28 -22.36
N GLY C 348 -38.22 -8.40 -21.91
CA GLY C 348 -37.81 -9.42 -22.83
C GLY C 348 -36.53 -9.09 -23.56
N GLY C 349 -35.97 -7.92 -23.28
CA GLY C 349 -34.83 -7.36 -23.97
C GLY C 349 -35.26 -6.21 -24.86
N GLU C 350 -36.56 -6.05 -25.10
CA GLU C 350 -37.09 -4.97 -25.91
C GLU C 350 -37.24 -3.72 -25.02
N PHE C 351 -37.18 -2.54 -25.62
CA PHE C 351 -37.31 -1.28 -24.88
C PHE C 351 -38.64 -0.60 -25.14
N PHE C 352 -39.44 -0.47 -24.07
CA PHE C 352 -40.78 0.11 -24.12
C PHE C 352 -40.75 1.52 -23.55
N TYR C 353 -41.57 2.39 -24.15
CA TYR C 353 -41.79 3.79 -23.75
C TYR C 353 -43.29 4.05 -23.68
N CYS C 354 -43.90 3.78 -22.52
CA CYS C 354 -45.35 3.79 -22.37
C CYS C 354 -45.88 5.17 -21.97
N ASN C 355 -47.03 5.55 -22.56
CA ASN C 355 -47.59 6.88 -22.38
C ASN C 355 -47.85 7.22 -20.91
N THR C 356 -48.53 6.32 -20.18
CA THR C 356 -48.93 6.44 -18.78
C THR C 356 -49.99 7.48 -18.45
N SER C 357 -50.48 8.27 -19.41
CA SER C 357 -51.44 9.33 -19.06
C SER C 357 -52.67 8.73 -18.37
N GLY C 358 -53.09 7.55 -18.81
CA GLY C 358 -54.26 6.91 -18.23
C GLY C 358 -54.11 6.57 -16.76
N LEU C 359 -52.89 6.57 -16.23
CA LEU C 359 -52.66 6.27 -14.82
C LEU C 359 -52.64 7.50 -13.93
N PHE C 360 -52.39 8.69 -14.48
CA PHE C 360 -52.24 9.91 -13.70
C PHE C 360 -53.13 10.99 -14.33
N ASN C 361 -54.44 10.81 -14.21
CA ASN C 361 -55.43 11.68 -14.82
C ASN C 361 -56.61 11.84 -13.87
N SER C 362 -56.39 12.38 -12.67
CA SER C 362 -57.50 12.42 -11.72
C SER C 362 -57.31 13.51 -10.67
N THR C 363 -58.43 13.91 -10.07
CA THR C 363 -58.43 14.87 -8.98
C THR C 363 -59.08 14.23 -7.76
N TRP C 364 -58.36 14.26 -6.64
CA TRP C 364 -58.75 13.69 -5.35
C TRP C 364 -59.13 14.81 -4.40
N ILE C 365 -60.39 14.81 -3.97
CA ILE C 365 -60.99 15.82 -3.11
C ILE C 365 -61.38 15.15 -1.80
N SER C 366 -60.91 15.73 -0.69
CA SER C 366 -61.16 15.30 0.70
C SER C 366 -62.23 14.24 0.96
N ASN C 379 -60.40 -7.22 -16.44
CA ASN C 379 -61.48 -6.74 -15.56
C ASN C 379 -61.42 -5.23 -15.42
N ASP C 380 -61.84 -4.53 -16.47
CA ASP C 380 -61.88 -3.08 -16.53
C ASP C 380 -60.50 -2.49 -16.21
N SER C 381 -59.52 -2.91 -17.00
CA SER C 381 -58.16 -2.46 -16.83
C SER C 381 -57.91 -1.16 -17.58
N ILE C 382 -56.79 -0.53 -17.25
CA ILE C 382 -56.28 0.66 -17.92
C ILE C 382 -55.20 0.19 -18.86
N THR C 383 -55.40 0.43 -20.15
CA THR C 383 -54.47 0.01 -21.19
C THR C 383 -53.65 1.22 -21.58
N LEU C 384 -52.32 1.08 -21.51
CA LEU C 384 -51.37 2.14 -21.78
C LEU C 384 -50.64 1.88 -23.09
N PRO C 385 -50.81 2.74 -24.12
CA PRO C 385 -50.07 2.56 -25.36
C PRO C 385 -48.58 2.64 -25.10
N CYS C 386 -47.80 1.80 -25.79
CA CYS C 386 -46.35 1.84 -25.61
C CYS C 386 -45.65 1.91 -26.96
N ARG C 387 -44.67 2.81 -27.05
CA ARG C 387 -43.84 2.92 -28.23
C ARG C 387 -42.61 2.05 -28.02
N ILE C 388 -42.02 1.59 -29.11
CA ILE C 388 -40.79 0.81 -29.07
C ILE C 388 -39.74 1.52 -29.91
N LYS C 389 -38.52 1.55 -29.38
CA LYS C 389 -37.39 2.18 -30.02
C LYS C 389 -36.23 1.20 -29.93
N GLN C 390 -35.50 1.04 -31.05
CA GLN C 390 -34.35 0.14 -31.04
C GLN C 390 -33.04 0.83 -30.73
N ILE C 391 -32.93 2.14 -30.97
CA ILE C 391 -31.70 2.87 -30.69
C ILE C 391 -31.87 3.61 -29.37
N ILE C 392 -31.11 3.18 -28.37
CA ILE C 392 -31.24 3.64 -26.99
C ILE C 392 -29.98 4.41 -26.62
N ASN C 393 -30.16 5.59 -26.03
CA ASN C 393 -29.04 6.41 -25.57
C ASN C 393 -29.26 6.48 -24.06
N MET C 394 -28.81 5.43 -23.37
CA MET C 394 -29.13 5.20 -21.97
C MET C 394 -28.20 5.91 -21.01
N TRP C 395 -28.74 6.18 -19.82
CA TRP C 395 -28.06 6.80 -18.68
C TRP C 395 -27.79 8.28 -18.89
N GLN C 396 -28.68 8.95 -19.62
CA GLN C 396 -28.59 10.39 -19.85
C GLN C 396 -27.21 10.77 -20.38
N ARG C 397 -26.77 10.09 -21.44
CA ARG C 397 -25.46 10.35 -22.03
C ARG C 397 -25.54 10.68 -23.50
N ILE C 398 -24.55 11.42 -23.96
CA ILE C 398 -24.35 11.79 -25.36
C ILE C 398 -22.99 11.27 -25.78
N GLY C 399 -22.92 10.63 -26.94
CA GLY C 399 -21.69 10.09 -27.48
C GLY C 399 -21.61 8.58 -27.46
N GLN C 400 -22.48 7.92 -26.71
CA GLN C 400 -22.57 6.46 -26.66
C GLN C 400 -23.92 6.09 -27.23
N ALA C 401 -24.02 4.90 -27.82
CA ALA C 401 -25.31 4.44 -28.29
C ALA C 401 -25.33 2.93 -28.39
N MET C 402 -26.52 2.36 -28.21
CA MET C 402 -26.74 0.93 -28.37
C MET C 402 -27.85 0.66 -29.36
N TYR C 403 -27.67 -0.38 -30.17
CA TYR C 403 -28.71 -0.90 -31.04
C TYR C 403 -29.25 -2.15 -30.37
N ALA C 404 -30.53 -2.12 -30.02
CA ALA C 404 -31.15 -3.26 -29.38
C ALA C 404 -31.64 -4.22 -30.47
N PRO C 405 -31.10 -5.44 -30.59
CA PRO C 405 -31.54 -6.29 -31.68
C PRO C 405 -32.97 -6.75 -31.45
N PRO C 406 -33.72 -7.07 -32.51
CA PRO C 406 -35.07 -7.57 -32.30
C PRO C 406 -35.09 -8.98 -31.73
N ILE C 407 -36.21 -9.29 -31.09
CA ILE C 407 -36.48 -10.59 -30.49
C ILE C 407 -37.55 -11.28 -31.34
N GLN C 408 -37.28 -12.52 -31.73
CA GLN C 408 -38.25 -13.26 -32.52
C GLN C 408 -39.47 -13.59 -31.67
N GLY C 409 -40.64 -13.41 -32.26
CA GLY C 409 -41.89 -13.75 -31.59
C GLY C 409 -42.49 -12.62 -30.78
N VAL C 410 -43.48 -13.01 -29.98
CA VAL C 410 -44.29 -12.10 -29.19
C VAL C 410 -43.67 -11.99 -27.81
N ILE C 411 -43.57 -10.76 -27.30
CA ILE C 411 -42.94 -10.51 -26.00
C ILE C 411 -44.03 -10.23 -24.98
N ARG C 412 -43.98 -10.94 -23.85
CA ARG C 412 -44.90 -10.72 -22.74
C ARG C 412 -44.15 -10.70 -21.42
N CYS C 413 -44.36 -9.65 -20.63
CA CYS C 413 -43.78 -9.51 -19.31
C CYS C 413 -44.89 -9.26 -18.29
N VAL C 414 -44.70 -9.77 -17.09
CA VAL C 414 -45.55 -9.47 -15.95
C VAL C 414 -44.62 -8.96 -14.87
N SER C 415 -44.87 -7.75 -14.36
CA SER C 415 -44.00 -7.18 -13.34
C SER C 415 -44.84 -6.50 -12.27
N ASN C 416 -44.20 -6.26 -11.13
CA ASN C 416 -44.83 -5.60 -10.01
C ASN C 416 -44.42 -4.14 -9.99
N ILE C 417 -45.41 -3.25 -9.94
CA ILE C 417 -45.14 -1.84 -9.72
C ILE C 417 -45.08 -1.69 -8.21
N THR C 418 -43.92 -1.29 -7.69
CA THR C 418 -43.70 -1.18 -6.26
C THR C 418 -43.47 0.24 -5.80
N GLY C 419 -43.27 1.18 -6.73
CA GLY C 419 -43.13 2.56 -6.33
C GLY C 419 -43.24 3.51 -7.50
N LEU C 420 -43.53 4.75 -7.16
CA LEU C 420 -43.70 5.85 -8.09
C LEU C 420 -42.63 6.92 -7.88
N ILE C 421 -42.26 7.61 -8.95
CA ILE C 421 -41.42 8.79 -8.88
C ILE C 421 -42.31 9.96 -9.31
N LEU C 422 -42.59 10.86 -8.37
CA LEU C 422 -43.47 12.00 -8.60
C LEU C 422 -42.72 13.31 -8.44
N THR C 423 -43.20 14.33 -9.14
CA THR C 423 -42.76 15.70 -8.94
C THR C 423 -44.01 16.51 -8.64
N ARG C 424 -43.84 17.70 -8.06
CA ARG C 424 -44.97 18.56 -7.71
C ARG C 424 -44.83 19.90 -8.41
N ASP C 425 -45.91 20.33 -9.05
CA ASP C 425 -45.92 21.59 -9.78
C ASP C 425 -45.70 22.77 -8.84
N GLY C 426 -44.98 23.77 -9.33
CA GLY C 426 -44.73 24.98 -8.56
C GLY C 426 -45.99 25.77 -8.30
N SER C 431 -52.96 28.94 -3.61
CA SER C 431 -53.16 27.65 -4.28
C SER C 431 -53.76 26.63 -3.32
N THR C 432 -54.89 26.04 -3.72
CA THR C 432 -55.58 25.03 -2.94
C THR C 432 -55.41 23.62 -3.48
N THR C 433 -54.84 23.47 -4.68
CA THR C 433 -54.66 22.16 -5.31
C THR C 433 -53.18 21.92 -5.57
N GLU C 434 -52.70 20.77 -5.11
CA GLU C 434 -51.32 20.34 -5.33
C GLU C 434 -51.37 19.28 -6.42
N THR C 435 -50.78 19.58 -7.57
CA THR C 435 -50.79 18.69 -8.72
C THR C 435 -49.45 17.96 -8.79
N PHE C 436 -49.52 16.64 -8.93
CA PHE C 436 -48.36 15.77 -8.99
C PHE C 436 -48.27 15.11 -10.36
N ARG C 437 -47.05 14.95 -10.87
CA ARG C 437 -46.84 14.33 -12.16
C ARG C 437 -45.75 13.28 -12.08
N PRO C 438 -45.78 12.25 -12.91
CA PRO C 438 -44.64 11.33 -12.97
C PRO C 438 -43.38 12.06 -13.40
N GLY C 439 -42.25 11.70 -12.79
CA GLY C 439 -40.97 12.29 -13.11
C GLY C 439 -39.88 11.26 -13.16
N GLY C 440 -38.68 11.64 -12.76
CA GLY C 440 -37.53 10.75 -12.81
C GLY C 440 -36.66 10.99 -14.03
N GLY C 441 -35.90 9.96 -14.36
CA GLY C 441 -34.89 10.01 -15.40
C GLY C 441 -33.48 9.96 -14.87
N ASP C 442 -33.29 10.36 -13.61
CA ASP C 442 -31.99 10.26 -12.95
C ASP C 442 -32.05 8.90 -12.27
N MET C 443 -31.34 7.93 -12.85
CA MET C 443 -31.47 6.55 -12.37
C MET C 443 -30.98 6.37 -10.95
N ARG C 444 -30.18 7.30 -10.42
CA ARG C 444 -29.69 7.13 -9.06
C ARG C 444 -30.84 7.12 -8.07
N ASP C 445 -31.95 7.78 -8.40
CA ASP C 445 -33.07 7.81 -7.48
C ASP C 445 -33.74 6.46 -7.39
N ASN C 446 -33.61 5.63 -8.41
CA ASN C 446 -34.28 4.34 -8.31
C ASN C 446 -33.51 3.50 -7.32
N TRP C 447 -32.20 3.69 -7.31
CA TRP C 447 -31.34 2.95 -6.43
C TRP C 447 -31.43 3.55 -5.04
N ARG C 448 -31.75 4.84 -4.95
CA ARG C 448 -31.98 5.43 -3.64
C ARG C 448 -33.14 4.72 -2.99
N SER C 449 -34.15 4.38 -3.79
CA SER C 449 -35.29 3.69 -3.23
C SER C 449 -34.84 2.35 -2.65
N GLU C 450 -34.08 1.57 -3.41
CA GLU C 450 -33.65 0.28 -2.88
C GLU C 450 -32.63 0.38 -1.75
N LEU C 451 -31.73 1.37 -1.80
CA LEU C 451 -30.68 1.55 -0.79
C LEU C 451 -31.08 2.47 0.37
N TYR C 452 -32.33 2.90 0.45
CA TYR C 452 -32.72 3.85 1.50
C TYR C 452 -32.43 3.30 2.89
N LYS C 453 -32.55 1.99 3.05
CA LYS C 453 -32.41 1.29 4.33
C LYS C 453 -30.97 1.00 4.75
N TYR C 454 -29.96 1.20 3.88
CA TYR C 454 -28.58 0.84 4.19
C TYR C 454 -27.68 2.05 4.39
N LYS C 455 -26.76 1.92 5.33
CA LYS C 455 -25.72 2.90 5.64
C LYS C 455 -24.40 2.16 5.77
N VAL C 456 -23.30 2.76 5.31
CA VAL C 456 -21.97 2.15 5.45
C VAL C 456 -21.22 2.91 6.53
N VAL C 457 -20.67 2.17 7.51
CA VAL C 457 -19.91 2.76 8.60
C VAL C 457 -18.54 2.11 8.74
N LYS C 458 -17.57 2.93 9.15
CA LYS C 458 -16.21 2.49 9.42
C LYS C 458 -16.08 2.11 10.88
N ILE C 459 -15.45 0.99 11.15
CA ILE C 459 -15.27 0.51 12.51
C ILE C 459 -14.04 1.21 13.08
N GLU C 460 -14.15 1.71 14.31
CA GLU C 460 -13.07 2.39 15.02
C GLU C 460 -12.83 1.53 16.26
N PRO C 461 -12.09 0.42 16.09
CA PRO C 461 -12.00 -0.59 17.16
C PRO C 461 -11.20 -0.18 18.37
N LEU C 462 -10.41 0.88 18.28
CA LEU C 462 -9.52 1.30 19.34
C LEU C 462 -10.11 2.47 20.09
N GLY C 463 -10.02 2.42 21.42
CA GLY C 463 -10.50 3.54 22.22
C GLY C 463 -9.91 3.43 23.61
N VAL C 464 -10.18 4.47 24.40
CA VAL C 464 -9.65 4.58 25.75
C VAL C 464 -10.77 4.89 26.72
N ALA C 465 -10.57 4.52 27.99
CA ALA C 465 -11.54 4.87 29.01
C ALA C 465 -10.85 4.84 30.36
N PRO C 466 -11.32 5.61 31.35
CA PRO C 466 -10.71 5.51 32.67
C PRO C 466 -11.10 4.21 33.37
N THR C 467 -10.14 3.63 34.06
CA THR C 467 -10.36 2.48 34.92
C THR C 467 -9.53 2.71 36.17
N ARG C 468 -9.78 1.90 37.20
CA ARG C 468 -8.97 1.99 38.40
C ARG C 468 -7.65 1.25 38.25
N CYS C 469 -7.52 0.45 37.19
CA CYS C 469 -6.32 -0.35 36.92
C CYS C 469 -5.11 0.54 36.67
N LYS C 470 -3.98 0.19 37.27
CA LYS C 470 -2.71 0.89 37.05
C LYS C 470 -1.64 -0.09 36.58
N ARG C 471 -0.94 0.29 35.51
CA ARG C 471 0.14 -0.53 34.98
C ARG C 471 1.23 -0.69 36.03
N ARG C 472 1.83 -1.88 36.09
CA ARG C 472 2.93 -2.09 37.02
C ARG C 472 4.09 -1.20 36.57
N VAL C 473 4.56 -0.36 37.48
CA VAL C 473 5.60 0.64 37.18
C VAL C 473 6.84 0.01 36.57
N SER D 8 -22.74 -15.53 22.66
CA SER D 8 -22.17 -14.39 21.94
C SER D 8 -23.25 -13.61 21.19
N LEU D 9 -23.10 -12.29 21.17
CA LEU D 9 -24.02 -11.40 20.49
C LEU D 9 -23.68 -11.17 19.03
N GLY D 10 -22.51 -11.64 18.57
CA GLY D 10 -22.09 -11.42 17.21
C GLY D 10 -21.41 -10.09 17.00
N PHE D 11 -20.94 -9.88 15.77
CA PHE D 11 -20.22 -8.66 15.41
C PHE D 11 -21.06 -7.42 15.71
N LEU D 12 -20.48 -6.53 16.52
CA LEU D 12 -21.10 -5.29 16.98
C LEU D 12 -22.37 -5.51 17.79
N GLY D 13 -22.66 -6.75 18.22
CA GLY D 13 -23.90 -6.96 18.96
C GLY D 13 -23.89 -6.29 20.30
N ALA D 14 -22.70 -5.96 20.83
CA ALA D 14 -22.54 -5.28 22.10
C ALA D 14 -22.55 -3.78 21.95
N ALA D 15 -22.72 -3.26 20.71
CA ALA D 15 -22.66 -1.82 20.47
C ALA D 15 -23.67 -1.06 21.31
N GLY D 16 -24.84 -1.65 21.57
CA GLY D 16 -25.82 -0.97 22.39
C GLY D 16 -25.74 -1.31 23.85
N SER D 17 -24.80 -2.18 24.23
CA SER D 17 -24.66 -2.62 25.61
C SER D 17 -23.80 -1.60 26.36
N THR D 18 -23.72 -1.77 27.67
CA THR D 18 -22.93 -0.83 28.44
C THR D 18 -21.46 -1.08 28.13
N MET D 19 -20.60 -0.11 28.47
CA MET D 19 -19.18 -0.30 28.19
C MET D 19 -18.64 -1.51 28.95
N GLY D 20 -19.09 -1.72 30.18
CA GLY D 20 -18.61 -2.87 30.93
C GLY D 20 -18.96 -4.17 30.21
N ALA D 21 -20.24 -4.33 29.85
CA ALA D 21 -20.67 -5.54 29.16
C ALA D 21 -19.97 -5.65 27.81
N ALA D 22 -19.79 -4.52 27.12
CA ALA D 22 -19.18 -4.52 25.80
C ALA D 22 -17.71 -4.91 25.87
N SER D 23 -17.05 -4.70 27.01
CA SER D 23 -15.64 -5.05 27.15
C SER D 23 -15.43 -6.56 27.10
N MET D 24 -16.48 -7.37 27.18
CA MET D 24 -16.39 -8.83 27.14
C MET D 24 -16.41 -9.38 25.73
N THR D 25 -16.60 -8.55 24.70
CA THR D 25 -16.71 -9.00 23.32
C THR D 25 -15.62 -8.43 22.41
N LEU D 26 -14.48 -8.02 22.98
CA LEU D 26 -13.45 -7.36 22.16
C LEU D 26 -12.91 -8.28 21.08
N THR D 27 -12.89 -9.60 21.34
CA THR D 27 -12.34 -10.49 20.33
C THR D 27 -13.27 -10.62 19.15
N VAL D 28 -14.56 -10.29 19.33
CA VAL D 28 -15.51 -10.48 18.25
C VAL D 28 -15.22 -9.46 17.15
N GLN D 29 -14.99 -8.21 17.55
CA GLN D 29 -14.71 -7.18 16.56
C GLN D 29 -13.28 -7.35 16.05
N ALA D 30 -12.35 -7.77 16.93
CA ALA D 30 -10.98 -7.93 16.50
C ALA D 30 -10.89 -8.96 15.38
N ARG D 31 -11.63 -10.07 15.50
CA ARG D 31 -11.59 -11.08 14.45
C ARG D 31 -12.13 -10.53 13.14
N ASN D 32 -13.15 -9.67 13.22
CA ASN D 32 -13.84 -9.16 12.05
C ASN D 32 -13.17 -7.93 11.48
N LEU D 33 -11.98 -7.56 11.95
CA LEU D 33 -11.27 -6.45 11.34
C LEU D 33 -10.49 -6.88 10.10
N LEU D 34 -10.13 -8.15 9.99
CA LEU D 34 -9.44 -8.72 8.84
C LEU D 34 -10.35 -9.59 7.98
N SER D 35 -11.26 -10.32 8.60
CA SER D 35 -12.18 -11.21 7.90
C SER D 35 -13.32 -10.43 7.26
N GLY D 61 -10.94 -5.28 -10.76
CA GLY D 61 -10.01 -5.86 -9.82
C GLY D 61 -9.29 -4.83 -8.97
N ILE D 62 -9.14 -3.62 -9.51
CA ILE D 62 -8.44 -2.56 -8.78
C ILE D 62 -9.21 -2.20 -7.52
N LYS D 63 -10.53 -2.15 -7.60
CA LYS D 63 -11.34 -1.79 -6.44
C LYS D 63 -11.20 -2.82 -5.32
N GLN D 64 -11.18 -4.11 -5.67
CA GLN D 64 -11.09 -5.16 -4.65
C GLN D 64 -9.76 -5.08 -3.94
N LEU D 65 -8.73 -4.81 -4.70
CA LEU D 65 -7.39 -4.76 -4.18
C LEU D 65 -7.20 -3.50 -3.34
N GLN D 66 -7.76 -2.37 -3.78
CA GLN D 66 -7.64 -1.15 -2.98
C GLN D 66 -8.37 -1.28 -1.65
N ALA D 67 -9.57 -1.87 -1.66
CA ALA D 67 -10.30 -1.96 -0.40
C ALA D 67 -9.64 -2.93 0.57
N ARG D 68 -9.11 -4.06 0.08
CA ARG D 68 -8.51 -4.99 1.02
C ARG D 68 -7.16 -4.48 1.49
N VAL D 69 -6.44 -3.75 0.64
CA VAL D 69 -5.19 -3.14 1.07
C VAL D 69 -5.50 -2.09 2.13
N LEU D 70 -6.56 -1.30 1.91
CA LEU D 70 -6.93 -0.27 2.87
C LEU D 70 -7.26 -0.88 4.22
N ALA D 71 -8.00 -2.00 4.21
CA ALA D 71 -8.32 -2.66 5.45
C ALA D 71 -7.04 -3.08 6.17
N VAL D 72 -6.05 -3.54 5.41
CA VAL D 72 -4.77 -3.90 6.00
C VAL D 72 -4.07 -2.68 6.58
N GLU D 73 -4.05 -1.56 5.85
CA GLU D 73 -3.39 -0.37 6.39
C GLU D 73 -4.05 0.12 7.66
N HIS D 74 -5.38 0.06 7.75
CA HIS D 74 -6.03 0.53 8.97
C HIS D 74 -5.69 -0.40 10.13
N TYR D 75 -5.71 -1.71 9.86
CA TYR D 75 -5.36 -2.66 10.90
C TYR D 75 -3.95 -2.42 11.41
N LEU D 76 -3.00 -2.27 10.48
CA LEU D 76 -1.62 -2.07 10.87
C LEU D 76 -1.40 -0.74 11.57
N ARG D 77 -2.11 0.31 11.17
CA ARG D 77 -1.94 1.58 11.86
C ARG D 77 -2.40 1.47 13.31
N ASP D 78 -3.50 0.73 13.54
CA ASP D 78 -3.95 0.57 14.91
C ASP D 78 -2.99 -0.33 15.69
N GLN D 79 -2.44 -1.36 15.05
CA GLN D 79 -1.51 -2.24 15.76
C GLN D 79 -0.21 -1.50 16.05
N GLN D 80 0.23 -0.64 15.12
CA GLN D 80 1.44 0.13 15.34
C GLN D 80 1.23 1.08 16.50
N LEU D 81 0.03 1.67 16.59
CA LEU D 81 -0.25 2.61 17.65
C LEU D 81 -0.22 1.89 18.99
N LEU D 82 -0.80 0.68 19.05
CA LEU D 82 -0.74 -0.08 20.29
C LEU D 82 0.70 -0.45 20.62
N GLY D 83 1.49 -0.77 19.59
CA GLY D 83 2.89 -1.11 19.79
C GLY D 83 3.69 0.02 20.42
N ILE D 84 3.47 1.24 19.91
CA ILE D 84 4.16 2.41 20.43
C ILE D 84 3.86 2.58 21.92
N TRP D 85 2.61 2.30 22.31
CA TRP D 85 2.17 2.39 23.69
C TRP D 85 2.55 1.18 24.53
N GLY D 86 3.19 0.16 23.94
CA GLY D 86 3.52 -1.05 24.67
C GLY D 86 2.36 -1.99 24.86
N CYS D 87 1.36 -1.93 23.98
CA CYS D 87 0.13 -2.73 24.06
C CYS D 87 0.02 -3.71 22.89
N SER D 88 1.14 -4.09 22.29
CA SER D 88 1.12 -4.86 21.05
C SER D 88 0.44 -6.22 21.18
N GLY D 89 0.46 -6.85 22.36
CA GLY D 89 -0.14 -8.17 22.52
C GLY D 89 -1.42 -8.24 23.32
N LYS D 90 -2.06 -7.11 23.61
CA LYS D 90 -3.20 -7.08 24.50
C LYS D 90 -4.40 -6.42 23.83
N LEU D 91 -5.60 -6.84 24.24
CA LEU D 91 -6.84 -6.18 23.84
C LEU D 91 -7.32 -5.20 24.90
N ILE D 92 -7.04 -5.51 26.17
CA ILE D 92 -7.30 -4.62 27.29
C ILE D 92 -5.92 -4.32 27.82
N CYS D 93 -5.43 -3.11 27.56
CA CYS D 93 -4.07 -2.72 27.91
C CYS D 93 -4.12 -1.65 28.97
N CYS D 94 -3.66 -2.00 30.16
CA CYS D 94 -3.69 -1.10 31.31
C CYS D 94 -2.38 -0.34 31.27
N THR D 95 -2.44 0.99 31.22
CA THR D 95 -1.25 1.83 31.12
C THR D 95 -1.05 2.65 32.39
N ASN D 96 -0.02 3.51 32.35
CA ASN D 96 0.43 4.34 33.47
C ASN D 96 0.15 5.83 33.27
N VAL D 97 -0.85 6.19 32.48
CA VAL D 97 -1.21 7.60 32.26
C VAL D 97 -2.43 7.93 33.12
N PRO D 98 -2.35 8.90 34.04
CA PRO D 98 -3.51 9.20 34.90
C PRO D 98 -4.60 9.90 34.10
N TRP D 99 -5.84 9.73 34.56
CA TRP D 99 -6.96 10.44 33.97
C TRP D 99 -6.96 11.86 34.52
N ASN D 100 -7.11 12.85 33.63
CA ASN D 100 -6.99 14.26 34.03
C ASN D 100 -8.33 14.90 34.41
N SER D 101 -9.41 14.13 34.51
CA SER D 101 -10.72 14.64 34.92
C SER D 101 -11.38 15.59 33.91
N SER D 102 -10.64 16.59 33.42
CA SER D 102 -11.18 17.51 32.44
C SER D 102 -11.68 16.78 31.20
N TRP D 103 -11.03 15.67 30.85
CA TRP D 103 -11.42 14.88 29.70
C TRP D 103 -12.84 14.35 29.87
N SER D 104 -13.19 13.97 31.10
CA SER D 104 -14.54 13.53 31.45
C SER D 104 -14.61 13.46 32.97
N ASN D 105 -15.60 14.10 33.58
CA ASN D 105 -15.70 14.15 35.04
C ASN D 105 -16.67 13.13 35.60
N ARG D 106 -17.09 12.16 34.79
CA ARG D 106 -17.99 11.12 35.25
C ARG D 106 -17.21 10.13 36.12
N ASN D 107 -17.91 9.52 37.08
CA ASN D 107 -17.28 8.52 37.92
C ASN D 107 -17.34 7.17 37.21
N LEU D 108 -16.80 6.13 37.85
CA LEU D 108 -16.74 4.82 37.18
C LEU D 108 -18.11 4.22 36.94
N SER D 109 -19.07 4.41 37.85
CA SER D 109 -20.38 3.80 37.60
C SER D 109 -21.09 4.50 36.46
N GLU D 110 -21.00 5.83 36.40
CA GLU D 110 -21.64 6.59 35.35
C GLU D 110 -21.09 6.25 33.97
N ILE D 111 -19.80 5.91 33.89
CA ILE D 111 -19.19 5.56 32.62
C ILE D 111 -19.38 4.10 32.26
N TRP D 112 -19.01 3.17 33.14
CA TRP D 112 -19.02 1.77 32.76
C TRP D 112 -20.40 1.12 32.80
N ASP D 113 -21.30 1.57 33.67
CA ASP D 113 -22.64 0.98 33.73
C ASP D 113 -23.73 1.77 33.02
N ASN D 114 -23.69 3.10 32.99
CA ASN D 114 -24.77 3.89 32.41
C ASN D 114 -24.48 4.43 31.01
N MET D 115 -23.40 4.00 30.35
CA MET D 115 -23.10 4.48 29.00
C MET D 115 -22.64 3.34 28.10
N THR D 116 -22.87 3.54 26.80
CA THR D 116 -22.36 2.67 25.75
C THR D 116 -21.05 3.25 25.25
N TRP D 117 -20.31 2.46 24.48
CA TRP D 117 -19.04 2.97 23.94
C TRP D 117 -19.25 4.06 22.91
N LEU D 118 -20.37 4.06 22.19
CA LEU D 118 -20.62 5.12 21.21
C LEU D 118 -20.75 6.47 21.90
N GLN D 119 -21.46 6.49 23.03
CA GLN D 119 -21.63 7.75 23.76
C GLN D 119 -20.30 8.23 24.30
N TRP D 120 -19.49 7.30 24.81
CA TRP D 120 -18.18 7.68 25.31
C TRP D 120 -17.32 8.23 24.20
N ASP D 121 -17.31 7.56 23.05
CA ASP D 121 -16.51 8.00 21.93
C ASP D 121 -16.90 9.40 21.51
N LYS D 122 -18.19 9.72 21.60
CA LYS D 122 -18.61 11.07 21.26
C LYS D 122 -18.11 12.05 22.33
N GLU D 123 -18.29 11.68 23.61
CA GLU D 123 -17.90 12.55 24.72
C GLU D 123 -16.39 12.81 24.76
N ILE D 124 -15.56 11.82 24.43
CA ILE D 124 -14.11 11.92 24.57
C ILE D 124 -13.42 12.30 23.25
N SER D 125 -14.18 12.61 22.19
CA SER D 125 -13.57 12.86 20.90
C SER D 125 -12.52 13.97 20.93
N ASN D 126 -12.84 15.09 21.60
CA ASN D 126 -11.94 16.24 21.55
C ASN D 126 -10.65 16.04 22.33
N TYR D 127 -10.54 14.97 23.10
CA TYR D 127 -9.37 14.70 23.91
C TYR D 127 -8.63 13.47 23.43
N THR D 128 -9.09 12.84 22.34
CA THR D 128 -8.47 11.59 21.91
C THR D 128 -7.01 11.77 21.55
N GLN D 129 -6.66 12.85 20.85
CA GLN D 129 -5.27 12.97 20.46
C GLN D 129 -4.42 13.35 21.64
N ILE D 130 -4.99 14.05 22.62
CA ILE D 130 -4.22 14.41 23.79
C ILE D 130 -3.84 13.14 24.52
N ILE D 131 -4.81 12.25 24.68
CA ILE D 131 -4.55 11.02 25.40
C ILE D 131 -3.51 10.22 24.64
N TYR D 132 -3.65 10.14 23.32
CA TYR D 132 -2.70 9.35 22.55
C TYR D 132 -1.30 9.90 22.69
N GLY D 133 -1.14 11.22 22.70
CA GLY D 133 0.18 11.78 22.85
C GLY D 133 0.78 11.42 24.19
N LEU D 134 -0.04 11.47 25.24
CA LEU D 134 0.47 11.14 26.56
C LEU D 134 0.85 9.68 26.63
N LEU D 135 0.08 8.82 25.96
CA LEU D 135 0.40 7.41 26.01
C LEU D 135 1.75 7.14 25.38
N GLU D 136 2.03 7.81 24.27
CA GLU D 136 3.33 7.64 23.62
C GLU D 136 4.44 8.07 24.55
N GLU D 137 4.27 9.21 25.21
CA GLU D 137 5.34 9.71 26.05
C GLU D 137 5.57 8.79 27.22
N SER D 138 4.48 8.26 27.79
CA SER D 138 4.65 7.38 28.93
C SER D 138 5.43 6.12 28.55
N GLN D 139 5.12 5.53 27.41
CA GLN D 139 5.83 4.31 27.04
C GLN D 139 7.29 4.60 26.79
N ASN D 140 7.59 5.76 26.20
CA ASN D 140 8.99 6.05 25.91
C ASN D 140 9.80 6.09 27.19
N GLN D 141 9.23 6.67 28.25
CA GLN D 141 9.97 6.72 29.50
C GLN D 141 10.17 5.34 30.06
N GLN D 142 9.13 4.50 29.94
CA GLN D 142 9.26 3.17 30.48
C GLN D 142 10.33 2.39 29.75
N GLU D 143 10.40 2.54 28.42
CA GLU D 143 11.43 1.78 27.73
C GLU D 143 12.80 2.25 28.14
N LYS D 144 12.98 3.56 28.28
CA LYS D 144 14.29 4.04 28.66
C LYS D 144 14.58 3.62 30.08
N ASN D 145 13.56 3.67 30.94
CA ASN D 145 13.77 3.28 32.33
C ASN D 145 14.11 1.81 32.40
N GLU D 146 13.47 0.98 31.58
CA GLU D 146 13.77 -0.44 31.62
C GLU D 146 15.20 -0.66 31.13
N GLN D 147 15.60 0.09 30.11
CA GLN D 147 16.95 -0.05 29.59
C GLN D 147 17.96 0.27 30.68
N ASP D 148 17.66 1.27 31.52
CA ASP D 148 18.59 1.59 32.59
C ASP D 148 18.56 0.52 33.68
N LEU D 149 17.37 0.00 34.00
CA LEU D 149 17.29 -1.01 35.07
C LEU D 149 18.05 -2.26 34.70
N LEU D 150 18.05 -2.61 33.43
CA LEU D 150 18.74 -3.79 32.94
C LEU D 150 20.24 -3.57 32.81
N ALA D 151 20.72 -2.35 33.06
CA ALA D 151 22.14 -2.01 33.02
C ALA D 151 22.78 -2.03 34.39
N LEU D 152 22.05 -2.43 35.43
CA LEU D 152 22.56 -2.55 36.78
C LEU D 152 22.97 -3.99 37.03
N ASP D 153 24.27 -4.20 37.24
CA ASP D 153 24.80 -5.55 37.41
C ASP D 153 24.20 -6.20 38.65
N GLU E 1 36.66 22.63 38.97
CA GLU E 1 35.54 23.38 38.33
C GLU E 1 34.18 22.92 38.84
N VAL E 2 34.09 21.65 39.23
CA VAL E 2 32.84 21.09 39.73
C VAL E 2 32.63 21.44 41.20
N GLN E 3 31.45 22.00 41.50
CA GLN E 3 31.05 22.38 42.85
C GLN E 3 29.66 21.83 43.13
N LEU E 4 29.47 21.40 44.37
CA LEU E 4 28.18 20.96 44.91
C LEU E 4 27.95 21.66 46.24
N VAL E 5 26.86 22.40 46.37
CA VAL E 5 26.57 23.17 47.59
C VAL E 5 25.26 22.66 48.17
N GLU E 6 25.30 22.21 49.42
CA GLU E 6 24.15 21.64 50.11
C GLU E 6 23.58 22.69 51.06
N THR E 7 22.31 23.03 50.86
CA THR E 7 21.61 24.00 51.69
C THR E 7 20.38 23.34 52.31
N GLY E 8 20.23 23.51 53.62
CA GLY E 8 19.08 22.93 54.30
C GLY E 8 19.18 23.16 55.79
N GLY E 9 18.15 22.69 56.48
CA GLY E 9 18.09 22.87 57.93
C GLY E 9 19.10 21.99 58.65
N GLY E 10 19.51 22.45 59.83
CA GLY E 10 20.41 21.70 60.69
C GLY E 10 19.83 21.20 61.99
N LEU E 11 18.52 21.33 62.22
CA LEU E 11 17.91 20.88 63.46
C LEU E 11 16.47 20.49 63.20
N VAL E 12 16.08 19.32 63.69
CA VAL E 12 14.71 18.87 63.57
C VAL E 12 14.41 17.96 64.76
N GLN E 13 13.26 18.16 65.39
CA GLN E 13 12.83 17.29 66.47
C GLN E 13 12.35 15.94 65.90
N PRO E 14 12.34 14.87 66.70
CA PRO E 14 12.00 13.55 66.13
C PRO E 14 10.57 13.57 65.58
N GLY E 15 10.37 12.88 64.47
CA GLY E 15 9.09 12.85 63.79
C GLY E 15 8.92 13.99 62.80
N GLY E 16 9.91 14.89 62.70
CA GLY E 16 9.83 16.03 61.82
C GLY E 16 10.08 15.67 60.37
N SER E 17 9.74 16.61 59.49
CA SER E 17 10.00 16.49 58.06
C SER E 17 10.95 17.61 57.66
N LEU E 18 12.04 17.28 56.96
CA LEU E 18 13.01 18.29 56.51
C LEU E 18 13.37 18.09 55.03
N LYS E 19 13.92 19.12 54.40
CA LYS E 19 14.45 19.03 53.03
C LYS E 19 15.90 19.52 52.94
N LEU E 20 16.74 18.79 52.19
CA LEU E 20 18.11 19.20 51.88
C LEU E 20 18.23 19.35 50.37
N SER E 21 18.73 20.49 49.88
CA SER E 21 18.86 20.68 48.44
C SER E 21 20.31 20.97 48.07
N CYS E 22 20.86 20.11 47.21
CA CYS E 22 22.23 20.20 46.71
C CYS E 22 22.22 20.80 45.30
N ARG E 23 22.78 21.99 45.13
CA ARG E 23 22.86 22.63 43.82
C ARG E 23 24.26 22.39 43.25
N ALA E 24 24.30 22.01 41.98
CA ALA E 24 25.51 21.64 41.27
C ALA E 24 25.90 22.66 40.20
N SER E 25 27.20 22.79 39.98
CA SER E 25 27.72 23.61 38.90
C SER E 25 29.06 23.06 38.42
N GLY E 26 29.45 23.47 37.21
CA GLY E 26 30.72 23.12 36.61
C GLY E 26 30.69 21.90 35.70
N TYR E 27 29.53 21.26 35.53
CA TYR E 27 29.37 20.09 34.69
C TYR E 27 27.91 20.05 34.28
N THR E 28 27.59 19.20 33.30
CA THR E 28 26.20 19.07 32.89
C THR E 28 25.46 18.21 33.92
N PHE E 29 24.53 18.87 34.61
CA PHE E 29 23.79 18.23 35.70
C PHE E 29 23.02 17.02 35.22
N SER E 30 22.29 17.19 34.11
CA SER E 30 21.44 16.16 33.54
C SER E 30 22.19 14.98 32.96
N SER E 31 23.52 15.03 32.88
CA SER E 31 24.28 13.90 32.35
C SER E 31 24.77 12.91 33.39
N PHE E 32 24.65 13.21 34.68
CA PHE E 32 25.16 12.35 35.74
C PHE E 32 24.06 11.89 36.68
N ALA E 33 24.15 10.63 37.10
CA ALA E 33 23.30 10.15 38.18
C ALA E 33 23.87 10.71 39.47
N MET E 34 23.03 10.86 40.50
CA MET E 34 23.52 11.39 41.76
C MET E 34 22.92 10.61 42.92
N SER E 35 23.58 10.69 44.06
CA SER E 35 23.18 9.97 45.27
C SER E 35 23.44 10.83 46.51
N TRP E 36 22.88 10.36 47.62
CA TRP E 36 23.16 10.91 48.94
C TRP E 36 23.80 9.82 49.79
N VAL E 37 24.84 10.23 50.52
CA VAL E 37 25.62 9.38 51.42
C VAL E 37 25.63 10.03 52.80
N ARG E 38 25.34 9.22 53.82
CA ARG E 38 25.24 9.68 55.20
C ARG E 38 26.44 9.23 56.02
N GLN E 39 26.85 10.07 56.98
CA GLN E 39 27.92 9.74 57.92
C GLN E 39 27.60 10.27 59.31
N ALA E 40 27.25 9.39 60.25
CA ALA E 40 26.99 9.84 61.60
C ALA E 40 28.31 10.39 62.17
N PRO E 41 28.25 11.36 63.10
CA PRO E 41 29.51 11.94 63.62
C PRO E 41 30.56 10.94 64.09
N GLY E 42 30.16 9.81 64.65
CA GLY E 42 31.09 8.79 65.13
C GLY E 42 31.21 7.57 64.26
N LYS E 43 30.65 7.56 63.06
CA LYS E 43 30.60 6.41 62.18
C LYS E 43 31.28 6.71 60.85
N GLY E 44 31.33 5.70 60.00
CA GLY E 44 31.89 5.82 58.66
C GLY E 44 30.79 6.25 57.72
N LEU E 45 31.06 6.09 56.42
CA LEU E 45 30.11 6.54 55.41
C LEU E 45 29.05 5.47 55.19
N GLU E 46 27.82 5.90 54.98
CA GLU E 46 26.70 5.00 54.69
C GLU E 46 25.96 5.52 53.46
N TRP E 47 25.68 4.64 52.50
CA TRP E 47 24.89 5.05 51.34
C TRP E 47 23.43 5.13 51.77
N VAL E 48 22.75 6.19 51.35
CA VAL E 48 21.34 6.40 51.68
C VAL E 48 20.43 6.30 50.46
N SER E 49 20.74 7.03 49.39
CA SER E 49 19.82 6.99 48.26
C SER E 49 20.53 7.28 46.95
N LEU E 50 19.90 6.85 45.85
CA LEU E 50 20.43 7.02 44.51
C LEU E 50 19.31 7.40 43.54
N ILE E 51 19.54 8.41 42.71
CA ILE E 51 18.61 8.86 41.69
C ILE E 51 19.32 8.88 40.34
N ASN E 52 18.56 8.56 39.30
CA ASN E 52 19.08 8.52 37.94
C ASN E 52 19.30 9.95 37.43
N ASP E 53 19.80 10.05 36.20
CA ASP E 53 20.06 11.38 35.63
C ASP E 53 18.75 12.05 35.26
N ARG E 54 17.79 11.27 34.78
CA ARG E 54 16.48 11.78 34.38
C ARG E 54 15.54 11.95 35.56
N GLY E 55 15.77 11.23 36.66
CA GLY E 55 14.93 11.29 37.82
C GLY E 55 13.83 10.25 37.84
N GLY E 56 13.64 9.51 36.75
CA GLY E 56 12.58 8.52 36.69
C GLY E 56 12.74 7.37 37.66
N LEU E 57 13.97 6.98 37.95
CA LEU E 57 14.28 5.85 38.82
C LEU E 57 14.94 6.32 40.10
N THR E 58 14.45 5.82 41.23
CA THR E 58 15.02 6.11 42.54
C THR E 58 15.23 4.80 43.30
N PHE E 59 16.28 4.78 44.10
CA PHE E 59 16.63 3.64 44.94
C PHE E 59 16.97 4.16 46.32
N TYR E 60 16.66 3.38 47.34
CA TYR E 60 16.92 3.77 48.72
C TYR E 60 17.56 2.62 49.49
N VAL E 61 18.33 2.98 50.52
CA VAL E 61 18.81 1.98 51.46
C VAL E 61 17.60 1.52 52.27
N ASP E 62 17.56 0.22 52.59
CA ASP E 62 16.41 -0.35 53.29
C ASP E 62 16.03 0.44 54.55
N SER E 63 17.02 0.95 55.26
CA SER E 63 16.74 1.67 56.52
C SER E 63 15.85 2.90 56.33
N VAL E 64 15.78 3.47 55.12
CA VAL E 64 15.00 4.67 54.85
C VAL E 64 13.96 4.47 53.75
N LYS E 65 13.77 3.24 53.28
CA LYS E 65 12.99 3.02 52.05
C LYS E 65 11.57 3.56 52.14
N GLY E 66 10.94 3.48 53.30
CA GLY E 66 9.59 3.96 53.47
C GLY E 66 9.45 5.37 54.01
N ARG E 67 10.56 6.08 54.22
CA ARG E 67 10.53 7.41 54.82
C ARG E 67 11.21 8.56 54.05
N PHE E 68 12.14 8.30 53.12
CA PHE E 68 12.86 9.37 52.41
C PHE E 68 12.44 9.36 50.94
N THR E 69 12.36 10.56 50.35
CA THR E 69 12.12 10.73 48.93
C THR E 69 13.25 11.53 48.28
N ILE E 70 13.79 11.03 47.18
CA ILE E 70 14.86 11.69 46.43
C ILE E 70 14.27 12.17 45.11
N SER E 71 14.56 13.41 44.74
CA SER E 71 14.09 13.95 43.47
C SER E 71 15.11 14.95 42.97
N ARG E 72 15.02 15.27 41.68
CA ARG E 72 15.92 16.26 41.10
C ARG E 72 15.16 17.07 40.07
N ASP E 73 15.49 18.36 40.00
CA ASP E 73 14.98 19.30 39.01
C ASP E 73 16.16 19.66 38.12
N ASN E 74 16.14 19.14 36.89
CA ASN E 74 17.24 19.29 35.95
C ASN E 74 17.33 20.67 35.32
N SER E 75 16.31 21.54 35.48
CA SER E 75 16.40 22.86 34.87
C SER E 75 17.08 23.85 35.81
N LYS E 76 16.98 23.61 37.12
CA LYS E 76 17.59 24.45 38.13
C LYS E 76 18.87 23.83 38.67
N ASN E 77 19.29 22.69 38.09
CA ASN E 77 20.48 21.95 38.55
C ASN E 77 20.43 21.63 40.05
N THR E 78 19.27 21.22 40.56
CA THR E 78 19.13 20.97 42.01
C THR E 78 18.62 19.59 42.33
N LEU E 79 19.33 18.91 43.25
CA LEU E 79 18.99 17.59 43.77
C LEU E 79 18.42 17.80 45.16
N SER E 80 17.21 17.34 45.42
CA SER E 80 16.59 17.53 46.73
C SER E 80 16.23 16.18 47.35
N LEU E 81 16.44 16.10 48.65
CA LEU E 81 16.07 14.94 49.47
C LEU E 81 15.09 15.42 50.53
N GLN E 82 13.89 14.85 50.53
CA GLN E 82 12.85 15.18 51.50
C GLN E 82 12.80 14.02 52.49
N MET E 83 13.03 14.33 53.77
CA MET E 83 13.08 13.32 54.80
C MET E 83 11.79 13.40 55.59
N HIS E 84 11.26 12.23 55.98
CA HIS E 84 10.09 12.13 56.81
C HIS E 84 10.40 11.13 57.92
N SER E 85 9.68 11.27 59.04
CA SER E 85 9.87 10.50 60.26
C SER E 85 11.13 10.94 61.00
N LEU E 86 12.28 10.94 60.32
CA LEU E 86 13.53 11.52 60.82
C LEU E 86 13.90 10.99 62.22
N ARG E 87 13.80 9.67 62.36
CA ARG E 87 14.11 9.00 63.62
C ARG E 87 15.58 9.21 64.00
N ASP E 88 15.82 9.34 65.31
CA ASP E 88 17.11 9.68 65.93
C ASP E 88 18.31 9.12 65.18
N GLY E 89 18.32 7.83 64.87
CA GLY E 89 19.41 7.21 64.12
C GLY E 89 19.81 7.89 62.82
N ASP E 90 19.03 8.86 62.34
CA ASP E 90 19.30 9.64 61.15
C ASP E 90 20.04 10.94 61.44
N THR E 91 20.55 11.14 62.66
CA THR E 91 21.40 12.30 62.90
C THR E 91 22.74 12.02 62.25
N ALA E 92 23.16 12.89 61.35
CA ALA E 92 24.40 12.66 60.62
C ALA E 92 24.71 13.84 59.72
N VAL E 93 25.94 13.87 59.18
CA VAL E 93 26.25 14.78 58.09
C VAL E 93 25.88 14.05 56.80
N TYR E 94 25.06 14.70 55.98
CA TYR E 94 24.64 14.18 54.69
C TYR E 94 25.48 14.84 53.61
N TYR E 95 25.90 14.06 52.62
CA TYR E 95 26.62 14.56 51.47
C TYR E 95 25.86 14.18 50.22
N CYS E 96 25.88 15.08 49.23
CA CYS E 96 25.39 14.78 47.89
C CYS E 96 26.61 14.46 47.05
N ALA E 97 26.45 13.55 46.09
CA ALA E 97 27.56 13.25 45.21
C ALA E 97 27.06 12.80 43.85
N THR E 98 27.88 13.03 42.83
CA THR E 98 27.59 12.50 41.51
C THR E 98 28.13 11.09 41.43
N GLY E 99 27.57 10.33 40.52
CA GLY E 99 28.05 9.00 40.23
C GLY E 99 27.14 7.96 40.85
N GLY E 100 27.63 6.72 40.84
CA GLY E 100 26.86 5.60 41.32
C GLY E 100 26.03 4.90 40.27
N MET E 101 25.87 5.46 39.09
CA MET E 101 25.04 4.81 38.08
C MET E 101 25.27 5.51 36.75
N SER E 102 24.90 4.81 35.67
CA SER E 102 24.92 5.38 34.33
C SER E 102 23.72 4.88 33.57
N SER E 103 23.28 5.67 32.59
CA SER E 103 22.05 5.39 31.86
C SER E 103 22.29 4.47 30.66
N ALA E 104 22.80 3.28 30.91
CA ALA E 104 22.92 2.22 29.90
C ALA E 104 23.78 2.51 28.66
N LEU E 105 23.75 3.73 28.13
CA LEU E 105 24.51 4.09 26.93
C LEU E 105 25.80 4.83 27.30
N GLN E 106 26.08 4.97 28.58
CA GLN E 106 27.22 5.66 29.15
C GLN E 106 28.13 4.62 29.78
N SER E 107 29.39 4.96 29.96
CA SER E 107 30.27 4.05 30.67
C SER E 107 29.75 3.90 32.09
N SER E 108 30.02 2.76 32.71
CA SER E 108 29.51 2.52 34.04
C SER E 108 30.17 3.44 35.06
N LYS E 109 29.47 3.64 36.19
CA LYS E 109 30.01 4.39 37.31
C LYS E 109 30.23 3.44 38.47
N TYR E 110 29.27 3.31 39.39
CA TYR E 110 29.40 2.51 40.62
C TYR E 110 30.47 3.11 41.54
N TYR E 111 30.67 4.42 41.45
CA TYR E 111 31.56 5.17 42.32
C TYR E 111 31.05 6.60 42.40
N PHE E 112 31.53 7.35 43.38
CA PHE E 112 31.12 8.74 43.58
C PHE E 112 32.32 9.63 43.30
N ASP E 113 32.35 10.23 42.10
CA ASP E 113 33.49 11.04 41.68
C ASP E 113 33.52 12.47 42.23
N PHE E 114 32.38 13.07 42.55
CA PHE E 114 32.36 14.44 43.08
C PHE E 114 31.48 14.51 44.31
N TRP E 115 32.02 15.09 45.39
CA TRP E 115 31.34 15.22 46.67
C TRP E 115 31.16 16.69 47.03
N GLY E 116 30.08 16.99 47.73
CA GLY E 116 29.82 18.32 48.24
C GLY E 116 30.45 18.50 49.62
N GLN E 117 30.13 19.65 50.25
CA GLN E 117 30.71 19.91 51.56
C GLN E 117 29.94 19.16 52.64
N GLY E 118 28.67 18.91 52.39
CA GLY E 118 27.79 18.22 53.32
C GLY E 118 27.07 19.19 54.24
N ALA E 119 26.09 18.65 54.94
CA ALA E 119 25.28 19.41 55.89
C ALA E 119 24.98 18.53 57.07
N LEU E 120 25.07 19.08 58.28
CA LEU E 120 24.81 18.32 59.48
C LEU E 120 23.34 18.43 59.82
N VAL E 121 22.66 17.29 59.96
CA VAL E 121 21.27 17.24 60.35
C VAL E 121 21.20 16.58 61.72
N THR E 122 20.74 17.34 62.70
CA THR E 122 20.56 16.88 64.07
C THR E 122 19.09 16.52 64.27
N VAL E 123 18.82 15.31 64.76
CA VAL E 123 17.44 14.92 65.02
C VAL E 123 17.16 15.29 66.47
N ALA F 1 28.08 -4.08 56.12
CA ALA F 1 29.31 -3.31 55.98
C ALA F 1 30.50 -4.23 55.77
N LEU F 2 31.59 -3.66 55.27
CA LEU F 2 32.85 -4.35 55.06
C LEU F 2 33.79 -4.14 56.24
N THR F 3 34.58 -5.16 56.51
CA THR F 3 35.54 -5.14 57.61
C THR F 3 36.86 -4.56 57.12
N GLN F 4 37.37 -3.58 57.84
CA GLN F 4 38.62 -2.89 57.57
C GLN F 4 39.43 -2.80 58.85
N PRO F 5 40.76 -2.71 58.77
CA PRO F 5 41.53 -2.43 59.98
C PRO F 5 41.11 -1.12 60.60
N PRO F 6 40.94 -1.06 61.93
CA PRO F 6 40.66 0.24 62.56
C PRO F 6 41.69 1.31 62.23
N SER F 7 42.95 0.92 62.09
CA SER F 7 44.00 1.86 61.76
C SER F 7 45.18 1.11 61.16
N VAL F 8 45.98 1.85 60.41
CA VAL F 8 47.23 1.38 59.83
C VAL F 8 48.27 2.47 60.08
N SER F 9 49.55 2.11 59.93
CA SER F 9 50.59 3.11 60.12
C SER F 9 51.83 2.72 59.33
N GLY F 10 52.72 3.69 59.18
CA GLY F 10 54.03 3.45 58.61
C GLY F 10 54.85 4.73 58.66
N SER F 11 56.12 4.59 58.34
CA SER F 11 57.04 5.71 58.32
C SER F 11 56.88 6.50 57.03
N PRO F 12 57.26 7.79 57.02
CA PRO F 12 57.25 8.53 55.75
C PRO F 12 58.07 7.81 54.69
N GLY F 13 57.51 7.71 53.49
CA GLY F 13 58.16 7.04 52.38
C GLY F 13 57.85 5.57 52.30
N GLN F 14 57.23 5.00 53.32
CA GLN F 14 56.90 3.59 53.40
C GLN F 14 55.61 3.31 52.63
N SER F 15 55.50 2.09 52.11
CA SER F 15 54.26 1.64 51.49
C SER F 15 53.35 1.05 52.55
N VAL F 16 52.11 1.55 52.60
CA VAL F 16 51.10 1.11 53.55
C VAL F 16 49.89 0.59 52.78
N THR F 17 49.42 -0.61 53.15
CA THR F 17 48.28 -1.23 52.48
C THR F 17 47.10 -1.35 53.44
N ILE F 18 45.92 -0.91 52.99
CA ILE F 18 44.67 -1.02 53.73
C ILE F 18 43.80 -2.05 53.00
N SER F 19 43.36 -3.09 53.71
CA SER F 19 42.51 -4.10 53.10
C SER F 19 41.07 -4.04 53.61
N CYS F 20 40.16 -4.52 52.74
CA CYS F 20 38.75 -4.69 53.18
C CYS F 20 38.25 -6.05 52.69
N THR F 21 37.62 -6.81 53.56
CA THR F 21 37.12 -8.16 53.33
C THR F 21 35.60 -8.18 53.34
N GLY F 22 35.02 -8.77 52.30
CA GLY F 22 33.59 -8.93 52.11
C GLY F 22 33.25 -10.37 51.78
N THR F 23 32.05 -10.63 51.24
CA THR F 23 31.66 -11.98 50.84
C THR F 23 31.64 -12.14 49.31
N SER F 24 31.24 -13.32 48.86
CA SER F 24 31.24 -13.62 47.42
C SER F 24 30.24 -12.81 46.63
N SER F 25 29.14 -12.40 47.26
CA SER F 25 28.14 -11.61 46.54
C SER F 25 28.47 -10.13 46.53
N ASP F 26 29.53 -9.72 47.22
CA ASP F 26 29.84 -8.30 47.33
C ASP F 26 31.11 -8.00 46.57
N ILE F 27 32.29 -8.08 47.19
CA ILE F 27 33.52 -7.77 46.47
C ILE F 27 33.78 -8.81 45.39
N GLY F 28 33.53 -10.08 45.71
CA GLY F 28 33.80 -11.17 44.79
C GLY F 28 33.13 -11.12 43.43
N SER F 29 31.79 -11.08 43.43
CA SER F 29 31.06 -11.07 42.17
C SER F 29 31.24 -9.78 41.38
N TYR F 30 31.19 -8.62 42.03
CA TYR F 30 31.23 -7.34 41.34
C TYR F 30 32.59 -6.67 41.49
N ASN F 31 33.27 -6.46 40.37
CA ASN F 31 34.61 -5.85 40.37
C ASN F 31 34.47 -4.30 40.30
N TYR F 32 33.79 -3.77 41.32
CA TYR F 32 33.57 -2.33 41.45
C TYR F 32 33.87 -1.90 42.89
N VAL F 33 35.16 -1.89 43.25
CA VAL F 33 35.56 -1.56 44.62
C VAL F 33 36.31 -0.23 44.56
N SER F 34 35.68 0.83 45.06
CA SER F 34 36.27 2.15 45.03
C SER F 34 36.86 2.48 46.40
N TRP F 35 37.77 3.46 46.42
CA TRP F 35 38.37 3.97 47.65
C TRP F 35 38.27 5.49 47.70
N TYR F 36 38.02 6.01 48.92
CA TYR F 36 37.88 7.43 49.19
C TYR F 36 38.79 7.85 50.33
N GLN F 37 39.33 9.07 50.23
CA GLN F 37 40.20 9.66 51.25
C GLN F 37 39.43 10.81 51.89
N GLN F 38 39.15 10.71 53.19
CA GLN F 38 38.41 11.73 53.93
C GLN F 38 39.31 12.40 54.97
N HIS F 39 39.69 13.64 54.70
CA HIS F 39 40.49 14.36 55.69
C HIS F 39 39.53 14.72 56.82
N PRO F 40 39.97 14.71 58.09
CA PRO F 40 39.04 15.11 59.16
C PRO F 40 38.48 16.50 58.88
N GLY F 41 37.16 16.62 59.02
CA GLY F 41 36.48 17.88 58.80
C GLY F 41 36.12 18.15 57.36
N LYS F 42 36.52 17.28 56.41
CA LYS F 42 36.28 17.46 54.99
C LYS F 42 35.47 16.30 54.42
N ALA F 43 34.86 16.55 53.27
CA ALA F 43 34.15 15.52 52.53
C ALA F 43 35.15 14.52 51.92
N PRO F 44 34.75 13.25 51.74
CA PRO F 44 35.65 12.30 51.08
C PRO F 44 35.99 12.70 49.66
N LYS F 45 37.24 12.43 49.27
CA LYS F 45 37.71 12.65 47.91
C LYS F 45 37.87 11.28 47.25
N LEU F 46 37.44 11.15 46.00
CA LEU F 46 37.64 9.87 45.32
C LEU F 46 39.09 9.68 44.87
N MET F 47 39.66 8.55 45.28
CA MET F 47 41.02 8.14 44.94
C MET F 47 41.08 6.97 43.98
N ILE F 48 40.25 5.94 44.18
CA ILE F 48 40.26 4.77 43.30
C ILE F 48 38.83 4.43 42.93
N TYR F 49 38.62 4.07 41.67
CA TYR F 49 37.32 3.58 41.21
C TYR F 49 37.63 2.35 40.39
N ASP F 50 36.65 1.47 40.23
CA ASP F 50 36.90 0.18 39.58
C ASP F 50 37.91 -0.57 40.46
N VAL F 51 38.36 -1.75 40.06
CA VAL F 51 39.35 -2.39 40.93
C VAL F 51 40.71 -1.70 40.82
N THR F 52 41.16 -1.38 39.60
CA THR F 52 42.50 -0.82 39.40
C THR F 52 42.54 0.60 38.82
N GLN F 53 41.41 1.27 38.60
CA GLN F 53 41.49 2.58 37.96
C GLN F 53 41.62 3.70 38.99
N ARG F 54 42.09 4.86 38.52
CA ARG F 54 42.32 6.04 39.37
C ARG F 54 41.84 7.31 38.66
N PRO F 55 41.08 8.19 39.34
CA PRO F 55 40.64 9.43 38.68
C PRO F 55 41.83 10.30 38.31
N SER F 56 41.68 11.08 37.23
CA SER F 56 42.72 12.03 36.89
C SER F 56 42.86 13.02 38.05
N GLY F 57 44.09 13.41 38.35
CA GLY F 57 44.35 14.31 39.44
C GLY F 57 44.82 13.61 40.70
N VAL F 58 44.72 12.27 40.75
CA VAL F 58 45.16 11.47 41.88
C VAL F 58 46.54 10.90 41.56
N SER F 59 47.46 11.09 42.51
CA SER F 59 48.85 10.69 42.36
C SER F 59 48.99 9.19 42.14
N ASP F 60 50.01 8.83 41.34
CA ASP F 60 50.34 7.46 40.97
C ASP F 60 50.70 6.58 42.17
N ARG F 61 50.93 7.18 43.34
CA ARG F 61 51.27 6.45 44.54
C ARG F 61 50.09 5.68 45.12
N PHE F 62 48.87 5.96 44.68
CA PHE F 62 47.66 5.30 45.18
C PHE F 62 47.21 4.28 44.13
N SER F 63 47.18 3.01 44.51
CA SER F 63 46.76 1.96 43.59
C SER F 63 46.14 0.85 44.41
N GLY F 64 45.45 -0.07 43.73
CA GLY F 64 44.83 -1.15 44.49
C GLY F 64 44.59 -2.37 43.65
N SER F 65 43.96 -3.36 44.26
CA SER F 65 43.71 -4.62 43.59
C SER F 65 42.59 -5.38 44.29
N LYS F 66 42.17 -6.47 43.67
CA LYS F 66 41.15 -7.36 44.21
C LYS F 66 41.57 -8.81 43.98
N SER F 67 41.43 -9.63 45.02
CA SER F 67 41.71 -11.06 44.94
C SER F 67 40.66 -11.78 45.77
N GLY F 68 39.92 -12.69 45.16
CA GLY F 68 38.87 -13.36 45.91
C GLY F 68 37.86 -12.33 46.37
N ASN F 69 37.62 -12.34 47.68
CA ASN F 69 36.69 -11.43 48.34
C ASN F 69 37.42 -10.34 49.11
N THR F 70 38.71 -10.17 48.83
CA THR F 70 39.55 -9.19 49.50
C THR F 70 39.97 -8.11 48.52
N ALA F 71 39.77 -6.85 48.90
CA ALA F 71 40.16 -5.72 48.09
C ALA F 71 41.21 -4.97 48.90
N SER F 72 42.13 -4.29 48.22
CA SER F 72 43.12 -3.54 48.97
C SER F 72 43.57 -2.31 48.20
N LEU F 73 44.02 -1.33 48.98
CA LEU F 73 44.61 -0.08 48.52
C LEU F 73 46.02 -0.01 49.05
N THR F 74 47.00 0.19 48.18
CA THR F 74 48.39 0.34 48.58
C THR F 74 48.79 1.76 48.24
N ILE F 75 49.32 2.45 49.23
CA ILE F 75 49.80 3.82 49.10
C ILE F 75 51.31 3.78 49.28
N SER F 76 52.05 3.95 48.18
CA SER F 76 53.50 3.89 48.25
C SER F 76 54.01 5.28 48.58
N GLY F 77 55.24 5.37 49.07
CA GLY F 77 55.83 6.69 49.24
C GLY F 77 55.09 7.58 50.20
N LEU F 78 54.59 7.01 51.30
CA LEU F 78 53.72 7.73 52.24
C LEU F 78 54.24 9.12 52.60
N GLN F 79 53.36 10.10 52.42
CA GLN F 79 53.62 11.51 52.68
C GLN F 79 52.88 11.97 53.93
N ALA F 80 53.37 13.06 54.51
CA ALA F 80 52.68 13.67 55.66
C ALA F 80 51.25 14.07 55.30
N ASP F 81 51.03 14.44 54.04
CA ASP F 81 49.68 14.92 53.62
C ASP F 81 48.71 13.73 53.50
N ASP F 82 49.22 12.50 53.56
CA ASP F 82 48.38 11.33 53.40
C ASP F 82 47.67 10.92 54.66
N GLU F 83 47.87 11.61 55.78
CA GLU F 83 47.19 11.23 57.02
C GLU F 83 45.70 11.53 56.84
N ALA F 84 44.87 10.49 56.90
CA ALA F 84 43.45 10.68 56.60
C ALA F 84 42.67 9.41 56.94
N ASP F 85 41.34 9.53 56.94
CA ASP F 85 40.48 8.36 57.09
C ASP F 85 40.16 7.80 55.72
N TYR F 86 40.54 6.55 55.47
CA TYR F 86 40.30 5.91 54.18
C TYR F 86 39.14 4.94 54.28
N TYR F 87 38.30 4.94 53.25
CA TYR F 87 37.15 4.05 53.17
C TYR F 87 37.18 3.34 51.83
N CYS F 88 36.73 2.10 51.81
CA CYS F 88 36.44 1.41 50.56
C CYS F 88 34.94 1.24 50.49
N SER F 89 34.43 1.10 49.27
CA SER F 89 33.03 0.76 49.10
C SER F 89 32.91 -0.14 47.89
N ALA F 90 31.84 -0.93 47.87
CA ALA F 90 31.60 -1.80 46.74
C ALA F 90 30.12 -1.87 46.38
N TYR F 91 29.89 -2.05 45.08
CA TYR F 91 28.56 -2.30 44.58
C TYR F 91 28.20 -3.71 45.00
N ALA F 92 27.01 -3.88 45.60
CA ALA F 92 26.57 -5.18 46.08
C ALA F 92 25.46 -5.82 45.27
N GLY F 93 24.75 -5.07 44.44
CA GLY F 93 23.65 -5.60 43.68
C GLY F 93 22.51 -4.61 43.56
N ARG F 94 21.38 -5.11 43.06
CA ARG F 94 20.20 -4.29 42.84
C ARG F 94 19.34 -4.09 44.08
N GLN F 95 19.32 -5.04 45.03
CA GLN F 95 18.49 -4.85 46.22
C GLN F 95 19.19 -3.92 47.21
N THR F 96 20.50 -4.08 47.36
CA THR F 96 21.34 -3.23 48.18
C THR F 96 22.40 -2.73 47.21
N PHE F 97 22.45 -1.41 47.01
CA PHE F 97 23.36 -0.85 46.02
C PHE F 97 24.81 -0.71 46.46
N TYR F 98 25.10 0.00 47.55
CA TYR F 98 26.48 0.18 47.97
C TYR F 98 26.69 -0.15 49.43
N ILE F 99 27.85 -0.74 49.69
CA ILE F 99 28.29 -1.06 51.04
C ILE F 99 29.59 -0.34 51.31
N PHE F 100 29.65 0.39 52.42
CA PHE F 100 30.87 1.02 52.85
C PHE F 100 31.44 0.21 54.00
N GLY F 101 32.77 0.21 54.12
CA GLY F 101 33.44 -0.40 55.24
C GLY F 101 33.65 0.58 56.37
N GLY F 102 34.23 0.07 57.44
CA GLY F 102 34.58 0.93 58.55
C GLY F 102 35.75 1.79 58.12
N GLY F 103 35.91 2.95 58.74
CA GLY F 103 37.03 3.78 58.34
C GLY F 103 38.34 3.27 58.91
N THR F 104 39.40 3.48 58.14
CA THR F 104 40.77 3.15 58.52
C THR F 104 41.52 4.45 58.72
N ARG F 105 42.11 4.64 59.90
CA ARG F 105 42.86 5.87 60.14
C ARG F 105 44.30 5.64 59.72
N LEU F 106 44.77 6.39 58.73
CA LEU F 106 46.14 6.30 58.27
C LEU F 106 46.88 7.46 58.93
N THR F 107 47.86 7.13 59.76
CA THR F 107 48.67 8.11 60.47
C THR F 107 50.12 7.96 60.00
N VAL F 108 50.84 9.07 59.97
CA VAL F 108 52.22 9.10 59.51
C VAL F 108 53.12 9.27 60.74
N LEU F 109 54.02 8.31 60.94
CA LEU F 109 54.85 8.31 62.15
C LEU F 109 56.06 9.22 61.96
N GLN G 1 5.20 69.86 -42.75
CA GLN G 1 5.26 68.75 -43.74
C GLN G 1 6.60 68.82 -44.46
N VAL G 2 6.84 67.89 -45.38
CA VAL G 2 8.10 67.78 -46.10
C VAL G 2 7.87 68.06 -47.57
N GLN G 3 8.74 68.89 -48.15
CA GLN G 3 8.72 69.22 -49.57
C GLN G 3 9.85 68.47 -50.28
N LEU G 4 9.61 68.15 -51.55
CA LEU G 4 10.55 67.47 -52.42
C LEU G 4 10.90 68.37 -53.59
N GLN G 5 12.20 68.53 -53.85
CA GLN G 5 12.69 69.40 -54.93
C GLN G 5 13.70 68.63 -55.77
N GLU G 6 13.48 68.57 -57.09
CA GLU G 6 14.36 67.83 -57.98
C GLU G 6 15.32 68.74 -58.72
N SER G 7 16.46 68.17 -59.11
CA SER G 7 17.38 68.86 -59.97
C SER G 7 18.20 67.87 -60.79
N GLY G 8 18.44 68.24 -62.04
CA GLY G 8 19.26 67.47 -62.94
C GLY G 8 19.11 68.02 -64.35
N PRO G 9 19.85 67.43 -65.30
CA PRO G 9 19.77 67.92 -66.69
C PRO G 9 18.36 67.79 -67.26
N GLY G 10 17.90 68.84 -67.93
CA GLY G 10 16.62 68.78 -68.60
C GLY G 10 16.75 68.42 -70.07
N LEU G 11 17.98 68.22 -70.55
CA LEU G 11 18.29 67.86 -71.93
C LEU G 11 19.41 66.84 -71.87
N VAL G 12 19.20 65.64 -72.39
CA VAL G 12 20.22 64.60 -72.38
C VAL G 12 20.38 64.05 -73.78
N LYS G 13 21.62 63.98 -74.24
CA LYS G 13 21.93 63.41 -75.54
C LYS G 13 21.50 61.94 -75.59
N PRO G 14 20.94 61.46 -76.72
CA PRO G 14 20.56 60.04 -76.81
C PRO G 14 21.70 59.07 -76.50
N SER G 15 21.33 58.00 -75.78
CA SER G 15 22.11 56.86 -75.26
C SER G 15 22.99 57.11 -74.02
N GLU G 16 23.07 58.32 -73.45
CA GLU G 16 23.84 58.56 -72.22
C GLU G 16 22.90 58.38 -71.03
N THR G 17 23.40 58.62 -69.83
CA THR G 17 22.66 58.38 -68.60
C THR G 17 22.15 59.69 -68.01
N LEU G 18 20.86 59.69 -67.67
CA LEU G 18 20.23 60.81 -66.97
C LEU G 18 20.42 60.55 -65.49
N SER G 19 20.77 61.60 -64.75
CA SER G 19 20.92 61.53 -63.30
C SER G 19 20.12 62.64 -62.63
N LEU G 20 19.08 62.25 -61.90
CA LEU G 20 18.21 63.18 -61.17
C LEU G 20 18.38 62.99 -59.68
N THR G 21 18.54 64.11 -58.96
CA THR G 21 18.66 64.08 -57.50
C THR G 21 17.49 64.87 -56.92
N CYS G 22 16.74 64.23 -56.03
CA CYS G 22 15.61 64.84 -55.35
C CYS G 22 15.99 65.11 -53.90
N ALA G 23 15.94 66.38 -53.50
CA ALA G 23 16.24 66.75 -52.12
C ALA G 23 14.96 66.68 -51.31
N VAL G 24 15.10 66.19 -50.08
CA VAL G 24 14.03 66.09 -49.10
C VAL G 24 14.25 67.20 -48.07
N SER G 25 13.30 68.12 -47.95
CA SER G 25 13.44 69.29 -47.09
C SER G 25 12.25 69.36 -46.14
N GLY G 26 12.52 69.29 -44.84
CA GLY G 26 11.49 69.31 -43.82
C GLY G 26 11.13 67.95 -43.25
N GLY G 27 11.61 66.88 -43.87
CA GLY G 27 11.38 65.52 -43.43
C GLY G 27 12.69 64.80 -43.37
N SER G 28 12.67 63.47 -43.26
CA SER G 28 13.89 62.69 -43.15
C SER G 28 13.74 61.47 -44.04
N ILE G 29 14.70 61.30 -44.95
CA ILE G 29 14.66 60.17 -45.89
C ILE G 29 14.80 58.87 -45.12
N SER G 30 15.56 58.87 -44.03
CA SER G 30 15.77 57.71 -43.17
C SER G 30 14.61 57.59 -42.17
N SER G 31 13.44 57.26 -42.71
CA SER G 31 12.22 57.15 -41.92
C SER G 31 11.37 56.03 -42.49
N GLY G 32 10.27 55.70 -41.80
CA GLY G 32 9.43 54.60 -42.23
C GLY G 32 8.51 54.92 -43.40
N HIS G 33 9.10 55.37 -44.50
CA HIS G 33 8.42 55.71 -45.74
C HIS G 33 9.27 55.16 -46.86
N TRP G 34 8.66 54.90 -48.02
CA TRP G 34 9.42 54.49 -49.20
C TRP G 34 9.45 55.66 -50.17
N TRP G 35 10.57 55.85 -50.83
CA TRP G 35 10.74 56.95 -51.79
C TRP G 35 10.62 56.35 -53.19
N SER G 36 10.01 57.07 -54.13
CA SER G 36 9.83 56.52 -55.46
C SER G 36 9.89 57.58 -56.55
N TRP G 37 10.07 57.10 -57.79
CA TRP G 37 10.09 57.94 -58.99
C TRP G 37 8.90 57.57 -59.87
N VAL G 38 8.27 58.60 -60.45
CA VAL G 38 7.13 58.45 -61.36
C VAL G 38 7.37 59.37 -62.55
N ARG G 39 6.98 58.94 -63.76
CA ARG G 39 7.10 59.82 -64.93
C ARG G 39 5.76 60.00 -65.64
N GLN G 40 5.64 61.12 -66.34
CA GLN G 40 4.46 61.46 -67.13
C GLN G 40 4.88 61.97 -68.50
N SER G 41 4.17 61.60 -69.56
CA SER G 41 4.56 62.03 -70.89
C SER G 41 3.33 62.02 -71.81
N PRO G 42 3.21 62.96 -72.76
CA PRO G 42 2.05 62.94 -73.66
C PRO G 42 1.87 61.57 -74.32
N GLY G 43 0.65 61.05 -74.24
CA GLY G 43 0.35 59.75 -74.81
C GLY G 43 0.53 58.62 -73.83
N LYS G 44 1.16 58.89 -72.69
CA LYS G 44 1.45 57.90 -71.65
C LYS G 44 1.00 58.43 -70.30
N GLY G 45 0.26 57.63 -69.55
CA GLY G 45 -0.16 58.05 -68.23
C GLY G 45 1.01 57.88 -67.30
N LEU G 46 0.79 58.12 -66.00
CA LEU G 46 1.91 58.01 -65.07
C LEU G 46 2.45 56.58 -65.11
N GLU G 47 3.78 56.46 -65.19
CA GLU G 47 4.45 55.17 -65.23
C GLU G 47 5.47 55.11 -64.10
N TRP G 48 5.39 54.06 -63.29
CA TRP G 48 6.31 53.89 -62.17
C TRP G 48 7.65 53.32 -62.63
N ILE G 49 8.72 53.91 -62.12
CA ILE G 49 10.10 53.50 -62.42
C ILE G 49 10.68 52.63 -61.31
N GLY G 50 10.53 53.04 -60.06
CA GLY G 50 11.12 52.29 -58.96
C GLY G 50 10.93 52.98 -57.65
N THR G 51 11.26 52.23 -56.58
CA THR G 51 11.13 52.70 -55.21
C THR G 51 12.25 52.12 -54.34
N ILE G 52 12.63 52.89 -53.30
CA ILE G 52 13.72 52.59 -52.36
C ILE G 52 13.30 52.76 -50.90
N TYR G 53 13.83 51.89 -50.05
CA TYR G 53 13.67 51.98 -48.61
C TYR G 53 15.03 52.45 -48.10
N HIS G 54 15.07 53.25 -47.03
CA HIS G 54 16.38 53.74 -46.60
C HIS G 54 17.38 52.64 -46.21
N SER G 55 16.96 51.37 -46.10
CA SER G 55 17.92 50.29 -45.84
C SER G 55 18.77 49.98 -47.06
N GLY G 56 18.36 50.43 -48.24
CA GLY G 56 19.01 50.20 -49.51
C GLY G 56 18.31 49.19 -50.39
N SER G 57 17.34 48.43 -49.87
CA SER G 57 16.58 47.50 -50.69
C SER G 57 15.68 48.29 -51.63
N ALA G 58 15.53 47.84 -52.88
CA ALA G 58 14.68 48.57 -53.81
C ALA G 58 14.00 47.66 -54.82
N ASN G 59 12.82 48.10 -55.23
CA ASN G 59 11.99 47.45 -56.23
C ASN G 59 11.96 48.31 -57.48
N TYR G 60 11.90 47.66 -58.65
CA TYR G 60 11.91 48.32 -59.93
C TYR G 60 10.82 47.76 -60.84
N ASN G 61 10.43 48.58 -61.81
CA ASN G 61 9.50 48.20 -62.87
C ASN G 61 10.13 47.15 -63.80
N PRO G 62 9.52 45.96 -63.98
CA PRO G 62 10.15 44.90 -64.82
C PRO G 62 10.67 45.29 -66.21
N SER G 63 10.07 46.24 -66.93
CA SER G 63 10.57 46.56 -68.26
C SER G 63 11.83 47.45 -68.25
N LEU G 64 12.14 48.09 -67.12
CA LEU G 64 13.27 49.00 -66.95
C LEU G 64 14.39 48.41 -66.11
N LYS G 65 14.28 47.15 -65.69
CA LYS G 65 15.19 46.56 -64.71
C LYS G 65 16.64 46.65 -65.17
N SER G 66 16.88 46.52 -66.48
CA SER G 66 18.23 46.57 -67.02
C SER G 66 18.80 47.98 -67.15
N ARG G 67 17.98 49.04 -67.01
CA ARG G 67 18.46 50.41 -67.24
C ARG G 67 18.31 51.43 -66.11
N VAL G 68 17.56 51.16 -65.05
CA VAL G 68 17.35 52.16 -64.00
C VAL G 68 17.88 51.66 -62.67
N THR G 69 18.67 52.49 -62.02
CA THR G 69 19.22 52.23 -60.70
C THR G 69 18.86 53.44 -59.86
N ILE G 70 18.47 53.20 -58.61
CA ILE G 70 18.19 54.28 -57.67
C ILE G 70 19.00 54.08 -56.41
N SER G 71 19.19 55.17 -55.67
CA SER G 71 19.96 55.10 -54.44
C SER G 71 19.52 56.18 -53.47
N VAL G 72 19.91 55.98 -52.21
CA VAL G 72 19.62 56.86 -51.08
C VAL G 72 20.93 57.36 -50.52
N ASP G 73 21.02 58.68 -50.29
CA ASP G 73 22.19 59.28 -49.65
C ASP G 73 21.69 59.83 -48.31
N LYS G 74 22.03 59.10 -47.24
CA LYS G 74 21.57 59.42 -45.89
C LYS G 74 22.23 60.66 -45.32
N SER G 75 23.41 61.05 -45.80
CA SER G 75 24.10 62.20 -45.25
C SER G 75 23.63 63.48 -45.91
N LYS G 76 23.18 63.38 -47.15
CA LYS G 76 22.68 64.50 -47.92
C LYS G 76 21.17 64.60 -47.85
N ASN G 77 20.50 63.52 -47.42
CA ASN G 77 19.04 63.47 -47.40
C ASN G 77 18.55 63.60 -48.84
N GLN G 78 19.19 62.85 -49.75
CA GLN G 78 18.84 62.92 -51.17
C GLN G 78 18.52 61.55 -51.76
N PHE G 79 17.58 61.58 -52.71
CA PHE G 79 17.16 60.36 -53.43
C PHE G 79 17.58 60.51 -54.89
N SER G 80 18.36 59.59 -55.41
CA SER G 80 18.88 59.65 -56.78
C SER G 80 18.37 58.55 -57.69
N LEU G 81 18.15 58.90 -58.98
CA LEU G 81 17.82 57.97 -60.07
C LEU G 81 18.80 58.13 -61.23
N LYS G 82 19.44 57.03 -61.64
CA LYS G 82 20.35 56.99 -62.79
C LYS G 82 19.72 56.07 -63.84
N LEU G 83 19.32 56.65 -64.98
CA LEU G 83 18.71 55.92 -66.11
C LEU G 83 19.66 55.92 -67.30
N THR G 84 20.18 54.75 -67.67
CA THR G 84 21.14 54.69 -68.77
C THR G 84 20.43 54.43 -70.10
N SER G 85 21.18 54.64 -71.19
CA SER G 85 20.72 54.42 -72.57
C SER G 85 19.37 55.06 -72.87
N VAL G 86 19.25 56.35 -72.54
CA VAL G 86 17.99 57.05 -72.73
C VAL G 86 17.72 57.24 -74.22
N THR G 87 16.45 57.11 -74.61
CA THR G 87 15.97 57.23 -75.99
C THR G 87 14.93 58.33 -76.07
N ALA G 88 14.54 58.67 -77.30
CA ALA G 88 13.51 59.68 -77.53
C ALA G 88 12.20 59.31 -76.84
N ALA G 89 11.91 58.01 -76.74
CA ALA G 89 10.69 57.52 -76.09
C ALA G 89 10.67 57.81 -74.60
N ASP G 90 11.81 58.18 -74.01
CA ASP G 90 11.93 58.44 -72.57
C ASP G 90 11.69 59.89 -72.19
N THR G 91 11.30 60.76 -73.13
CA THR G 91 10.98 62.14 -72.78
C THR G 91 9.78 62.16 -71.85
N ALA G 92 9.94 62.82 -70.69
CA ALA G 92 8.87 62.83 -69.70
C ALA G 92 9.17 63.84 -68.61
N VAL G 93 8.14 64.15 -67.82
CA VAL G 93 8.28 64.91 -66.58
C VAL G 93 8.48 63.87 -65.48
N TYR G 94 9.58 63.99 -64.74
CA TYR G 94 9.94 63.06 -63.68
C TYR G 94 9.68 63.63 -62.28
N PHE G 95 8.85 62.94 -61.51
CA PHE G 95 8.45 63.35 -60.17
C PHE G 95 9.08 62.41 -59.13
N CYS G 96 9.47 62.99 -57.98
CA CYS G 96 9.91 62.26 -56.80
C CYS G 96 8.73 62.28 -55.85
N ALA G 97 8.40 61.15 -55.23
CA ALA G 97 7.29 61.17 -54.30
C ALA G 97 7.50 60.18 -53.17
N ARG G 98 6.82 60.47 -52.07
CA ARG G 98 6.86 59.66 -50.85
C ARG G 98 5.66 58.74 -50.79
N ASN G 99 5.94 57.45 -50.67
CA ASN G 99 4.92 56.40 -50.63
C ASN G 99 4.71 55.98 -49.18
N ALA G 100 3.50 56.27 -48.68
CA ALA G 100 3.06 55.98 -47.32
C ALA G 100 2.90 54.47 -47.19
N ILE G 101 3.18 53.93 -46.00
CA ILE G 101 3.13 52.49 -45.80
C ILE G 101 2.22 52.15 -44.63
N LEU G 102 1.42 51.09 -44.79
CA LEU G 102 0.55 50.58 -43.73
C LEU G 102 1.32 49.98 -42.54
N ILE G 103 2.44 49.29 -42.80
CA ILE G 103 3.27 48.59 -41.81
C ILE G 103 2.45 47.86 -40.75
N PHE G 104 1.69 46.87 -41.20
CA PHE G 104 0.77 46.13 -40.32
C PHE G 104 1.52 44.98 -39.66
N GLY G 105 2.50 45.32 -38.84
CA GLY G 105 3.29 44.28 -38.24
C GLY G 105 4.75 44.68 -38.14
N VAL G 106 5.56 43.65 -37.96
CA VAL G 106 7.00 43.81 -37.78
C VAL G 106 7.64 44.04 -39.14
N ILE G 107 8.31 45.18 -39.30
CA ILE G 107 8.88 45.52 -40.61
C ILE G 107 9.99 44.55 -41.00
N ALA G 108 10.65 43.93 -40.02
CA ALA G 108 11.69 42.95 -40.30
C ALA G 108 11.18 41.73 -41.07
N PHE G 109 9.87 41.47 -41.02
CA PHE G 109 9.26 40.31 -41.68
C PHE G 109 8.49 40.73 -42.93
N GLY G 110 8.77 41.92 -43.45
CA GLY G 110 7.98 42.46 -44.54
C GLY G 110 6.79 43.10 -43.87
N GLU G 111 5.57 42.66 -44.20
CA GLU G 111 4.38 43.11 -43.50
C GLU G 111 4.07 44.58 -43.78
N TYR G 112 4.63 45.13 -44.86
CA TYR G 112 4.34 46.49 -45.31
C TYR G 112 3.72 46.39 -46.69
N TYR G 113 2.60 47.07 -46.89
CA TYR G 113 1.96 47.16 -48.19
C TYR G 113 1.90 48.63 -48.57
N PHE G 114 2.30 48.96 -49.79
CA PHE G 114 2.37 50.37 -50.17
C PHE G 114 0.97 50.95 -50.14
N CYS G 115 0.82 52.16 -49.56
CA CYS G 115 -0.50 52.78 -49.39
C CYS G 115 -0.51 54.29 -49.67
N GLY G 116 -0.37 54.66 -50.94
CA GLY G 116 -0.58 56.04 -51.34
C GLY G 116 0.64 56.92 -51.40
N MET G 117 0.82 57.64 -52.51
CA MET G 117 1.93 58.58 -52.66
C MET G 117 1.35 59.92 -52.25
N ASP G 118 1.65 60.36 -51.02
CA ASP G 118 0.99 61.53 -50.47
C ASP G 118 1.73 62.84 -50.69
N VAL G 119 3.04 62.80 -50.91
CA VAL G 119 3.84 64.00 -51.14
C VAL G 119 4.53 63.85 -52.48
N TRP G 120 4.31 64.82 -53.36
CA TRP G 120 4.88 64.87 -54.71
C TRP G 120 5.69 66.16 -54.87
N GLY G 121 6.75 66.09 -55.67
CA GLY G 121 7.52 67.27 -56.01
C GLY G 121 6.89 67.96 -57.22
N GLN G 122 7.63 68.91 -57.78
CA GLN G 122 7.08 69.70 -58.89
C GLN G 122 7.31 69.07 -60.25
N GLY G 123 8.35 68.24 -60.41
CA GLY G 123 8.61 67.62 -61.68
C GLY G 123 9.67 68.24 -62.55
N THR G 124 10.65 67.46 -62.99
CA THR G 124 11.71 67.95 -63.86
C THR G 124 11.38 67.45 -65.26
N THR G 125 11.25 68.38 -66.21
CA THR G 125 10.94 68.02 -67.59
C THR G 125 12.25 67.62 -68.27
N VAL G 126 12.29 66.41 -68.83
CA VAL G 126 13.48 65.93 -69.52
C VAL G 126 13.11 65.54 -70.93
N THR G 127 13.79 66.13 -71.90
CA THR G 127 13.65 65.85 -73.32
C THR G 127 14.95 65.22 -73.76
N VAL G 128 14.86 64.16 -74.55
CA VAL G 128 16.04 63.49 -75.10
C VAL G 128 16.23 64.03 -76.50
N SER G 129 17.37 64.68 -76.73
CA SER G 129 17.63 65.34 -78.00
C SER G 129 19.12 65.61 -78.13
N SER G 130 19.56 65.84 -79.36
CA SER G 130 20.93 66.21 -79.64
C SER G 130 21.06 66.75 -81.05
N ASP H 1 1.80 42.36 -65.05
CA ASP H 1 1.38 43.69 -64.55
C ASP H 1 -0.13 43.74 -64.35
N ILE H 2 -0.59 44.62 -63.47
CA ILE H 2 -2.01 44.84 -63.25
C ILE H 2 -2.39 46.03 -64.12
N VAL H 3 -3.32 45.82 -65.06
CA VAL H 3 -3.68 46.86 -66.02
C VAL H 3 -4.96 47.53 -65.53
N LEU H 4 -4.95 48.85 -65.48
CA LEU H 4 -6.07 49.64 -65.02
C LEU H 4 -6.77 50.33 -66.20
N THR H 5 -8.03 49.99 -66.44
CA THR H 5 -8.83 50.61 -67.49
C THR H 5 -9.65 51.72 -66.84
N GLN H 6 -9.52 52.94 -67.33
CA GLN H 6 -10.20 54.09 -66.72
C GLN H 6 -11.25 54.60 -67.71
N SER H 7 -12.43 54.96 -67.19
CA SER H 7 -13.52 55.40 -68.05
C SER H 7 -14.45 56.41 -67.38
N PRO H 8 -14.94 57.43 -68.12
CA PRO H 8 -14.70 57.82 -69.53
C PRO H 8 -13.35 58.49 -69.72
N ALA H 9 -12.89 58.68 -70.95
CA ALA H 9 -11.68 59.47 -71.14
C ALA H 9 -11.95 60.92 -70.75
N SER H 10 -13.18 61.39 -70.95
CA SER H 10 -13.53 62.77 -70.63
C SER H 10 -14.97 62.82 -70.16
N LEU H 11 -15.20 63.58 -69.09
CA LEU H 11 -16.51 63.75 -68.48
C LEU H 11 -16.64 65.23 -68.13
N ALA H 12 -17.78 65.83 -68.43
CA ALA H 12 -18.01 67.22 -68.03
C ALA H 12 -19.44 67.41 -67.55
N VAL H 13 -19.57 68.18 -66.48
CA VAL H 13 -20.85 68.51 -65.86
C VAL H 13 -20.84 70.01 -65.52
N SER H 14 -22.03 70.56 -65.33
CA SER H 14 -22.14 71.93 -64.86
C SER H 14 -21.85 71.99 -63.36
N LEU H 15 -21.63 73.21 -62.86
CA LEU H 15 -21.31 73.38 -61.45
C LEU H 15 -22.49 72.98 -60.60
N GLY H 16 -22.19 72.25 -59.51
CA GLY H 16 -23.17 71.79 -58.57
C GLY H 16 -23.63 70.36 -58.81
N GLN H 17 -23.27 69.78 -59.96
CA GLN H 17 -23.64 68.42 -60.33
C GLN H 17 -22.57 67.43 -59.91
N ARG H 18 -23.01 66.33 -59.29
CA ARG H 18 -22.12 65.24 -58.92
C ARG H 18 -21.59 64.52 -60.15
N ALA H 19 -20.34 64.05 -60.07
CA ALA H 19 -19.72 63.27 -61.14
C ALA H 19 -19.07 62.01 -60.60
N THR H 20 -19.21 60.91 -61.34
CA THR H 20 -18.59 59.62 -61.03
C THR H 20 -17.67 59.18 -62.16
N ILE H 21 -16.46 58.76 -61.80
CA ILE H 21 -15.44 58.30 -62.74
C ILE H 21 -15.10 56.87 -62.32
N PHE H 22 -15.00 55.97 -63.29
CA PHE H 22 -14.85 54.55 -63.02
C PHE H 22 -13.44 54.07 -63.31
N CYS H 23 -12.99 53.07 -62.53
CA CYS H 23 -11.69 52.42 -62.73
C CYS H 23 -11.87 50.91 -62.59
N ARG H 24 -11.48 50.17 -63.62
CA ARG H 24 -11.66 48.72 -63.73
C ARG H 24 -10.30 48.04 -63.86
N ALA H 25 -9.84 47.39 -62.78
CA ALA H 25 -8.55 46.75 -62.78
C ALA H 25 -8.63 45.45 -63.57
N SER H 26 -7.52 45.06 -64.19
CA SER H 26 -7.52 43.76 -64.87
C SER H 26 -7.59 42.60 -63.90
N ASP H 27 -7.30 42.81 -62.61
CA ASP H 27 -7.36 41.75 -61.63
C ASP H 27 -7.70 42.36 -60.27
N THR H 28 -7.83 41.50 -59.27
CA THR H 28 -8.20 41.93 -57.93
C THR H 28 -7.06 42.69 -57.26
N VAL H 29 -7.39 43.81 -56.62
CA VAL H 29 -6.42 44.60 -55.87
C VAL H 29 -6.69 44.53 -54.36
N ASP H 30 -7.64 43.70 -53.94
CA ASP H 30 -7.96 43.54 -52.53
C ASP H 30 -7.07 42.47 -51.94
N ILE H 31 -6.25 42.87 -50.96
CA ILE H 31 -5.36 41.94 -50.27
C ILE H 31 -5.87 41.85 -48.84
N SER H 32 -6.34 40.65 -48.48
CA SER H 32 -6.84 40.33 -47.15
C SER H 32 -7.87 41.35 -46.63
N GLY H 33 -8.77 41.78 -47.52
CA GLY H 33 -9.84 42.69 -47.17
C GLY H 33 -9.59 44.17 -47.40
N ASP H 34 -8.34 44.59 -47.56
CA ASP H 34 -8.01 46.00 -47.80
C ASP H 34 -7.93 46.27 -49.28
N SER H 35 -8.73 47.21 -49.77
CA SER H 35 -8.79 47.53 -51.19
C SER H 35 -7.70 48.55 -51.48
N PHE H 36 -6.63 48.13 -52.16
CA PHE H 36 -5.48 48.99 -52.43
C PHE H 36 -5.67 49.75 -53.74
N MET H 37 -6.66 50.64 -53.75
CA MET H 37 -7.00 51.48 -54.89
C MET H 37 -6.83 52.92 -54.42
N HIS H 38 -6.03 53.71 -55.16
CA HIS H 38 -5.71 55.06 -54.80
C HIS H 38 -6.24 55.99 -55.87
N TRP H 39 -6.61 57.22 -55.50
CA TRP H 39 -7.19 58.16 -56.45
C TRP H 39 -6.57 59.54 -56.30
N TYR H 40 -6.06 60.09 -57.42
CA TYR H 40 -5.32 61.36 -57.48
C TYR H 40 -5.97 62.39 -58.41
N GLN H 41 -5.82 63.68 -58.02
CA GLN H 41 -6.21 64.87 -58.81
C GLN H 41 -4.95 65.54 -59.33
N GLN H 42 -4.75 65.54 -60.65
CA GLN H 42 -3.58 66.19 -61.24
C GLN H 42 -4.08 67.41 -62.00
N LYS H 43 -3.85 68.60 -61.44
CA LYS H 43 -4.29 69.82 -62.07
C LYS H 43 -3.32 70.09 -63.22
N PRO H 44 -3.77 70.70 -64.33
CA PRO H 44 -2.81 70.97 -65.43
C PRO H 44 -1.63 71.78 -64.93
N GLY H 45 -0.43 71.31 -65.28
CA GLY H 45 0.79 71.99 -64.89
C GLY H 45 1.28 71.62 -63.50
N GLN H 46 0.50 70.84 -62.74
CA GLN H 46 0.80 70.45 -61.38
C GLN H 46 1.13 68.95 -61.25
N PRO H 47 1.82 68.55 -60.18
CA PRO H 47 1.93 67.11 -59.86
C PRO H 47 0.60 66.55 -59.40
N PRO H 48 0.40 65.23 -59.48
CA PRO H 48 -0.82 64.64 -58.93
C PRO H 48 -0.78 64.73 -57.41
N ASN H 49 -1.96 64.90 -56.82
CA ASN H 49 -2.13 64.98 -55.37
C ASN H 49 -3.08 63.89 -54.90
N LEU H 50 -2.61 63.02 -53.99
CA LEU H 50 -3.44 61.93 -53.51
C LEU H 50 -4.69 62.46 -52.83
N LEU H 51 -5.84 61.97 -53.25
CA LEU H 51 -7.13 62.34 -52.68
C LEU H 51 -7.70 61.23 -51.81
N ILE H 52 -7.76 60.02 -52.35
CA ILE H 52 -8.39 58.91 -51.65
C ILE H 52 -7.37 57.79 -51.56
N TYR H 53 -7.25 57.19 -50.37
CA TYR H 53 -6.37 56.07 -50.12
C TYR H 53 -7.22 54.87 -49.71
N ARG H 54 -6.70 53.68 -50.04
CA ARG H 54 -7.33 52.40 -49.77
C ARG H 54 -8.78 52.40 -50.25
N ALA H 55 -8.95 52.90 -51.47
CA ALA H 55 -10.20 52.98 -52.23
C ALA H 55 -11.25 53.98 -51.76
N SER H 56 -11.59 54.00 -50.45
CA SER H 56 -12.67 54.88 -49.98
C SER H 56 -12.30 55.89 -48.89
N ASN H 57 -11.07 55.89 -48.37
CA ASN H 57 -10.72 56.77 -47.26
C ASN H 57 -10.19 58.10 -47.76
N LEU H 58 -10.80 59.19 -47.28
CA LEU H 58 -10.43 60.54 -47.69
C LEU H 58 -9.15 61.00 -47.01
N GLN H 59 -8.21 61.54 -47.80
CA GLN H 59 -6.96 62.05 -47.27
C GLN H 59 -7.17 63.36 -46.51
N SER H 60 -6.39 63.54 -45.46
CA SER H 60 -6.47 64.74 -44.64
C SER H 60 -6.14 65.97 -45.48
N GLY H 61 -6.93 67.03 -45.31
CA GLY H 61 -6.72 68.27 -46.04
C GLY H 61 -7.48 68.35 -47.34
N ILE H 62 -8.14 67.27 -47.75
CA ILE H 62 -8.89 67.22 -49.01
C ILE H 62 -10.35 67.52 -48.67
N PRO H 63 -11.04 68.41 -49.41
CA PRO H 63 -12.43 68.71 -49.09
C PRO H 63 -13.34 67.48 -49.01
N ALA H 64 -14.33 67.58 -48.13
CA ALA H 64 -15.30 66.51 -47.85
C ALA H 64 -16.11 66.09 -49.07
N ARG H 65 -16.13 66.89 -50.13
CA ARG H 65 -16.87 66.51 -51.33
C ARG H 65 -16.29 65.29 -52.04
N PHE H 66 -15.06 64.87 -51.72
CA PHE H 66 -14.45 63.70 -52.33
C PHE H 66 -14.68 62.45 -51.49
N SER H 67 -14.94 61.35 -52.19
CA SER H 67 -15.13 60.04 -51.57
C SER H 67 -14.86 58.99 -52.64
N GLY H 68 -14.72 57.73 -52.19
CA GLY H 68 -14.56 56.61 -53.09
C GLY H 68 -15.36 55.41 -52.66
N SER H 69 -15.25 54.35 -53.45
CA SER H 69 -16.00 53.11 -53.23
C SER H 69 -15.39 52.04 -54.13
N GLY H 70 -15.81 50.81 -53.91
CA GLY H 70 -15.44 49.70 -54.77
C GLY H 70 -14.80 48.55 -54.01
N SER H 71 -14.65 47.45 -54.74
CA SER H 71 -14.06 46.22 -54.20
C SER H 71 -13.51 45.41 -55.36
N ARG H 72 -12.65 44.44 -55.04
CA ARG H 72 -12.06 43.55 -56.05
C ARG H 72 -11.39 44.36 -57.16
N ALA H 73 -11.96 44.39 -58.37
CA ALA H 73 -11.36 45.14 -59.48
C ALA H 73 -12.22 46.29 -59.97
N ASP H 74 -13.43 46.45 -59.43
CA ASP H 74 -14.40 47.43 -59.94
C ASP H 74 -14.54 48.56 -58.91
N PHE H 75 -14.00 49.74 -59.24
CA PHE H 75 -14.02 50.87 -58.33
C PHE H 75 -14.71 52.07 -58.98
N THR H 76 -15.45 52.80 -58.15
CA THR H 76 -16.13 54.02 -58.56
C THR H 76 -15.75 55.17 -57.64
N LEU H 77 -15.20 56.23 -58.20
CA LEU H 77 -14.76 57.39 -57.45
C LEU H 77 -15.68 58.53 -57.83
N THR H 78 -15.93 59.46 -56.91
CA THR H 78 -16.91 60.50 -57.20
C THR H 78 -16.58 61.82 -56.51
N ILE H 79 -17.11 62.89 -57.11
CA ILE H 79 -17.05 64.25 -56.61
C ILE H 79 -18.47 64.74 -56.45
N ASP H 80 -18.81 65.20 -55.24
CA ASP H 80 -20.17 65.64 -54.97
C ASP H 80 -20.23 66.86 -54.04
N PRO H 81 -20.53 68.08 -54.53
CA PRO H 81 -20.71 68.56 -55.92
C PRO H 81 -19.36 68.83 -56.58
N VAL H 82 -19.23 68.89 -57.90
CA VAL H 82 -18.01 69.41 -58.52
C VAL H 82 -18.03 70.93 -58.46
N GLU H 83 -16.89 71.51 -58.03
CA GLU H 83 -16.73 72.95 -57.94
C GLU H 83 -15.82 73.42 -59.07
N ALA H 84 -15.69 74.75 -59.17
CA ALA H 84 -14.87 75.32 -60.24
C ALA H 84 -13.41 74.93 -60.12
N ASP H 85 -12.92 74.69 -58.91
CA ASP H 85 -11.52 74.39 -58.67
C ASP H 85 -11.22 72.90 -58.89
N ASP H 86 -12.22 72.11 -59.32
CA ASP H 86 -12.03 70.68 -59.54
C ASP H 86 -11.71 70.30 -60.99
N VAL H 87 -11.47 71.28 -61.88
CA VAL H 87 -11.10 70.92 -63.25
C VAL H 87 -9.69 70.33 -63.20
N ALA H 88 -9.57 69.08 -63.64
CA ALA H 88 -8.28 68.38 -63.48
C ALA H 88 -8.33 67.06 -64.24
N THR H 89 -7.16 66.42 -64.39
CA THR H 89 -7.15 65.06 -64.92
C THR H 89 -7.03 64.16 -63.68
N TYR H 90 -7.93 63.21 -63.53
CA TYR H 90 -7.95 62.33 -62.36
C TYR H 90 -7.46 60.94 -62.75
N TYR H 91 -6.63 60.32 -61.89
CA TYR H 91 -6.08 58.99 -62.16
C TYR H 91 -6.30 58.03 -60.98
N CYS H 92 -6.45 56.74 -61.31
CA CYS H 92 -6.48 55.66 -60.33
C CYS H 92 -5.10 55.01 -60.35
N GLN H 93 -4.71 54.45 -59.19
CA GLN H 93 -3.44 53.75 -59.01
C GLN H 93 -3.63 52.51 -58.15
N GLN H 94 -2.93 51.43 -58.50
CA GLN H 94 -2.93 50.20 -57.73
C GLN H 94 -1.59 49.93 -57.06
N SER H 95 -1.65 49.42 -55.83
CA SER H 95 -0.45 49.00 -55.10
C SER H 95 -0.56 47.53 -54.69
N SER H 96 -1.45 46.77 -55.32
CA SER H 96 -1.62 45.36 -54.97
C SER H 96 -0.42 44.53 -55.39
N GLU H 97 0.10 44.73 -56.61
CA GLU H 97 1.20 43.94 -57.14
C GLU H 97 2.17 44.80 -57.91
N ASP H 98 3.46 44.63 -57.63
CA ASP H 98 4.48 45.34 -58.39
C ASP H 98 4.48 44.84 -59.83
N PRO H 99 4.74 45.72 -60.82
CA PRO H 99 5.02 47.15 -60.76
C PRO H 99 3.79 47.95 -60.42
N LEU H 100 3.93 49.15 -59.87
CA LEU H 100 2.76 49.98 -59.63
C LEU H 100 2.27 50.47 -60.98
N THR H 101 0.94 50.51 -61.16
CA THR H 101 0.38 50.97 -62.42
C THR H 101 -0.63 52.07 -62.12
N PHE H 102 -0.87 52.87 -63.14
CA PHE H 102 -1.76 54.01 -63.10
C PHE H 102 -2.80 53.89 -64.20
N GLY H 103 -3.93 54.58 -64.02
CA GLY H 103 -4.96 54.59 -65.04
C GLY H 103 -4.64 55.55 -66.17
N ALA H 104 -5.54 55.57 -67.17
CA ALA H 104 -5.30 56.39 -68.34
C ALA H 104 -5.38 57.89 -68.01
N GLY H 105 -6.28 58.26 -67.11
CA GLY H 105 -6.53 59.64 -66.76
C GLY H 105 -7.80 60.18 -67.40
N THR H 106 -8.73 60.69 -66.58
CA THR H 106 -9.98 61.25 -67.06
C THR H 106 -10.00 62.76 -66.85
N LYS H 107 -10.27 63.52 -67.91
CA LYS H 107 -10.30 64.98 -67.87
C LYS H 107 -11.66 65.48 -67.45
N LEU H 108 -11.72 66.11 -66.27
CA LEU H 108 -12.95 66.67 -65.72
C LEU H 108 -12.87 68.17 -66.02
N GLU H 109 -13.89 68.64 -66.73
CA GLU H 109 -14.02 70.00 -67.23
C GLU H 109 -15.41 70.51 -66.89
N LEU H 110 -15.57 71.83 -66.90
CA LEU H 110 -16.86 72.43 -66.61
C LEU H 110 -17.73 72.45 -67.85
N LYS H 111 -19.05 72.34 -67.62
CA LYS H 111 -20.04 72.36 -68.68
C LYS H 111 -21.30 73.11 -68.24
N ASN I 3 31.45 -7.26 28.03
CA ASN I 3 31.03 -6.07 28.75
C ASN I 3 29.75 -5.50 28.15
N LEU I 4 29.73 -5.33 26.83
CA LEU I 4 28.63 -4.71 26.11
C LEU I 4 27.79 -5.78 25.41
N TRP I 5 26.50 -5.49 25.27
CA TRP I 5 25.52 -6.39 24.68
C TRP I 5 24.85 -5.71 23.49
N VAL I 6 24.38 -6.52 22.55
CA VAL I 6 23.70 -5.99 21.38
C VAL I 6 22.31 -5.53 21.76
N THR I 7 21.99 -4.27 21.47
CA THR I 7 20.67 -3.71 21.69
C THR I 7 20.06 -3.38 20.33
N VAL I 8 18.83 -3.83 20.12
CA VAL I 8 18.10 -3.64 18.88
C VAL I 8 17.25 -2.38 19.00
N TYR I 9 17.36 -1.50 18.02
CA TYR I 9 16.59 -0.27 17.95
C TYR I 9 15.74 -0.31 16.69
N TYR I 10 14.49 0.15 16.81
CA TYR I 10 13.57 0.27 15.69
C TYR I 10 13.10 1.72 15.65
N GLY I 11 13.16 2.32 14.47
CA GLY I 11 12.84 3.72 14.30
C GLY I 11 14.10 4.54 14.14
N VAL I 12 15.21 3.91 13.78
CA VAL I 12 16.51 4.58 13.62
C VAL I 12 16.48 5.52 12.42
N PRO I 13 16.87 6.82 12.58
CA PRO I 13 16.80 7.79 11.47
C PRO I 13 17.92 7.65 10.45
N VAL I 14 17.96 6.53 9.74
CA VAL I 14 18.94 6.29 8.69
C VAL I 14 18.23 5.87 7.41
N TRP I 15 18.96 5.99 6.30
CA TRP I 15 18.41 5.65 5.01
C TRP I 15 19.51 5.23 4.05
N LYS I 16 19.09 4.59 2.96
CA LYS I 16 19.98 4.19 1.88
C LYS I 16 19.39 4.64 0.54
N ASP I 17 20.27 4.87 -0.43
CA ASP I 17 19.81 5.25 -1.75
C ASP I 17 18.92 4.13 -2.30
N ALA I 18 17.79 4.51 -2.90
CA ALA I 18 16.87 3.51 -3.41
C ALA I 18 16.08 4.09 -4.57
N GLU I 19 15.55 3.19 -5.40
CA GLU I 19 14.67 3.53 -6.51
C GLU I 19 13.30 2.91 -6.22
N THR I 20 12.28 3.76 -6.05
CA THR I 20 10.93 3.28 -5.78
C THR I 20 9.93 4.05 -6.63
N THR I 21 8.66 3.63 -6.53
CA THR I 21 7.57 4.27 -7.25
C THR I 21 7.00 5.46 -6.47
N LEU I 22 6.90 6.60 -7.14
CA LEU I 22 6.31 7.81 -6.58
C LEU I 22 4.92 8.02 -7.16
N PHE I 23 4.04 8.64 -6.36
CA PHE I 23 2.66 8.95 -6.76
C PHE I 23 2.49 10.45 -6.89
N CYS I 24 1.69 10.87 -7.88
CA CYS I 24 1.50 12.29 -8.14
C CYS I 24 0.55 12.89 -7.11
N ALA I 25 0.75 14.18 -6.85
CA ALA I 25 -0.17 14.93 -6.02
C ALA I 25 -0.41 16.23 -6.77
N SER I 26 -1.62 16.77 -6.66
CA SER I 26 -1.93 18.05 -7.30
C SER I 26 -3.15 18.67 -6.64
N ASP I 27 -3.10 19.98 -6.42
CA ASP I 27 -4.23 20.68 -5.81
C ASP I 27 -5.44 20.61 -6.74
N HIS I 36 -10.80 20.63 -18.77
CA HIS I 36 -10.02 19.42 -18.58
C HIS I 36 -8.56 19.82 -18.86
N ASN I 37 -7.62 18.90 -18.64
CA ASN I 37 -6.19 19.15 -18.83
C ASN I 37 -5.56 17.86 -19.33
N VAL I 38 -4.47 18.00 -20.09
CA VAL I 38 -3.78 16.80 -20.59
C VAL I 38 -3.34 15.94 -19.42
N TRP I 39 -2.84 16.55 -18.37
CA TRP I 39 -2.34 15.81 -17.23
C TRP I 39 -3.53 15.56 -16.31
N ALA I 40 -3.73 14.29 -15.97
CA ALA I 40 -4.90 13.84 -15.24
C ALA I 40 -4.80 14.09 -13.74
N THR I 41 -5.12 15.32 -13.34
CA THR I 41 -5.12 15.61 -11.91
C THR I 41 -6.28 14.88 -11.23
N HIS I 42 -7.26 14.42 -12.02
CA HIS I 42 -8.35 13.58 -11.52
C HIS I 42 -7.82 12.24 -11.01
N ALA I 43 -6.88 11.63 -11.74
CA ALA I 43 -6.34 10.34 -11.32
C ALA I 43 -5.34 10.52 -10.19
N CYS I 44 -4.69 11.68 -10.21
CA CYS I 44 -3.69 12.01 -9.18
C CYS I 44 -4.39 12.27 -7.85
N VAL I 45 -3.60 12.35 -6.78
CA VAL I 45 -4.14 12.61 -5.44
C VAL I 45 -4.09 14.07 -4.99
N PRO I 46 -5.10 14.60 -4.28
CA PRO I 46 -4.98 15.97 -3.75
C PRO I 46 -3.75 16.16 -2.88
N THR I 47 -3.16 17.35 -2.96
CA THR I 47 -1.94 17.65 -2.21
C THR I 47 -2.25 18.06 -0.77
N ASP I 48 -1.20 18.05 0.05
CA ASP I 48 -1.29 18.53 1.42
C ASP I 48 -1.32 20.06 1.42
N PRO I 49 -2.38 20.71 1.93
CA PRO I 49 -2.40 22.18 1.91
C PRO I 49 -1.35 22.84 2.78
N ASN I 50 -0.74 22.13 3.73
CA ASN I 50 0.27 22.69 4.63
C ASN I 50 1.45 21.72 4.74
N PRO I 51 2.19 21.52 3.65
CA PRO I 51 3.21 20.47 3.64
C PRO I 51 4.36 20.84 4.57
N GLN I 52 5.00 19.80 5.11
CA GLN I 52 6.13 19.99 6.01
C GLN I 52 7.45 19.79 5.29
N GLU I 53 8.48 20.46 5.81
CA GLU I 53 9.86 20.32 5.40
C GLU I 53 10.68 20.34 6.67
N ILE I 54 11.53 19.33 6.86
CA ILE I 54 12.32 19.20 8.09
C ILE I 54 13.80 19.35 7.76
N HIS I 55 14.41 20.43 8.27
CA HIS I 55 15.82 20.68 8.05
C HIS I 55 16.66 19.71 8.87
N LEU I 56 17.68 19.12 8.25
CA LEU I 56 18.58 18.19 8.94
C LEU I 56 19.85 18.99 9.26
N GLU I 57 19.97 19.40 10.52
CA GLU I 57 20.98 20.38 10.90
C GLU I 57 22.42 19.92 10.62
N ASN I 58 22.73 18.64 10.83
CA ASN I 58 24.08 18.13 10.63
C ASN I 58 24.15 16.99 9.62
N VAL I 59 23.29 16.97 8.61
CA VAL I 59 23.31 15.92 7.59
C VAL I 59 23.86 16.47 6.30
N THR I 60 24.92 15.84 5.81
CA THR I 60 25.52 16.13 4.52
C THR I 60 25.29 14.86 3.71
N GLU I 61 24.78 15.00 2.48
CA GLU I 61 24.48 13.83 1.67
C GLU I 61 24.95 14.08 0.25
N GLU I 62 25.24 13.01 -0.47
CA GLU I 62 25.69 13.11 -1.85
C GLU I 62 24.52 12.96 -2.80
N PHE I 63 24.38 13.93 -3.70
CA PHE I 63 23.33 13.97 -4.70
C PHE I 63 23.94 13.73 -6.07
N ASN I 64 23.13 13.23 -6.99
CA ASN I 64 23.59 13.05 -8.36
C ASN I 64 22.37 13.21 -9.27
N MET I 65 22.23 14.40 -9.87
CA MET I 65 21.05 14.69 -10.67
C MET I 65 21.04 13.88 -11.97
N TRP I 66 22.18 13.32 -12.37
CA TRP I 66 22.29 12.62 -13.63
C TRP I 66 21.93 11.15 -13.52
N LYS I 67 21.75 10.64 -12.30
CA LYS I 67 21.45 9.24 -12.02
C LYS I 67 20.18 9.16 -11.18
N ASN I 68 19.37 10.23 -11.20
CA ASN I 68 18.17 10.39 -10.40
C ASN I 68 17.00 9.69 -11.09
N ASN I 69 16.49 8.62 -10.49
CA ASN I 69 15.44 7.85 -11.16
C ASN I 69 14.08 8.56 -11.07
N MET I 70 14.01 9.71 -10.39
CA MET I 70 12.77 10.46 -10.35
C MET I 70 12.51 11.07 -11.70
N VAL I 71 13.59 11.31 -12.48
CA VAL I 71 13.45 11.92 -13.79
C VAL I 71 12.89 10.89 -14.74
N GLU I 72 13.39 9.65 -14.65
CA GLU I 72 12.91 8.59 -15.51
C GLU I 72 11.44 8.29 -15.23
N GLN I 73 11.05 8.30 -13.95
CA GLN I 73 9.65 8.06 -13.64
C GLN I 73 8.79 9.22 -14.11
N MET I 74 9.28 10.45 -13.94
CA MET I 74 8.49 11.59 -14.40
C MET I 74 8.30 11.47 -15.91
N HIS I 75 9.33 11.02 -16.62
CA HIS I 75 9.23 10.89 -18.07
C HIS I 75 8.13 9.88 -18.42
N GLU I 76 8.12 8.72 -17.75
CA GLU I 76 7.09 7.75 -18.09
C GLU I 76 5.70 8.26 -17.73
N ASP I 77 5.58 9.01 -16.62
CA ASP I 77 4.26 9.52 -16.25
C ASP I 77 3.77 10.54 -17.25
N ILE I 78 4.66 11.40 -17.76
CA ILE I 78 4.22 12.39 -18.73
C ILE I 78 3.80 11.71 -20.02
N ILE I 79 4.55 10.69 -20.47
CA ILE I 79 4.19 9.99 -21.70
C ILE I 79 2.84 9.30 -21.52
N SER I 80 2.67 8.62 -20.39
CA SER I 80 1.43 7.89 -20.15
C SER I 80 0.24 8.83 -20.09
N LEU I 81 0.36 9.96 -19.39
CA LEU I 81 -0.77 10.87 -19.30
C LEU I 81 -1.09 11.47 -20.67
N TRP I 82 -0.06 11.76 -21.46
CA TRP I 82 -0.29 12.27 -22.82
C TRP I 82 -1.11 11.28 -23.63
N ASP I 83 -0.69 10.01 -23.63
CA ASP I 83 -1.39 9.03 -24.42
C ASP I 83 -2.80 8.78 -23.89
N GLN I 84 -2.99 8.79 -22.57
CA GLN I 84 -4.33 8.59 -22.04
C GLN I 84 -5.23 9.74 -22.43
N SER I 85 -4.68 10.96 -22.46
CA SER I 85 -5.47 12.11 -22.85
C SER I 85 -5.91 12.01 -24.30
N LEU I 86 -5.01 11.56 -25.19
CA LEU I 86 -5.38 11.47 -26.60
C LEU I 86 -6.26 10.27 -26.96
N LYS I 87 -6.19 9.16 -26.23
CA LYS I 87 -7.02 7.99 -26.58
C LYS I 87 -8.51 8.31 -26.75
N PRO I 88 -9.20 8.95 -25.79
CA PRO I 88 -10.63 9.25 -26.00
C PRO I 88 -10.88 10.50 -26.84
N CYS I 89 -10.37 10.50 -28.07
CA CYS I 89 -10.51 11.62 -28.97
C CYS I 89 -10.68 11.11 -30.40
N VAL I 90 -11.04 12.01 -31.30
CA VAL I 90 -11.32 11.65 -32.68
C VAL I 90 -10.02 11.26 -33.39
N LYS I 91 -10.01 10.08 -34.02
CA LYS I 91 -8.86 9.59 -34.77
C LYS I 91 -9.05 9.95 -36.24
N LEU I 92 -8.13 10.74 -36.79
CA LEU I 92 -8.29 11.31 -38.13
C LEU I 92 -7.81 10.40 -39.25
N THR I 93 -8.37 9.20 -39.32
CA THR I 93 -8.00 8.30 -40.40
C THR I 93 -8.55 8.84 -41.74
N PRO I 94 -9.73 9.49 -41.79
CA PRO I 94 -10.21 10.06 -43.06
C PRO I 94 -9.36 11.19 -43.64
N LEU I 95 -8.37 11.72 -42.91
CA LEU I 95 -7.56 12.84 -43.43
C LEU I 95 -6.43 12.44 -44.35
N CYS I 96 -6.01 11.17 -44.38
CA CYS I 96 -4.92 10.79 -45.28
C CYS I 96 -5.49 10.59 -46.68
N VAL I 97 -5.75 11.72 -47.33
CA VAL I 97 -6.40 11.80 -48.62
C VAL I 97 -5.55 12.69 -49.52
N THR I 98 -5.87 12.67 -50.81
CA THR I 98 -5.19 13.57 -51.73
C THR I 98 -5.76 14.96 -51.53
N LEU I 99 -4.88 15.95 -51.38
CA LEU I 99 -5.25 17.34 -51.22
C LEU I 99 -4.89 18.08 -52.50
N GLN I 100 -5.71 19.07 -52.85
CA GLN I 100 -5.41 19.97 -53.97
C GLN I 100 -5.19 21.35 -53.36
N CYS I 101 -3.94 21.80 -53.34
CA CYS I 101 -3.58 22.99 -52.58
C CYS I 101 -3.04 24.08 -53.50
N THR I 102 -3.38 25.32 -53.14
CA THR I 102 -2.82 26.52 -53.76
C THR I 102 -2.35 27.44 -52.65
N ASN I 103 -1.54 28.43 -53.00
CA ASN I 103 -1.10 29.38 -52.00
C ASN I 103 -2.29 30.23 -51.60
N TYR I 104 -2.51 30.37 -50.29
CA TYR I 104 -3.67 31.11 -49.78
C TYR I 104 -3.73 32.53 -50.32
N THR I 105 -2.65 33.31 -50.19
CA THR I 105 -2.55 34.63 -50.79
C THR I 105 -1.27 34.79 -51.58
N GLU I 106 -1.40 34.97 -52.89
CA GLU I 106 -0.25 35.09 -53.77
C GLU I 106 0.33 36.50 -53.75
N LYS I 107 -0.37 37.44 -53.11
CA LYS I 107 0.02 38.84 -53.03
C LYS I 107 0.83 39.17 -51.79
N LEU I 108 1.18 38.19 -50.96
CA LEU I 108 1.94 38.53 -49.77
C LEU I 108 3.38 38.85 -50.14
N ARG I 109 3.93 39.88 -49.49
CA ARG I 109 5.33 40.27 -49.61
C ARG I 109 6.07 40.09 -48.28
N SER I 110 5.45 39.43 -47.32
CA SER I 110 6.00 39.20 -45.99
C SER I 110 6.71 37.86 -45.92
N MET I 111 7.33 37.63 -44.78
CA MET I 111 8.00 36.36 -44.50
C MET I 111 7.03 35.17 -44.57
N MET I 112 5.71 35.42 -44.51
CA MET I 112 4.69 34.38 -44.56
C MET I 112 4.37 33.92 -45.97
N LYS I 113 4.95 34.51 -47.01
CA LYS I 113 4.66 34.03 -48.37
C LYS I 113 5.11 32.59 -48.48
N GLY I 114 4.21 31.74 -48.96
CA GLY I 114 4.46 30.33 -49.13
C GLY I 114 3.91 29.50 -47.99
N GLU I 115 3.55 30.14 -46.89
CA GLU I 115 2.96 29.50 -45.73
C GLU I 115 1.44 29.59 -45.87
N LEU I 116 0.74 28.72 -45.14
CA LEU I 116 -0.72 28.73 -45.18
C LEU I 116 -1.23 28.42 -46.58
N LYS I 117 -1.35 27.15 -46.92
CA LYS I 117 -1.87 26.72 -48.20
C LYS I 117 -3.36 26.45 -48.06
N ASN I 118 -4.11 26.80 -49.09
CA ASN I 118 -5.56 26.60 -49.17
C ASN I 118 -5.79 25.29 -49.91
N CYS I 119 -6.08 24.24 -49.14
CA CYS I 119 -6.18 22.87 -49.61
C CYS I 119 -7.63 22.43 -49.64
N SER I 120 -8.04 21.82 -50.75
CA SER I 120 -9.36 21.26 -50.92
C SER I 120 -9.27 19.74 -50.94
N PHE I 121 -10.31 19.09 -50.42
CA PHE I 121 -10.33 17.64 -50.40
C PHE I 121 -11.76 17.12 -50.27
N ASN I 122 -11.95 15.87 -50.68
CA ASN I 122 -13.24 15.19 -50.55
C ASN I 122 -13.23 14.44 -49.22
N MET I 123 -13.86 15.04 -48.22
CA MET I 123 -13.88 14.52 -46.87
C MET I 123 -15.13 13.69 -46.66
N THR I 124 -15.05 12.70 -45.77
CA THR I 124 -16.24 11.94 -45.46
C THR I 124 -17.19 12.77 -44.59
N THR I 125 -18.42 12.28 -44.50
CA THR I 125 -19.51 12.90 -43.76
C THR I 125 -20.09 11.88 -42.79
N GLU I 126 -21.13 12.30 -42.05
CA GLU I 126 -21.77 11.42 -41.08
C GLU I 126 -22.29 10.15 -41.73
N LEU I 127 -22.93 10.26 -42.89
CA LEU I 127 -23.44 9.10 -43.59
C LEU I 127 -22.32 8.49 -44.43
N ARG I 128 -22.23 7.16 -44.38
CA ARG I 128 -21.23 6.43 -45.14
C ARG I 128 -21.38 6.59 -46.64
N ASP I 129 -22.60 6.85 -47.13
CA ASP I 129 -22.86 6.92 -48.57
C ASP I 129 -22.57 8.28 -49.19
N LYS I 130 -22.28 9.30 -48.40
CA LYS I 130 -22.10 10.67 -48.90
C LYS I 130 -20.68 11.17 -48.64
N LYS I 131 -20.30 12.16 -49.43
CA LYS I 131 -19.03 12.87 -49.32
C LYS I 131 -19.30 14.36 -49.36
N GLN I 132 -18.38 15.14 -48.80
CA GLN I 132 -18.46 16.59 -48.81
C GLN I 132 -17.13 17.19 -49.26
N LYS I 133 -17.19 18.33 -49.94
CA LYS I 133 -15.98 19.03 -50.37
C LYS I 133 -15.64 20.05 -49.31
N VAL I 134 -14.42 19.96 -48.80
CA VAL I 134 -13.95 20.78 -47.69
C VAL I 134 -12.76 21.59 -48.16
N TYR I 135 -12.73 22.87 -47.78
CA TYR I 135 -11.60 23.75 -48.02
C TYR I 135 -11.07 24.10 -46.64
N SER I 136 -9.76 24.04 -46.47
CA SER I 136 -9.17 24.39 -45.19
C SER I 136 -7.76 24.91 -45.43
N LEU I 137 -7.23 25.60 -44.43
CA LEU I 137 -5.86 26.10 -44.52
C LEU I 137 -4.96 25.20 -43.69
N PHE I 138 -3.80 24.88 -44.27
CA PHE I 138 -2.78 24.10 -43.58
C PHE I 138 -1.46 24.86 -43.63
N TYR I 139 -0.64 24.68 -42.61
CA TYR I 139 0.67 25.29 -42.65
C TYR I 139 1.54 24.49 -43.61
N ARG I 140 2.51 25.17 -44.24
CA ARG I 140 3.35 24.51 -45.23
C ARG I 140 4.02 23.26 -44.66
N LEU I 141 4.41 23.32 -43.39
CA LEU I 141 5.13 22.21 -42.77
C LEU I 141 4.28 20.96 -42.63
N ASP I 142 2.95 21.06 -42.73
CA ASP I 142 2.06 19.93 -42.57
C ASP I 142 1.70 19.22 -43.87
N VAL I 143 2.00 19.81 -45.02
CA VAL I 143 1.57 19.30 -46.32
C VAL I 143 2.80 19.11 -47.19
N VAL I 144 2.94 17.90 -47.74
CA VAL I 144 4.09 17.53 -48.57
C VAL I 144 3.58 17.13 -49.95
N GLN I 145 4.25 17.64 -50.98
CA GLN I 145 3.87 17.40 -52.36
C GLN I 145 4.06 15.93 -52.73
N ILE I 146 3.09 15.39 -53.49
CA ILE I 146 3.12 13.99 -53.93
C ILE I 146 3.20 13.91 -55.47
N ASN I 147 3.53 15.02 -56.12
CA ASN I 147 3.68 15.11 -57.57
C ASN I 147 2.58 14.39 -58.35
N LYS I 159 -1.72 22.11 -56.77
CA LYS I 159 -0.95 20.88 -56.91
C LYS I 159 -1.38 19.84 -55.87
N GLU I 160 -1.06 18.58 -56.16
CA GLU I 160 -1.40 17.47 -55.27
C GLU I 160 -0.45 17.40 -54.08
N TYR I 161 -1.02 17.31 -52.89
CA TYR I 161 -0.30 17.21 -51.62
C TYR I 161 -0.95 16.17 -50.74
N ARG I 162 -0.20 15.70 -49.75
CA ARG I 162 -0.71 14.82 -48.71
C ARG I 162 -0.26 15.37 -47.36
N LEU I 163 -0.89 14.92 -46.29
CA LEU I 163 -0.40 15.31 -44.98
C LEU I 163 0.93 14.60 -44.70
N ILE I 164 1.81 15.32 -44.00
CA ILE I 164 3.16 14.83 -43.72
C ILE I 164 3.16 13.49 -42.97
N ASN I 165 2.14 13.24 -42.14
CA ASN I 165 2.11 12.01 -41.37
C ASN I 165 1.76 10.76 -42.16
N CYS I 166 1.20 10.89 -43.36
CA CYS I 166 0.73 9.71 -44.08
C CYS I 166 1.87 8.74 -44.35
N ASN I 167 3.10 9.27 -44.39
CA ASN I 167 4.30 8.51 -44.62
C ASN I 167 4.62 7.56 -43.47
N THR I 168 4.22 7.92 -42.23
CA THR I 168 4.56 7.11 -41.07
C THR I 168 3.43 6.72 -40.10
N SER I 169 2.37 7.52 -39.95
CA SER I 169 1.41 7.18 -38.90
C SER I 169 0.08 7.87 -39.09
N ALA I 170 -0.93 7.34 -38.40
CA ALA I 170 -2.26 7.92 -38.28
C ALA I 170 -2.21 9.06 -37.26
N ILE I 171 -3.16 10.00 -37.36
CA ILE I 171 -3.20 11.15 -36.47
C ILE I 171 -4.41 11.04 -35.56
N THR I 172 -4.20 11.19 -34.26
CA THR I 172 -5.30 11.25 -33.31
C THR I 172 -5.52 12.75 -33.12
N GLN I 173 -6.76 13.21 -33.24
CA GLN I 173 -7.03 14.63 -33.04
C GLN I 173 -7.08 14.92 -31.55
N ALA I 174 -6.41 15.98 -31.11
CA ALA I 174 -6.51 16.34 -29.71
C ALA I 174 -7.91 16.84 -29.44
N CYS I 175 -8.46 16.50 -28.28
CA CYS I 175 -9.78 16.99 -27.92
C CYS I 175 -9.74 18.50 -27.70
N PRO I 176 -10.64 19.28 -28.34
CA PRO I 176 -10.57 20.75 -28.19
C PRO I 176 -10.91 21.21 -26.78
N LYS I 177 -11.51 20.35 -25.96
CA LYS I 177 -11.92 20.67 -24.62
C LYS I 177 -10.82 20.45 -23.57
N VAL I 178 -9.68 19.90 -23.97
CA VAL I 178 -8.62 19.55 -23.04
C VAL I 178 -7.49 20.56 -23.22
N SER I 179 -7.24 21.34 -22.18
CA SER I 179 -6.21 22.37 -22.18
C SER I 179 -4.81 21.78 -22.12
N PHE I 180 -3.87 22.45 -22.76
CA PHE I 180 -2.45 22.09 -22.75
C PHE I 180 -1.66 22.89 -21.73
N GLU I 181 -2.33 23.62 -20.84
CA GLU I 181 -1.63 24.41 -19.85
C GLU I 181 -0.86 23.50 -18.89
N PRO I 182 0.46 23.74 -18.66
CA PRO I 182 1.27 22.86 -17.77
C PRO I 182 1.01 23.10 -16.28
N ILE I 183 -0.10 22.54 -15.81
CA ILE I 183 -0.52 22.66 -14.40
C ILE I 183 0.50 21.94 -13.50
N PRO I 184 0.98 22.57 -12.42
CA PRO I 184 2.00 21.93 -11.57
C PRO I 184 1.63 20.55 -11.06
N ILE I 185 2.62 19.65 -11.10
CA ILE I 185 2.50 18.28 -10.61
C ILE I 185 3.55 18.08 -9.51
N HIS I 186 3.12 17.53 -8.38
CA HIS I 186 4.00 17.24 -7.25
C HIS I 186 4.26 15.74 -7.22
N TYR I 187 5.50 15.32 -6.99
CA TYR I 187 5.77 13.90 -6.81
C TYR I 187 5.94 13.61 -5.33
N CYS I 188 5.15 12.64 -4.85
CA CYS I 188 5.15 12.34 -3.40
C CYS I 188 5.53 10.87 -3.17
N ALA I 189 6.45 10.63 -2.25
CA ALA I 189 6.97 9.31 -1.92
C ALA I 189 6.01 8.50 -1.03
N PRO I 190 5.98 7.18 -1.17
CA PRO I 190 5.17 6.36 -0.26
C PRO I 190 5.80 6.26 1.11
N ALA I 191 4.98 5.82 2.07
CA ALA I 191 5.45 5.63 3.43
C ALA I 191 6.61 4.64 3.42
N GLY I 192 7.59 4.88 4.27
CA GLY I 192 8.80 4.08 4.33
C GLY I 192 9.93 4.66 3.51
N PHE I 193 9.65 5.68 2.69
CA PHE I 193 10.61 6.35 1.84
C PHE I 193 10.48 7.84 2.12
N ALA I 194 11.54 8.59 1.78
CA ALA I 194 11.52 10.03 1.97
C ALA I 194 12.30 10.69 0.85
N ILE I 195 12.01 11.97 0.60
CA ILE I 195 12.69 12.74 -0.42
C ILE I 195 13.55 13.79 0.28
N LEU I 196 14.82 13.82 -0.08
CA LEU I 196 15.79 14.76 0.47
C LEU I 196 15.93 15.94 -0.50
N LYS I 197 15.88 17.15 0.06
CA LYS I 197 15.99 18.41 -0.68
C LYS I 197 17.33 19.03 -0.35
N CYS I 198 18.12 19.34 -1.38
CA CYS I 198 19.49 19.82 -1.15
C CYS I 198 19.54 21.17 -0.42
N LYS I 199 18.72 22.14 -0.83
CA LYS I 199 18.73 23.49 -0.24
C LYS I 199 20.13 24.10 -0.19
N ASP I 200 20.89 23.97 -1.27
CA ASP I 200 22.24 24.52 -1.34
C ASP I 200 22.26 25.41 -2.57
N LYS I 201 22.35 26.71 -2.30
CA LYS I 201 22.23 27.78 -3.30
C LYS I 201 23.30 27.72 -4.38
N LYS I 202 24.43 27.05 -4.11
CA LYS I 202 25.53 26.92 -5.05
C LYS I 202 25.71 25.49 -5.57
N PHE I 203 24.73 24.62 -5.35
CA PHE I 203 24.86 23.22 -5.77
C PHE I 203 24.85 23.10 -7.29
N ASN I 204 25.85 22.37 -7.81
CA ASN I 204 26.07 22.24 -9.24
C ASN I 204 25.50 20.95 -9.81
N GLY I 205 24.58 20.29 -9.10
CA GLY I 205 23.94 19.09 -9.60
C GLY I 205 24.56 17.77 -9.19
N THR I 206 25.74 17.76 -8.58
CA THR I 206 26.38 16.51 -8.18
C THR I 206 27.26 16.75 -6.97
N GLY I 207 27.42 15.71 -6.15
CA GLY I 207 28.31 15.76 -5.02
C GLY I 207 27.68 16.11 -3.69
N PRO I 208 28.53 16.28 -2.67
CA PRO I 208 28.05 16.56 -1.31
C PRO I 208 27.21 17.83 -1.23
N CYS I 209 26.15 17.75 -0.43
CA CYS I 209 25.23 18.86 -0.18
C CYS I 209 25.07 18.95 1.34
N PRO I 210 25.57 20.00 1.99
CA PRO I 210 25.53 20.09 3.46
C PRO I 210 24.28 20.68 4.09
N SER I 211 23.24 20.98 3.33
CA SER I 211 22.04 21.68 3.84
C SER I 211 20.78 20.87 3.55
N VAL I 212 20.90 19.55 3.62
CA VAL I 212 19.80 18.67 3.25
C VAL I 212 18.66 18.79 4.25
N SER I 213 17.44 18.87 3.72
CA SER I 213 16.22 18.84 4.51
C SER I 213 15.37 17.70 4.00
N THR I 214 14.47 17.20 4.83
CA THR I 214 13.58 16.11 4.43
C THR I 214 12.17 16.59 4.17
N VAL I 215 11.63 16.17 3.03
CA VAL I 215 10.26 16.42 2.63
C VAL I 215 9.73 15.04 2.26
N GLN I 216 8.41 14.91 2.24
CA GLN I 216 7.87 13.65 1.76
C GLN I 216 7.57 13.76 0.29
N CYS I 217 7.16 14.95 -0.16
CA CYS I 217 6.83 15.21 -1.55
C CYS I 217 7.52 16.49 -2.02
N THR I 218 7.83 16.52 -3.32
CA THR I 218 8.44 17.67 -3.94
C THR I 218 7.44 18.81 -4.13
N HIS I 219 7.97 19.98 -4.49
CA HIS I 219 7.12 21.11 -4.83
C HIS I 219 6.47 20.80 -6.17
N GLY I 220 5.52 21.63 -6.59
CA GLY I 220 4.86 21.37 -7.84
C GLY I 220 5.82 21.71 -8.96
N ILE I 221 5.81 20.86 -9.98
CA ILE I 221 6.60 21.05 -11.19
C ILE I 221 5.63 21.19 -12.36
N LYS I 222 5.79 22.25 -13.10
CA LYS I 222 4.94 22.42 -14.26
C LYS I 222 5.52 21.58 -15.39
N PRO I 223 4.74 20.66 -15.99
CA PRO I 223 5.37 19.87 -17.07
C PRO I 223 5.47 20.69 -18.35
N VAL I 224 6.33 21.71 -18.31
CA VAL I 224 6.50 22.58 -19.46
C VAL I 224 7.38 21.83 -20.45
N VAL I 225 6.92 21.76 -21.69
CA VAL I 225 7.64 21.05 -22.74
C VAL I 225 8.28 22.09 -23.65
N SER I 226 9.61 22.03 -23.76
CA SER I 226 10.31 22.97 -24.61
C SER I 226 11.68 22.40 -24.96
N THR I 227 12.31 23.00 -25.96
CA THR I 227 13.68 22.70 -26.33
C THR I 227 14.50 23.98 -26.32
N GLN I 228 15.82 23.84 -26.23
CA GLN I 228 16.79 24.94 -26.26
C GLN I 228 16.68 25.86 -25.05
N LEU I 229 15.51 26.44 -24.82
CA LEU I 229 15.26 27.31 -23.67
C LEU I 229 14.28 26.66 -22.71
N LEU I 230 14.58 26.75 -21.42
CA LEU I 230 13.70 26.27 -20.36
C LEU I 230 12.79 27.40 -19.97
N LEU I 231 11.48 27.16 -19.99
CA LEU I 231 10.49 28.17 -19.68
C LEU I 231 9.85 27.88 -18.32
N ASN I 232 9.49 28.96 -17.63
CA ASN I 232 8.85 28.89 -16.31
C ASN I 232 9.69 28.04 -15.35
N GLY I 233 9.14 26.99 -14.75
CA GLY I 233 9.92 26.19 -13.80
C GLY I 233 10.38 27.02 -12.60
N SER I 234 11.67 26.95 -12.26
CA SER I 234 12.19 27.71 -11.12
C SER I 234 13.60 28.24 -11.36
N LEU I 235 13.78 29.50 -10.96
CA LEU I 235 15.02 30.25 -11.08
C LEU I 235 16.04 29.96 -9.99
N ALA I 236 17.31 30.17 -10.31
CA ALA I 236 18.38 30.04 -9.32
C ALA I 236 18.23 31.18 -8.32
N GLU I 237 18.55 30.89 -7.05
CA GLU I 237 18.38 31.91 -6.01
C GLU I 237 19.39 33.06 -6.11
N GLU I 238 20.67 32.79 -6.41
CA GLU I 238 21.69 33.83 -6.36
C GLU I 238 22.43 34.09 -7.67
N GLU I 239 22.78 33.06 -8.44
CA GLU I 239 23.60 33.25 -9.63
C GLU I 239 23.27 32.17 -10.64
N VAL I 240 23.74 32.39 -11.87
CA VAL I 240 23.54 31.40 -12.92
C VAL I 240 24.33 30.16 -12.52
N ILE I 241 23.67 28.99 -12.59
CA ILE I 241 24.30 27.71 -12.22
C ILE I 241 24.38 26.86 -13.48
N ILE I 242 25.58 26.38 -13.79
CA ILE I 242 25.83 25.54 -14.95
C ILE I 242 26.03 24.11 -14.47
N ARG I 243 25.16 23.20 -14.92
CA ARG I 243 25.16 21.82 -14.49
C ARG I 243 25.43 20.92 -15.70
N SER I 244 26.38 20.00 -15.57
CA SER I 244 26.66 19.08 -16.65
C SER I 244 27.19 17.78 -16.05
N GLU I 245 26.87 16.67 -16.70
CA GLU I 245 27.38 15.38 -16.24
C GLU I 245 28.91 15.35 -16.28
N ASN I 246 29.53 16.00 -17.31
CA ASN I 246 30.99 15.95 -17.44
C ASN I 246 31.67 17.31 -17.66
N ILE I 247 31.04 18.23 -18.42
CA ILE I 247 31.67 19.46 -18.93
C ILE I 247 32.72 19.15 -19.98
N THR I 248 33.72 18.34 -19.63
CA THR I 248 34.80 18.00 -20.55
C THR I 248 34.26 17.30 -21.80
N ASN I 249 33.29 16.41 -21.64
CA ASN I 249 32.71 15.71 -22.77
C ASN I 249 31.64 16.58 -23.41
N ASN I 250 31.93 17.11 -24.60
CA ASN I 250 31.08 18.08 -25.25
C ASN I 250 29.77 17.47 -25.76
N ALA I 251 29.66 16.15 -25.77
CA ALA I 251 28.46 15.48 -26.25
C ALA I 251 27.32 15.51 -25.24
N LYS I 252 27.61 15.91 -24.00
CA LYS I 252 26.61 16.00 -22.95
C LYS I 252 25.93 17.36 -23.03
N ASN I 253 24.64 17.39 -22.68
CA ASN I 253 23.96 18.67 -22.61
C ASN I 253 24.38 19.41 -21.34
N ILE I 254 24.47 20.73 -21.47
CA ILE I 254 24.78 21.64 -20.38
C ILE I 254 23.48 22.35 -20.02
N LEU I 255 23.05 22.22 -18.76
CA LEU I 255 21.81 22.83 -18.30
C LEU I 255 22.18 24.07 -17.50
N VAL I 256 21.74 25.23 -17.99
CA VAL I 256 22.07 26.51 -17.37
C VAL I 256 20.82 27.04 -16.71
N GLN I 257 20.87 27.21 -15.39
CA GLN I 257 19.74 27.72 -14.61
C GLN I 257 20.03 29.20 -14.37
N LEU I 258 19.11 30.08 -14.76
CA LEU I 258 19.31 31.51 -14.65
C LEU I 258 18.97 32.03 -13.26
N ASN I 259 19.61 33.16 -12.91
CA ASN I 259 19.33 33.83 -11.64
C ASN I 259 18.07 34.70 -11.76
N THR I 260 17.86 35.34 -12.91
CA THR I 260 16.69 36.17 -13.13
C THR I 260 15.95 35.70 -14.37
N PRO I 261 14.63 35.85 -14.43
CA PRO I 261 13.90 35.41 -15.62
C PRO I 261 14.09 36.43 -16.71
N VAL I 262 13.98 35.97 -17.96
CA VAL I 262 13.92 36.87 -19.10
C VAL I 262 12.52 36.70 -19.68
N GLN I 263 11.76 37.79 -19.77
CA GLN I 263 10.42 37.64 -20.29
C GLN I 263 10.50 37.47 -21.80
N ILE I 264 9.69 36.56 -22.32
CA ILE I 264 9.55 36.37 -23.75
C ILE I 264 8.07 36.54 -24.06
N ASN I 265 7.75 37.61 -24.81
CA ASN I 265 6.37 37.92 -25.17
C ASN I 265 6.12 37.42 -26.58
N CYS I 266 5.35 36.35 -26.75
CA CYS I 266 5.21 35.74 -28.07
C CYS I 266 3.75 35.51 -28.43
N THR I 267 3.45 35.73 -29.71
CA THR I 267 2.09 35.67 -30.20
C THR I 267 2.00 35.09 -31.61
N ARG I 268 0.77 34.65 -31.89
CA ARG I 268 0.31 34.20 -33.21
C ARG I 268 -0.73 35.23 -33.61
N PRO I 269 -0.31 36.27 -34.37
CA PRO I 269 -1.17 37.42 -34.64
C PRO I 269 -2.35 37.17 -35.56
N ASN I 270 -2.43 36.05 -36.26
CA ASN I 270 -3.51 35.86 -37.21
C ASN I 270 -4.82 35.52 -36.52
N ASN I 271 -5.88 36.23 -36.92
CA ASN I 271 -7.23 36.02 -36.40
C ASN I 271 -7.89 34.87 -37.15
N ASN I 272 -7.41 33.66 -36.85
CA ASN I 272 -7.89 32.45 -37.50
C ASN I 272 -9.34 32.20 -37.11
N THR I 273 -10.18 31.93 -38.11
CA THR I 273 -11.58 31.58 -37.88
C THR I 273 -11.67 30.09 -38.16
N VAL I 274 -12.09 29.37 -37.13
CA VAL I 274 -12.17 27.92 -37.09
C VAL I 274 -13.59 27.47 -37.42
N LYS I 275 -13.69 26.51 -38.32
CA LYS I 275 -14.95 25.91 -38.73
C LYS I 275 -14.81 24.45 -38.35
N SER I 276 -15.94 23.76 -38.21
CA SER I 276 -15.91 22.34 -37.92
C SER I 276 -16.99 21.62 -38.69
N ILE I 277 -16.69 20.37 -39.01
CA ILE I 277 -17.59 19.47 -39.70
C ILE I 277 -17.56 18.13 -38.98
N ARG I 278 -18.62 17.35 -39.17
CA ARG I 278 -18.67 16.00 -38.66
C ARG I 278 -18.13 15.08 -39.75
N ILE I 279 -17.27 14.15 -39.35
CA ILE I 279 -16.63 13.22 -40.28
C ILE I 279 -17.11 11.79 -40.10
N GLY I 280 -17.95 11.53 -39.11
CA GLY I 280 -18.51 10.23 -38.87
C GLY I 280 -19.50 10.39 -37.76
N PRO I 281 -20.15 9.32 -37.33
CA PRO I 281 -21.16 9.46 -36.27
C PRO I 281 -20.49 9.88 -34.97
N GLY I 282 -20.68 11.14 -34.59
CA GLY I 282 -20.08 11.70 -33.40
C GLY I 282 -18.63 12.10 -33.53
N GLN I 283 -18.07 12.08 -34.74
CA GLN I 283 -16.67 12.37 -35.00
C GLN I 283 -16.58 13.76 -35.62
N ALA I 284 -16.15 14.75 -34.84
CA ALA I 284 -16.06 16.12 -35.32
C ALA I 284 -14.60 16.46 -35.63
N PHE I 285 -14.37 17.06 -36.78
CA PHE I 285 -13.06 17.51 -37.23
C PHE I 285 -13.01 19.03 -37.23
N TYR I 286 -11.94 19.58 -36.66
CA TYR I 286 -11.75 21.02 -36.58
C TYR I 286 -10.62 21.42 -37.51
N TYR I 287 -10.81 22.55 -38.20
CA TYR I 287 -9.84 23.06 -39.14
C TYR I 287 -9.95 24.57 -39.20
N THR I 288 -8.88 25.21 -39.68
CA THR I 288 -8.89 26.65 -39.87
C THR I 288 -9.70 26.94 -41.11
N GLY I 289 -10.73 27.76 -40.97
CA GLY I 289 -11.58 28.05 -42.10
C GLY I 289 -11.01 29.17 -42.91
N ASP I 290 -10.77 30.32 -42.27
CA ASP I 290 -10.21 31.47 -42.98
C ASP I 290 -9.51 32.34 -41.95
N ILE I 291 -8.90 33.43 -42.41
CA ILE I 291 -8.23 34.37 -41.51
C ILE I 291 -8.80 35.76 -41.75
N ILE I 292 -9.23 36.43 -40.68
CA ILE I 292 -9.81 37.76 -40.78
C ILE I 292 -8.69 38.78 -40.72
N GLY I 293 -8.64 39.64 -41.73
CA GLY I 293 -7.62 40.66 -41.80
C GLY I 293 -6.35 40.15 -42.43
N HIS I 294 -5.28 40.92 -42.21
CA HIS I 294 -4.00 40.65 -42.83
C HIS I 294 -3.32 39.43 -42.21
N ILE I 295 -2.48 38.78 -43.01
CA ILE I 295 -1.72 37.62 -42.58
C ILE I 295 -0.39 38.13 -42.03
N ARG I 296 -0.08 37.74 -40.79
CA ARG I 296 1.13 38.19 -40.11
C ARG I 296 1.87 36.98 -39.56
N GLN I 297 3.20 37.11 -39.51
CA GLN I 297 4.06 36.04 -38.99
C GLN I 297 4.02 35.95 -37.47
N ALA I 298 4.04 34.72 -36.96
CA ALA I 298 4.08 34.50 -35.52
C ALA I 298 5.48 34.80 -35.01
N HIS I 299 5.58 35.35 -33.80
CA HIS I 299 6.93 35.68 -33.34
C HIS I 299 6.99 35.84 -31.83
N CYS I 300 8.28 35.84 -31.43
CA CYS I 300 8.65 35.93 -30.02
C CYS I 300 9.43 37.24 -29.83
N ASN I 301 9.33 37.85 -28.65
CA ASN I 301 10.14 39.07 -28.45
C ASN I 301 10.87 39.00 -27.12
N VAL I 302 12.20 39.03 -27.12
CA VAL I 302 13.09 38.96 -25.97
C VAL I 302 13.85 40.29 -25.92
N SER I 303 13.83 40.99 -24.78
CA SER I 303 14.51 42.28 -24.71
C SER I 303 16.02 42.11 -24.92
N LYS I 304 16.62 43.02 -25.71
CA LYS I 304 18.06 42.94 -25.95
C LYS I 304 18.89 43.16 -24.69
N ALA I 305 18.51 44.14 -23.86
CA ALA I 305 19.34 44.43 -22.69
C ALA I 305 19.32 43.27 -21.71
N THR I 306 18.13 42.70 -21.50
CA THR I 306 17.99 41.62 -20.54
C THR I 306 18.74 40.38 -21.03
N TRP I 307 18.59 40.06 -22.32
CA TRP I 307 19.27 38.89 -22.87
C TRP I 307 20.78 39.08 -22.83
N ASN I 308 21.25 40.29 -23.16
CA ASN I 308 22.69 40.52 -23.14
C ASN I 308 23.25 40.35 -21.74
N GLU I 309 22.51 40.83 -20.72
CA GLU I 309 22.95 40.64 -19.34
C GLU I 309 22.96 39.16 -18.99
N THR I 310 21.94 38.44 -19.47
CA THR I 310 21.81 37.02 -19.20
C THR I 310 23.00 36.27 -19.77
N LEU I 311 23.38 36.59 -21.01
CA LEU I 311 24.52 35.92 -21.61
C LEU I 311 25.80 36.32 -20.88
N GLY I 312 25.92 37.58 -20.44
CA GLY I 312 27.13 37.95 -19.73
C GLY I 312 27.30 37.11 -18.48
N LYS I 313 26.20 36.83 -17.79
CA LYS I 313 26.27 36.00 -16.60
C LYS I 313 26.68 34.58 -16.99
N VAL I 314 26.11 34.09 -18.09
CA VAL I 314 26.44 32.75 -18.57
C VAL I 314 27.91 32.65 -18.97
N VAL I 315 28.45 33.67 -19.66
CA VAL I 315 29.85 33.58 -20.08
C VAL I 315 30.78 33.54 -18.88
N LYS I 316 30.57 34.38 -17.86
CA LYS I 316 31.46 34.28 -16.70
C LYS I 316 31.34 32.91 -16.02
N GLN I 317 30.12 32.36 -15.93
CA GLN I 317 30.02 31.07 -15.29
C GLN I 317 30.63 29.95 -16.14
N LEU I 318 30.58 30.07 -17.47
CA LEU I 318 31.25 29.09 -18.32
C LEU I 318 32.76 29.20 -18.18
N ARG I 319 33.25 30.43 -18.08
CA ARG I 319 34.69 30.65 -17.94
C ARG I 319 35.21 30.00 -16.67
N LYS I 320 34.39 29.95 -15.61
CA LYS I 320 34.85 29.29 -14.40
C LYS I 320 35.22 27.81 -14.62
N HIS I 321 34.68 27.16 -15.65
CA HIS I 321 35.00 25.76 -15.95
C HIS I 321 35.91 25.58 -17.15
N PHE I 322 35.88 26.49 -18.12
CA PHE I 322 36.68 26.33 -19.34
C PHE I 322 37.96 27.14 -19.33
N GLY I 323 38.12 28.07 -18.40
CA GLY I 323 39.32 28.86 -18.30
C GLY I 323 39.07 30.31 -18.66
N ASN I 324 39.86 31.19 -18.06
CA ASN I 324 39.75 32.61 -18.33
C ASN I 324 40.59 32.90 -19.56
N ASN I 325 40.60 34.17 -19.99
CA ASN I 325 41.37 34.64 -21.17
C ASN I 325 41.08 33.77 -22.40
N THR I 326 39.81 33.43 -22.59
CA THR I 326 39.35 32.62 -23.71
C THR I 326 38.19 33.35 -24.39
N ILE I 327 37.72 32.78 -25.49
CA ILE I 327 36.61 33.33 -26.25
C ILE I 327 35.47 32.33 -26.22
N ILE I 328 34.29 32.81 -25.81
CA ILE I 328 33.06 32.03 -25.72
C ILE I 328 32.14 32.52 -26.83
N ARG I 329 31.77 31.63 -27.74
CA ARG I 329 30.91 31.98 -28.87
C ARG I 329 29.56 31.29 -28.76
N PHE I 330 28.51 32.05 -29.02
CA PHE I 330 27.16 31.52 -29.12
C PHE I 330 26.82 31.58 -30.60
N ALA I 331 26.22 30.50 -31.08
CA ALA I 331 25.87 30.34 -32.48
C ALA I 331 24.54 29.63 -32.57
N GLN I 332 23.93 29.69 -33.75
CA GLN I 332 22.65 29.04 -33.92
C GLN I 332 22.83 27.53 -33.90
N SER I 333 21.76 26.83 -33.61
CA SER I 333 21.79 25.38 -33.52
C SER I 333 22.13 24.76 -34.87
N SER I 334 22.64 23.53 -34.80
CA SER I 334 22.97 22.76 -35.98
C SER I 334 21.70 22.18 -36.58
N GLY I 335 21.82 21.59 -37.77
CA GLY I 335 20.65 21.06 -38.41
C GLY I 335 20.14 19.79 -37.74
N GLY I 336 18.95 19.40 -38.14
CA GLY I 336 18.28 18.25 -37.57
C GLY I 336 16.79 18.49 -37.59
N ASP I 337 16.07 17.67 -36.84
CA ASP I 337 14.61 17.78 -36.79
C ASP I 337 14.22 19.16 -36.27
N LEU I 338 13.16 19.72 -36.87
CA LEU I 338 12.69 21.06 -36.51
C LEU I 338 12.52 21.22 -35.01
N GLU I 339 12.02 20.18 -34.34
CA GLU I 339 11.78 20.29 -32.89
C GLU I 339 13.07 20.58 -32.14
N VAL I 340 14.20 20.09 -32.64
CA VAL I 340 15.48 20.25 -31.96
C VAL I 340 16.22 21.49 -32.45
N THR I 341 16.17 21.76 -33.75
CA THR I 341 16.91 22.88 -34.30
C THR I 341 16.27 24.22 -33.96
N THR I 342 14.97 24.24 -33.67
CA THR I 342 14.26 25.44 -33.24
C THR I 342 13.83 25.29 -31.78
N HIS I 343 13.34 26.39 -31.23
CA HIS I 343 12.80 26.40 -29.87
C HIS I 343 11.33 26.01 -29.99
N SER I 344 11.03 24.76 -29.63
CA SER I 344 9.69 24.23 -29.71
C SER I 344 8.97 24.52 -28.40
N PHE I 345 7.72 24.94 -28.47
CA PHE I 345 6.95 25.06 -27.24
C PHE I 345 5.46 25.15 -27.56
N ASN I 346 4.65 24.87 -26.55
CA ASN I 346 3.21 25.06 -26.62
C ASN I 346 2.85 26.45 -26.08
N CYS I 347 1.92 27.12 -26.76
CA CYS I 347 1.42 28.45 -26.40
C CYS I 347 -0.07 28.52 -26.67
N GLY I 348 -0.88 28.44 -25.61
CA GLY I 348 -2.31 28.51 -25.78
C GLY I 348 -2.92 27.22 -26.28
N GLY I 349 -2.10 26.20 -26.51
CA GLY I 349 -2.48 24.96 -27.13
C GLY I 349 -1.90 24.86 -28.52
N GLU I 350 -1.41 25.98 -29.07
CA GLU I 350 -0.80 26.01 -30.39
C GLU I 350 0.67 25.63 -30.24
N PHE I 351 1.27 25.10 -31.30
CA PHE I 351 2.68 24.70 -31.28
C PHE I 351 3.58 25.62 -32.09
N PHE I 352 4.52 26.28 -31.40
CA PHE I 352 5.46 27.24 -31.98
C PHE I 352 6.83 26.59 -32.13
N TYR I 353 7.52 26.93 -33.22
CA TYR I 353 8.89 26.52 -33.52
C TYR I 353 9.72 27.75 -33.89
N CYS I 354 10.28 28.40 -32.87
CA CYS I 354 10.95 29.69 -33.01
C CYS I 354 12.41 29.56 -33.44
N ASN I 355 12.83 30.42 -34.37
CA ASN I 355 14.16 30.32 -34.98
C ASN I 355 15.27 30.42 -33.94
N THR I 356 15.19 31.39 -33.03
CA THR I 356 16.15 31.70 -31.97
C THR I 356 17.50 32.24 -32.42
N SER I 357 17.81 32.36 -33.72
CA SER I 357 19.17 32.73 -34.10
C SER I 357 19.53 34.12 -33.58
N GLY I 358 18.53 34.97 -33.37
CA GLY I 358 18.80 36.30 -32.85
C GLY I 358 19.30 36.31 -31.42
N LEU I 359 19.17 35.20 -30.70
CA LEU I 359 19.61 35.08 -29.32
C LEU I 359 21.00 34.47 -29.17
N PHE I 360 21.51 33.77 -30.19
CA PHE I 360 22.77 33.03 -30.09
C PHE I 360 23.63 33.37 -31.30
N ASN I 361 24.02 34.63 -31.39
CA ASN I 361 24.79 35.15 -32.52
C ASN I 361 25.82 36.13 -31.98
N SER I 362 26.73 35.66 -31.12
CA SER I 362 27.67 36.62 -30.53
C SER I 362 28.95 35.93 -30.09
N THR I 363 30.01 36.73 -30.00
CA THR I 363 31.30 36.28 -29.52
C THR I 363 31.73 37.14 -28.34
N TRP I 364 32.03 36.49 -27.21
CA TRP I 364 32.44 37.12 -25.96
C TRP I 364 33.93 36.88 -25.79
N ILE I 365 34.72 37.95 -25.81
CA ILE I 365 36.18 37.86 -25.74
C ILE I 365 36.61 38.39 -24.39
N SER I 366 37.30 37.54 -23.62
CA SER I 366 37.83 37.76 -22.27
C SER I 366 37.24 38.94 -21.48
N ASN I 379 11.19 47.69 -25.74
CA ASN I 379 12.22 48.68 -26.04
C ASN I 379 13.46 47.99 -26.58
N ASP I 380 13.65 48.11 -27.89
CA ASP I 380 14.80 47.52 -28.59
C ASP I 380 14.88 46.01 -28.32
N SER I 381 13.78 45.32 -28.66
CA SER I 381 13.68 43.88 -28.48
C SER I 381 14.25 43.11 -29.65
N ILE I 382 14.47 41.82 -29.42
CA ILE I 382 14.91 40.84 -30.41
C ILE I 382 13.64 40.09 -30.82
N THR I 383 13.29 40.15 -32.10
CA THR I 383 12.09 39.49 -32.59
C THR I 383 12.55 38.21 -33.28
N LEU I 384 12.00 37.09 -32.83
CA LEU I 384 12.32 35.77 -33.34
C LEU I 384 11.17 35.25 -34.21
N PRO I 385 11.41 34.90 -35.48
CA PRO I 385 10.35 34.29 -36.28
C PRO I 385 9.96 32.95 -35.67
N CYS I 386 8.68 32.62 -35.72
CA CYS I 386 8.20 31.34 -35.23
C CYS I 386 7.29 30.70 -36.24
N ARG I 387 7.51 29.41 -36.49
CA ARG I 387 6.66 28.63 -37.36
C ARG I 387 5.57 27.98 -36.54
N ILE I 388 4.43 27.75 -37.16
CA ILE I 388 3.31 27.05 -36.54
C ILE I 388 3.17 25.73 -37.26
N LYS I 389 3.00 24.66 -36.51
CA LYS I 389 2.83 23.33 -37.08
C LYS I 389 1.68 22.69 -36.34
N GLN I 390 0.74 22.11 -37.07
CA GLN I 390 -0.42 21.45 -36.46
C GLN I 390 -0.23 19.95 -36.29
N ILE I 391 0.64 19.32 -37.07
CA ILE I 391 0.86 17.88 -36.97
C ILE I 391 2.14 17.68 -36.16
N ILE I 392 2.01 17.18 -34.93
CA ILE I 392 3.10 17.10 -33.97
C ILE I 392 3.47 15.63 -33.82
N ASN I 393 4.77 15.34 -33.90
CA ASN I 393 5.29 13.99 -33.68
C ASN I 393 6.13 14.23 -32.44
N MET I 394 5.49 14.09 -31.28
CA MET I 394 6.07 14.50 -30.02
C MET I 394 6.81 13.36 -29.33
N TRP I 395 7.73 13.73 -28.44
CA TRP I 395 8.51 12.84 -27.58
C TRP I 395 9.52 12.01 -28.37
N GLN I 396 9.85 12.42 -29.59
CA GLN I 396 10.81 11.75 -30.45
C GLN I 396 10.35 10.35 -30.83
N ARG I 397 9.05 10.06 -30.72
CA ARG I 397 8.50 8.76 -31.09
C ARG I 397 8.09 8.75 -32.55
N ILE I 398 8.09 7.54 -33.13
CA ILE I 398 7.61 7.31 -34.48
C ILE I 398 6.47 6.30 -34.37
N GLY I 399 5.36 6.59 -35.03
CA GLY I 399 4.17 5.74 -35.04
C GLY I 399 2.93 6.39 -34.46
N GLN I 400 3.06 7.51 -33.77
CA GLN I 400 1.94 8.27 -33.23
C GLN I 400 2.03 9.69 -33.75
N ALA I 401 0.89 10.34 -33.89
CA ALA I 401 0.85 11.74 -34.29
C ALA I 401 -0.39 12.36 -33.71
N MET I 402 -0.30 13.66 -33.46
CA MET I 402 -1.42 14.46 -32.97
C MET I 402 -1.70 15.63 -33.90
N TYR I 403 -2.98 15.90 -34.12
CA TYR I 403 -3.42 17.08 -34.85
C TYR I 403 -3.80 18.11 -33.80
N ALA I 404 -3.09 19.21 -33.76
CA ALA I 404 -3.41 20.24 -32.80
C ALA I 404 -4.51 21.08 -33.42
N PRO I 405 -5.73 21.13 -32.86
CA PRO I 405 -6.78 21.87 -33.53
C PRO I 405 -6.48 23.36 -33.47
N PRO I 406 -7.01 24.14 -34.40
CA PRO I 406 -6.77 25.59 -34.32
C PRO I 406 -7.57 26.21 -33.19
N ILE I 407 -7.07 27.36 -32.75
CA ILE I 407 -7.66 28.18 -31.71
C ILE I 407 -8.20 29.45 -32.34
N GLN I 408 -9.45 29.78 -32.03
CA GLN I 408 -10.06 30.98 -32.57
C GLN I 408 -9.41 32.21 -31.95
N GLY I 409 -9.11 33.19 -32.79
CA GLY I 409 -8.56 34.44 -32.35
C GLY I 409 -7.04 34.47 -32.35
N VAL I 410 -6.54 35.52 -31.72
CA VAL I 410 -5.11 35.82 -31.66
C VAL I 410 -4.55 35.23 -30.38
N ILE I 411 -3.39 34.57 -30.47
CA ILE I 411 -2.79 33.89 -29.32
C ILE I 411 -1.65 34.76 -28.80
N ARG I 412 -1.66 35.04 -27.51
CA ARG I 412 -0.58 35.77 -26.86
C ARG I 412 -0.18 35.05 -25.58
N CYS I 413 1.12 34.78 -25.43
CA CYS I 413 1.70 34.15 -24.26
C CYS I 413 2.82 35.04 -23.76
N VAL I 414 2.95 35.15 -22.45
CA VAL I 414 4.09 35.80 -21.82
C VAL I 414 4.68 34.76 -20.88
N SER I 415 5.97 34.44 -21.08
CA SER I 415 6.57 33.42 -20.24
C SER I 415 7.96 33.86 -19.79
N ASN I 416 8.47 33.20 -18.76
CA ASN I 416 9.79 33.46 -18.22
C ASN I 416 10.78 32.44 -18.78
N ILE I 417 11.88 32.92 -19.33
CA ILE I 417 12.99 32.06 -19.70
C ILE I 417 13.84 31.95 -18.45
N THR I 418 13.97 30.74 -17.92
CA THR I 418 14.67 30.49 -16.68
C THR I 418 15.91 29.62 -16.85
N GLY I 419 16.13 29.08 -18.04
CA GLY I 419 17.33 28.29 -18.26
C GLY I 419 17.51 27.96 -19.72
N LEU I 420 18.72 27.51 -20.03
CA LEU I 420 19.14 27.16 -21.37
C LEU I 420 19.68 25.74 -21.42
N ILE I 421 19.54 25.09 -22.57
CA ILE I 421 20.18 23.81 -22.85
C ILE I 421 21.21 24.11 -23.93
N LEU I 422 22.48 23.93 -23.61
CA LEU I 422 23.58 24.20 -24.53
C LEU I 422 24.38 22.95 -24.81
N THR I 423 24.97 22.90 -26.00
CA THR I 423 25.91 21.87 -26.39
C THR I 423 27.17 22.61 -26.80
N ARG I 424 28.29 21.89 -26.87
CA ARG I 424 29.56 22.48 -27.24
C ARG I 424 30.15 21.75 -28.45
N ASP I 425 30.77 22.53 -29.33
CA ASP I 425 31.43 21.94 -30.49
C ASP I 425 32.67 21.15 -30.06
N GLY I 426 32.95 20.09 -30.80
CA GLY I 426 34.12 19.28 -30.54
C GLY I 426 35.43 20.06 -30.68
N SER I 431 42.08 24.33 -28.11
CA SER I 431 41.34 25.37 -28.82
C SER I 431 41.15 26.60 -27.93
N THR I 432 41.56 27.76 -28.46
CA THR I 432 41.41 29.01 -27.72
C THR I 432 39.94 29.39 -27.57
N THR I 433 39.14 29.19 -28.63
CA THR I 433 37.75 29.62 -28.66
C THR I 433 36.81 28.42 -28.54
N GLU I 434 35.89 28.50 -27.60
CA GLU I 434 34.83 27.51 -27.41
C GLU I 434 33.55 28.06 -28.00
N THR I 435 32.80 27.22 -28.71
CA THR I 435 31.53 27.60 -29.30
C THR I 435 30.40 26.77 -28.71
N PHE I 436 29.35 27.45 -28.28
CA PHE I 436 28.18 26.84 -27.67
C PHE I 436 26.97 27.06 -28.56
N ARG I 437 26.11 26.05 -28.65
CA ARG I 437 24.91 26.13 -29.47
C ARG I 437 23.70 25.63 -28.71
N PRO I 438 22.49 26.12 -29.04
CA PRO I 438 21.29 25.54 -28.43
C PRO I 438 21.17 24.05 -28.71
N GLY I 439 20.73 23.31 -27.71
CA GLY I 439 20.53 21.88 -27.82
C GLY I 439 19.15 21.49 -27.32
N GLY I 440 18.91 20.20 -27.11
CA GLY I 440 17.63 19.72 -26.66
C GLY I 440 17.18 18.53 -27.46
N GLY I 441 15.93 18.14 -27.23
CA GLY I 441 15.30 17.00 -27.87
C GLY I 441 15.13 15.82 -26.95
N ASP I 442 15.94 15.71 -25.89
CA ASP I 442 15.77 14.67 -24.90
C ASP I 442 15.03 15.39 -23.80
N MET I 443 13.73 15.14 -23.70
CA MET I 443 12.90 15.90 -22.77
C MET I 443 13.27 15.65 -21.32
N ARG I 444 13.97 14.55 -21.02
CA ARG I 444 14.32 14.26 -19.64
C ARG I 444 15.24 15.30 -19.05
N ASP I 445 15.96 16.03 -19.89
CA ASP I 445 16.86 17.04 -19.37
C ASP I 445 16.11 18.23 -18.84
N ASN I 446 14.87 18.46 -19.31
CA ASN I 446 14.16 19.60 -18.78
C ASN I 446 13.74 19.28 -17.37
N TRP I 447 13.39 18.01 -17.16
CA TRP I 447 12.95 17.58 -15.86
C TRP I 447 14.17 17.41 -14.98
N ARG I 448 15.34 17.10 -15.57
CA ARG I 448 16.55 17.04 -14.77
C ARG I 448 16.81 18.41 -14.20
N SER I 449 16.55 19.46 -14.97
CA SER I 449 16.79 20.78 -14.45
C SER I 449 15.90 21.04 -13.24
N GLU I 450 14.60 20.75 -13.35
CA GLU I 450 13.70 21.01 -12.22
C GLU I 450 13.91 20.08 -11.02
N LEU I 451 14.29 18.83 -11.25
CA LEU I 451 14.48 17.85 -10.17
C LEU I 451 15.89 17.77 -9.61
N TYR I 452 16.77 18.72 -9.94
CA TYR I 452 18.15 18.66 -9.45
C TYR I 452 18.24 18.67 -7.93
N LYS I 453 17.24 19.22 -7.24
CA LYS I 453 17.27 19.35 -5.79
C LYS I 453 16.87 18.10 -5.02
N TYR I 454 16.29 17.10 -5.67
CA TYR I 454 15.69 15.99 -4.93
C TYR I 454 16.40 14.66 -5.13
N LYS I 455 16.39 13.88 -4.05
CA LYS I 455 16.86 12.51 -4.02
C LYS I 455 15.82 11.68 -3.29
N VAL I 456 15.57 10.45 -3.73
CA VAL I 456 14.64 9.55 -3.06
C VAL I 456 15.47 8.52 -2.29
N VAL I 457 15.18 8.36 -1.00
CA VAL I 457 15.89 7.40 -0.15
C VAL I 457 14.92 6.49 0.58
N LYS I 458 15.37 5.26 0.83
CA LYS I 458 14.62 4.26 1.58
C LYS I 458 15.00 4.34 3.04
N ILE I 459 14.00 4.31 3.90
CA ILE I 459 14.17 4.38 5.34
C ILE I 459 14.44 2.98 5.87
N GLU I 460 15.47 2.86 6.72
CA GLU I 460 15.87 1.59 7.33
C GLU I 460 15.70 1.72 8.83
N PRO I 461 14.50 1.45 9.36
CA PRO I 461 14.21 1.78 10.77
C PRO I 461 14.93 0.92 11.77
N LEU I 462 15.59 -0.15 11.35
CA LEU I 462 16.27 -1.05 12.28
C LEU I 462 17.76 -0.78 12.34
N GLY I 463 18.31 -1.02 13.52
CA GLY I 463 19.74 -0.97 13.71
C GLY I 463 20.07 -1.61 15.04
N VAL I 464 21.35 -1.88 15.22
CA VAL I 464 21.84 -2.52 16.43
C VAL I 464 23.01 -1.70 16.94
N ALA I 465 23.23 -1.73 18.24
CA ALA I 465 24.38 -1.02 18.79
C ALA I 465 24.76 -1.60 20.13
N PRO I 466 26.03 -1.54 20.53
CA PRO I 466 26.39 -2.03 21.87
C PRO I 466 25.88 -1.10 22.94
N THR I 467 25.35 -1.68 24.02
CA THR I 467 24.96 -0.95 25.20
C THR I 467 25.34 -1.79 26.39
N ARG I 468 25.17 -1.26 27.60
CA ARG I 468 25.39 -2.06 28.79
C ARG I 468 24.13 -2.80 29.21
N CYS I 469 23.05 -2.70 28.42
CA CYS I 469 21.76 -3.26 28.79
C CYS I 469 21.70 -4.73 28.39
N LYS I 470 21.56 -5.60 29.39
CA LYS I 470 21.48 -7.04 29.19
C LYS I 470 20.05 -7.50 29.41
N ARG I 471 19.51 -8.31 28.48
CA ARG I 471 18.17 -8.83 28.67
C ARG I 471 18.18 -9.67 29.95
N ARG I 472 17.14 -9.54 30.76
CA ARG I 472 17.11 -10.33 31.98
C ARG I 472 16.68 -11.74 31.64
N VAL I 473 17.55 -12.70 31.94
CA VAL I 473 17.30 -14.10 31.65
C VAL I 473 16.53 -14.66 32.83
N SER J 8 9.92 18.59 19.46
CA SER J 8 10.22 17.53 18.50
C SER J 8 10.74 18.12 17.19
N LEU J 9 11.72 17.44 16.61
CA LEU J 9 12.31 17.86 15.33
C LEU J 9 11.59 17.27 14.13
N GLY J 10 10.62 16.38 14.32
CA GLY J 10 9.94 15.76 13.21
C GLY J 10 10.69 14.58 12.62
N PHE J 11 10.08 14.01 11.59
CA PHE J 11 10.62 12.82 10.92
C PHE J 11 12.03 13.06 10.41
N LEU J 12 12.95 12.22 10.86
CA LEU J 12 14.39 12.24 10.56
C LEU J 12 15.08 13.51 11.05
N GLY J 13 14.41 14.33 11.86
CA GLY J 13 15.03 15.56 12.33
C GLY J 13 16.29 15.28 13.12
N ALA J 14 16.34 14.15 13.80
CA ALA J 14 17.48 13.73 14.61
C ALA J 14 18.53 13.00 13.79
N ALA J 15 18.35 12.89 12.46
CA ALA J 15 19.28 12.15 11.63
C ALA J 15 20.70 12.68 11.76
N GLY J 16 20.88 13.98 11.97
CA GLY J 16 22.19 14.53 12.13
C GLY J 16 22.66 14.59 13.57
N SER J 17 21.84 14.14 14.51
CA SER J 17 22.15 14.19 15.92
C SER J 17 22.96 12.95 16.30
N THR J 18 23.44 12.92 17.53
CA THR J 18 24.24 11.79 17.95
C THR J 18 23.33 10.58 18.16
N MET J 19 23.94 9.39 18.23
CA MET J 19 23.14 8.18 18.39
C MET J 19 22.31 8.23 19.67
N GLY J 20 22.87 8.76 20.75
CA GLY J 20 22.10 8.86 21.97
C GLY J 20 20.91 9.78 21.82
N ALA J 21 21.15 11.00 21.32
CA ALA J 21 20.06 11.96 21.18
C ALA J 21 18.98 11.45 20.23
N ALA J 22 19.38 10.77 19.16
CA ALA J 22 18.38 10.34 18.19
C ALA J 22 17.53 9.21 18.72
N SER J 23 17.94 8.59 19.83
CA SER J 23 17.16 7.50 20.38
C SER J 23 15.88 8.06 20.99
N MET J 24 15.82 9.38 21.20
CA MET J 24 14.65 9.98 21.81
C MET J 24 13.56 10.24 20.78
N THR J 25 13.82 9.94 19.49
CA THR J 25 12.86 10.16 18.40
C THR J 25 12.43 8.88 17.71
N LEU J 26 12.65 7.72 18.34
CA LEU J 26 12.32 6.46 17.68
C LEU J 26 10.85 6.33 17.31
N THR J 27 9.95 6.94 18.09
CA THR J 27 8.54 6.79 17.74
C THR J 27 8.16 7.61 16.52
N VAL J 28 8.92 8.66 16.22
CA VAL J 28 8.53 9.56 15.13
C VAL J 28 8.71 8.86 13.79
N GLN J 29 9.84 8.19 13.62
CA GLN J 29 10.08 7.53 12.35
C GLN J 29 9.13 6.35 12.23
N ALA J 30 8.84 5.69 13.35
CA ALA J 30 7.95 4.54 13.27
C ALA J 30 6.60 4.95 12.71
N ARG J 31 6.09 6.13 13.14
CA ARG J 31 4.79 6.55 12.65
C ARG J 31 4.79 6.78 11.15
N ASN J 32 5.92 7.23 10.61
CA ASN J 32 5.98 7.56 9.20
C ASN J 32 6.33 6.37 8.33
N LEU J 33 6.31 5.15 8.88
CA LEU J 33 6.52 3.97 8.06
C LEU J 33 5.24 3.44 7.43
N LEU J 34 4.09 3.76 7.99
CA LEU J 34 2.78 3.40 7.45
C LEU J 34 2.03 4.59 6.87
N SER J 35 2.15 5.75 7.52
CA SER J 35 1.47 6.96 7.06
C SER J 35 2.30 7.67 5.99
N GLY J 61 -3.45 3.58 -10.95
CA GLY J 61 -4.01 2.60 -10.04
C GLY J 61 -2.98 1.60 -9.57
N ILE J 62 -2.32 0.94 -10.53
CA ILE J 62 -1.34 -0.08 -10.18
C ILE J 62 -0.15 0.54 -9.46
N LYS J 63 0.35 1.67 -9.94
CA LYS J 63 1.53 2.28 -9.32
C LYS J 63 1.27 2.63 -7.86
N GLN J 64 0.10 3.20 -7.55
CA GLN J 64 -0.18 3.59 -6.18
C GLN J 64 -0.33 2.38 -5.29
N LEU J 65 -1.00 1.34 -5.78
CA LEU J 65 -1.16 0.13 -5.00
C LEU J 65 0.16 -0.57 -4.79
N GLN J 66 1.04 -0.60 -5.79
CA GLN J 66 2.32 -1.25 -5.58
C GLN J 66 3.13 -0.50 -4.53
N ALA J 67 3.07 0.83 -4.57
CA ALA J 67 3.79 1.62 -3.57
C ALA J 67 3.26 1.36 -2.16
N ARG J 68 1.93 1.24 -2.05
CA ARG J 68 1.32 1.01 -0.73
C ARG J 68 1.59 -0.40 -0.23
N VAL J 69 1.52 -1.38 -1.13
CA VAL J 69 1.77 -2.77 -0.76
C VAL J 69 3.23 -2.92 -0.38
N LEU J 70 4.13 -2.27 -1.12
CA LEU J 70 5.55 -2.38 -0.81
C LEU J 70 5.82 -1.81 0.58
N ALA J 71 5.20 -0.67 0.90
CA ALA J 71 5.38 -0.10 2.24
C ALA J 71 4.90 -1.08 3.31
N VAL J 72 3.79 -1.77 3.04
CA VAL J 72 3.27 -2.74 4.00
C VAL J 72 4.21 -3.93 4.13
N GLU J 73 4.70 -4.47 3.01
CA GLU J 73 5.60 -5.61 3.08
C GLU J 73 6.88 -5.28 3.82
N HIS J 74 7.42 -4.07 3.62
CA HIS J 74 8.65 -3.73 4.32
C HIS J 74 8.39 -3.58 5.81
N TYR J 75 7.28 -2.96 6.17
CA TYR J 75 6.92 -2.82 7.58
C TYR J 75 6.81 -4.19 8.23
N LEU J 76 6.07 -5.09 7.59
CA LEU J 76 5.83 -6.40 8.17
C LEU J 76 7.10 -7.24 8.22
N ARG J 77 7.99 -7.11 7.23
CA ARG J 77 9.23 -7.88 7.30
C ARG J 77 10.06 -7.41 8.48
N ASP J 78 10.07 -6.10 8.75
CA ASP J 78 10.81 -5.62 9.91
C ASP J 78 10.15 -6.05 11.21
N GLN J 79 8.81 -6.06 11.25
CA GLN J 79 8.14 -6.49 12.47
C GLN J 79 8.33 -7.98 12.70
N GLN J 80 8.35 -8.77 11.63
CA GLN J 80 8.56 -10.20 11.77
C GLN J 80 9.95 -10.45 12.30
N LEU J 81 10.92 -9.66 11.81
CA LEU J 81 12.29 -9.84 12.26
C LEU J 81 12.39 -9.52 13.74
N LEU J 82 11.71 -8.45 14.19
CA LEU J 82 11.72 -8.15 15.61
C LEU J 82 11.04 -9.26 16.40
N GLY J 83 9.97 -9.83 15.85
CA GLY J 83 9.27 -10.91 16.53
C GLY J 83 10.17 -12.11 16.75
N ILE J 84 10.91 -12.49 15.71
CA ILE J 84 11.81 -13.65 15.81
C ILE J 84 12.84 -13.40 16.91
N TRP J 85 13.31 -12.15 17.03
CA TRP J 85 14.28 -11.80 18.07
C TRP J 85 13.65 -11.62 19.44
N GLY J 86 12.32 -11.71 19.57
CA GLY J 86 11.66 -11.48 20.83
C GLY J 86 11.47 -10.02 21.17
N CYS J 87 11.45 -9.14 20.17
CA CYS J 87 11.37 -7.70 20.33
C CYS J 87 10.08 -7.15 19.69
N SER J 88 9.05 -7.98 19.57
CA SER J 88 7.86 -7.64 18.80
C SER J 88 7.14 -6.38 19.29
N GLY J 89 7.19 -6.09 20.59
CA GLY J 89 6.49 -4.95 21.13
C GLY J 89 7.35 -3.79 21.60
N LYS J 90 8.61 -3.75 21.21
CA LYS J 90 9.55 -2.77 21.72
C LYS J 90 10.19 -1.96 20.60
N LEU J 91 10.52 -0.71 20.90
CA LEU J 91 11.32 0.12 20.00
C LEU J 91 12.79 0.05 20.37
N ILE J 92 13.06 -0.17 21.66
CA ILE J 92 14.40 -0.38 22.19
C ILE J 92 14.31 -1.74 22.85
N CYS J 93 15.12 -2.68 22.38
CA CYS J 93 15.06 -4.04 22.86
C CYS J 93 16.45 -4.53 23.20
N CYS J 94 16.64 -4.93 24.45
CA CYS J 94 17.92 -5.42 24.92
C CYS J 94 17.94 -6.92 24.68
N THR J 95 19.12 -7.45 24.35
CA THR J 95 19.27 -8.86 24.04
C THR J 95 20.41 -9.45 24.87
N ASN J 96 20.64 -10.75 24.66
CA ASN J 96 21.69 -11.49 25.33
C ASN J 96 22.85 -11.86 24.42
N VAL J 97 23.01 -11.21 23.28
CA VAL J 97 24.13 -11.45 22.38
C VAL J 97 25.25 -10.49 22.77
N PRO J 98 26.44 -10.97 23.12
CA PRO J 98 27.52 -10.04 23.48
C PRO J 98 28.06 -9.34 22.25
N TRP J 99 28.63 -8.16 22.46
CA TRP J 99 29.31 -7.47 21.37
C TRP J 99 30.67 -8.15 21.23
N ASN J 100 31.08 -8.46 20.00
CA ASN J 100 32.29 -9.23 19.77
C ASN J 100 33.52 -8.38 19.43
N SER J 101 33.46 -7.07 19.62
CA SER J 101 34.59 -6.15 19.41
C SER J 101 35.00 -6.03 17.93
N SER J 102 35.17 -7.15 17.23
CA SER J 102 35.53 -7.11 15.82
C SER J 102 34.50 -6.31 15.02
N TRP J 103 33.24 -6.41 15.43
CA TRP J 103 32.16 -5.69 14.75
C TRP J 103 32.39 -4.19 14.83
N SER J 104 32.89 -3.71 15.97
CA SER J 104 33.24 -2.31 16.18
C SER J 104 33.93 -2.22 17.54
N ASN J 105 35.14 -1.68 17.59
CA ASN J 105 35.89 -1.60 18.83
C ASN J 105 35.83 -0.22 19.47
N ARG J 106 34.85 0.59 19.07
CA ARG J 106 34.67 1.89 19.67
C ARG J 106 34.06 1.72 21.05
N ASN J 107 34.40 2.63 21.97
CA ASN J 107 33.80 2.58 23.29
C ASN J 107 32.43 3.25 23.26
N LEU J 108 31.74 3.26 24.40
CA LEU J 108 30.39 3.80 24.42
C LEU J 108 30.37 5.30 24.16
N SER J 109 31.39 6.03 24.63
CA SER J 109 31.40 7.48 24.40
C SER J 109 31.48 7.79 22.91
N GLU J 110 32.39 7.12 22.21
CA GLU J 110 32.56 7.38 20.78
C GLU J 110 31.32 6.99 19.99
N ILE J 111 30.66 5.90 20.36
CA ILE J 111 29.50 5.44 19.58
C ILE J 111 28.28 6.30 19.88
N TRP J 112 27.98 6.53 21.15
CA TRP J 112 26.73 7.21 21.48
C TRP J 112 26.82 8.72 21.53
N ASP J 113 27.96 9.30 21.91
CA ASP J 113 28.07 10.76 22.01
C ASP J 113 28.76 11.42 20.82
N ASN J 114 29.64 10.72 20.09
CA ASN J 114 30.39 11.34 18.99
C ASN J 114 30.06 10.77 17.61
N MET J 115 28.97 10.00 17.45
CA MET J 115 28.60 9.48 16.15
C MET J 115 27.09 9.58 15.93
N THR J 116 26.71 9.67 14.66
CA THR J 116 25.33 9.63 14.23
C THR J 116 24.97 8.22 13.82
N TRP J 117 23.67 7.96 13.65
CA TRP J 117 23.26 6.62 13.24
C TRP J 117 23.66 6.32 11.80
N LEU J 118 23.78 7.34 10.94
CA LEU J 118 24.19 7.08 9.57
C LEU J 118 25.63 6.59 9.53
N GLN J 119 26.49 7.20 10.36
CA GLN J 119 27.89 6.79 10.39
C GLN J 119 27.99 5.39 10.97
N TRP J 120 27.20 5.10 12.00
CA TRP J 120 27.21 3.78 12.60
C TRP J 120 26.74 2.74 11.59
N ASP J 121 25.63 3.05 10.93
CA ASP J 121 25.08 2.14 9.90
C ASP J 121 26.23 1.77 8.96
N LYS J 122 26.94 2.78 8.44
CA LYS J 122 28.00 2.45 7.49
C LYS J 122 29.08 1.60 8.16
N GLU J 123 29.48 1.97 9.37
CA GLU J 123 30.53 1.23 10.08
C GLU J 123 30.16 -0.22 10.36
N ILE J 124 28.88 -0.49 10.70
CA ILE J 124 28.45 -1.82 11.10
C ILE J 124 27.78 -2.59 9.97
N SER J 125 27.75 -2.05 8.75
CA SER J 125 27.03 -2.70 7.67
C SER J 125 27.52 -4.11 7.39
N ASN J 126 28.84 -4.31 7.37
CA ASN J 126 29.38 -5.63 7.00
C ASN J 126 29.11 -6.71 8.02
N TYR J 127 28.64 -6.35 9.22
CA TYR J 127 28.39 -7.29 10.28
C TYR J 127 26.90 -7.42 10.61
N THR J 128 26.04 -6.70 9.88
CA THR J 128 24.62 -6.70 10.25
C THR J 128 24.01 -8.09 10.16
N GLN J 129 24.33 -8.84 9.12
CA GLN J 129 23.69 -10.14 8.99
C GLN J 129 24.22 -11.10 10.03
N ILE J 130 25.48 -10.92 10.44
CA ILE J 130 26.04 -11.80 11.46
C ILE J 130 25.29 -11.56 12.74
N ILE J 131 25.08 -10.29 13.08
CA ILE J 131 24.41 -9.96 14.32
C ILE J 131 22.99 -10.50 14.26
N TYR J 132 22.33 -10.32 13.11
CA TYR J 132 20.96 -10.79 13.00
C TYR J 132 20.87 -12.29 13.20
N GLY J 133 21.84 -13.03 12.64
CA GLY J 133 21.82 -14.47 12.84
C GLY J 133 21.96 -14.85 14.30
N LEU J 134 22.85 -14.16 15.00
CA LEU J 134 23.04 -14.48 16.41
C LEU J 134 21.80 -14.14 17.21
N LEU J 135 21.12 -13.05 16.84
CA LEU J 135 19.92 -12.68 17.57
C LEU J 135 18.86 -13.75 17.44
N GLU J 136 18.73 -14.30 16.22
CA GLU J 136 17.75 -15.36 16.03
C GLU J 136 18.09 -16.56 16.88
N GLU J 137 19.37 -16.93 16.91
CA GLU J 137 19.76 -18.10 17.68
C GLU J 137 19.51 -17.88 19.15
N SER J 138 19.81 -16.66 19.62
CA SER J 138 19.62 -16.39 21.04
C SER J 138 18.16 -16.54 21.44
N GLN J 139 17.24 -16.01 20.62
CA GLN J 139 15.85 -16.13 21.01
C GLN J 139 15.39 -17.57 20.99
N ASN J 140 15.87 -18.36 20.02
CA ASN J 140 15.43 -19.74 19.97
C ASN J 140 15.82 -20.47 21.24
N GLN J 141 17.03 -20.20 21.73
CA GLN J 141 17.46 -20.88 22.94
C GLN J 141 16.61 -20.45 24.13
N GLN J 142 16.28 -19.17 24.18
CA GLN J 142 15.48 -18.68 25.29
C GLN J 142 14.09 -19.27 25.25
N GLU J 143 13.52 -19.43 24.04
CA GLU J 143 12.18 -20.01 23.99
C GLU J 143 12.19 -21.43 24.51
N LYS J 144 13.23 -22.20 24.14
CA LYS J 144 13.27 -23.56 24.65
C LYS J 144 13.50 -23.55 26.14
N ASN J 145 14.34 -22.64 26.62
CA ASN J 145 14.62 -22.62 28.04
C ASN J 145 13.38 -22.21 28.80
N GLU J 146 12.61 -21.26 28.25
CA GLU J 146 11.41 -20.84 28.95
C GLU J 146 10.42 -21.99 28.98
N GLN J 147 10.31 -22.71 27.85
CA GLN J 147 9.37 -23.81 27.78
C GLN J 147 9.73 -24.87 28.81
N ASP J 148 11.02 -25.10 29.05
CA ASP J 148 11.36 -26.11 30.04
C ASP J 148 11.07 -25.62 31.46
N LEU J 149 11.32 -24.35 31.75
CA LEU J 149 11.07 -23.86 33.10
C LEU J 149 9.60 -23.90 33.45
N LEU J 150 8.74 -23.65 32.47
CA LEU J 150 7.30 -23.67 32.72
C LEU J 150 6.79 -25.10 32.85
N ALA J 151 7.63 -26.11 32.59
CA ALA J 151 7.29 -27.51 32.75
C ALA J 151 7.66 -28.06 34.12
N LEU J 152 8.27 -27.24 34.98
CA LEU J 152 8.65 -27.66 36.32
C LEU J 152 7.53 -27.32 37.29
N ASP J 153 6.94 -28.35 37.88
CA ASP J 153 5.80 -28.20 38.78
C ASP J 153 6.16 -27.29 39.96
N GLU K 1 23.05 -51.65 30.76
CA GLU K 1 23.85 -51.23 29.57
C GLU K 1 24.44 -49.82 29.75
N VAL K 2 23.81 -49.02 30.61
CA VAL K 2 24.23 -47.65 30.91
C VAL K 2 25.35 -47.62 31.95
N GLN K 3 26.45 -46.90 31.64
CA GLN K 3 27.57 -46.77 32.58
C GLN K 3 27.90 -45.28 32.72
N LEU K 4 28.08 -44.84 33.98
CA LEU K 4 28.50 -43.50 34.32
C LEU K 4 29.77 -43.62 35.15
N VAL K 5 30.86 -42.95 34.74
CA VAL K 5 32.15 -43.03 35.45
C VAL K 5 32.65 -41.63 35.80
N GLU K 6 32.79 -41.36 37.11
CA GLU K 6 33.22 -40.07 37.63
C GLU K 6 34.74 -40.02 37.76
N THR K 7 35.39 -39.15 37.00
CA THR K 7 36.85 -39.02 37.02
C THR K 7 37.21 -37.70 37.69
N GLY K 8 38.11 -37.76 38.66
CA GLY K 8 38.58 -36.58 39.36
C GLY K 8 39.37 -37.00 40.58
N GLY K 9 39.99 -36.00 41.23
CA GLY K 9 40.78 -36.29 42.40
C GLY K 9 39.92 -36.49 43.64
N GLY K 10 40.54 -37.04 44.68
CA GLY K 10 39.85 -37.27 45.95
C GLY K 10 40.32 -36.56 47.21
N LEU K 11 41.26 -35.62 47.15
CA LEU K 11 41.76 -34.97 48.37
C LEU K 11 42.20 -33.55 48.05
N VAL K 12 41.58 -32.57 48.70
CA VAL K 12 41.94 -31.16 48.50
C VAL K 12 41.98 -30.59 49.93
N GLN K 13 42.02 -29.27 50.10
CA GLN K 13 42.14 -28.58 51.36
C GLN K 13 41.21 -27.37 51.31
N PRO K 14 40.84 -26.79 52.46
CA PRO K 14 39.84 -25.71 52.44
C PRO K 14 40.33 -24.54 51.61
N GLY K 15 39.40 -23.93 50.88
CA GLY K 15 39.67 -22.86 49.95
C GLY K 15 40.11 -23.35 48.57
N GLY K 16 40.18 -24.67 48.37
CA GLY K 16 40.58 -25.23 47.10
C GLY K 16 39.47 -25.18 46.05
N SER K 17 39.88 -25.33 44.79
CA SER K 17 38.97 -25.50 43.67
C SER K 17 39.28 -26.83 43.02
N LEU K 18 38.25 -27.66 42.78
CA LEU K 18 38.42 -28.93 42.08
C LEU K 18 37.34 -29.10 41.01
N LYS K 19 37.53 -30.05 40.10
CA LYS K 19 36.52 -30.40 39.11
C LYS K 19 36.36 -31.91 38.99
N LEU K 20 35.11 -32.37 38.84
CA LEU K 20 34.76 -33.77 38.61
C LEU K 20 34.12 -33.88 37.25
N SER K 21 34.61 -34.79 36.40
CA SER K 21 34.05 -34.96 35.06
C SER K 21 33.56 -36.39 34.90
N CYS K 22 32.25 -36.52 34.73
CA CYS K 22 31.54 -37.78 34.60
C CYS K 22 31.32 -38.14 33.14
N ARG K 23 31.85 -39.28 32.71
CA ARG K 23 31.67 -39.76 31.36
C ARG K 23 30.47 -40.70 31.40
N ALA K 24 29.73 -40.77 30.30
CA ALA K 24 28.55 -41.61 30.25
C ALA K 24 28.38 -42.29 28.91
N SER K 25 27.77 -43.48 28.95
CA SER K 25 27.48 -44.21 27.73
C SER K 25 26.31 -45.14 28.00
N GLY K 26 25.77 -45.69 26.90
CA GLY K 26 24.66 -46.62 26.91
C GLY K 26 23.31 -45.98 26.66
N TYR K 27 23.26 -44.67 26.43
CA TYR K 27 22.04 -43.94 26.17
C TYR K 27 22.42 -42.69 25.40
N THR K 28 21.43 -42.02 24.81
CA THR K 28 21.72 -40.77 24.14
C THR K 28 21.92 -39.73 25.23
N PHE K 29 23.13 -39.18 25.30
CA PHE K 29 23.50 -38.26 26.37
C PHE K 29 22.61 -37.03 26.35
N SER K 30 22.44 -36.43 25.16
CA SER K 30 21.66 -35.22 24.98
C SER K 30 20.17 -35.39 25.23
N SER K 31 19.67 -36.62 25.42
CA SER K 31 18.25 -36.84 25.65
C SER K 31 17.82 -36.80 27.11
N PHE K 32 18.75 -36.76 28.07
CA PHE K 32 18.41 -36.79 29.48
C PHE K 32 19.00 -35.61 30.24
N ALA K 33 18.24 -35.11 31.21
CA ALA K 33 18.78 -34.16 32.15
C ALA K 33 19.67 -34.93 33.11
N MET K 34 20.65 -34.25 33.71
CA MET K 34 21.55 -34.94 34.63
C MET K 34 21.79 -34.09 35.86
N SER K 35 22.25 -34.74 36.92
CA SER K 35 22.48 -34.06 38.17
C SER K 35 23.63 -34.70 38.96
N TRP K 36 24.05 -33.98 39.99
CA TRP K 36 25.00 -34.47 40.97
C TRP K 36 24.28 -34.45 42.31
N VAL K 37 24.51 -35.51 43.09
CA VAL K 37 24.03 -35.63 44.46
C VAL K 37 25.23 -36.01 45.30
N ARG K 38 25.14 -35.80 46.62
CA ARG K 38 26.26 -36.16 47.49
C ARG K 38 25.76 -36.90 48.71
N GLN K 39 26.67 -37.69 49.28
CA GLN K 39 26.45 -38.42 50.52
C GLN K 39 27.62 -38.23 51.47
N ALA K 40 27.38 -37.60 52.61
CA ALA K 40 28.46 -37.47 53.58
C ALA K 40 28.78 -38.87 54.08
N PRO K 41 30.05 -39.15 54.45
CA PRO K 41 30.37 -40.53 54.91
C PRO K 41 29.44 -41.11 55.97
N GLY K 42 28.92 -40.30 56.89
CA GLY K 42 28.02 -40.78 57.93
C GLY K 42 26.57 -40.40 57.76
N LYS K 43 26.17 -39.84 56.62
CA LYS K 43 24.82 -39.32 56.38
C LYS K 43 24.20 -39.99 55.15
N GLY K 44 23.01 -39.53 54.81
CA GLY K 44 22.26 -39.99 53.66
C GLY K 44 22.60 -39.13 52.45
N LEU K 45 21.69 -39.15 51.47
CA LEU K 45 21.94 -38.47 50.21
C LEU K 45 21.46 -37.02 50.27
N GLU K 46 22.20 -36.15 49.59
CA GLU K 46 21.86 -34.74 49.45
C GLU K 46 21.93 -34.35 47.97
N TRP K 47 20.91 -33.67 47.48
CA TRP K 47 20.95 -33.19 46.11
C TRP K 47 21.86 -31.98 46.07
N VAL K 48 22.73 -31.91 45.05
CA VAL K 48 23.69 -30.82 44.91
C VAL K 48 23.36 -29.91 43.73
N SER K 49 23.24 -30.48 42.52
CA SER K 49 22.99 -29.62 41.37
C SER K 49 22.28 -30.38 40.27
N LEU K 50 21.54 -29.65 39.43
CA LEU K 50 20.77 -30.22 38.33
C LEU K 50 21.03 -29.40 37.06
N ILE K 51 21.27 -30.08 35.95
CA ILE K 51 21.47 -29.46 34.65
C ILE K 51 20.48 -30.06 33.65
N ASN K 52 20.03 -29.22 32.72
CA ASN K 52 19.09 -29.63 31.69
C ASN K 52 19.79 -30.51 30.67
N ASP K 53 19.02 -30.98 29.68
CA ASP K 53 19.61 -31.86 28.67
C ASP K 53 20.48 -31.05 27.72
N ARG K 54 20.06 -29.82 27.42
CA ARG K 54 20.81 -28.94 26.52
C ARG K 54 21.95 -28.24 27.22
N GLY K 55 21.88 -28.09 28.55
CA GLY K 55 22.89 -27.42 29.33
C GLY K 55 22.62 -25.95 29.58
N GLY K 56 21.61 -25.38 28.93
CA GLY K 56 21.31 -23.97 29.10
C GLY K 56 20.88 -23.58 30.50
N LEU K 57 20.18 -24.47 31.20
CA LEU K 57 19.64 -24.20 32.53
C LEU K 57 20.33 -25.05 33.59
N THR K 58 20.70 -24.40 34.70
CA THR K 58 21.30 -25.07 35.83
C THR K 58 20.59 -24.63 37.10
N PHE K 59 20.53 -25.54 38.07
CA PHE K 59 19.92 -25.28 39.37
C PHE K 59 20.84 -25.83 40.43
N TYR K 60 20.89 -25.17 41.59
CA TYR K 60 21.75 -25.61 42.69
C TYR K 60 20.99 -25.59 44.01
N VAL K 61 21.42 -26.46 44.94
CA VAL K 61 20.93 -26.37 46.31
C VAL K 61 21.58 -25.13 46.92
N ASP K 62 20.83 -24.42 47.76
CA ASP K 62 21.30 -23.16 48.35
C ASP K 62 22.68 -23.26 48.98
N SER K 63 23.02 -24.39 49.58
CA SER K 63 24.32 -24.52 50.24
C SER K 63 25.50 -24.33 49.27
N VAL K 64 25.30 -24.54 47.95
CA VAL K 64 26.35 -24.44 46.95
C VAL K 64 26.01 -23.43 45.86
N LYS K 65 24.94 -22.66 46.03
CA LYS K 65 24.42 -21.81 44.94
C LYS K 65 25.47 -20.85 44.39
N GLY K 66 26.30 -20.28 45.25
CA GLY K 66 27.34 -19.36 44.83
C GLY K 66 28.72 -19.94 44.67
N ARG K 67 28.88 -21.27 44.79
CA ARG K 67 30.18 -21.92 44.77
C ARG K 67 30.39 -22.92 43.65
N PHE K 68 29.35 -23.64 43.22
CA PHE K 68 29.50 -24.71 42.23
C PHE K 68 28.98 -24.28 40.86
N THR K 69 29.65 -24.76 39.83
CA THR K 69 29.20 -24.60 38.44
C THR K 69 29.01 -25.99 37.83
N ILE K 70 27.83 -26.23 37.25
CA ILE K 70 27.53 -27.48 36.57
C ILE K 70 27.41 -27.18 35.08
N SER K 71 28.05 -28.01 34.26
CA SER K 71 28.02 -27.84 32.82
C SER K 71 28.09 -29.21 32.17
N ARG K 72 27.71 -29.28 30.91
CA ARG K 72 27.78 -30.53 30.17
C ARG K 72 28.22 -30.24 28.75
N ASP K 73 28.98 -31.21 28.20
CA ASP K 73 29.42 -31.17 26.79
C ASP K 73 28.75 -32.36 26.13
N ASN K 74 27.74 -32.12 25.29
CA ASN K 74 26.95 -33.18 24.70
C ASN K 74 27.66 -33.87 23.56
N SER K 75 28.79 -33.35 23.08
CA SER K 75 29.51 -34.02 22.01
C SER K 75 30.51 -35.01 22.56
N LYS K 76 31.01 -34.75 23.77
CA LYS K 76 31.97 -35.61 24.45
C LYS K 76 31.27 -36.51 25.45
N ASN K 77 29.94 -36.41 25.57
CA ASN K 77 29.17 -37.16 26.55
C ASN K 77 29.72 -37.00 27.97
N THR K 78 30.03 -35.75 28.35
CA THR K 78 30.64 -35.50 29.67
C THR K 78 29.90 -34.44 30.47
N LEU K 79 29.62 -34.78 31.73
CA LEU K 79 29.00 -33.89 32.71
C LEU K 79 30.08 -33.44 33.67
N SER K 80 30.29 -32.13 33.80
CA SER K 80 31.34 -31.63 34.66
C SER K 80 30.78 -30.73 35.74
N LEU K 81 31.33 -30.87 36.94
CA LEU K 81 30.99 -30.05 38.10
C LEU K 81 32.28 -29.44 38.61
N GLN K 82 32.35 -28.12 38.67
CA GLN K 82 33.52 -27.42 39.17
C GLN K 82 33.16 -26.82 40.52
N MET K 83 33.94 -27.17 41.53
CA MET K 83 33.75 -26.78 42.92
C MET K 83 34.73 -25.67 43.27
N HIS K 84 34.25 -24.67 44.02
CA HIS K 84 35.06 -23.55 44.48
C HIS K 84 34.83 -23.36 45.97
N SER K 85 35.86 -22.83 46.65
CA SER K 85 35.95 -22.68 48.10
C SER K 85 36.18 -24.02 48.81
N LEU K 86 35.33 -25.01 48.52
CA LEU K 86 35.49 -26.39 49.00
C LEU K 86 35.64 -26.49 50.51
N ARG K 87 34.72 -25.80 51.20
CA ARG K 87 34.73 -25.80 52.68
C ARG K 87 34.63 -27.24 53.19
N ASP K 88 35.33 -27.54 54.27
CA ASP K 88 35.35 -28.90 54.83
C ASP K 88 33.99 -29.60 54.84
N GLY K 89 32.91 -28.92 55.26
CA GLY K 89 31.58 -29.48 55.18
C GLY K 89 31.14 -30.08 53.84
N ASP K 90 31.90 -29.85 52.77
CA ASP K 90 31.67 -30.41 51.45
C ASP K 90 32.35 -31.77 51.24
N THR K 91 32.94 -32.38 52.28
CA THR K 91 33.48 -33.71 52.10
C THR K 91 32.33 -34.71 51.95
N ALA K 92 32.38 -35.48 50.86
CA ALA K 92 31.29 -36.42 50.60
C ALA K 92 31.65 -37.27 49.38
N VAL K 93 30.90 -38.35 49.20
CA VAL K 93 30.93 -39.07 47.94
C VAL K 93 29.94 -38.35 47.03
N TYR K 94 30.40 -37.91 45.88
CA TYR K 94 29.59 -37.22 44.89
C TYR K 94 29.20 -38.18 43.79
N TYR K 95 27.90 -38.41 43.64
CA TYR K 95 27.39 -39.36 42.68
C TYR K 95 26.87 -38.58 41.48
N CYS K 96 27.22 -39.09 40.30
CA CYS K 96 26.73 -38.62 39.02
C CYS K 96 25.48 -39.40 38.71
N ALA K 97 24.37 -38.72 38.41
CA ALA K 97 23.15 -39.45 38.11
C ALA K 97 22.41 -38.81 36.95
N THR K 98 21.72 -39.67 36.20
CA THR K 98 20.91 -39.28 35.05
C THR K 98 19.45 -39.31 35.46
N GLY K 99 18.75 -38.22 35.14
CA GLY K 99 17.34 -38.04 35.45
C GLY K 99 17.13 -36.79 36.27
N GLY K 100 15.96 -36.70 36.89
CA GLY K 100 15.57 -35.56 37.69
C GLY K 100 14.83 -34.45 36.97
N MET K 101 14.74 -34.47 35.65
CA MET K 101 14.04 -33.39 34.95
C MET K 101 13.87 -33.81 33.51
N SER K 102 12.92 -33.18 32.82
CA SER K 102 12.77 -33.40 31.39
C SER K 102 12.32 -32.11 30.70
N SER K 103 12.65 -32.01 29.41
CA SER K 103 12.51 -30.78 28.64
C SER K 103 11.11 -30.62 28.01
N ALA K 104 10.07 -30.57 28.84
CA ALA K 104 8.72 -30.22 28.40
C ALA K 104 8.04 -31.10 27.34
N LEU K 105 8.77 -31.64 26.36
CA LEU K 105 8.19 -32.47 25.31
C LEU K 105 8.37 -33.96 25.60
N GLN K 106 8.94 -34.29 26.74
CA GLN K 106 9.26 -35.63 27.19
C GLN K 106 8.38 -35.94 28.39
N SER K 107 8.23 -37.23 28.70
CA SER K 107 7.51 -37.58 29.90
C SER K 107 8.24 -37.00 31.10
N SER K 108 7.52 -36.80 32.19
CA SER K 108 8.16 -36.24 33.37
C SER K 108 9.10 -37.25 33.99
N LYS K 109 10.10 -36.73 34.72
CA LYS K 109 11.03 -37.55 35.48
C LYS K 109 10.79 -37.27 36.96
N TYR K 110 11.52 -36.33 37.57
CA TYR K 110 11.46 -36.06 39.00
C TYR K 110 11.97 -37.24 39.81
N TYR K 111 12.88 -38.00 39.22
CA TYR K 111 13.58 -39.11 39.86
C TYR K 111 14.92 -39.25 39.15
N PHE K 112 15.84 -39.99 39.75
CA PHE K 112 17.17 -40.19 39.18
C PHE K 112 17.21 -41.63 38.71
N ASP K 113 17.22 -41.83 37.39
CA ASP K 113 17.08 -43.17 36.83
C ASP K 113 18.37 -43.93 36.58
N PHE K 114 19.52 -43.29 36.45
CA PHE K 114 20.78 -44.02 36.31
C PHE K 114 21.80 -43.43 37.25
N TRP K 115 22.64 -44.29 37.84
CA TRP K 115 23.64 -43.87 38.80
C TRP K 115 25.00 -44.42 38.44
N GLY K 116 26.02 -43.66 38.82
CA GLY K 116 27.41 -44.04 38.66
C GLY K 116 27.88 -44.75 39.91
N GLN K 117 29.19 -44.71 40.13
CA GLN K 117 29.80 -45.40 41.27
C GLN K 117 30.09 -44.47 42.43
N GLY K 118 30.33 -43.18 42.16
CA GLY K 118 30.57 -42.18 43.18
C GLY K 118 32.04 -41.82 43.34
N ALA K 119 32.33 -40.53 43.33
CA ALA K 119 33.69 -40.01 43.52
C ALA K 119 33.81 -39.50 44.94
N LEU K 120 34.75 -40.04 45.72
CA LEU K 120 34.90 -39.59 47.10
C LEU K 120 35.82 -38.39 47.10
N VAL K 121 35.33 -37.25 47.62
CA VAL K 121 36.10 -36.02 47.69
C VAL K 121 36.27 -35.64 49.16
N THR K 122 37.53 -35.57 49.59
CA THR K 122 37.94 -35.20 50.93
C THR K 122 38.52 -33.79 50.89
N VAL K 123 38.06 -32.92 51.79
CA VAL K 123 38.61 -31.57 51.87
C VAL K 123 39.80 -31.63 52.82
N ALA L 1 14.49 -31.59 55.23
CA ALA L 1 14.64 -33.03 55.04
C ALA L 1 13.35 -33.76 55.44
N LEU L 2 13.21 -35.00 54.97
CA LEU L 2 12.08 -35.84 55.30
C LEU L 2 12.38 -36.75 56.48
N THR L 3 11.35 -36.99 57.28
CA THR L 3 11.47 -37.84 58.46
C THR L 3 11.45 -39.30 58.01
N GLN L 4 12.36 -40.11 58.55
CA GLN L 4 12.45 -41.50 58.16
C GLN L 4 12.88 -42.31 59.38
N PRO L 5 12.36 -43.53 59.58
CA PRO L 5 12.88 -44.39 60.66
C PRO L 5 14.36 -44.66 60.49
N PRO L 6 15.19 -44.48 61.53
CA PRO L 6 16.61 -44.84 61.40
C PRO L 6 16.85 -46.27 60.93
N SER L 7 16.02 -47.22 61.35
CA SER L 7 16.18 -48.60 60.91
C SER L 7 14.88 -49.34 61.08
N VAL L 8 14.72 -50.40 60.28
CA VAL L 8 13.60 -51.33 60.37
C VAL L 8 14.21 -52.73 60.22
N SER L 9 13.46 -53.75 60.60
CA SER L 9 13.92 -55.12 60.42
C SER L 9 12.73 -56.07 60.31
N GLY L 10 13.01 -57.28 59.84
CA GLY L 10 12.03 -58.34 59.81
C GLY L 10 12.67 -59.63 59.32
N SER L 11 11.90 -60.72 59.44
CA SER L 11 12.36 -62.03 59.02
C SER L 11 12.10 -62.27 57.53
N PRO L 12 12.86 -63.18 56.90
CA PRO L 12 12.58 -63.53 55.49
C PRO L 12 11.15 -63.99 55.28
N GLY L 13 10.54 -63.51 54.20
CA GLY L 13 9.18 -63.87 53.85
C GLY L 13 8.13 -62.92 54.37
N GLN L 14 8.48 -62.02 55.29
CA GLN L 14 7.55 -61.08 55.88
C GLN L 14 7.45 -59.83 55.02
N SER L 15 6.35 -59.09 55.19
CA SER L 15 6.19 -57.81 54.52
C SER L 15 6.71 -56.73 55.45
N VAL L 16 7.61 -55.89 54.94
CA VAL L 16 8.19 -54.79 55.71
C VAL L 16 7.90 -53.46 55.03
N THR L 17 7.36 -52.51 55.78
CA THR L 17 7.00 -51.17 55.28
C THR L 17 7.87 -50.09 55.91
N ILE L 18 8.45 -49.23 55.07
CA ILE L 18 9.26 -48.09 55.48
C ILE L 18 8.43 -46.85 55.18
N SER L 19 8.11 -46.06 56.22
CA SER L 19 7.26 -44.88 56.06
C SER L 19 8.06 -43.57 56.11
N CYS L 20 8.04 -42.83 55.01
CA CYS L 20 8.73 -41.55 54.85
C CYS L 20 7.68 -40.45 54.97
N THR L 21 7.85 -39.52 55.92
CA THR L 21 6.87 -38.47 56.15
C THR L 21 7.50 -37.11 55.91
N GLY L 22 6.82 -36.30 55.08
CA GLY L 22 7.23 -34.96 54.71
C GLY L 22 6.19 -33.93 55.10
N THR L 23 6.01 -32.88 54.29
CA THR L 23 5.05 -31.82 54.58
C THR L 23 4.20 -31.56 53.34
N SER L 24 3.25 -30.64 53.48
CA SER L 24 2.32 -30.35 52.40
C SER L 24 2.99 -29.71 51.20
N SER L 25 4.06 -28.95 51.41
CA SER L 25 4.75 -28.27 50.33
C SER L 25 5.62 -29.20 49.50
N ASP L 26 5.81 -30.46 49.91
CA ASP L 26 6.64 -31.40 49.16
C ASP L 26 5.92 -32.71 48.82
N ILE L 27 5.83 -33.66 49.76
CA ILE L 27 5.20 -34.94 49.45
C ILE L 27 3.73 -34.76 49.15
N GLY L 28 3.05 -33.93 49.94
CA GLY L 28 1.63 -33.69 49.78
C GLY L 28 1.19 -33.12 48.44
N SER L 29 1.78 -31.97 48.10
CA SER L 29 1.42 -31.25 46.88
C SER L 29 1.94 -31.90 45.60
N TYR L 30 3.11 -32.54 45.63
CA TYR L 30 3.75 -33.07 44.42
C TYR L 30 3.73 -34.59 44.42
N ASN L 31 3.14 -35.17 43.38
CA ASN L 31 3.02 -36.62 43.25
C ASN L 31 4.30 -37.16 42.58
N TYR L 32 5.45 -36.90 43.23
CA TYR L 32 6.78 -37.33 42.75
C TYR L 32 7.65 -37.85 43.91
N VAL L 33 7.32 -39.00 44.47
CA VAL L 33 8.05 -39.55 45.62
C VAL L 33 8.78 -40.80 45.18
N SER L 34 10.11 -40.73 45.07
CA SER L 34 10.91 -41.87 44.62
C SER L 34 11.56 -42.55 45.82
N TRP L 35 11.97 -43.81 45.62
CA TRP L 35 12.70 -44.58 46.63
C TRP L 35 13.94 -45.20 46.02
N TYR L 36 15.04 -45.24 46.82
CA TYR L 36 16.31 -45.78 46.39
C TYR L 36 16.84 -46.84 47.36
N GLN L 37 17.51 -47.87 46.83
CA GLN L 37 18.14 -48.93 47.60
C GLN L 37 19.65 -48.82 47.44
N GLN L 38 20.37 -48.54 48.53
CA GLN L 38 21.82 -48.40 48.52
C GLN L 38 22.52 -49.50 49.33
N HIS L 39 23.18 -50.44 48.63
CA HIS L 39 23.93 -51.45 49.38
C HIS L 39 25.22 -50.76 49.85
N PRO L 40 25.74 -51.10 51.03
CA PRO L 40 27.00 -50.47 51.47
C PRO L 40 28.09 -50.60 50.42
N GLY L 41 28.77 -49.50 50.16
CA GLY L 41 29.85 -49.46 49.19
C GLY L 41 29.41 -49.24 47.76
N LYS L 42 28.11 -49.19 47.50
CA LYS L 42 27.55 -49.03 46.17
C LYS L 42 26.74 -47.74 46.07
N ALA L 43 26.57 -47.27 44.84
CA ALA L 43 25.70 -46.14 44.60
C ALA L 43 24.23 -46.55 44.75
N PRO L 44 23.35 -45.62 45.17
CA PRO L 44 21.92 -45.97 45.24
C PRO L 44 21.36 -46.42 43.91
N LYS L 45 20.49 -47.44 43.98
CA LYS L 45 19.77 -47.96 42.84
C LYS L 45 18.33 -47.46 42.91
N LEU L 46 17.75 -47.13 41.76
CA LEU L 46 16.36 -46.70 41.76
C LEU L 46 15.47 -47.91 41.99
N MET L 47 14.61 -47.82 43.00
CA MET L 47 13.69 -48.89 43.33
C MET L 47 12.25 -48.54 42.99
N ILE L 48 11.83 -47.31 43.27
CA ILE L 48 10.47 -46.82 42.98
C ILE L 48 10.61 -45.43 42.40
N TYR L 49 9.81 -45.12 41.37
CA TYR L 49 9.78 -43.78 40.81
C TYR L 49 8.31 -43.44 40.65
N ASP L 50 8.01 -42.14 40.60
CA ASP L 50 6.62 -41.67 40.60
C ASP L 50 6.06 -42.12 41.95
N VAL L 51 4.79 -41.88 42.25
CA VAL L 51 4.32 -42.34 43.55
C VAL L 51 4.18 -43.88 43.55
N THR L 52 3.61 -44.47 42.50
CA THR L 52 3.36 -45.91 42.48
C THR L 52 4.08 -46.72 41.40
N GLN L 53 4.98 -46.14 40.59
CA GLN L 53 5.61 -46.90 39.51
C GLN L 53 6.95 -47.50 39.91
N ARG L 54 7.23 -48.67 39.34
CA ARG L 54 8.46 -49.44 39.53
C ARG L 54 9.30 -49.47 38.25
N PRO L 55 10.63 -49.26 38.32
CA PRO L 55 11.45 -49.38 37.11
C PRO L 55 11.47 -50.80 36.59
N SER L 56 11.63 -50.93 35.27
CA SER L 56 11.82 -52.26 34.71
C SER L 56 13.10 -52.83 35.28
N GLY L 57 13.09 -54.12 35.61
CA GLY L 57 14.25 -54.76 36.19
C GLY L 57 14.17 -54.95 37.69
N VAL L 58 13.18 -54.34 38.34
CA VAL L 58 12.95 -54.45 39.78
C VAL L 58 11.75 -55.38 39.99
N SER L 59 11.93 -56.35 40.88
CA SER L 59 10.93 -57.37 41.13
C SER L 59 9.65 -56.78 41.70
N ASP L 60 8.55 -57.50 41.47
CA ASP L 60 7.20 -57.13 41.87
C ASP L 60 7.02 -57.03 43.38
N ARG L 61 8.01 -57.48 44.17
CA ARG L 61 7.93 -57.41 45.61
C ARG L 61 8.06 -55.99 46.15
N PHE L 62 8.56 -55.05 45.35
CA PHE L 62 8.75 -53.66 45.77
C PHE L 62 7.55 -52.84 45.29
N SER L 63 6.90 -52.16 46.23
CA SER L 63 5.73 -51.34 45.90
C SER L 63 5.69 -50.17 46.87
N GLY L 64 4.75 -49.25 46.63
CA GLY L 64 4.64 -48.12 47.52
C GLY L 64 3.36 -47.35 47.27
N SER L 65 3.14 -46.35 48.11
CA SER L 65 1.91 -45.56 48.04
C SER L 65 2.11 -44.25 48.78
N LYS L 66 1.10 -43.37 48.66
CA LYS L 66 1.09 -42.09 49.35
C LYS L 66 -0.31 -41.81 49.88
N SER L 67 -0.37 -41.29 51.10
CA SER L 67 -1.62 -40.87 51.72
C SER L 67 -1.35 -39.61 52.54
N GLY L 68 -2.08 -38.54 52.25
CA GLY L 68 -1.82 -37.29 52.96
C GLY L 68 -0.41 -36.85 52.68
N ASN L 69 0.35 -36.61 53.75
CA ASN L 69 1.74 -36.18 53.63
C ASN L 69 2.72 -37.30 53.94
N THR L 70 2.23 -38.55 54.05
CA THR L 70 3.08 -39.70 54.35
C THR L 70 3.09 -40.65 53.16
N ALA L 71 4.29 -41.03 52.73
CA ALA L 71 4.50 -41.96 51.64
C ALA L 71 5.21 -43.18 52.21
N SER L 72 4.99 -44.35 51.63
CA SER L 72 5.68 -45.54 52.14
C SER L 72 6.04 -46.49 51.02
N LEU L 73 7.07 -47.28 51.30
CA LEU L 73 7.55 -48.37 50.45
C LEU L 73 7.38 -49.67 51.21
N THR L 74 6.87 -50.69 50.53
CA THR L 74 6.69 -52.02 51.12
C THR L 74 7.35 -53.10 50.28
N ILE L 75 8.09 -53.98 50.97
CA ILE L 75 8.72 -55.14 50.35
C ILE L 75 8.05 -56.38 50.94
N SER L 76 7.27 -57.08 50.12
CA SER L 76 6.63 -58.30 50.61
C SER L 76 7.63 -59.43 50.36
N GLY L 77 7.47 -60.53 51.07
CA GLY L 77 8.28 -61.70 50.75
C GLY L 77 9.76 -61.44 50.90
N LEU L 78 10.16 -60.71 51.94
CA LEU L 78 11.54 -60.23 52.15
C LEU L 78 12.59 -61.34 51.95
N GLN L 79 13.63 -61.03 51.17
CA GLN L 79 14.75 -61.93 50.86
C GLN L 79 16.02 -61.49 51.58
N ALA L 80 16.95 -62.44 51.74
CA ALA L 80 18.24 -62.15 52.35
C ALA L 80 19.01 -61.06 51.62
N ASP L 81 18.85 -60.97 50.30
CA ASP L 81 19.59 -59.99 49.49
C ASP L 81 18.99 -58.59 49.54
N ASP L 82 17.92 -58.39 50.32
CA ASP L 82 17.28 -57.09 50.45
C ASP L 82 17.92 -56.18 51.49
N GLU L 83 18.86 -56.68 52.30
CA GLU L 83 19.48 -55.86 53.33
C GLU L 83 20.16 -54.66 52.69
N ALA L 84 19.78 -53.44 53.10
CA ALA L 84 20.33 -52.26 52.43
C ALA L 84 19.91 -51.00 53.16
N ASP L 85 20.53 -49.87 52.77
CA ASP L 85 20.08 -48.57 53.24
C ASP L 85 19.08 -48.02 52.25
N TYR L 86 17.85 -47.79 52.69
CA TYR L 86 16.79 -47.29 51.83
C TYR L 86 16.59 -45.81 52.08
N TYR L 87 16.34 -45.07 50.99
CA TYR L 87 16.10 -43.64 51.05
C TYR L 87 14.81 -43.29 50.31
N CYS L 88 14.18 -42.23 50.79
CA CYS L 88 13.04 -41.61 50.14
C CYS L 88 13.48 -40.25 49.64
N SER L 89 12.87 -39.79 48.55
CA SER L 89 13.11 -38.43 48.11
C SER L 89 11.86 -37.89 47.43
N ALA L 90 11.74 -36.57 47.43
CA ALA L 90 10.60 -35.94 46.77
C ALA L 90 10.95 -34.61 46.15
N TYR L 91 10.22 -34.30 45.07
CA TYR L 91 10.32 -33.00 44.42
C TYR L 91 9.64 -31.97 45.30
N ALA L 92 10.31 -30.84 45.57
CA ALA L 92 9.75 -29.80 46.43
C ALA L 92 9.35 -28.51 45.73
N GLY L 93 9.78 -28.25 44.51
CA GLY L 93 9.45 -27.02 43.81
C GLY L 93 10.60 -26.50 42.99
N ARG L 94 10.45 -25.27 42.49
CA ARG L 94 11.48 -24.68 41.64
C ARG L 94 12.64 -24.07 42.45
N GLN L 95 12.39 -23.58 43.67
CA GLN L 95 13.48 -23.00 44.45
C GLN L 95 14.26 -24.11 45.13
N THR L 96 13.56 -25.10 45.68
CA THR L 96 14.16 -26.27 46.29
C THR L 96 13.68 -27.43 45.41
N PHE L 97 14.61 -28.05 44.69
CA PHE L 97 14.20 -29.11 43.76
C PHE L 97 13.92 -30.44 44.45
N TYR L 98 14.89 -31.01 45.16
CA TYR L 98 14.67 -32.32 45.78
C TYR L 98 15.07 -32.29 47.23
N ILE L 99 14.29 -33.00 48.03
CA ILE L 99 14.57 -33.20 49.44
C ILE L 99 14.69 -34.69 49.68
N PHE L 100 15.78 -35.10 50.32
CA PHE L 100 15.98 -36.48 50.71
C PHE L 100 15.68 -36.61 52.20
N GLY L 101 15.21 -37.79 52.58
CA GLY L 101 15.02 -38.11 53.97
C GLY L 101 16.25 -38.76 54.55
N GLY L 102 16.14 -39.16 55.80
CA GLY L 102 17.22 -39.86 56.43
C GLY L 102 17.21 -41.27 55.88
N GLY L 103 18.23 -42.04 56.19
CA GLY L 103 18.26 -43.39 55.70
C GLY L 103 17.64 -44.35 56.68
N THR L 104 17.17 -45.47 56.13
CA THR L 104 16.64 -46.58 56.91
C THR L 104 17.54 -47.77 56.65
N ARG L 105 18.09 -48.36 57.70
CA ARG L 105 18.89 -49.55 57.51
C ARG L 105 17.92 -50.71 57.61
N LEU L 106 17.78 -51.47 56.54
CA LEU L 106 16.90 -52.62 56.50
C LEU L 106 17.79 -53.85 56.70
N THR L 107 17.53 -54.57 57.79
CA THR L 107 18.27 -55.76 58.18
C THR L 107 17.34 -56.96 58.13
N VAL L 108 17.87 -58.08 57.66
CA VAL L 108 17.10 -59.31 57.48
C VAL L 108 17.51 -60.28 58.58
N LEU L 109 16.53 -60.73 59.36
CA LEU L 109 16.79 -61.54 60.53
C LEU L 109 16.85 -63.02 60.15
N ASN M 3 -2.91 -33.20 32.80
CA ASN M 3 -1.46 -33.31 32.87
C ASN M 3 -0.82 -32.47 31.75
N LEU M 4 -1.35 -32.60 30.54
CA LEU M 4 -0.80 -31.93 29.37
C LEU M 4 -1.62 -30.71 29.03
N TRP M 5 -0.93 -29.70 28.48
CA TRP M 5 -1.50 -28.40 28.16
C TRP M 5 -1.30 -28.12 26.67
N VAL M 6 -2.19 -27.31 26.10
CA VAL M 6 -2.12 -26.96 24.69
C VAL M 6 -1.03 -25.91 24.49
N THR M 7 -0.03 -26.24 23.67
CA THR M 7 1.05 -25.31 23.35
C THR M 7 0.92 -24.93 21.88
N VAL M 8 1.00 -23.63 21.63
CA VAL M 8 0.85 -23.06 20.29
C VAL M 8 2.23 -22.91 19.65
N TYR M 9 2.37 -23.41 18.43
CA TYR M 9 3.58 -23.32 17.65
C TYR M 9 3.28 -22.55 16.37
N TYR M 10 4.20 -21.67 15.97
CA TYR M 10 4.09 -20.93 14.73
C TYR M 10 5.35 -21.17 13.94
N GLY M 11 5.20 -21.53 12.68
CA GLY M 11 6.30 -21.90 11.83
C GLY M 11 6.34 -23.39 11.60
N VAL M 12 5.23 -24.09 11.83
CA VAL M 12 5.16 -25.54 11.72
C VAL M 12 5.28 -25.96 10.25
N PRO M 13 6.19 -26.90 9.89
CA PRO M 13 6.39 -27.30 8.48
C PRO M 13 5.29 -28.23 7.98
N VAL M 14 4.06 -27.70 7.90
CA VAL M 14 2.92 -28.46 7.41
C VAL M 14 2.27 -27.65 6.29
N TRP M 15 1.46 -28.32 5.46
CA TRP M 15 0.82 -27.64 4.35
C TRP M 15 -0.47 -28.37 3.98
N LYS M 16 -1.31 -27.67 3.22
CA LYS M 16 -2.56 -28.21 2.68
C LYS M 16 -2.58 -28.02 1.17
N ASP M 17 -3.29 -28.90 0.47
CA ASP M 17 -3.45 -28.70 -0.97
C ASP M 17 -4.19 -27.39 -1.18
N ALA M 18 -3.76 -26.60 -2.16
CA ALA M 18 -4.41 -25.33 -2.42
C ALA M 18 -4.23 -24.93 -3.88
N GLU M 19 -5.14 -24.09 -4.36
CA GLU M 19 -5.08 -23.50 -5.68
C GLU M 19 -4.79 -22.01 -5.48
N THR M 20 -3.65 -21.54 -6.01
CA THR M 20 -3.30 -20.12 -5.90
C THR M 20 -2.73 -19.61 -7.21
N THR M 21 -2.46 -18.30 -7.23
CA THR M 21 -1.87 -17.62 -8.37
C THR M 21 -0.36 -17.80 -8.38
N LEU M 22 0.19 -18.23 -9.51
CA LEU M 22 1.62 -18.38 -9.71
C LEU M 22 2.11 -17.29 -10.66
N PHE M 23 3.40 -16.97 -10.50
CA PHE M 23 3.97 -15.88 -11.30
C PHE M 23 5.05 -16.38 -12.26
N CYS M 24 5.28 -15.62 -13.32
CA CYS M 24 6.33 -15.89 -14.27
C CYS M 24 7.69 -15.41 -13.80
N ALA M 25 8.70 -16.12 -14.25
CA ALA M 25 10.08 -15.73 -14.02
C ALA M 25 10.78 -16.06 -15.31
N SER M 26 11.87 -15.34 -15.59
CA SER M 26 12.62 -15.54 -16.82
C SER M 26 14.10 -15.24 -16.58
N ASP M 27 14.92 -15.70 -17.52
CA ASP M 27 16.35 -15.45 -17.47
C ASP M 27 16.63 -13.99 -17.80
N HIS M 36 12.10 -8.69 -30.33
CA HIS M 36 11.07 -8.93 -29.32
C HIS M 36 10.69 -10.41 -29.43
N ASN M 37 9.80 -10.87 -28.56
CA ASN M 37 9.36 -12.26 -28.53
C ASN M 37 7.87 -12.28 -28.23
N VAL M 38 7.16 -13.27 -28.81
CA VAL M 38 5.71 -13.37 -28.58
C VAL M 38 5.39 -13.50 -27.10
N TRP M 39 6.19 -14.26 -26.36
CA TRP M 39 5.95 -14.42 -24.94
C TRP M 39 6.66 -13.25 -24.27
N ALA M 40 5.86 -12.38 -23.66
CA ALA M 40 6.33 -11.10 -23.09
C ALA M 40 7.07 -11.31 -21.78
N THR M 41 8.30 -11.79 -21.89
CA THR M 41 9.06 -12.08 -20.68
C THR M 41 9.47 -10.81 -19.94
N HIS M 42 9.39 -9.64 -20.58
CA HIS M 42 9.70 -8.41 -19.84
C HIS M 42 8.61 -8.05 -18.84
N ALA M 43 7.42 -8.63 -18.95
CA ALA M 43 6.36 -8.43 -17.98
C ALA M 43 6.47 -9.40 -16.82
N CYS M 44 7.54 -10.19 -16.92
CA CYS M 44 7.76 -11.26 -15.95
C CYS M 44 8.95 -10.91 -15.05
N VAL M 45 8.96 -11.52 -13.88
CA VAL M 45 10.01 -11.23 -12.90
C VAL M 45 11.36 -11.87 -13.24
N PRO M 46 12.51 -11.19 -13.06
CA PRO M 46 13.78 -11.90 -13.26
C PRO M 46 13.90 -13.11 -12.34
N THR M 47 14.48 -14.19 -12.86
CA THR M 47 14.66 -15.41 -12.08
C THR M 47 15.85 -15.32 -11.13
N ASP M 48 15.84 -16.25 -10.17
CA ASP M 48 16.96 -16.43 -9.26
C ASP M 48 18.07 -17.16 -10.01
N PRO M 49 19.27 -16.55 -10.18
CA PRO M 49 20.33 -17.27 -10.92
C PRO M 49 20.85 -18.51 -10.21
N ASN M 50 20.58 -18.67 -8.92
CA ASN M 50 21.05 -19.83 -8.14
C ASN M 50 19.90 -20.38 -7.31
N PRO M 51 18.88 -20.96 -7.96
CA PRO M 51 17.67 -21.35 -7.25
C PRO M 51 17.95 -22.51 -6.32
N GLN M 52 17.19 -22.59 -5.23
CA GLN M 52 17.35 -23.65 -4.25
C GLN M 52 16.33 -24.76 -4.47
N GLU M 53 16.73 -25.97 -4.04
CA GLU M 53 15.86 -27.14 -4.02
C GLU M 53 16.16 -27.85 -2.71
N ILE M 54 15.12 -28.12 -1.91
CA ILE M 54 15.27 -28.73 -0.60
C ILE M 54 14.64 -30.11 -0.57
N HIS M 55 15.47 -31.15 -0.42
CA HIS M 55 14.97 -32.51 -0.37
C HIS M 55 14.28 -32.78 0.96
N LEU M 56 13.10 -33.40 0.91
CA LEU M 56 12.35 -33.75 2.11
C LEU M 56 12.62 -35.24 2.35
N GLU M 57 13.51 -35.53 3.30
CA GLU M 57 14.04 -36.89 3.43
C GLU M 57 12.98 -37.95 3.72
N ASN M 58 11.98 -37.63 4.55
CA ASN M 58 10.94 -38.60 4.92
C ASN M 58 9.53 -38.11 4.59
N VAL M 59 9.34 -37.36 3.51
CA VAL M 59 8.03 -36.87 3.12
C VAL M 59 7.59 -37.58 1.85
N THR M 60 6.44 -38.21 1.93
CA THR M 60 5.77 -38.87 0.80
C THR M 60 4.50 -38.08 0.58
N GLU M 61 4.22 -37.69 -0.66
CA GLU M 61 3.05 -36.85 -0.94
C GLU M 61 2.27 -37.44 -2.10
N GLU M 62 0.97 -37.15 -2.13
CA GLU M 62 0.11 -37.64 -3.19
C GLU M 62 -0.04 -36.57 -4.25
N PHE M 63 0.24 -36.94 -5.49
CA PHE M 63 0.18 -36.07 -6.65
C PHE M 63 -0.97 -36.48 -7.54
N ASN M 64 -1.48 -35.52 -8.32
CA ASN M 64 -2.47 -35.84 -9.35
C ASN M 64 -2.30 -34.82 -10.47
N MET M 65 -1.59 -35.22 -11.54
CA MET M 65 -1.31 -34.28 -12.62
C MET M 65 -2.58 -33.85 -13.35
N TRP M 66 -3.68 -34.58 -13.19
CA TRP M 66 -4.91 -34.28 -13.93
C TRP M 66 -5.79 -33.27 -13.21
N LYS M 67 -5.45 -32.93 -11.96
CA LYS M 67 -6.17 -31.97 -11.12
C LYS M 67 -5.23 -30.86 -10.68
N ASN M 68 -4.13 -30.70 -11.41
CA ASN M 68 -3.07 -29.76 -11.13
C ASN M 68 -3.49 -28.42 -11.71
N ASN M 69 -3.76 -27.44 -10.86
CA ASN M 69 -4.30 -26.17 -11.33
C ASN M 69 -3.21 -25.29 -11.94
N MET M 70 -1.96 -25.78 -11.98
CA MET M 70 -0.91 -25.03 -12.64
C MET M 70 -1.08 -25.05 -14.15
N VAL M 71 -1.73 -26.09 -14.68
CA VAL M 71 -1.88 -26.20 -16.13
C VAL M 71 -2.91 -25.21 -16.65
N GLU M 72 -4.04 -25.06 -15.95
CA GLU M 72 -5.06 -24.11 -16.40
C GLU M 72 -4.52 -22.69 -16.34
N GLN M 73 -3.75 -22.39 -15.31
CA GLN M 73 -3.18 -21.06 -15.21
C GLN M 73 -2.12 -20.86 -16.29
N MET M 74 -1.30 -21.88 -16.56
CA MET M 74 -0.30 -21.72 -17.60
C MET M 74 -0.98 -21.48 -18.93
N HIS M 75 -2.10 -22.17 -19.15
CA HIS M 75 -2.86 -22.03 -20.39
C HIS M 75 -3.37 -20.60 -20.53
N GLU M 76 -3.94 -20.06 -19.45
CA GLU M 76 -4.46 -18.71 -19.50
C GLU M 76 -3.33 -17.70 -19.67
N ASP M 77 -2.16 -17.95 -19.07
CA ASP M 77 -1.06 -17.02 -19.20
C ASP M 77 -0.50 -17.01 -20.61
N ILE M 78 -0.40 -18.19 -21.24
CA ILE M 78 0.12 -18.25 -22.59
C ILE M 78 -0.85 -17.57 -23.55
N ILE M 79 -2.16 -17.80 -23.37
CA ILE M 79 -3.13 -17.13 -24.24
C ILE M 79 -3.08 -15.62 -24.04
N SER M 80 -3.00 -15.17 -22.78
CA SER M 80 -2.94 -13.74 -22.52
C SER M 80 -1.70 -13.12 -23.17
N LEU M 81 -0.55 -13.79 -23.06
CA LEU M 81 0.66 -13.25 -23.65
C LEU M 81 0.53 -13.21 -25.17
N TRP M 82 -0.09 -14.23 -25.75
CA TRP M 82 -0.30 -14.28 -27.19
C TRP M 82 -1.12 -13.08 -27.65
N ASP M 83 -2.25 -12.84 -26.98
CA ASP M 83 -3.12 -11.75 -27.40
C ASP M 83 -2.45 -10.40 -27.16
N GLN M 84 -1.70 -10.27 -26.06
CA GLN M 84 -1.05 -9.00 -25.80
C GLN M 84 0.00 -8.72 -26.87
N SER M 85 0.68 -9.77 -27.33
CA SER M 85 1.65 -9.62 -28.41
C SER M 85 0.99 -9.20 -29.72
N LEU M 86 -0.15 -9.83 -30.05
CA LEU M 86 -0.81 -9.52 -31.32
C LEU M 86 -1.55 -8.18 -31.35
N LYS M 87 -2.10 -7.71 -30.23
CA LYS M 87 -2.84 -6.44 -30.26
C LYS M 87 -2.09 -5.28 -30.90
N PRO M 88 -0.87 -4.95 -30.50
CA PRO M 88 -0.17 -3.81 -31.13
C PRO M 88 0.49 -4.16 -32.46
N CYS M 89 -0.32 -4.60 -33.41
CA CYS M 89 0.16 -5.02 -34.72
C CYS M 89 -0.87 -4.62 -35.77
N VAL M 90 -0.47 -4.71 -37.04
CA VAL M 90 -1.34 -4.32 -38.14
C VAL M 90 -2.53 -5.27 -38.22
N LYS M 91 -3.73 -4.70 -38.26
CA LYS M 91 -4.98 -5.45 -38.37
C LYS M 91 -5.38 -5.44 -39.85
N LEU M 92 -5.42 -6.61 -40.47
CA LEU M 92 -5.60 -6.72 -41.92
C LEU M 92 -7.08 -6.77 -42.34
N THR M 93 -7.84 -5.77 -41.91
CA THR M 93 -9.23 -5.72 -42.36
C THR M 93 -9.31 -5.33 -43.85
N PRO M 94 -8.42 -4.48 -44.40
CA PRO M 94 -8.48 -4.20 -45.84
C PRO M 94 -8.19 -5.39 -46.74
N LEU M 95 -7.71 -6.51 -46.19
CA LEU M 95 -7.39 -7.68 -47.00
C LEU M 95 -8.59 -8.58 -47.29
N CYS M 96 -9.71 -8.45 -46.57
CA CYS M 96 -10.84 -9.34 -46.83
C CYS M 96 -11.57 -8.74 -48.02
N VAL M 97 -11.00 -9.02 -49.19
CA VAL M 97 -11.44 -8.51 -50.47
C VAL M 97 -11.54 -9.69 -51.43
N THR M 98 -12.15 -9.45 -52.58
CA THR M 98 -12.22 -10.50 -53.58
C THR M 98 -10.86 -10.65 -54.23
N LEU M 99 -10.38 -11.88 -54.33
CA LEU M 99 -9.11 -12.20 -54.97
C LEU M 99 -9.41 -12.83 -56.32
N GLN M 100 -8.55 -12.56 -57.31
CA GLN M 100 -8.60 -13.23 -58.61
C GLN M 100 -7.35 -14.09 -58.72
N CYS M 101 -7.49 -15.41 -58.60
CA CYS M 101 -6.33 -16.29 -58.47
C CYS M 101 -6.19 -17.22 -59.65
N THR M 102 -4.94 -17.57 -59.94
CA THR M 102 -4.57 -18.59 -60.92
C THR M 102 -3.53 -19.52 -60.29
N ASN M 103 -3.22 -20.62 -60.98
CA ASN M 103 -2.21 -21.57 -60.50
C ASN M 103 -0.82 -21.00 -60.78
N TYR M 104 -0.04 -20.80 -59.72
CA TYR M 104 1.27 -20.19 -59.83
C TYR M 104 2.22 -20.93 -60.77
N THR M 105 2.37 -22.25 -60.61
CA THR M 105 3.21 -23.08 -61.48
C THR M 105 2.46 -24.33 -61.95
N GLU M 106 1.70 -24.18 -63.03
CA GLU M 106 0.81 -25.23 -63.51
C GLU M 106 1.54 -26.40 -64.17
N LYS M 107 2.84 -26.29 -64.46
CA LYS M 107 3.59 -27.35 -65.14
C LYS M 107 4.11 -28.44 -64.21
N LEU M 108 3.99 -28.27 -62.90
CA LEU M 108 4.59 -29.23 -61.96
C LEU M 108 3.88 -30.57 -61.93
N ARG M 109 4.69 -31.62 -61.75
CA ARG M 109 4.20 -32.98 -61.55
C ARG M 109 4.44 -33.44 -60.11
N SER M 110 4.88 -32.54 -59.23
CA SER M 110 5.20 -32.83 -57.84
C SER M 110 3.94 -32.76 -56.98
N MET M 111 4.11 -33.05 -55.69
CA MET M 111 3.01 -33.03 -54.74
C MET M 111 2.61 -31.60 -54.38
N MET M 112 3.29 -30.58 -54.90
CA MET M 112 2.94 -29.19 -54.64
C MET M 112 1.90 -28.67 -55.61
N LYS M 113 1.46 -29.48 -56.58
CA LYS M 113 0.44 -29.02 -57.51
C LYS M 113 -0.82 -28.68 -56.75
N GLY M 114 -1.34 -27.49 -57.03
CA GLY M 114 -2.53 -26.99 -56.40
C GLY M 114 -2.23 -26.05 -55.25
N GLU M 115 -0.98 -26.03 -54.79
CA GLU M 115 -0.56 -25.14 -53.72
C GLU M 115 0.01 -23.88 -54.33
N LEU M 116 0.07 -22.81 -53.54
CA LEU M 116 0.62 -21.54 -54.00
C LEU M 116 -0.17 -20.98 -55.18
N LYS M 117 -1.25 -20.26 -54.91
CA LYS M 117 -2.01 -19.61 -55.96
C LYS M 117 -1.52 -18.18 -56.09
N ASN M 118 -1.47 -17.70 -57.32
CA ASN M 118 -1.06 -16.33 -57.66
C ASN M 118 -2.31 -15.49 -57.74
N CYS M 119 -2.57 -14.75 -56.66
CA CYS M 119 -3.80 -14.01 -56.45
C CYS M 119 -3.58 -12.52 -56.62
N SER M 120 -4.40 -11.91 -57.47
CA SER M 120 -4.40 -10.48 -57.74
C SER M 120 -5.53 -9.84 -56.95
N PHE M 121 -5.26 -8.72 -56.28
CA PHE M 121 -6.32 -8.01 -55.56
C PHE M 121 -6.02 -6.52 -55.49
N ASN M 122 -7.09 -5.75 -55.26
CA ASN M 122 -7.03 -4.30 -55.12
C ASN M 122 -6.94 -3.95 -53.65
N MET M 123 -5.74 -3.63 -53.20
CA MET M 123 -5.43 -3.32 -51.81
C MET M 123 -5.42 -1.81 -51.63
N THR M 124 -5.69 -1.37 -50.40
CA THR M 124 -5.65 0.06 -50.16
C THR M 124 -4.20 0.53 -50.13
N THR M 125 -4.03 1.84 -50.18
CA THR M 125 -2.75 2.53 -50.22
C THR M 125 -2.70 3.49 -49.02
N GLU M 126 -1.57 4.20 -48.87
CA GLU M 126 -1.43 5.14 -47.77
C GLU M 126 -2.55 6.17 -47.80
N LEU M 127 -2.86 6.68 -48.99
CA LEU M 127 -3.95 7.63 -49.12
C LEU M 127 -5.27 6.87 -49.24
N ARG M 128 -6.28 7.35 -48.50
CA ARG M 128 -7.60 6.74 -48.52
C ARG M 128 -8.20 6.71 -49.93
N ASP M 129 -7.89 7.72 -50.75
CA ASP M 129 -8.55 7.82 -52.08
C ASP M 129 -7.88 6.92 -53.13
N LYS M 130 -6.75 6.30 -52.81
CA LYS M 130 -6.01 5.50 -53.79
C LYS M 130 -6.09 4.01 -53.49
N LYS M 131 -5.85 3.25 -54.56
CA LYS M 131 -5.78 1.79 -54.54
C LYS M 131 -4.51 1.35 -55.27
N GLN M 132 -4.04 0.15 -54.95
CA GLN M 132 -2.90 -0.45 -55.61
C GLN M 132 -3.25 -1.88 -55.98
N LYS M 133 -2.76 -2.34 -57.13
CA LYS M 133 -2.98 -3.71 -57.55
C LYS M 133 -1.81 -4.53 -57.07
N VAL M 134 -2.10 -5.59 -56.34
CA VAL M 134 -1.09 -6.43 -55.71
C VAL M 134 -1.23 -7.84 -56.22
N TYR M 135 -0.11 -8.46 -56.57
CA TYR M 135 -0.06 -9.86 -56.94
C TYR M 135 0.73 -10.50 -55.83
N SER M 136 0.22 -11.63 -55.31
CA SER M 136 0.93 -12.30 -54.24
C SER M 136 0.63 -13.79 -54.30
N LEU M 137 1.45 -14.57 -53.60
CA LEU M 137 1.24 -16.00 -53.52
C LEU M 137 0.60 -16.34 -52.18
N PHE M 138 -0.42 -17.18 -52.22
CA PHE M 138 -1.08 -17.68 -51.02
C PHE M 138 -1.11 -19.19 -51.06
N TYR M 139 -1.07 -19.83 -49.91
CA TYR M 139 -1.15 -21.28 -49.90
C TYR M 139 -2.61 -21.64 -50.16
N ARG M 140 -2.83 -22.82 -50.75
CA ARG M 140 -4.20 -23.24 -51.07
C ARG M 140 -5.07 -23.23 -49.84
N LEU M 141 -4.51 -23.60 -48.69
CA LEU M 141 -5.28 -23.70 -47.47
C LEU M 141 -5.81 -22.35 -47.01
N ASP M 142 -5.23 -21.24 -47.47
CA ASP M 142 -5.64 -19.92 -47.05
C ASP M 142 -6.69 -19.28 -47.94
N VAL M 143 -6.96 -19.84 -49.11
CA VAL M 143 -7.84 -19.24 -50.12
C VAL M 143 -8.93 -20.25 -50.45
N VAL M 144 -10.18 -19.82 -50.36
CA VAL M 144 -11.34 -20.66 -50.64
C VAL M 144 -12.16 -20.02 -51.75
N GLN M 145 -12.56 -20.86 -52.70
CA GLN M 145 -13.33 -20.39 -53.86
C GLN M 145 -14.72 -19.92 -53.46
N ILE M 146 -15.13 -18.79 -54.03
CA ILE M 146 -16.45 -18.24 -53.80
C ILE M 146 -17.34 -18.36 -55.04
N ASN M 147 -16.76 -18.34 -56.24
CA ASN M 147 -17.46 -18.39 -57.53
C ASN M 147 -18.14 -17.07 -57.83
N LYS M 159 -10.02 -17.48 -61.14
CA LYS M 159 -11.31 -17.57 -60.45
C LYS M 159 -11.32 -16.74 -59.18
N GLU M 160 -12.53 -16.35 -58.76
CA GLU M 160 -12.70 -15.55 -57.56
C GLU M 160 -12.57 -16.40 -56.30
N TYR M 161 -11.72 -15.94 -55.39
CA TYR M 161 -11.45 -16.58 -54.11
C TYR M 161 -11.46 -15.53 -53.01
N ARG M 162 -11.64 -15.99 -51.78
CA ARG M 162 -11.53 -15.14 -50.59
C ARG M 162 -10.61 -15.83 -49.60
N LEU M 163 -10.09 -15.06 -48.65
CA LEU M 163 -9.31 -15.72 -47.61
C LEU M 163 -10.25 -16.52 -46.71
N ILE M 164 -9.73 -17.65 -46.23
CA ILE M 164 -10.52 -18.57 -45.41
C ILE M 164 -11.09 -17.91 -44.17
N ASN M 165 -10.39 -16.91 -43.60
CA ASN M 165 -10.89 -16.32 -42.36
C ASN M 165 -11.97 -15.28 -42.56
N CYS M 166 -12.30 -14.88 -43.79
CA CYS M 166 -13.32 -13.86 -43.98
C CYS M 166 -14.68 -14.36 -43.51
N ASN M 167 -14.83 -15.69 -43.43
CA ASN M 167 -16.05 -16.36 -43.01
C ASN M 167 -16.37 -16.14 -41.53
N THR M 168 -15.35 -15.96 -40.67
CA THR M 168 -15.58 -15.85 -39.24
C THR M 168 -14.97 -14.64 -38.53
N SER M 169 -13.90 -14.03 -39.01
CA SER M 169 -13.29 -12.97 -38.22
C SER M 169 -12.29 -12.16 -39.03
N ALA M 170 -11.90 -11.03 -38.44
CA ALA M 170 -10.80 -10.23 -38.95
C ALA M 170 -9.48 -10.92 -38.66
N ILE M 171 -8.49 -10.67 -39.50
CA ILE M 171 -7.16 -11.26 -39.35
C ILE M 171 -6.19 -10.18 -38.91
N THR M 172 -5.48 -10.42 -37.82
CA THR M 172 -4.47 -9.49 -37.31
C THR M 172 -3.11 -10.00 -37.79
N GLN M 173 -2.30 -9.12 -38.35
CA GLN M 173 -0.98 -9.52 -38.81
C GLN M 173 -0.03 -9.60 -37.63
N ALA M 174 0.71 -10.69 -37.52
CA ALA M 174 1.71 -10.77 -36.46
C ALA M 174 2.80 -9.76 -36.77
N CYS M 175 3.32 -9.12 -35.73
CA CYS M 175 4.42 -8.18 -35.93
C CYS M 175 5.67 -8.93 -36.37
N PRO M 176 6.33 -8.53 -37.48
CA PRO M 176 7.51 -9.29 -37.93
C PRO M 176 8.69 -9.19 -36.99
N LYS M 177 8.67 -8.22 -36.06
CA LYS M 177 9.72 -7.98 -35.10
C LYS M 177 9.59 -8.82 -33.84
N VAL M 178 8.50 -9.59 -33.71
CA VAL M 178 8.22 -10.35 -32.49
C VAL M 178 8.45 -11.81 -32.81
N SER M 179 9.44 -12.40 -32.14
CA SER M 179 9.83 -13.80 -32.32
C SER M 179 8.82 -14.78 -31.73
N PHE M 180 8.67 -15.93 -32.41
CA PHE M 180 7.83 -17.04 -31.96
C PHE M 180 8.64 -18.13 -31.27
N GLU M 181 9.91 -17.87 -30.96
CA GLU M 181 10.77 -18.85 -30.31
C GLU M 181 10.30 -19.13 -28.87
N PRO M 182 10.13 -20.42 -28.48
CA PRO M 182 9.58 -20.73 -27.15
C PRO M 182 10.57 -20.49 -26.02
N ILE M 183 10.87 -19.23 -25.72
CA ILE M 183 11.79 -18.87 -24.63
C ILE M 183 11.30 -19.50 -23.32
N PRO M 184 12.17 -20.20 -22.56
CA PRO M 184 11.71 -20.84 -21.33
C PRO M 184 11.04 -19.90 -20.34
N ILE M 185 9.93 -20.35 -19.77
CA ILE M 185 9.17 -19.62 -18.76
C ILE M 185 9.19 -20.43 -17.49
N HIS M 186 9.54 -19.79 -16.37
CA HIS M 186 9.60 -20.43 -15.07
C HIS M 186 8.39 -19.99 -14.27
N TYR M 187 7.78 -20.88 -13.50
CA TYR M 187 6.72 -20.46 -12.59
C TYR M 187 7.25 -20.46 -11.16
N CYS M 188 6.94 -19.36 -10.47
CA CYS M 188 7.42 -19.17 -9.08
C CYS M 188 6.23 -18.81 -8.18
N ALA M 189 6.09 -19.49 -7.04
CA ALA M 189 5.01 -19.31 -6.09
C ALA M 189 5.14 -18.03 -5.27
N PRO M 190 4.02 -17.44 -4.83
CA PRO M 190 4.10 -16.31 -3.91
C PRO M 190 4.48 -16.78 -2.51
N ALA M 191 4.91 -15.82 -1.69
CA ALA M 191 5.25 -16.14 -0.32
C ALA M 191 4.04 -16.74 0.39
N GLY M 192 4.29 -17.68 1.29
CA GLY M 192 3.25 -18.39 1.99
C GLY M 192 2.84 -19.69 1.33
N PHE M 193 3.31 -19.94 0.11
CA PHE M 193 3.03 -21.13 -0.68
C PHE M 193 4.36 -21.74 -1.09
N ALA M 194 4.31 -23.02 -1.46
CA ALA M 194 5.52 -23.71 -1.91
C ALA M 194 5.16 -24.68 -3.01
N ILE M 195 6.14 -25.03 -3.85
CA ILE M 195 5.94 -25.98 -4.93
C ILE M 195 6.72 -27.24 -4.60
N LEU M 196 6.04 -28.38 -4.62
CA LEU M 196 6.62 -29.67 -4.34
C LEU M 196 6.95 -30.39 -5.64
N LYS M 197 8.20 -30.80 -5.79
CA LYS M 197 8.72 -31.48 -6.97
C LYS M 197 8.83 -32.97 -6.65
N CYS M 198 8.20 -33.82 -7.47
CA CYS M 198 8.13 -35.24 -7.16
C CYS M 198 9.50 -35.92 -7.14
N LYS M 199 10.37 -35.64 -8.11
CA LYS M 199 11.69 -36.26 -8.20
C LYS M 199 11.65 -37.79 -8.14
N ASP M 200 10.70 -38.40 -8.85
CA ASP M 200 10.58 -39.85 -8.86
C ASP M 200 10.58 -40.31 -10.32
N LYS M 201 11.66 -40.99 -10.69
CA LYS M 201 11.95 -41.37 -12.07
C LYS M 201 10.90 -42.29 -12.69
N LYS M 202 10.10 -42.98 -11.88
CA LYS M 202 9.07 -43.90 -12.35
C LYS M 202 7.66 -43.37 -12.13
N PHE M 203 7.53 -42.10 -11.77
CA PHE M 203 6.23 -41.52 -11.44
C PHE M 203 5.34 -41.44 -12.66
N ASN M 204 4.12 -41.96 -12.55
CA ASN M 204 3.17 -42.05 -13.65
C ASN M 204 2.19 -40.89 -13.70
N GLY M 205 2.39 -39.84 -12.89
CA GLY M 205 1.53 -38.68 -12.88
C GLY M 205 0.50 -38.65 -11.76
N THR M 206 0.23 -39.77 -11.11
CA THR M 206 -0.73 -39.81 -10.00
C THR M 206 -0.16 -40.64 -8.87
N GLY M 207 -0.73 -40.43 -7.68
CA GLY M 207 -0.44 -41.26 -6.54
C GLY M 207 0.76 -40.86 -5.70
N PRO M 208 1.10 -41.72 -4.73
CA PRO M 208 2.21 -41.42 -3.80
C PRO M 208 3.54 -41.19 -4.51
N CYS M 209 4.28 -40.22 -4.00
CA CYS M 209 5.60 -39.85 -4.51
C CYS M 209 6.52 -39.83 -3.28
N PRO M 210 7.32 -40.89 -3.08
CA PRO M 210 8.22 -40.96 -1.90
C PRO M 210 9.42 -40.00 -1.87
N SER M 211 9.76 -39.28 -2.94
CA SER M 211 10.99 -38.48 -2.98
C SER M 211 10.74 -37.00 -3.23
N VAL M 212 9.70 -36.46 -2.60
CA VAL M 212 9.31 -35.08 -2.81
C VAL M 212 10.35 -34.13 -2.23
N SER M 213 10.67 -33.08 -2.99
CA SER M 213 11.53 -32.00 -2.55
C SER M 213 10.75 -30.70 -2.66
N THR M 214 11.15 -29.70 -1.90
CA THR M 214 10.49 -28.40 -1.94
C THR M 214 11.32 -27.39 -2.71
N VAL M 215 10.67 -26.68 -3.62
CA VAL M 215 11.25 -25.61 -4.40
C VAL M 215 10.28 -24.45 -4.25
N GLN M 216 10.76 -23.24 -4.51
CA GLN M 216 9.80 -22.14 -4.52
C GLN M 216 9.30 -21.92 -5.93
N CYS M 217 10.17 -22.11 -6.92
CA CYS M 217 9.83 -21.94 -8.32
C CYS M 217 10.25 -23.15 -9.14
N THR M 218 9.50 -23.43 -10.20
CA THR M 218 9.81 -24.52 -11.11
C THR M 218 10.94 -24.17 -12.07
N HIS M 219 11.41 -25.19 -12.77
CA HIS M 219 12.41 -25.00 -13.81
C HIS M 219 11.74 -24.32 -14.99
N GLY M 220 12.55 -23.92 -15.97
CA GLY M 220 11.96 -23.26 -17.11
C GLY M 220 11.26 -24.29 -17.96
N ILE M 221 10.09 -23.90 -18.46
CA ILE M 221 9.29 -24.71 -19.36
C ILE M 221 9.23 -23.96 -20.67
N LYS M 222 9.58 -24.64 -21.74
CA LYS M 222 9.52 -24.00 -23.03
C LYS M 222 8.06 -24.07 -23.48
N PRO M 223 7.41 -22.94 -23.78
CA PRO M 223 6.00 -23.05 -24.19
C PRO M 223 5.87 -23.51 -25.63
N VAL M 224 6.30 -24.74 -25.89
CA VAL M 224 6.27 -25.25 -27.25
C VAL M 224 4.82 -25.61 -27.52
N VAL M 225 4.29 -25.10 -28.63
CA VAL M 225 2.92 -25.35 -29.01
C VAL M 225 2.96 -26.38 -30.14
N SER M 226 2.35 -27.54 -29.92
CA SER M 226 2.32 -28.58 -30.93
C SER M 226 1.19 -29.56 -30.65
N THR M 227 0.89 -30.39 -31.64
CA THR M 227 -0.06 -31.48 -31.51
C THR M 227 0.61 -32.79 -31.90
N GLN M 228 0.00 -33.90 -31.51
CA GLN M 228 0.47 -35.24 -31.82
C GLN M 228 1.83 -35.59 -31.22
N LEU M 229 2.89 -34.86 -31.59
CA LEU M 229 4.22 -35.09 -31.08
C LEU M 229 4.70 -33.90 -30.26
N LEU M 230 5.13 -34.18 -29.03
CA LEU M 230 5.64 -33.17 -28.12
C LEU M 230 7.11 -32.95 -28.43
N LEU M 231 7.49 -31.71 -28.69
CA LEU M 231 8.84 -31.33 -29.06
C LEU M 231 9.54 -30.62 -27.90
N ASN M 232 10.86 -30.78 -27.85
CA ASN M 232 11.73 -30.17 -26.83
C ASN M 232 11.19 -30.56 -25.44
N GLY M 233 10.90 -29.62 -24.55
CA GLY M 233 10.42 -29.99 -23.21
C GLY M 233 11.41 -30.82 -22.41
N SER M 234 10.95 -31.92 -21.79
CA SER M 234 11.84 -32.75 -20.96
C SER M 234 11.61 -34.24 -21.10
N LEU M 235 12.71 -34.96 -21.25
CA LEU M 235 12.80 -36.41 -21.40
C LEU M 235 12.66 -37.19 -20.09
N ALA M 236 12.17 -38.43 -20.20
CA ALA M 236 12.09 -39.33 -19.06
C ALA M 236 13.51 -39.72 -18.63
N GLU M 237 13.72 -39.90 -17.32
CA GLU M 237 15.05 -40.24 -16.82
C GLU M 237 15.48 -41.68 -17.10
N GLU M 238 14.58 -42.68 -16.97
CA GLU M 238 14.99 -44.08 -17.10
C GLU M 238 14.37 -44.82 -18.27
N GLU M 239 13.09 -44.66 -18.52
CA GLU M 239 12.42 -45.41 -19.58
C GLU M 239 11.20 -44.60 -20.01
N VAL M 240 10.54 -45.08 -21.05
CA VAL M 240 9.35 -44.40 -21.52
C VAL M 240 8.27 -44.52 -20.44
N ILE M 241 7.65 -43.40 -20.11
CA ILE M 241 6.59 -43.36 -19.10
C ILE M 241 5.29 -43.02 -19.79
N ILE M 242 4.27 -43.85 -19.57
CA ILE M 242 2.95 -43.64 -20.16
C ILE M 242 2.02 -43.15 -19.05
N ARG M 243 1.49 -41.95 -19.22
CA ARG M 243 0.63 -41.31 -18.23
C ARG M 243 -0.75 -41.13 -18.84
N SER M 244 -1.78 -41.45 -18.07
CA SER M 244 -3.16 -41.25 -18.52
C SER M 244 -4.03 -41.06 -17.29
N GLU M 245 -5.09 -40.27 -17.45
CA GLU M 245 -6.06 -40.11 -16.38
C GLU M 245 -6.72 -41.44 -16.00
N ASN M 246 -6.97 -42.31 -16.99
CA ASN M 246 -7.64 -43.58 -16.72
C ASN M 246 -6.99 -44.83 -17.33
N ILE M 247 -6.38 -44.71 -18.52
CA ILE M 247 -5.89 -45.85 -19.33
C ILE M 247 -7.05 -46.66 -19.89
N THR M 248 -7.91 -47.18 -19.02
CA THR M 248 -9.03 -48.01 -19.46
C THR M 248 -10.06 -47.20 -20.25
N ASN M 249 -10.21 -45.91 -19.96
CA ASN M 249 -11.19 -45.08 -20.65
C ASN M 249 -10.57 -44.56 -21.95
N ASN M 250 -11.08 -45.05 -23.08
CA ASN M 250 -10.51 -44.72 -24.38
C ASN M 250 -10.72 -43.27 -24.79
N ALA M 251 -11.58 -42.53 -24.07
CA ALA M 251 -11.86 -41.14 -24.40
C ALA M 251 -10.79 -40.18 -23.89
N LYS M 252 -9.85 -40.66 -23.06
CA LYS M 252 -8.82 -39.81 -22.49
C LYS M 252 -7.59 -39.85 -23.37
N ASN M 253 -6.79 -38.78 -23.30
CA ASN M 253 -5.52 -38.77 -24.01
C ASN M 253 -4.46 -39.49 -23.19
N ILE M 254 -3.53 -40.11 -23.90
CA ILE M 254 -2.39 -40.81 -23.33
C ILE M 254 -1.14 -39.99 -23.64
N LEU M 255 -0.41 -39.58 -22.61
CA LEU M 255 0.80 -38.79 -22.76
C LEU M 255 1.99 -39.71 -22.56
N VAL M 256 2.81 -39.84 -23.59
CA VAL M 256 3.96 -40.75 -23.57
C VAL M 256 5.21 -39.89 -23.49
N GLN M 257 5.98 -40.06 -22.42
CA GLN M 257 7.23 -39.32 -22.22
C GLN M 257 8.37 -40.25 -22.59
N LEU M 258 9.20 -39.83 -23.54
CA LEU M 258 10.28 -40.68 -24.03
C LEU M 258 11.51 -40.59 -23.14
N ASN M 259 12.31 -41.66 -23.13
CA ASN M 259 13.56 -41.67 -22.38
C ASN M 259 14.69 -41.01 -23.16
N THR M 260 14.73 -41.19 -24.48
CA THR M 260 15.73 -40.58 -25.34
C THR M 260 15.04 -39.78 -26.43
N PRO M 261 15.61 -38.66 -26.87
CA PRO M 261 14.94 -37.85 -27.88
C PRO M 261 15.08 -38.48 -29.25
N VAL M 262 14.14 -38.15 -30.13
CA VAL M 262 14.24 -38.51 -31.55
C VAL M 262 14.40 -37.20 -32.30
N GLN M 263 15.48 -37.06 -33.07
CA GLN M 263 15.66 -35.80 -33.78
C GLN M 263 14.71 -35.77 -34.97
N ILE M 264 14.11 -34.61 -35.20
CA ILE M 264 13.28 -34.37 -36.37
C ILE M 264 13.85 -33.15 -37.09
N ASN M 265 14.36 -33.39 -38.30
CA ASN M 265 14.98 -32.36 -39.13
C ASN M 265 13.92 -31.89 -40.12
N CYS M 266 13.40 -30.67 -39.96
CA CYS M 266 12.26 -30.25 -40.75
C CYS M 266 12.58 -28.93 -41.45
N THR M 267 12.14 -28.81 -42.69
CA THR M 267 12.46 -27.64 -43.50
C THR M 267 11.32 -27.22 -44.42
N ARG M 268 11.42 -25.94 -44.82
CA ARG M 268 10.62 -25.29 -45.85
C ARG M 268 11.62 -24.90 -46.92
N PRO M 269 11.83 -25.76 -47.93
CA PRO M 269 12.95 -25.57 -48.88
C PRO M 269 12.80 -24.39 -49.83
N ASN M 270 11.61 -23.80 -49.97
CA ASN M 270 11.42 -22.76 -50.97
C ASN M 270 12.04 -21.43 -50.53
N ASN M 271 12.84 -20.85 -51.42
CA ASN M 271 13.53 -19.59 -51.19
C ASN M 271 12.57 -18.45 -51.48
N ASN M 272 11.64 -18.24 -50.57
CA ASN M 272 10.60 -17.23 -50.75
C ASN M 272 11.21 -15.84 -50.68
N THR M 273 10.86 -14.96 -51.64
CA THR M 273 11.30 -13.57 -51.61
C THR M 273 10.06 -12.78 -51.24
N VAL M 274 10.20 -12.05 -50.13
CA VAL M 274 9.14 -11.30 -49.45
C VAL M 274 9.12 -9.84 -49.87
N LYS M 275 7.93 -9.33 -50.15
CA LYS M 275 7.66 -7.96 -50.52
C LYS M 275 6.75 -7.40 -49.43
N SER M 276 6.74 -6.07 -49.30
CA SER M 276 5.83 -5.43 -48.37
C SER M 276 5.29 -4.17 -49.00
N ILE M 277 4.06 -3.83 -48.60
CA ILE M 277 3.35 -2.64 -49.03
C ILE M 277 2.74 -1.94 -47.84
N ARG M 278 2.51 -0.64 -47.99
CA ARG M 278 1.82 0.12 -46.96
C ARG M 278 0.33 0.08 -47.31
N ILE M 279 -0.48 -0.31 -46.33
CA ILE M 279 -1.93 -0.45 -46.52
C ILE M 279 -2.71 0.64 -45.80
N GLY M 280 -2.04 1.49 -45.04
CA GLY M 280 -2.65 2.59 -44.34
C GLY M 280 -1.54 3.43 -43.78
N PRO M 281 -1.88 4.52 -43.10
CA PRO M 281 -0.83 5.40 -42.59
C PRO M 281 -0.05 4.76 -41.46
N GLY M 282 1.11 4.20 -41.81
CA GLY M 282 1.95 3.47 -40.88
C GLY M 282 1.61 2.00 -40.74
N GLN M 283 0.71 1.48 -41.57
CA GLN M 283 0.24 0.10 -41.53
C GLN M 283 0.82 -0.62 -42.74
N ALA M 284 1.77 -1.54 -42.49
CA ALA M 284 2.43 -2.26 -43.57
C ALA M 284 1.98 -3.72 -43.56
N PHE M 285 1.74 -4.23 -44.76
CA PHE M 285 1.32 -5.61 -45.00
C PHE M 285 2.44 -6.37 -45.69
N TYR M 286 2.73 -7.57 -45.19
CA TYR M 286 3.79 -8.41 -45.73
C TYR M 286 3.15 -9.60 -46.44
N TYR M 287 3.71 -9.96 -47.59
CA TYR M 287 3.23 -11.06 -48.39
C TYR M 287 4.40 -11.64 -49.17
N THR M 288 4.23 -12.89 -49.61
CA THR M 288 5.25 -13.52 -50.42
C THR M 288 5.16 -12.93 -51.82
N GLY M 289 6.28 -12.43 -52.31
CA GLY M 289 6.34 -11.82 -53.61
C GLY M 289 6.52 -12.88 -54.67
N ASP M 290 7.61 -13.63 -54.55
CA ASP M 290 7.90 -14.69 -55.51
C ASP M 290 8.73 -15.76 -54.80
N ILE M 291 9.07 -16.81 -55.53
CA ILE M 291 9.89 -17.89 -55.00
C ILE M 291 11.07 -18.04 -55.95
N ILE M 292 12.29 -17.99 -55.41
CA ILE M 292 13.50 -18.12 -56.21
C ILE M 292 13.83 -19.60 -56.35
N GLY M 293 14.07 -20.03 -57.59
CA GLY M 293 14.39 -21.43 -57.84
C GLY M 293 13.19 -22.33 -58.04
N HIS M 294 13.36 -23.60 -57.74
CA HIS M 294 12.34 -24.63 -57.94
C HIS M 294 11.41 -24.68 -56.73
N ILE M 295 10.21 -25.19 -56.98
CA ILE M 295 9.19 -25.35 -55.93
C ILE M 295 9.25 -26.78 -55.39
N ARG M 296 9.52 -26.90 -54.10
CA ARG M 296 9.65 -28.18 -53.42
C ARG M 296 8.72 -28.13 -52.22
N GLN M 297 8.26 -29.29 -51.75
CA GLN M 297 7.36 -29.33 -50.61
C GLN M 297 8.11 -29.35 -49.28
N ALA M 298 7.57 -28.63 -48.30
CA ALA M 298 8.13 -28.65 -46.97
C ALA M 298 8.01 -30.05 -46.39
N HIS M 299 8.99 -30.46 -45.58
CA HIS M 299 8.93 -31.81 -45.05
C HIS M 299 9.78 -31.95 -43.80
N CYS M 300 9.45 -32.97 -43.00
CA CYS M 300 10.23 -33.35 -41.82
C CYS M 300 10.85 -34.73 -42.01
N ASN M 301 12.05 -34.93 -41.47
CA ASN M 301 12.78 -36.19 -41.59
C ASN M 301 13.04 -36.79 -40.22
N VAL M 302 12.57 -38.04 -40.03
CA VAL M 302 12.78 -38.81 -38.81
C VAL M 302 13.46 -40.13 -39.19
N SER M 303 14.58 -40.46 -38.54
CA SER M 303 15.30 -41.69 -38.87
C SER M 303 14.47 -42.93 -38.54
N LYS M 304 14.51 -43.94 -39.44
CA LYS M 304 13.77 -45.18 -39.19
C LYS M 304 14.28 -45.97 -37.99
N ALA M 305 15.60 -46.07 -37.81
CA ALA M 305 16.08 -46.90 -36.71
C ALA M 305 15.68 -46.33 -35.36
N THR M 306 15.79 -45.01 -35.23
CA THR M 306 15.46 -44.37 -33.95
C THR M 306 13.97 -44.46 -33.71
N TRP M 307 13.16 -44.17 -34.73
CA TRP M 307 11.72 -44.20 -34.54
C TRP M 307 11.23 -45.62 -34.25
N ASN M 308 11.76 -46.62 -34.95
CA ASN M 308 11.31 -47.98 -34.71
C ASN M 308 11.66 -48.43 -33.30
N GLU M 309 12.87 -48.09 -32.84
CA GLU M 309 13.25 -48.43 -31.47
C GLU M 309 12.33 -47.72 -30.48
N THR M 310 12.03 -46.45 -30.75
CA THR M 310 11.19 -45.65 -29.88
C THR M 310 9.81 -46.27 -29.77
N LEU M 311 9.23 -46.68 -30.90
CA LEU M 311 7.92 -47.31 -30.85
C LEU M 311 7.99 -48.64 -30.12
N GLY M 312 9.06 -49.41 -30.31
CA GLY M 312 9.15 -50.67 -29.60
C GLY M 312 9.11 -50.45 -28.10
N LYS M 313 9.78 -49.39 -27.64
CA LYS M 313 9.75 -49.05 -26.22
C LYS M 313 8.35 -48.64 -25.77
N VAL M 314 7.66 -47.86 -26.62
CA VAL M 314 6.31 -47.43 -26.29
C VAL M 314 5.39 -48.64 -26.21
N VAL M 315 5.55 -49.59 -27.13
CA VAL M 315 4.73 -50.80 -27.13
C VAL M 315 4.95 -51.60 -25.87
N LYS M 316 6.22 -51.75 -25.43
CA LYS M 316 6.45 -52.49 -24.18
C LYS M 316 5.74 -51.80 -23.03
N GLN M 317 5.78 -50.46 -22.99
CA GLN M 317 5.13 -49.77 -21.88
C GLN M 317 3.61 -49.89 -21.99
N LEU M 318 3.06 -49.90 -23.21
CA LEU M 318 1.63 -50.08 -23.36
C LEU M 318 1.22 -51.48 -22.92
N ARG M 319 2.05 -52.48 -23.24
CA ARG M 319 1.75 -53.84 -22.84
C ARG M 319 1.72 -53.98 -21.33
N LYS M 320 2.53 -53.17 -20.63
CA LYS M 320 2.48 -53.20 -19.16
C LYS M 320 1.10 -52.86 -18.63
N HIS M 321 0.32 -52.06 -19.37
CA HIS M 321 -1.00 -51.64 -18.93
C HIS M 321 -2.14 -52.43 -19.55
N PHE M 322 -1.99 -52.89 -20.78
CA PHE M 322 -3.06 -53.59 -21.49
C PHE M 322 -2.88 -55.10 -21.53
N GLY M 323 -1.74 -55.61 -21.09
CA GLY M 323 -1.53 -57.05 -21.03
C GLY M 323 -0.53 -57.50 -22.09
N ASN M 324 0.15 -58.60 -21.79
CA ASN M 324 1.09 -59.17 -22.74
C ASN M 324 0.30 -60.08 -23.67
N ASN M 325 0.99 -60.70 -24.64
CA ASN M 325 0.38 -61.60 -25.63
C ASN M 325 -0.79 -60.94 -26.35
N THR M 326 -0.60 -59.66 -26.68
CA THR M 326 -1.58 -58.84 -27.38
C THR M 326 -0.88 -58.16 -28.54
N ILE M 327 -1.64 -57.40 -29.32
CA ILE M 327 -1.13 -56.69 -30.49
C ILE M 327 -1.38 -55.21 -30.30
N ILE M 328 -0.33 -54.40 -30.45
CA ILE M 328 -0.42 -52.95 -30.37
C ILE M 328 -0.25 -52.44 -31.79
N ARG M 329 -1.29 -51.81 -32.33
CA ARG M 329 -1.26 -51.32 -33.70
C ARG M 329 -1.34 -49.79 -33.71
N PHE M 330 -0.43 -49.16 -34.46
CA PHE M 330 -0.42 -47.72 -34.64
C PHE M 330 -0.99 -47.43 -36.01
N ALA M 331 -1.82 -46.39 -36.07
CA ALA M 331 -2.50 -45.96 -37.27
C ALA M 331 -2.59 -44.44 -37.28
N GLN M 332 -2.83 -43.88 -38.45
CA GLN M 332 -2.93 -42.45 -38.61
C GLN M 332 -4.17 -41.90 -37.92
N SER M 333 -4.11 -40.63 -37.56
CA SER M 333 -5.20 -39.96 -36.87
C SER M 333 -6.46 -39.95 -37.74
N SER M 334 -7.62 -40.08 -37.09
CA SER M 334 -8.88 -40.04 -37.80
C SER M 334 -9.17 -38.62 -38.25
N GLY M 335 -10.20 -38.47 -39.09
CA GLY M 335 -10.50 -37.16 -39.66
C GLY M 335 -10.85 -36.13 -38.61
N GLY M 336 -10.50 -34.89 -38.92
CA GLY M 336 -10.72 -33.77 -38.03
C GLY M 336 -10.06 -32.53 -38.60
N ASP M 337 -9.97 -31.50 -37.77
CA ASP M 337 -9.36 -30.26 -38.21
C ASP M 337 -7.89 -30.53 -38.52
N LEU M 338 -7.31 -29.74 -39.44
CA LEU M 338 -5.91 -29.93 -39.81
C LEU M 338 -4.98 -29.88 -38.60
N GLU M 339 -5.26 -29.00 -37.63
CA GLU M 339 -4.42 -28.91 -36.45
C GLU M 339 -4.40 -30.22 -35.67
N VAL M 340 -5.51 -30.97 -35.73
CA VAL M 340 -5.64 -32.22 -34.96
C VAL M 340 -5.09 -33.41 -35.74
N THR M 341 -5.36 -33.48 -37.05
CA THR M 341 -4.94 -34.64 -37.82
C THR M 341 -3.49 -34.59 -38.24
N THR M 342 -2.87 -33.42 -38.26
CA THR M 342 -1.48 -33.25 -38.59
C THR M 342 -0.69 -32.76 -37.39
N HIS M 343 0.63 -32.83 -37.53
CA HIS M 343 1.57 -32.34 -36.52
C HIS M 343 1.73 -30.86 -36.75
N SER M 344 1.04 -30.05 -35.95
CA SER M 344 1.08 -28.62 -36.07
C SER M 344 2.28 -28.14 -35.25
N PHE M 345 3.08 -27.23 -35.82
CA PHE M 345 4.12 -26.64 -34.99
C PHE M 345 4.67 -25.38 -35.65
N ASN M 346 5.30 -24.55 -34.83
CA ASN M 346 6.04 -23.39 -35.32
C ASN M 346 7.50 -23.77 -35.56
N CYS M 347 8.03 -23.36 -36.72
CA CYS M 347 9.40 -23.58 -37.13
C CYS M 347 9.99 -22.26 -37.64
N GLY M 348 10.75 -21.57 -36.79
CA GLY M 348 11.36 -20.33 -37.26
C GLY M 348 10.38 -19.23 -37.56
N GLY M 349 9.19 -19.29 -36.97
CA GLY M 349 8.13 -18.35 -37.25
C GLY M 349 7.15 -18.85 -38.28
N GLU M 350 7.48 -19.90 -39.02
CA GLU M 350 6.58 -20.47 -40.02
C GLU M 350 5.73 -21.53 -39.34
N PHE M 351 4.53 -21.77 -39.85
CA PHE M 351 3.62 -22.77 -39.29
C PHE M 351 3.48 -24.00 -40.19
N PHE M 352 3.92 -25.15 -39.69
CA PHE M 352 3.93 -26.42 -40.40
C PHE M 352 2.78 -27.29 -39.92
N TYR M 353 2.19 -28.05 -40.86
CA TYR M 353 1.15 -29.05 -40.60
C TYR M 353 1.54 -30.35 -41.30
N CYS M 354 2.32 -31.19 -40.60
CA CYS M 354 2.93 -32.37 -41.19
C CYS M 354 2.05 -33.62 -41.09
N ASN M 355 2.03 -34.40 -42.18
CA ASN M 355 1.11 -35.55 -42.29
C ASN M 355 1.27 -36.55 -41.15
N THR M 356 2.51 -36.98 -40.88
CA THR M 356 2.89 -37.98 -39.87
C THR M 356 2.41 -39.41 -40.09
N SER M 357 1.63 -39.71 -41.14
CA SER M 357 1.10 -41.07 -41.25
C SER M 357 2.22 -42.09 -41.41
N GLY M 358 3.37 -41.67 -41.94
CA GLY M 358 4.50 -42.58 -42.08
C GLY M 358 5.11 -43.02 -40.76
N LEU M 359 4.75 -42.37 -39.65
CA LEU M 359 5.25 -42.73 -38.33
C LEU M 359 4.32 -43.63 -37.54
N PHE M 360 3.05 -43.74 -37.94
CA PHE M 360 2.04 -44.47 -37.20
C PHE M 360 1.28 -45.36 -38.18
N ASN M 361 1.99 -46.32 -38.76
CA ASN M 361 1.45 -47.22 -39.77
C ASN M 361 2.06 -48.61 -39.56
N SER M 362 1.89 -49.18 -38.37
CA SER M 362 2.56 -50.46 -38.13
C SER M 362 1.84 -51.25 -37.05
N THR M 363 2.00 -52.58 -37.10
CA THR M 363 1.42 -53.46 -36.11
C THR M 363 2.53 -54.23 -35.41
N TRP M 364 2.55 -54.13 -34.07
CA TRP M 364 3.53 -54.78 -33.20
C TRP M 364 2.86 -55.97 -32.53
N ILE M 365 3.37 -57.17 -32.81
CA ILE M 365 2.79 -58.42 -32.33
C ILE M 365 3.79 -59.05 -31.37
N SER M 366 3.33 -59.35 -30.16
CA SER M 366 4.07 -59.98 -29.04
C SER M 366 5.44 -60.58 -29.35
N ASN M 379 20.19 -41.82 -42.54
CA ASN M 379 20.25 -43.19 -43.02
C ASN M 379 18.85 -43.78 -43.09
N ASP M 380 18.30 -43.79 -44.31
CA ASP M 380 17.00 -44.39 -44.63
C ASP M 380 15.93 -43.83 -43.69
N SER M 381 15.76 -42.52 -43.77
CA SER M 381 14.81 -41.77 -42.96
C SER M 381 13.41 -41.78 -43.58
N ILE M 382 12.44 -41.36 -42.77
CA ILE M 382 11.04 -41.19 -43.15
C ILE M 382 10.84 -39.71 -43.39
N THR M 383 10.37 -39.37 -44.59
CA THR M 383 10.10 -38.00 -44.96
C THR M 383 8.59 -37.83 -44.83
N LEU M 384 8.18 -36.82 -44.09
CA LEU M 384 6.79 -36.51 -43.84
C LEU M 384 6.42 -35.24 -44.59
N PRO M 385 5.54 -35.27 -45.59
CA PRO M 385 5.21 -34.04 -46.29
C PRO M 385 4.45 -33.12 -45.35
N CYS M 386 4.69 -31.83 -45.49
CA CYS M 386 4.04 -30.85 -44.64
C CYS M 386 3.41 -29.75 -45.48
N ARG M 387 2.29 -29.23 -45.00
CA ARG M 387 1.67 -28.06 -45.61
C ARG M 387 1.96 -26.84 -44.74
N ILE M 388 1.96 -25.67 -45.39
CA ILE M 388 2.19 -24.39 -44.75
C ILE M 388 0.91 -23.58 -44.86
N LYS M 389 0.53 -22.94 -43.76
CA LYS M 389 -0.68 -22.12 -43.70
C LYS M 389 -0.30 -20.80 -43.05
N GLN M 390 -0.72 -19.69 -43.66
CA GLN M 390 -0.42 -18.36 -43.12
C GLN M 390 -1.51 -17.81 -42.21
N ILE M 391 -2.74 -18.29 -42.31
CA ILE M 391 -3.82 -17.83 -41.46
C ILE M 391 -4.02 -18.88 -40.39
N ILE M 392 -3.74 -18.49 -39.15
CA ILE M 392 -3.71 -19.40 -38.02
C ILE M 392 -4.87 -19.08 -37.09
N ASN M 393 -5.65 -20.10 -36.73
CA ASN M 393 -6.76 -19.96 -35.79
C ASN M 393 -6.29 -20.86 -34.65
N MET M 394 -5.52 -20.26 -33.75
CA MET M 394 -4.80 -21.03 -32.74
C MET M 394 -5.61 -21.11 -31.45
N TRP M 395 -5.28 -22.12 -30.63
CA TRP M 395 -5.86 -22.36 -29.31
C TRP M 395 -7.32 -22.77 -29.38
N GLN M 396 -7.76 -23.29 -30.53
CA GLN M 396 -9.13 -23.73 -30.75
C GLN M 396 -10.15 -22.63 -30.53
N ARG M 397 -9.78 -21.37 -30.78
CA ARG M 397 -10.72 -20.27 -30.66
C ARG M 397 -11.38 -19.97 -31.99
N ILE M 398 -12.63 -19.52 -31.93
CA ILE M 398 -13.40 -19.10 -33.09
C ILE M 398 -13.69 -17.62 -32.92
N GLY M 399 -13.43 -16.84 -33.96
CA GLY M 399 -13.64 -15.40 -33.95
C GLY M 399 -12.38 -14.58 -33.88
N GLN M 400 -11.21 -15.21 -33.78
CA GLN M 400 -9.92 -14.54 -33.77
C GLN M 400 -9.01 -15.26 -34.74
N ALA M 401 -8.11 -14.50 -35.38
CA ALA M 401 -7.17 -15.10 -36.31
C ALA M 401 -5.91 -14.26 -36.41
N MET M 402 -4.82 -14.93 -36.76
CA MET M 402 -3.52 -14.33 -37.00
C MET M 402 -3.06 -14.61 -38.42
N TYR M 403 -2.42 -13.63 -39.04
CA TYR M 403 -1.75 -13.81 -40.32
C TYR M 403 -0.28 -13.97 -40.01
N ALA M 404 0.30 -15.08 -40.44
CA ALA M 404 1.71 -15.33 -40.19
C ALA M 404 2.50 -14.76 -41.35
N PRO M 405 3.32 -13.73 -41.16
CA PRO M 405 4.06 -13.17 -42.29
C PRO M 405 4.98 -14.21 -42.88
N PRO M 406 5.28 -14.13 -44.18
CA PRO M 406 6.25 -15.05 -44.74
C PRO M 406 7.63 -14.68 -44.20
N ILE M 407 8.53 -15.67 -44.20
CA ILE M 407 9.88 -15.48 -43.70
C ILE M 407 10.85 -15.60 -44.87
N GLN M 408 11.69 -14.58 -45.01
CA GLN M 408 12.67 -14.50 -46.09
C GLN M 408 13.65 -15.66 -46.02
N GLY M 409 13.85 -16.32 -47.16
CA GLY M 409 14.81 -17.41 -47.22
C GLY M 409 14.20 -18.77 -46.99
N VAL M 410 15.09 -19.71 -46.73
CA VAL M 410 14.78 -21.13 -46.55
C VAL M 410 14.76 -21.39 -45.06
N ILE M 411 13.76 -22.13 -44.59
CA ILE M 411 13.60 -22.37 -43.15
C ILE M 411 14.01 -23.79 -42.81
N ARG M 412 14.87 -23.94 -41.81
CA ARG M 412 15.24 -25.24 -41.29
C ARG M 412 15.19 -25.20 -39.77
N CYS M 413 14.66 -26.27 -39.17
CA CYS M 413 14.58 -26.46 -37.74
C CYS M 413 15.02 -27.89 -37.44
N VAL M 414 15.80 -28.07 -36.39
CA VAL M 414 16.09 -29.40 -35.86
C VAL M 414 15.58 -29.38 -34.43
N SER M 415 14.67 -30.30 -34.11
CA SER M 415 14.09 -30.34 -32.77
C SER M 415 14.07 -31.77 -32.26
N ASN M 416 13.90 -31.89 -30.95
CA ASN M 416 13.82 -33.19 -30.29
C ASN M 416 12.38 -33.57 -30.07
N ILE M 417 12.00 -34.77 -30.48
CA ILE M 417 10.71 -35.34 -30.15
C ILE M 417 10.93 -36.04 -28.81
N THR M 418 10.23 -35.58 -27.78
CA THR M 418 10.38 -36.10 -26.43
C THR M 418 9.13 -36.78 -25.92
N GLY M 419 8.00 -36.65 -26.60
CA GLY M 419 6.81 -37.36 -26.18
C GLY M 419 5.75 -37.33 -27.24
N LEU M 420 4.76 -38.20 -27.04
CA LEU M 420 3.64 -38.39 -27.94
C LEU M 420 2.32 -38.20 -27.23
N ILE M 421 1.30 -37.77 -27.98
CA ILE M 421 -0.07 -37.75 -27.50
C ILE M 421 -0.82 -38.78 -28.33
N LEU M 422 -1.29 -39.83 -27.68
CA LEU M 422 -1.98 -40.93 -28.32
C LEU M 422 -3.41 -41.04 -27.81
N THR M 423 -4.30 -41.57 -28.64
CA THR M 423 -5.65 -41.92 -28.26
C THR M 423 -5.81 -43.39 -28.60
N ARG M 424 -6.84 -44.02 -28.04
CA ARG M 424 -7.12 -45.42 -28.28
C ARG M 424 -8.53 -45.60 -28.83
N ASP M 425 -8.67 -46.52 -29.78
CA ASP M 425 -9.97 -46.82 -30.35
C ASP M 425 -10.85 -47.52 -29.32
N GLY M 426 -12.15 -47.27 -29.41
CA GLY M 426 -13.11 -47.92 -28.53
C GLY M 426 -13.28 -49.40 -28.85
N SER M 431 -11.17 -57.67 -27.37
CA SER M 431 -10.39 -57.45 -28.58
C SER M 431 -8.91 -57.76 -28.35
N THR M 432 -8.36 -58.61 -29.21
CA THR M 432 -6.95 -58.96 -29.10
C THR M 432 -6.06 -57.77 -29.44
N THR M 433 -6.43 -56.99 -30.44
CA THR M 433 -5.62 -55.89 -30.94
C THR M 433 -6.18 -54.55 -30.47
N GLU M 434 -5.32 -53.75 -29.86
CA GLU M 434 -5.61 -52.38 -29.45
C GLU M 434 -5.01 -51.46 -30.51
N THR M 435 -5.75 -50.44 -30.91
CA THR M 435 -5.28 -49.50 -31.92
C THR M 435 -5.11 -48.12 -31.31
N PHE M 436 -3.93 -47.55 -31.54
CA PHE M 436 -3.54 -46.24 -31.03
C PHE M 436 -3.33 -45.29 -32.20
N ARG M 437 -3.78 -44.05 -32.04
CA ARG M 437 -3.65 -43.04 -33.08
C ARG M 437 -3.10 -41.74 -32.50
N PRO M 438 -2.38 -40.94 -33.27
CA PRO M 438 -2.01 -39.61 -32.77
C PRO M 438 -3.24 -38.77 -32.48
N GLY M 439 -3.17 -38.01 -31.40
CA GLY M 439 -4.25 -37.12 -31.01
C GLY M 439 -3.75 -35.77 -30.55
N GLY M 440 -4.45 -35.20 -29.58
CA GLY M 440 -4.13 -33.89 -29.06
C GLY M 440 -5.01 -32.81 -29.65
N GLY M 441 -4.52 -31.59 -29.55
CA GLY M 441 -5.25 -30.39 -29.91
C GLY M 441 -5.66 -29.56 -28.72
N ASP M 442 -5.74 -30.15 -27.52
CA ASP M 442 -6.03 -29.42 -26.30
C ASP M 442 -4.64 -29.14 -25.74
N MET M 443 -4.19 -27.91 -25.91
CA MET M 443 -2.82 -27.54 -25.58
C MET M 443 -2.49 -27.73 -24.10
N ARG M 444 -3.50 -27.78 -23.22
CA ARG M 444 -3.20 -27.93 -21.80
C ARG M 444 -2.50 -29.25 -21.54
N ASP M 445 -2.74 -30.26 -22.37
CA ASP M 445 -2.10 -31.55 -22.16
C ASP M 445 -0.63 -31.47 -22.49
N ASN M 446 -0.22 -30.52 -23.32
CA ASN M 446 1.18 -30.42 -23.66
C ASN M 446 1.94 -29.90 -22.46
N TRP M 447 1.27 -29.08 -21.66
CA TRP M 447 1.84 -28.52 -20.47
C TRP M 447 1.74 -29.50 -19.32
N ARG M 448 0.75 -30.40 -19.34
CA ARG M 448 0.69 -31.41 -18.28
C ARG M 448 1.96 -32.25 -18.30
N SER M 449 2.47 -32.52 -19.50
CA SER M 449 3.67 -33.34 -19.67
C SER M 449 4.89 -32.67 -19.07
N GLU M 450 4.82 -31.38 -18.76
CA GLU M 450 5.89 -30.65 -18.11
C GLU M 450 5.58 -30.35 -16.66
N LEU M 451 4.31 -30.07 -16.35
CA LEU M 451 3.93 -29.70 -15.00
C LEU M 451 3.56 -30.89 -14.12
N TYR M 452 3.57 -32.12 -14.66
CA TYR M 452 3.23 -33.30 -13.86
C TYR M 452 4.11 -33.45 -12.62
N LYS M 453 5.32 -32.90 -12.62
CA LYS M 453 6.23 -33.05 -11.50
C LYS M 453 5.94 -32.11 -10.35
N TYR M 454 5.15 -31.06 -10.56
CA TYR M 454 4.96 -30.02 -9.56
C TYR M 454 3.56 -29.96 -9.00
N LYS M 455 3.49 -29.70 -7.70
CA LYS M 455 2.24 -29.51 -6.97
C LYS M 455 2.39 -28.22 -6.18
N VAL M 456 1.33 -27.42 -6.08
CA VAL M 456 1.36 -26.18 -5.30
C VAL M 456 0.61 -26.42 -4.00
N VAL M 457 1.25 -26.10 -2.87
CA VAL M 457 0.65 -26.28 -1.55
C VAL M 457 0.72 -24.99 -0.76
N LYS M 458 -0.27 -24.81 0.12
CA LYS M 458 -0.36 -23.68 1.02
C LYS M 458 0.30 -24.02 2.35
N ILE M 459 1.12 -23.12 2.85
CA ILE M 459 1.82 -23.32 4.12
C ILE M 459 0.87 -22.94 5.26
N GLU M 460 0.81 -23.79 6.29
CA GLU M 460 -0.02 -23.58 7.47
C GLU M 460 0.93 -23.53 8.67
N PRO M 461 1.57 -22.38 8.91
CA PRO M 461 2.66 -22.36 9.90
C PRO M 461 2.20 -22.46 11.33
N LEU M 462 0.90 -22.32 11.61
CA LEU M 462 0.38 -22.31 12.96
C LEU M 462 -0.28 -23.65 13.27
N GLY M 463 0.01 -24.16 14.47
CA GLY M 463 -0.58 -25.40 14.92
C GLY M 463 -0.42 -25.52 16.42
N VAL M 464 -1.02 -26.58 16.97
CA VAL M 464 -1.03 -26.81 18.41
C VAL M 464 -0.62 -28.24 18.70
N ALA M 465 -0.12 -28.45 19.92
CA ALA M 465 0.20 -29.81 20.34
C ALA M 465 0.25 -29.89 21.86
N PRO M 466 -0.01 -31.05 22.46
CA PRO M 466 0.11 -31.15 23.92
C PRO M 466 1.56 -31.15 24.36
N THR M 467 1.84 -30.42 25.43
CA THR M 467 3.15 -30.40 26.08
C THR M 467 2.92 -30.36 27.58
N ARG M 468 3.99 -30.53 28.34
CA ARG M 468 3.90 -30.37 29.78
C ARG M 468 3.94 -28.92 30.23
N CYS M 469 4.24 -28.00 29.31
CA CYS M 469 4.43 -26.60 29.62
C CYS M 469 3.12 -25.87 29.94
N LYS M 470 3.07 -25.21 31.09
CA LYS M 470 1.92 -24.43 31.54
C LYS M 470 2.27 -22.95 31.64
N ARG M 471 1.40 -22.09 31.13
CA ARG M 471 1.61 -20.65 31.24
C ARG M 471 1.61 -20.27 32.71
N ARG M 472 2.53 -19.40 33.12
CA ARG M 472 2.60 -19.03 34.53
C ARG M 472 1.53 -17.99 34.82
N VAL M 473 0.28 -18.43 34.89
CA VAL M 473 -0.83 -17.53 35.14
C VAL M 473 -1.00 -17.43 36.65
N SER N 8 21.57 -26.33 8.89
CA SER N 8 20.16 -26.09 8.62
C SER N 8 19.69 -26.88 7.41
N LEU N 9 18.46 -27.38 7.48
CA LEU N 9 17.86 -28.13 6.39
C LEU N 9 17.10 -27.25 5.40
N GLY N 10 16.94 -25.96 5.69
CA GLY N 10 16.21 -25.09 4.79
C GLY N 10 14.71 -25.16 5.01
N PHE N 11 14.01 -24.33 4.23
CA PHE N 11 12.56 -24.22 4.30
C PHE N 11 11.88 -25.56 4.09
N LEU N 12 11.07 -25.96 5.06
CA LEU N 12 10.36 -27.23 5.11
C LEU N 12 11.27 -28.44 5.13
N GLY N 13 12.57 -28.27 5.36
CA GLY N 13 13.44 -29.43 5.36
C GLY N 13 13.17 -30.36 6.52
N ALA N 14 12.54 -29.84 7.57
CA ALA N 14 12.16 -30.56 8.77
C ALA N 14 10.80 -31.22 8.63
N ALA N 15 10.13 -31.06 7.48
CA ALA N 15 8.78 -31.58 7.31
C ALA N 15 8.72 -33.08 7.54
N GLY N 16 9.78 -33.80 7.19
CA GLY N 16 9.81 -35.23 7.41
C GLY N 16 10.41 -35.64 8.73
N SER N 17 10.85 -34.67 9.53
CA SER N 17 11.50 -34.93 10.80
C SER N 17 10.42 -35.10 11.87
N THR N 18 10.83 -35.51 13.06
CA THR N 18 9.86 -35.70 14.10
C THR N 18 9.37 -34.34 14.59
N MET N 19 8.24 -34.32 15.28
CA MET N 19 7.71 -33.05 15.77
C MET N 19 8.71 -32.37 16.68
N GLY N 20 9.39 -33.15 17.54
CA GLY N 20 10.39 -32.57 18.41
C GLY N 20 11.49 -31.89 17.62
N ALA N 21 12.10 -32.65 16.71
CA ALA N 21 13.19 -32.09 15.90
C ALA N 21 12.68 -30.95 15.05
N ALA N 22 11.45 -31.07 14.53
CA ALA N 22 10.91 -30.04 13.65
C ALA N 22 10.62 -28.75 14.39
N SER N 23 10.44 -28.81 15.71
CA SER N 23 10.16 -27.62 16.49
C SER N 23 11.37 -26.70 16.60
N MET N 24 12.56 -27.17 16.19
CA MET N 24 13.79 -26.42 16.25
C MET N 24 14.03 -25.53 15.03
N THR N 25 13.16 -25.60 14.01
CA THR N 25 13.32 -24.86 12.76
C THR N 25 12.20 -23.87 12.49
N LEU N 26 11.47 -23.44 13.52
CA LEU N 26 10.30 -22.58 13.30
C LEU N 26 10.65 -21.25 12.65
N THR N 27 11.86 -20.74 12.87
CA THR N 27 12.20 -19.45 12.28
C THR N 27 12.42 -19.55 10.79
N VAL N 28 12.71 -20.74 10.28
CA VAL N 28 13.01 -20.89 8.88
C VAL N 28 11.73 -20.68 8.08
N GLN N 29 10.63 -21.29 8.55
CA GLN N 29 9.35 -21.13 7.87
C GLN N 29 8.81 -19.73 8.14
N ALA N 30 9.05 -19.22 9.37
CA ALA N 30 8.54 -17.91 9.72
C ALA N 30 9.07 -16.86 8.75
N ARG N 31 10.35 -16.97 8.38
CA ARG N 31 10.87 -16.00 7.42
C ARG N 31 10.18 -16.15 6.07
N ASN N 32 9.81 -17.39 5.72
CA ASN N 32 9.28 -17.67 4.38
C ASN N 32 7.76 -17.48 4.24
N LEU N 33 7.06 -16.90 5.21
CA LEU N 33 5.65 -16.59 4.95
C LEU N 33 5.49 -15.24 4.27
N LEU N 34 6.45 -14.33 4.44
CA LEU N 34 6.44 -13.02 3.79
C LEU N 34 7.41 -12.93 2.62
N SER N 35 8.52 -13.66 2.67
CA SER N 35 9.55 -13.62 1.64
C SER N 35 9.96 -15.03 1.24
N GLY N 61 0.18 -7.68 -14.26
CA GLY N 61 0.63 -6.90 -13.13
C GLY N 61 -0.32 -6.98 -11.95
N ILE N 62 -1.61 -7.12 -12.25
CA ILE N 62 -2.60 -7.18 -11.18
C ILE N 62 -2.43 -8.45 -10.36
N LYS N 63 -2.01 -9.54 -10.99
CA LYS N 63 -1.85 -10.80 -10.28
C LYS N 63 -0.74 -10.71 -9.23
N GLN N 64 0.36 -10.01 -9.53
CA GLN N 64 1.47 -9.94 -8.59
C GLN N 64 1.05 -9.19 -7.36
N LEU N 65 0.37 -8.06 -7.59
CA LEU N 65 -0.14 -7.25 -6.45
C LEU N 65 -1.11 -8.11 -5.63
N GLN N 66 -2.08 -8.73 -6.30
CA GLN N 66 -3.10 -9.47 -5.55
C GLN N 66 -2.47 -10.58 -4.72
N ALA N 67 -1.50 -11.31 -5.27
CA ALA N 67 -0.88 -12.38 -4.48
C ALA N 67 -0.08 -11.83 -3.33
N ARG N 68 0.59 -10.69 -3.54
CA ARG N 68 1.36 -10.09 -2.45
C ARG N 68 0.42 -9.68 -1.32
N VAL N 69 -0.72 -9.11 -1.70
CA VAL N 69 -1.71 -8.71 -0.72
C VAL N 69 -2.28 -9.95 -0.02
N LEU N 70 -2.55 -11.02 -0.77
CA LEU N 70 -3.09 -12.23 -0.15
C LEU N 70 -2.11 -12.81 0.86
N ALA N 71 -0.82 -12.82 0.51
CA ALA N 71 0.18 -13.33 1.45
C ALA N 71 0.19 -12.49 2.71
N VAL N 72 0.03 -11.19 2.55
CA VAL N 72 -0.04 -10.30 3.71
C VAL N 72 -1.27 -10.61 4.55
N GLU N 73 -2.42 -10.80 3.89
CA GLU N 73 -3.65 -11.08 4.64
C GLU N 73 -3.55 -12.39 5.40
N HIS N 74 -2.93 -13.42 4.82
CA HIS N 74 -2.83 -14.68 5.55
C HIS N 74 -1.87 -14.54 6.72
N TYR N 75 -0.75 -13.85 6.50
CA TYR N 75 0.21 -13.63 7.58
C TYR N 75 -0.44 -12.89 8.73
N LEU N 76 -1.13 -11.80 8.41
CA LEU N 76 -1.76 -11.00 9.45
C LEU N 76 -2.88 -11.74 10.14
N ARG N 77 -3.64 -12.56 9.42
CA ARG N 77 -4.70 -13.30 10.11
C ARG N 77 -4.11 -14.28 11.11
N ASP N 78 -2.98 -14.90 10.76
CA ASP N 78 -2.38 -15.83 11.73
C ASP N 78 -1.74 -15.07 12.89
N GLN N 79 -1.11 -13.93 12.61
CA GLN N 79 -0.51 -13.16 13.70
C GLN N 79 -1.58 -12.57 14.60
N GLN N 80 -2.70 -12.14 14.02
CA GLN N 80 -3.81 -11.58 14.78
C GLN N 80 -4.40 -12.67 15.66
N LEU N 81 -4.49 -13.89 15.13
CA LEU N 81 -5.02 -15.00 15.92
C LEU N 81 -4.09 -15.27 17.09
N LEU N 82 -2.78 -15.23 16.86
CA LEU N 82 -1.84 -15.43 17.96
C LEU N 82 -2.00 -14.33 19.00
N GLY N 83 -2.23 -13.10 18.53
CA GLY N 83 -2.43 -11.98 19.44
C GLY N 83 -3.64 -12.18 20.33
N ILE N 84 -4.71 -12.74 19.78
CA ILE N 84 -5.91 -13.01 20.56
C ILE N 84 -5.58 -13.95 21.71
N TRP N 85 -4.70 -14.90 21.48
CA TRP N 85 -4.31 -15.88 22.49
C TRP N 85 -3.21 -15.39 23.43
N GLY N 86 -2.69 -14.19 23.21
CA GLY N 86 -1.59 -13.70 24.01
C GLY N 86 -0.24 -14.24 23.60
N CYS N 87 -0.10 -14.67 22.35
CA CYS N 87 1.12 -15.28 21.82
C CYS N 87 1.74 -14.43 20.72
N SER N 88 1.45 -13.11 20.71
CA SER N 88 1.86 -12.26 19.60
C SER N 88 3.36 -12.21 19.38
N GLY N 89 4.16 -12.34 20.44
CA GLY N 89 5.60 -12.24 20.32
C GLY N 89 6.40 -13.53 20.38
N LYS N 90 5.75 -14.70 20.32
CA LYS N 90 6.44 -15.96 20.52
C LYS N 90 6.13 -16.94 19.39
N LEU N 91 7.14 -17.74 19.03
CA LEU N 91 6.95 -18.83 18.08
C LEU N 91 6.52 -20.11 18.78
N ILE N 92 6.94 -20.29 20.02
CA ILE N 92 6.54 -21.40 20.86
C ILE N 92 5.86 -20.73 22.04
N CYS N 93 4.55 -20.91 22.16
CA CYS N 93 3.75 -20.20 23.15
C CYS N 93 2.96 -21.20 23.99
N CYS N 94 3.24 -21.23 25.29
CA CYS N 94 2.55 -22.12 26.19
C CYS N 94 1.24 -21.49 26.62
N THR N 95 0.22 -22.32 26.85
CA THR N 95 -1.11 -21.84 27.19
C THR N 95 -1.57 -22.49 28.49
N ASN N 96 -2.75 -22.06 28.95
CA ASN N 96 -3.41 -22.57 30.14
C ASN N 96 -4.67 -23.37 29.84
N VAL N 97 -4.76 -23.97 28.66
CA VAL N 97 -5.91 -24.78 28.29
C VAL N 97 -5.47 -26.24 28.36
N PRO N 98 -6.09 -27.09 29.18
CA PRO N 98 -5.64 -28.47 29.29
C PRO N 98 -5.98 -29.28 28.05
N TRP N 99 -5.19 -30.32 27.81
CA TRP N 99 -5.49 -31.23 26.72
C TRP N 99 -6.59 -32.17 27.21
N ASN N 100 -7.62 -32.36 26.38
CA ASN N 100 -8.81 -33.11 26.78
C ASN N 100 -8.74 -34.59 26.45
N SER N 101 -7.59 -35.10 26.00
CA SER N 101 -7.40 -36.52 25.70
C SER N 101 -8.22 -37.00 24.50
N SER N 102 -9.51 -36.69 24.44
CA SER N 102 -10.34 -37.09 23.30
C SER N 102 -9.74 -36.56 22.00
N TRP N 103 -9.13 -35.38 22.06
CA TRP N 103 -8.50 -34.79 20.88
C TRP N 103 -7.38 -35.68 20.35
N SER N 104 -6.63 -36.31 21.26
CA SER N 104 -5.58 -37.25 20.90
C SER N 104 -5.16 -37.99 22.17
N ASN N 105 -5.17 -39.33 22.13
CA ASN N 105 -4.87 -40.15 23.29
C ASN N 105 -3.43 -40.68 23.27
N ARG N 106 -2.57 -40.11 22.44
CA ARG N 106 -1.19 -40.54 22.34
C ARG N 106 -0.37 -39.98 23.52
N ASN N 107 0.71 -40.67 23.84
CA ASN N 107 1.61 -40.21 24.89
C ASN N 107 2.54 -39.14 24.31
N LEU N 108 3.40 -38.57 25.16
CA LEU N 108 4.29 -37.54 24.66
C LEU N 108 5.34 -38.10 23.72
N SER N 109 5.83 -39.32 23.97
CA SER N 109 6.84 -39.86 23.07
C SER N 109 6.20 -40.26 21.74
N GLU N 110 4.96 -40.72 21.79
CA GLU N 110 4.26 -41.13 20.58
C GLU N 110 4.01 -39.96 19.66
N ILE N 111 3.80 -38.76 20.22
CA ILE N 111 3.59 -37.56 19.41
C ILE N 111 4.89 -36.89 19.04
N TRP N 112 5.74 -36.58 20.02
CA TRP N 112 6.91 -35.77 19.72
C TRP N 112 8.08 -36.55 19.11
N ASP N 113 8.21 -37.84 19.40
CA ASP N 113 9.32 -38.62 18.84
C ASP N 113 8.93 -39.51 17.66
N ASN N 114 7.72 -40.08 17.63
CA ASN N 114 7.35 -41.01 16.57
C ASN N 114 6.41 -40.45 15.51
N MET N 115 6.20 -39.13 15.46
CA MET N 115 5.31 -38.54 14.45
C MET N 115 5.90 -37.26 13.86
N THR N 116 5.48 -36.98 12.63
CA THR N 116 5.78 -35.73 11.95
C THR N 116 4.62 -34.77 12.17
N TRP N 117 4.85 -33.50 11.86
CA TRP N 117 3.77 -32.53 12.01
C TRP N 117 2.65 -32.74 11.01
N LEU N 118 2.96 -33.31 9.84
CA LEU N 118 1.92 -33.56 8.84
C LEU N 118 0.92 -34.58 9.37
N GLN N 119 1.44 -35.63 10.04
CA GLN N 119 0.56 -36.65 10.58
C GLN N 119 -0.28 -36.07 11.69
N TRP N 120 0.31 -35.23 12.53
CA TRP N 120 -0.42 -34.60 13.61
C TRP N 120 -1.54 -33.72 13.07
N ASP N 121 -1.22 -32.89 12.07
CA ASP N 121 -2.22 -31.99 11.51
C ASP N 121 -3.39 -32.80 10.98
N LYS N 122 -3.12 -33.95 10.37
CA LYS N 122 -4.24 -34.75 9.90
C LYS N 122 -5.03 -35.31 11.09
N GLU N 123 -4.32 -35.85 12.08
CA GLU N 123 -4.97 -36.46 13.24
C GLU N 123 -5.80 -35.46 14.05
N ILE N 124 -5.33 -34.21 14.18
CA ILE N 124 -5.99 -33.22 15.03
C ILE N 124 -6.87 -32.24 14.25
N SER N 125 -7.05 -32.44 12.94
CA SER N 125 -7.78 -31.47 12.14
C SER N 125 -9.20 -31.22 12.66
N ASN N 126 -9.91 -32.29 13.02
CA ASN N 126 -11.31 -32.15 13.42
C ASN N 126 -11.50 -31.36 14.72
N TYR N 127 -10.45 -31.19 15.51
CA TYR N 127 -10.53 -30.53 16.80
C TYR N 127 -9.84 -29.18 16.78
N THR N 128 -9.32 -28.74 15.63
CA THR N 128 -8.55 -27.50 15.59
C THR N 128 -9.39 -26.30 16.01
N GLN N 129 -10.63 -26.22 15.52
CA GLN N 129 -11.40 -25.03 15.87
C GLN N 129 -11.83 -25.08 17.32
N ILE N 130 -12.01 -26.29 17.86
CA ILE N 130 -12.39 -26.40 19.26
C ILE N 130 -11.26 -25.85 20.11
N ILE N 131 -10.04 -26.25 19.76
CA ILE N 131 -8.89 -25.81 20.54
C ILE N 131 -8.77 -24.30 20.43
N TYR N 132 -8.93 -23.78 19.22
CA TYR N 132 -8.78 -22.34 19.05
C TYR N 132 -9.82 -21.60 19.87
N GLY N 133 -11.05 -22.11 19.91
CA GLY N 133 -12.07 -21.43 20.69
C GLY N 133 -11.71 -21.39 22.15
N LEU N 134 -11.17 -22.50 22.68
CA LEU N 134 -10.81 -22.53 24.08
C LEU N 134 -9.67 -21.57 24.36
N LEU N 135 -8.73 -21.46 23.42
CA LEU N 135 -7.60 -20.56 23.64
C LEU N 135 -8.08 -19.13 23.76
N GLU N 136 -9.06 -18.76 22.93
CA GLU N 136 -9.60 -17.41 22.99
C GLU N 136 -10.23 -17.15 24.35
N GLU N 137 -11.01 -18.11 24.86
CA GLU N 137 -11.65 -17.86 26.14
C GLU N 137 -10.63 -17.76 27.25
N SER N 138 -9.59 -18.59 27.19
CA SER N 138 -8.59 -18.53 28.25
C SER N 138 -7.91 -17.17 28.28
N GLN N 139 -7.55 -16.64 27.11
CA GLN N 139 -6.88 -15.34 27.16
C GLN N 139 -7.82 -14.26 27.64
N ASN N 140 -9.10 -14.33 27.27
CA ASN N 140 -10.01 -13.31 27.72
C ASN N 140 -10.10 -13.29 29.23
N GLN N 141 -10.11 -14.48 29.84
CA GLN N 141 -10.19 -14.53 31.30
C GLN N 141 -8.91 -14.00 31.89
N GLN N 142 -7.78 -14.32 31.25
CA GLN N 142 -6.50 -13.87 31.76
C GLN N 142 -6.43 -12.35 31.72
N GLU N 143 -6.96 -11.73 30.66
CA GLU N 143 -6.86 -10.28 30.63
C GLU N 143 -7.69 -9.66 31.74
N LYS N 144 -8.87 -10.24 32.02
CA LYS N 144 -9.65 -9.70 33.13
C LYS N 144 -8.93 -9.92 34.44
N ASN N 145 -8.27 -11.07 34.59
CA ASN N 145 -7.60 -11.32 35.84
C ASN N 145 -6.46 -10.35 36.01
N GLU N 146 -5.73 -10.05 34.92
CA GLU N 146 -4.64 -9.11 35.06
C GLU N 146 -5.18 -7.74 35.40
N GLN N 147 -6.30 -7.37 34.76
CA GLN N 147 -6.89 -6.07 35.01
C GLN N 147 -7.30 -5.95 36.48
N ASP N 148 -7.82 -7.03 37.07
CA ASP N 148 -8.21 -6.92 38.46
C ASP N 148 -7.00 -6.91 39.37
N LEU N 149 -5.98 -7.70 39.05
CA LEU N 149 -4.79 -7.74 39.92
C LEU N 149 -4.08 -6.41 39.96
N LEU N 150 -4.08 -5.69 38.84
CA LEU N 150 -3.43 -4.39 38.76
C LEU N 150 -4.25 -3.30 39.44
N ALA N 151 -5.45 -3.60 39.92
CA ALA N 151 -6.30 -2.66 40.63
C ALA N 151 -6.24 -2.82 42.14
N LEU N 152 -5.36 -3.69 42.65
CA LEU N 152 -5.16 -3.86 44.08
C LEU N 152 -4.00 -2.97 44.53
N ASP N 153 -4.31 -1.97 45.34
CA ASP N 153 -3.30 -0.98 45.74
C ASP N 153 -2.21 -1.66 46.57
#